data_8DFA
#
_entry.id   8DFA
#
_cell.length_a   1.00
_cell.length_b   1.00
_cell.length_c   1.00
_cell.angle_alpha   90.00
_cell.angle_beta   90.00
_cell.angle_gamma   90.00
#
_symmetry.space_group_name_H-M   'P 1'
#
loop_
_entity.id
_entity.type
_entity.pdbx_description
1 polymer 'pre-crRNA processing endonuclease'
2 polymer 'CRISPR-associated protein, TM1801 family'
3 polymer 'CRISPR-associated protein, CT1133 family'
4 polymer 'CRISPR-associated protein, CT1133 family'
5 polymer 'RNA (46-MER)'
6 polymer TS
#
loop_
_entity_poly.entity_id
_entity_poly.type
_entity_poly.pdbx_seq_one_letter_code
_entity_poly.pdbx_strand_id
1 'polypeptide(L)'
;MTHGAVKTYGIRLRVWGDYACFTRPEMKVERVSYDVMPPSAARGILEAIHWKPAIRWIVDRIHVLRPIVFDNVRRNEVSS
KIPKPNPATAMRDRKPLYFLVDDGSNRQQRAATLLRNVDYVIEAHFELTDKAGAEDNAGKHLDIFRRRARAGQSFQQPCL
GCREFPASFELLEGDVPLSCYAGEKRDLGYMLLDIDFERDMTPLFFKAVMEDGVITPPSRTSPEVRA
;
A
2 'polypeptide(L)'
;MTAIANRYEFVLLFDVENGNPNGDPDAGNMPRIDPETGHGLVTDVCLKRKIRNHVALTKEGAERFNIYIQEKAILNETHE
RAYTACDLKPEPKKLPKKVEDAKRVTDWMCTNFYDIRTFGAVMTTEVNCGQVRGPVQMAFARSVEPVVPQEVSITRMAVT
TKAEAEKQQGDNRTMGRKHIVPYGLYVAHGFISAPLAEKTGFSDEDLTLFWDALVNMFEHDRSAARGLMSSRKLIVFKHQ
NRLGNAPAHKLFDLVKVSRAEGSSGPARSFADYAVTVGQAPEGVEVKEML
;
B,C,D,E,F,G,H
3 'polypeptide(L)'
;MILQALHGYYQRMSADPDAGMPPYGTSMENISFALVLDAKGTLRGIEDLREQEGKKLRPRKMLVPIAEKKGNGIKPNFLW
ENTSYILGVDAKGKQERTDKCHAAFIAHIKAYCDTADQDLAAVLQFLEHGEKDLSAFPVSEEVIGSNIVFRIEGEPGFVH
ERPAARQAWANCLNRREQGLCGQCLITGERQKPIAQLHPSIKGGRDGVRGAQAVASIVSFNNTAFESYGKEQSINAPVSQ
EAAFSYVTALNYLLNPSNRQKVTIADATVVFWAERSSPAEDIFAGMFDPPSTTAKPESSNGTPPEDSEEGSQPDTARDDP
HAAARMHDLLVAIRSGKRATDIMPDMDESVRFHVLGLSPNAARLSVRFWEVDTVGHMLDKVGRHYRELEIIPQFNNEQEF
PSLSTLLRQTAVLNKTENISPVLAGGLFRAMLTGGPYPQSLLPAVLGRIRAEHARPEDKSRYRLEVVTYYRAALIKAYLI
RNRKLEVPVSLDPARTDRPYLLGRLFAVLEKAQEDAVPGANATIKDRYLASASANPGQVFHMLLKNASNHTAKLRKDPER
KGSAIHYEIMMQEIIDNISDFPVTMSSDEQGLFMIGYYHQRKALFTKKNKEN
;
I
4 'polypeptide(L)'
;VSLDPARTDRPYLLGRLFAVLEKAQEDAVPGANATIKDRYLASASANPGQVFHMLLKNASNHTAKLRKDPERKGSAIHYE
IMMQEIIDNISDFPVTMSSDEQGLFMIGYYHQRKALFTKKNKEN
;
J,K
5 'polyribonucleotide' GGAUUGAAACGCCAUGCUCAGGCUGGCGAGUGGGCGCCACUCUCCA L
6 'polydeoxyribonucleotide/polyribonucleotide hybrid' (DT)(DC)(DG)(DC)(DC)(DA)(DG)(DC)(DC)(DT)(DG)(DA)(DG)(DC)(DA)(DT)(DG)(DG) N
#
# COMPACT_ATOMS: atom_id res chain seq x y z
N THR A 8 -68.46 -34.45 -38.84
CA THR A 8 -69.78 -35.13 -38.96
C THR A 8 -70.86 -34.31 -38.25
N TYR A 9 -71.01 -34.54 -36.95
CA TYR A 9 -71.94 -33.80 -36.14
C TYR A 9 -71.34 -33.62 -34.75
N GLY A 10 -71.83 -32.63 -34.03
CA GLY A 10 -71.21 -32.28 -32.77
C GLY A 10 -70.02 -31.37 -33.00
N ILE A 11 -69.31 -31.09 -31.91
CA ILE A 11 -68.24 -30.09 -31.92
C ILE A 11 -67.12 -30.57 -31.02
N ARG A 12 -65.91 -30.15 -31.34
CA ARG A 12 -64.74 -30.35 -30.49
C ARG A 12 -64.23 -28.98 -30.05
N LEU A 13 -64.09 -28.81 -28.74
CA LEU A 13 -63.61 -27.55 -28.18
C LEU A 13 -62.42 -27.83 -27.26
N ARG A 14 -61.50 -26.87 -27.18
CA ARG A 14 -60.32 -27.01 -26.36
C ARG A 14 -60.26 -25.90 -25.33
N VAL A 15 -59.84 -26.24 -24.12
CA VAL A 15 -59.79 -25.29 -23.01
C VAL A 15 -58.58 -25.62 -22.13
N TRP A 16 -57.99 -24.59 -21.55
CA TRP A 16 -56.83 -24.78 -20.70
C TRP A 16 -56.67 -23.58 -19.78
N GLY A 17 -55.89 -23.77 -18.72
CA GLY A 17 -55.66 -22.72 -17.74
C GLY A 17 -54.67 -23.21 -16.70
N ASP A 18 -54.33 -22.38 -15.78
CA ASP A 18 -53.40 -22.57 -14.73
C ASP A 18 -53.97 -23.06 -13.43
N TYR A 19 -55.22 -22.91 -13.18
CA TYR A 19 -55.95 -23.23 -12.02
C TYR A 19 -57.27 -23.87 -12.31
N ALA A 20 -57.75 -24.77 -11.52
CA ALA A 20 -58.99 -25.42 -11.59
C ALA A 20 -59.43 -25.99 -10.27
N CYS A 21 -60.68 -26.13 -10.00
CA CYS A 21 -61.27 -26.65 -8.82
C CYS A 21 -62.65 -27.18 -9.04
N PHE A 22 -62.90 -28.44 -9.05
CA PHE A 22 -64.12 -29.16 -9.17
C PHE A 22 -64.42 -29.83 -7.86
N THR A 23 -65.03 -29.20 -6.92
CA THR A 23 -65.21 -29.59 -5.57
C THR A 23 -65.93 -30.90 -5.47
N ARG A 24 -65.44 -31.87 -4.78
CA ARG A 24 -66.06 -33.09 -4.43
C ARG A 24 -67.24 -32.82 -3.54
N PRO A 25 -68.40 -33.46 -3.71
CA PRO A 25 -69.55 -33.11 -2.85
C PRO A 25 -69.27 -33.27 -1.37
N GLU A 26 -68.49 -34.28 -0.98
CA GLU A 26 -68.27 -34.54 0.44
C GLU A 26 -67.46 -33.44 1.12
N MET A 27 -66.43 -32.94 0.53
CA MET A 27 -65.49 -31.99 1.00
C MET A 27 -65.85 -30.56 0.74
N LYS A 28 -67.15 -30.27 0.57
CA LYS A 28 -67.55 -28.92 0.21
C LYS A 28 -66.99 -27.88 1.17
N VAL A 29 -66.95 -28.19 2.46
CA VAL A 29 -66.49 -27.21 3.44
C VAL A 29 -64.98 -26.99 3.32
N GLU A 30 -64.19 -27.99 3.15
CA GLU A 30 -62.78 -28.05 2.97
C GLU A 30 -62.47 -28.52 1.57
N ARG A 31 -62.54 -27.71 0.58
CA ARG A 31 -62.59 -28.03 -0.79
C ARG A 31 -61.49 -28.97 -1.19
N VAL A 32 -61.75 -30.05 -1.84
CA VAL A 32 -60.92 -30.95 -2.54
C VAL A 32 -61.47 -31.25 -3.90
N SER A 33 -60.77 -31.06 -4.96
CA SER A 33 -61.17 -31.18 -6.31
C SER A 33 -61.19 -32.61 -6.79
N TYR A 34 -62.03 -32.98 -7.69
CA TYR A 34 -62.04 -34.20 -8.41
C TYR A 34 -60.71 -34.40 -9.06
N ASP A 35 -60.36 -35.56 -9.52
CA ASP A 35 -59.21 -35.86 -10.29
C ASP A 35 -59.27 -35.31 -11.68
N VAL A 36 -60.41 -35.01 -12.19
CA VAL A 36 -60.75 -34.66 -13.53
C VAL A 36 -62.07 -33.96 -13.65
N MET A 37 -62.26 -33.20 -14.72
CA MET A 37 -63.50 -32.45 -14.89
C MET A 37 -64.69 -33.40 -14.92
N PRO A 38 -65.80 -33.06 -14.25
CA PRO A 38 -67.01 -33.86 -14.39
C PRO A 38 -67.89 -33.31 -15.50
N PRO A 39 -68.84 -34.10 -15.99
CA PRO A 39 -69.69 -33.61 -17.09
C PRO A 39 -70.48 -32.36 -16.76
N SER A 40 -70.90 -32.20 -15.50
CA SER A 40 -71.74 -31.06 -15.16
C SER A 40 -71.04 -29.74 -15.45
N ALA A 41 -69.77 -29.63 -15.05
CA ALA A 41 -69.02 -28.42 -15.34
C ALA A 41 -68.86 -28.23 -16.84
N ALA A 42 -68.64 -29.32 -17.59
CA ALA A 42 -68.55 -29.22 -19.03
C ALA A 42 -69.81 -28.58 -19.60
N ARG A 43 -70.98 -29.06 -19.18
CA ARG A 43 -72.22 -28.44 -19.64
C ARG A 43 -72.27 -26.99 -19.23
N GLY A 44 -71.88 -26.68 -18.00
CA GLY A 44 -71.94 -25.31 -17.53
C GLY A 44 -71.14 -24.37 -18.41
N ILE A 45 -69.95 -24.81 -18.83
CA ILE A 45 -69.10 -23.95 -19.64
C ILE A 45 -69.75 -23.68 -20.99
N LEU A 46 -70.30 -24.71 -21.63
CA LEU A 46 -70.82 -24.54 -22.98
C LEU A 46 -71.91 -23.48 -23.02
N GLU A 47 -72.82 -23.50 -22.04
CA GLU A 47 -73.89 -22.52 -22.03
C GLU A 47 -73.36 -21.10 -21.86
N ALA A 48 -72.11 -20.95 -21.44
CA ALA A 48 -71.54 -19.61 -21.32
C ALA A 48 -71.24 -18.97 -22.66
N ILE A 49 -71.11 -19.77 -23.73
CA ILE A 49 -70.87 -19.21 -25.05
C ILE A 49 -72.18 -18.87 -25.73
N HIS A 50 -73.13 -19.80 -25.71
CA HIS A 50 -74.43 -19.56 -26.33
C HIS A 50 -75.43 -20.55 -25.75
N TRP A 51 -76.62 -20.05 -25.42
CA TRP A 51 -77.69 -20.90 -24.94
C TRP A 51 -79.00 -20.14 -25.03
N LYS A 52 -80.07 -20.87 -25.29
CA LYS A 52 -81.42 -20.33 -25.31
C LYS A 52 -82.34 -21.33 -24.64
N PRO A 53 -83.50 -20.89 -24.16
CA PRO A 53 -84.43 -21.84 -23.55
C PRO A 53 -84.92 -22.92 -24.48
N ALA A 54 -84.64 -22.83 -25.78
CA ALA A 54 -85.23 -23.73 -26.75
C ALA A 54 -84.37 -24.94 -27.08
N ILE A 55 -83.22 -25.13 -26.42
CA ILE A 55 -82.27 -26.15 -26.83
C ILE A 55 -81.72 -26.86 -25.60
N ARG A 56 -80.88 -27.86 -25.86
CA ARG A 56 -80.20 -28.63 -24.83
C ARG A 56 -78.76 -28.91 -25.24
N TRP A 57 -77.93 -29.23 -24.27
CA TRP A 57 -76.58 -29.72 -24.52
C TRP A 57 -76.44 -31.15 -24.03
N ILE A 58 -75.71 -31.96 -24.79
CA ILE A 58 -75.44 -33.35 -24.43
C ILE A 58 -73.95 -33.60 -24.58
N VAL A 59 -73.34 -34.14 -23.53
CA VAL A 59 -71.90 -34.38 -23.49
C VAL A 59 -71.65 -35.84 -23.84
N ASP A 60 -70.56 -36.10 -24.56
CA ASP A 60 -70.23 -37.44 -25.04
C ASP A 60 -68.90 -37.97 -24.51
N ARG A 61 -67.84 -37.16 -24.57
CA ARG A 61 -66.52 -37.64 -24.20
C ARG A 61 -65.67 -36.47 -23.71
N ILE A 62 -64.60 -36.81 -23.01
CA ILE A 62 -63.62 -35.85 -22.53
C ILE A 62 -62.24 -36.41 -22.81
N HIS A 63 -61.31 -35.55 -23.21
CA HIS A 63 -59.93 -35.92 -23.46
C HIS A 63 -59.02 -35.20 -22.47
N VAL A 64 -58.18 -35.95 -21.78
CA VAL A 64 -57.25 -35.41 -20.80
C VAL A 64 -55.86 -35.43 -21.43
N LEU A 65 -55.23 -34.27 -21.51
CA LEU A 65 -53.99 -34.13 -22.27
C LEU A 65 -52.77 -33.86 -21.41
N ARG A 66 -52.92 -33.73 -20.09
CA ARG A 66 -51.80 -33.38 -19.25
C ARG A 66 -51.79 -34.24 -17.99
N PRO A 67 -50.64 -34.37 -17.32
CA PRO A 67 -50.58 -35.09 -16.07
C PRO A 67 -51.36 -34.44 -14.96
N ILE A 68 -51.57 -35.09 -13.86
CA ILE A 68 -52.24 -34.69 -12.69
C ILE A 68 -51.30 -34.04 -11.71
N VAL A 69 -51.63 -32.96 -11.07
CA VAL A 69 -50.92 -32.20 -10.13
C VAL A 69 -51.81 -31.60 -9.08
N PHE A 70 -51.36 -31.50 -7.82
CA PHE A 70 -52.12 -30.90 -6.72
C PHE A 70 -51.30 -29.85 -5.98
N ASP A 71 -51.97 -28.83 -5.47
CA ASP A 71 -51.41 -27.75 -4.68
C ASP A 71 -52.44 -27.25 -3.64
N ASN A 72 -51.98 -26.58 -2.57
CA ASN A 72 -52.76 -26.18 -1.41
C ASN A 72 -52.86 -24.65 -1.27
N VAL A 73 -54.01 -24.13 -0.86
CA VAL A 73 -54.37 -22.78 -0.66
C VAL A 73 -55.31 -22.58 0.51
N ARG A 74 -55.25 -21.50 1.21
CA ARG A 74 -56.00 -21.12 2.34
C ARG A 74 -56.52 -19.70 2.25
N ARG A 75 -57.65 -19.37 2.77
CA ARG A 75 -58.32 -18.13 2.68
C ARG A 75 -59.25 -17.82 3.82
N ASN A 76 -59.61 -16.59 4.02
CA ASN A 76 -60.57 -16.05 4.91
C ASN A 76 -61.93 -15.97 4.27
N GLU A 77 -62.99 -16.32 4.92
CA GLU A 77 -64.32 -16.37 4.43
C GLU A 77 -65.41 -15.98 5.39
N VAL A 78 -66.64 -16.00 5.01
CA VAL A 78 -67.83 -15.61 5.67
C VAL A 78 -68.66 -16.81 6.03
N SER A 79 -69.54 -16.76 6.97
CA SER A 79 -70.30 -17.79 7.55
C SER A 79 -71.75 -17.88 7.17
N SER A 80 -72.38 -16.86 6.68
CA SER A 80 -73.76 -16.72 6.47
C SER A 80 -74.15 -15.83 5.33
N LYS A 81 -75.37 -16.00 4.82
CA LYS A 81 -75.89 -15.20 3.73
C LYS A 81 -76.71 -14.03 4.27
N ILE A 82 -77.08 -13.11 3.44
CA ILE A 82 -77.81 -11.93 3.70
C ILE A 82 -79.30 -12.17 3.71
N PRO A 83 -80.08 -11.67 4.67
CA PRO A 83 -81.51 -11.92 4.66
C PRO A 83 -82.27 -10.95 3.76
N LYS A 84 -83.50 -11.34 3.43
CA LYS A 84 -84.37 -10.51 2.61
C LYS A 84 -84.80 -9.28 3.39
N PRO A 85 -84.67 -8.07 2.83
CA PRO A 85 -85.12 -6.87 3.55
C PRO A 85 -86.55 -6.51 3.17
N ASN A 86 -87.07 -5.50 3.87
CA ASN A 86 -88.37 -4.92 3.57
C ASN A 86 -88.20 -3.47 3.16
N PRO A 87 -88.43 -3.11 1.89
CA PRO A 87 -88.16 -1.72 1.49
C PRO A 87 -88.96 -0.70 2.28
N ALA A 88 -90.29 -0.82 2.28
CA ALA A 88 -91.13 0.25 2.81
C ALA A 88 -90.70 0.64 4.22
N THR A 89 -90.49 -0.34 5.09
CA THR A 89 -90.04 -0.04 6.45
C THR A 89 -88.69 0.67 6.43
N ALA A 90 -87.87 0.42 5.41
CA ALA A 90 -86.53 0.98 5.38
C ALA A 90 -86.52 2.50 5.43
N MET A 91 -87.27 3.17 4.55
CA MET A 91 -87.36 4.62 4.59
C MET A 91 -88.53 5.14 5.41
N ARG A 92 -89.55 4.31 5.66
CA ARG A 92 -90.57 4.72 6.63
C ARG A 92 -89.97 4.90 8.01
N ASP A 93 -88.84 4.21 8.27
CA ASP A 93 -88.06 4.42 9.49
C ASP A 93 -86.60 4.21 9.07
N ARG A 94 -85.86 5.30 8.91
CA ARG A 94 -84.53 5.23 8.34
C ARG A 94 -83.57 4.51 9.28
N LYS A 95 -83.05 3.38 8.83
CA LYS A 95 -82.07 2.59 9.56
C LYS A 95 -80.94 2.17 8.64
N PRO A 96 -79.73 2.00 9.16
CA PRO A 96 -78.65 1.46 8.34
C PRO A 96 -78.79 -0.05 8.16
N LEU A 97 -78.21 -0.60 7.15
CA LEU A 97 -78.13 -1.96 6.77
C LEU A 97 -76.74 -2.37 6.41
N TYR A 98 -76.24 -3.48 6.82
CA TYR A 98 -74.94 -3.97 6.62
C TYR A 98 -74.72 -5.36 7.17
N PHE A 99 -73.71 -6.04 6.77
CA PHE A 99 -73.13 -7.23 7.28
C PHE A 99 -71.73 -6.99 7.76
N LEU A 100 -71.42 -7.26 9.02
CA LEU A 100 -70.11 -6.96 9.57
C LEU A 100 -69.24 -8.21 9.56
N VAL A 101 -68.23 -8.23 8.68
CA VAL A 101 -67.36 -9.30 8.37
C VAL A 101 -66.56 -9.75 9.57
N ASP A 102 -65.88 -8.84 10.18
CA ASP A 102 -64.88 -9.02 11.17
C ASP A 102 -65.40 -9.50 12.50
N ASP A 103 -66.69 -9.46 12.78
CA ASP A 103 -67.21 -9.67 14.13
C ASP A 103 -67.34 -11.16 14.50
N GLY A 104 -66.47 -11.63 15.40
CA GLY A 104 -66.63 -12.94 16.06
C GLY A 104 -66.73 -14.12 15.11
N SER A 105 -67.77 -14.93 15.26
CA SER A 105 -67.99 -16.16 14.49
C SER A 105 -68.29 -15.95 13.01
N ASN A 106 -68.49 -14.71 12.54
CA ASN A 106 -68.71 -14.37 11.19
C ASN A 106 -67.55 -14.80 10.33
N ARG A 107 -66.36 -14.65 10.78
CA ARG A 107 -65.14 -14.99 10.17
C ARG A 107 -64.96 -16.48 10.11
N GLN A 108 -64.68 -17.07 8.99
CA GLN A 108 -64.42 -18.42 8.70
C GLN A 108 -63.23 -18.62 7.81
N GLN A 109 -62.43 -19.60 8.00
CA GLN A 109 -61.25 -19.97 7.32
C GLN A 109 -61.39 -21.31 6.64
N ARG A 110 -61.09 -21.46 5.39
CA ARG A 110 -61.25 -22.59 4.57
C ARG A 110 -60.04 -22.90 3.74
N ALA A 111 -59.60 -24.11 3.65
CA ALA A 111 -58.56 -24.64 2.87
C ALA A 111 -59.03 -25.15 1.53
N ALA A 112 -58.17 -25.42 0.61
CA ALA A 112 -58.40 -25.89 -0.70
C ALA A 112 -57.26 -26.67 -1.28
N THR A 113 -57.54 -27.85 -1.84
CA THR A 113 -56.58 -28.60 -2.66
C THR A 113 -57.09 -28.60 -4.09
N LEU A 114 -56.26 -28.19 -5.04
CA LEU A 114 -56.58 -27.84 -6.36
C LEU A 114 -55.55 -28.24 -7.38
N LEU A 115 -55.88 -28.34 -8.62
CA LEU A 115 -55.12 -28.63 -9.77
C LEU A 115 -54.35 -27.42 -10.24
N ARG A 116 -53.28 -27.57 -10.95
CA ARG A 116 -52.34 -26.59 -11.34
C ARG A 116 -52.07 -26.38 -12.81
N ASN A 117 -52.32 -27.30 -13.66
CA ASN A 117 -52.09 -27.28 -15.05
C ASN A 117 -52.99 -28.22 -15.81
N VAL A 118 -53.95 -27.71 -16.57
CA VAL A 118 -54.99 -28.54 -17.14
C VAL A 118 -55.13 -28.25 -18.62
N ASP A 119 -55.74 -29.21 -19.32
CA ASP A 119 -55.99 -29.08 -20.75
C ASP A 119 -56.98 -30.16 -21.15
N TYR A 120 -58.04 -29.79 -21.86
CA TYR A 120 -59.11 -30.72 -22.18
C TYR A 120 -59.64 -30.47 -23.58
N VAL A 121 -60.20 -31.52 -24.16
CA VAL A 121 -60.98 -31.43 -25.39
C VAL A 121 -62.26 -32.23 -25.16
N ILE A 122 -63.39 -31.62 -25.46
CA ILE A 122 -64.69 -32.17 -25.10
C ILE A 122 -65.56 -32.27 -26.34
N GLU A 123 -66.25 -33.39 -26.48
CA GLU A 123 -67.10 -33.68 -27.63
C GLU A 123 -68.55 -33.63 -27.18
N ALA A 124 -69.33 -32.75 -27.79
CA ALA A 124 -70.72 -32.59 -27.43
C ALA A 124 -71.52 -32.17 -28.66
N HIS A 125 -72.83 -32.41 -28.61
CA HIS A 125 -73.72 -32.10 -29.72
C HIS A 125 -74.95 -31.40 -29.17
N PHE A 126 -75.94 -31.24 -30.04
CA PHE A 126 -77.02 -30.30 -29.82
C PHE A 126 -78.36 -31.01 -29.93
N GLU A 127 -79.38 -30.42 -29.30
CA GLU A 127 -80.70 -31.04 -29.26
C GLU A 127 -81.75 -30.00 -28.93
N LEU A 128 -82.93 -30.16 -29.53
CA LEU A 128 -84.05 -29.29 -29.22
C LEU A 128 -84.84 -29.85 -28.06
N THR A 129 -85.49 -28.96 -27.33
CA THR A 129 -86.33 -29.34 -26.19
C THR A 129 -87.79 -29.05 -26.50
N ASP A 130 -88.66 -29.52 -25.59
CA ASP A 130 -90.10 -29.39 -25.79
C ASP A 130 -90.55 -27.94 -25.86
N LYS A 131 -89.99 -27.08 -25.02
CA LYS A 131 -90.36 -25.67 -25.03
C LYS A 131 -90.14 -25.03 -26.40
N ALA A 132 -89.19 -25.54 -27.17
CA ALA A 132 -88.80 -24.90 -28.42
C ALA A 132 -90.00 -24.71 -29.33
N GLY A 133 -90.00 -23.58 -30.04
CA GLY A 133 -91.01 -23.33 -31.05
C GLY A 133 -90.69 -24.02 -32.36
N ALA A 134 -91.72 -24.11 -33.22
CA ALA A 134 -91.56 -24.83 -34.48
C ALA A 134 -90.47 -24.25 -35.36
N GLU A 135 -90.24 -22.93 -35.28
CA GLU A 135 -89.26 -22.29 -36.16
C GLU A 135 -87.83 -22.63 -35.78
N ASP A 136 -87.61 -23.17 -34.58
CA ASP A 136 -86.25 -23.44 -34.11
C ASP A 136 -85.63 -24.62 -34.84
N ASN A 137 -84.35 -24.50 -35.14
CA ASN A 137 -83.58 -25.59 -35.76
C ASN A 137 -82.24 -25.70 -35.07
N ALA A 138 -81.80 -26.94 -34.85
CA ALA A 138 -80.52 -27.16 -34.18
C ALA A 138 -79.36 -26.62 -35.02
N GLY A 139 -79.43 -26.80 -36.34
CA GLY A 139 -78.32 -26.39 -37.19
C GLY A 139 -78.03 -24.90 -37.10
N LYS A 140 -79.07 -24.08 -37.03
CA LYS A 140 -78.86 -22.63 -36.98
C LYS A 140 -78.11 -22.25 -35.71
N HIS A 141 -78.54 -22.79 -34.57
CA HIS A 141 -77.85 -22.51 -33.32
C HIS A 141 -76.43 -23.05 -33.35
N LEU A 142 -76.22 -24.20 -33.98
CA LEU A 142 -74.87 -24.74 -34.08
C LEU A 142 -73.98 -23.82 -34.89
N ASP A 143 -74.49 -23.27 -35.98
CA ASP A 143 -73.71 -22.34 -36.79
C ASP A 143 -73.42 -21.06 -36.02
N ILE A 144 -74.40 -20.57 -35.27
CA ILE A 144 -74.16 -19.40 -34.44
C ILE A 144 -73.04 -19.69 -33.45
N PHE A 145 -73.07 -20.86 -32.83
CA PHE A 145 -72.02 -21.24 -31.90
C PHE A 145 -70.67 -21.27 -32.59
N ARG A 146 -70.61 -21.84 -33.79
CA ARG A 146 -69.35 -21.91 -34.51
C ARG A 146 -68.81 -20.52 -34.80
N ARG A 147 -69.67 -19.62 -35.28
CA ARG A 147 -69.24 -18.26 -35.57
C ARG A 147 -68.68 -17.60 -34.32
N ARG A 148 -69.43 -17.66 -33.22
CA ARG A 148 -68.98 -17.01 -31.99
C ARG A 148 -67.65 -17.60 -31.52
N ALA A 149 -67.53 -18.93 -31.56
CA ALA A 149 -66.30 -19.56 -31.09
C ALA A 149 -65.11 -19.13 -31.94
N ARG A 150 -65.29 -19.09 -33.26
CA ARG A 150 -64.19 -18.66 -34.12
C ARG A 150 -63.81 -17.22 -33.83
N ALA A 151 -64.80 -16.34 -33.66
CA ALA A 151 -64.50 -14.93 -33.42
C ALA A 151 -63.97 -14.70 -32.02
N GLY A 152 -64.15 -15.64 -31.10
CA GLY A 152 -63.75 -15.43 -29.73
C GLY A 152 -64.75 -14.68 -28.88
N GLN A 153 -65.95 -14.44 -29.41
CA GLN A 153 -66.99 -13.75 -28.66
C GLN A 153 -67.58 -14.67 -27.60
N SER A 154 -68.34 -14.09 -26.69
CA SER A 154 -68.96 -14.88 -25.63
C SER A 154 -69.97 -14.04 -24.88
N PHE A 155 -70.94 -14.74 -24.28
CA PHE A 155 -71.89 -14.08 -23.39
C PHE A 155 -71.22 -13.67 -22.09
N GLN A 156 -70.28 -14.46 -21.60
CA GLN A 156 -69.51 -14.12 -20.42
C GLN A 156 -68.22 -14.93 -20.43
N GLN A 157 -67.29 -14.54 -19.59
CA GLN A 157 -66.01 -15.22 -19.54
C GLN A 157 -66.18 -16.59 -18.88
N PRO A 158 -65.78 -17.67 -19.54
CA PRO A 158 -65.88 -18.98 -18.89
C PRO A 158 -64.92 -19.13 -17.73
N CYS A 159 -65.25 -20.05 -16.83
CA CYS A 159 -64.49 -20.28 -15.61
C CYS A 159 -64.27 -21.77 -15.41
N LEU A 160 -63.12 -22.12 -14.82
CA LEU A 160 -62.80 -23.51 -14.48
C LEU A 160 -63.29 -23.79 -13.06
N GLY A 161 -64.60 -23.95 -12.93
CA GLY A 161 -65.18 -24.26 -11.64
C GLY A 161 -65.62 -23.04 -10.86
N CYS A 162 -64.67 -22.16 -10.52
CA CYS A 162 -64.95 -20.98 -9.73
C CYS A 162 -64.60 -19.73 -10.54
N ARG A 163 -65.28 -18.63 -10.23
CA ARG A 163 -65.16 -17.43 -11.07
C ARG A 163 -63.74 -16.86 -11.04
N GLU A 164 -62.93 -17.22 -10.05
CA GLU A 164 -61.59 -16.67 -9.97
C GLU A 164 -60.59 -17.43 -10.84
N PHE A 165 -60.97 -18.35 -11.66
CA PHE A 165 -60.23 -19.19 -12.52
C PHE A 165 -60.69 -19.08 -13.96
N PRO A 166 -60.29 -18.06 -14.71
CA PRO A 166 -60.75 -17.95 -16.09
C PRO A 166 -60.11 -19.01 -16.97
N ALA A 167 -60.77 -19.31 -18.09
CA ALA A 167 -60.34 -20.36 -19.00
C ALA A 167 -60.17 -19.81 -20.40
N SER A 168 -59.03 -20.12 -21.01
CA SER A 168 -58.81 -19.81 -22.42
C SER A 168 -59.31 -20.94 -23.28
N PHE A 169 -60.03 -20.59 -24.35
CA PHE A 169 -60.72 -21.59 -25.15
C PHE A 169 -60.42 -21.39 -26.63
N GLU A 170 -60.63 -22.47 -27.39
CA GLU A 170 -60.36 -22.50 -28.82
C GLU A 170 -61.30 -23.50 -29.47
N LEU A 171 -61.49 -23.34 -30.78
CA LEU A 171 -62.29 -24.26 -31.56
C LEU A 171 -61.38 -25.13 -32.41
N LEU A 172 -61.59 -26.45 -32.34
CA LEU A 172 -60.75 -27.41 -33.03
C LEU A 172 -61.39 -27.82 -34.35
N GLU A 173 -60.57 -27.86 -35.41
CA GLU A 173 -61.02 -28.25 -36.74
C GLU A 173 -60.21 -29.42 -37.29
N GLY A 174 -59.77 -30.32 -36.42
CA GLY A 174 -58.92 -31.40 -36.85
C GLY A 174 -58.92 -32.56 -35.89
N ASP A 175 -57.80 -33.29 -35.88
CA ASP A 175 -57.70 -34.53 -35.13
C ASP A 175 -57.30 -34.27 -33.69
N VAL A 176 -57.79 -35.12 -32.78
CA VAL A 176 -57.43 -35.01 -31.37
C VAL A 176 -55.99 -35.45 -31.19
N PRO A 177 -55.12 -34.64 -30.59
CA PRO A 177 -53.74 -35.07 -30.37
C PRO A 177 -53.68 -36.25 -29.41
N LEU A 178 -52.46 -36.74 -29.21
CA LEU A 178 -52.26 -37.81 -28.24
C LEU A 178 -52.40 -37.28 -26.83
N SER A 179 -52.40 -38.19 -25.87
CA SER A 179 -52.60 -37.84 -24.47
C SER A 179 -51.50 -38.48 -23.63
N CYS A 180 -51.28 -37.91 -22.44
CA CYS A 180 -50.17 -38.32 -21.60
C CYS A 180 -50.25 -39.78 -21.19
N TYR A 181 -51.43 -40.29 -20.80
CA TYR A 181 -51.60 -41.68 -20.43
C TYR A 181 -52.30 -42.46 -21.53
N ALA A 182 -51.94 -42.18 -22.79
CA ALA A 182 -52.59 -42.84 -23.91
C ALA A 182 -52.52 -44.36 -23.80
N GLY A 183 -51.49 -44.88 -23.16
CA GLY A 183 -51.31 -46.32 -23.05
C GLY A 183 -51.49 -46.88 -21.65
N GLU A 184 -52.34 -46.25 -20.85
CA GLU A 184 -52.59 -46.69 -19.49
C GLU A 184 -54.08 -46.65 -19.20
N LYS A 185 -54.52 -47.53 -18.32
CA LYS A 185 -55.90 -47.56 -17.85
C LYS A 185 -55.92 -47.31 -16.34
N ARG A 186 -56.92 -46.66 -15.84
CA ARG A 186 -57.09 -46.18 -14.53
C ARG A 186 -58.52 -46.18 -14.09
N ASP A 187 -58.82 -46.32 -12.83
CA ASP A 187 -60.07 -46.36 -12.18
C ASP A 187 -60.28 -45.19 -11.26
N LEU A 188 -61.42 -44.57 -11.23
CA LEU A 188 -61.81 -43.43 -10.49
C LEU A 188 -62.83 -43.66 -9.41
N GLY A 189 -63.59 -44.74 -9.50
CA GLY A 189 -64.73 -44.91 -8.62
C GLY A 189 -65.92 -44.13 -9.14
N TYR A 190 -66.93 -43.99 -8.28
CA TYR A 190 -68.15 -43.32 -8.66
C TYR A 190 -67.97 -41.81 -8.68
N MET A 191 -68.64 -41.15 -9.62
CA MET A 191 -68.55 -39.70 -9.77
C MET A 191 -69.92 -39.13 -10.05
N LEU A 192 -70.03 -37.82 -9.88
CA LEU A 192 -71.28 -37.12 -10.12
C LEU A 192 -71.56 -37.06 -11.61
N LEU A 193 -72.79 -37.42 -12.00
CA LEU A 193 -73.17 -37.35 -13.41
C LEU A 193 -73.82 -36.00 -13.72
N ASP A 194 -74.91 -35.69 -13.03
CA ASP A 194 -75.62 -34.44 -13.24
C ASP A 194 -76.62 -34.26 -12.09
N ILE A 195 -77.24 -33.10 -12.05
CA ILE A 195 -78.21 -32.75 -11.02
C ILE A 195 -79.57 -32.61 -11.70
N ASP A 196 -80.58 -33.25 -11.12
CA ASP A 196 -81.93 -33.21 -11.67
C ASP A 196 -82.67 -32.01 -11.08
N PHE A 197 -82.78 -30.94 -11.86
CA PHE A 197 -83.52 -29.77 -11.40
C PHE A 197 -85.02 -30.02 -11.38
N GLU A 198 -85.54 -30.81 -12.31
CA GLU A 198 -86.98 -30.99 -12.43
C GLU A 198 -87.57 -31.80 -11.28
N ARG A 199 -86.86 -32.82 -10.81
CA ARG A 199 -87.31 -33.58 -9.65
C ARG A 199 -86.60 -33.07 -8.40
N ASP A 200 -86.89 -31.81 -8.10
CA ASP A 200 -86.44 -31.14 -6.89
C ASP A 200 -84.96 -31.41 -6.60
N MET A 201 -84.12 -30.97 -7.53
CA MET A 201 -82.67 -30.88 -7.30
C MET A 201 -82.12 -32.18 -6.74
N THR A 202 -82.19 -33.24 -7.54
CA THR A 202 -81.72 -34.55 -7.11
C THR A 202 -80.46 -34.93 -7.87
N PRO A 203 -79.38 -35.33 -7.21
CA PRO A 203 -78.16 -35.70 -7.93
C PRO A 203 -78.22 -37.13 -8.46
N LEU A 204 -77.28 -37.43 -9.35
CA LEU A 204 -77.13 -38.75 -9.95
C LEU A 204 -75.66 -39.11 -10.02
N PHE A 205 -75.34 -40.40 -9.91
CA PHE A 205 -73.97 -40.87 -9.88
C PHE A 205 -73.80 -42.01 -10.87
N PHE A 206 -72.56 -42.19 -11.33
CA PHE A 206 -72.24 -43.24 -12.29
C PHE A 206 -70.80 -43.69 -12.05
N LYS A 207 -70.41 -44.74 -12.77
CA LYS A 207 -69.09 -45.35 -12.62
C LYS A 207 -68.16 -44.80 -13.67
N ALA A 208 -66.97 -44.39 -13.25
CA ALA A 208 -66.01 -43.71 -14.11
C ALA A 208 -64.75 -44.55 -14.27
N VAL A 209 -64.28 -44.66 -15.51
CA VAL A 209 -63.05 -45.39 -15.82
C VAL A 209 -62.34 -44.65 -16.94
N MET A 210 -61.01 -44.57 -16.83
CA MET A 210 -60.20 -43.86 -17.81
C MET A 210 -59.26 -44.85 -18.50
N GLU A 211 -59.23 -44.78 -19.83
CA GLU A 211 -58.28 -45.54 -20.62
C GLU A 211 -58.02 -44.77 -21.91
N ASP A 212 -56.74 -44.60 -22.23
CA ASP A 212 -56.33 -43.72 -23.32
C ASP A 212 -56.76 -42.28 -23.04
N GLY A 213 -56.93 -41.95 -21.77
CA GLY A 213 -57.27 -40.58 -21.35
C GLY A 213 -58.59 -40.11 -21.94
N VAL A 214 -59.52 -41.02 -22.21
CA VAL A 214 -60.85 -40.67 -22.70
C VAL A 214 -61.88 -41.33 -21.80
N ILE A 215 -62.87 -40.55 -21.38
CA ILE A 215 -63.93 -41.02 -20.49
C ILE A 215 -65.27 -40.75 -21.17
N THR A 216 -66.17 -41.74 -21.12
CA THR A 216 -67.43 -41.67 -21.84
C THR A 216 -68.58 -41.90 -20.87
N PRO A 217 -69.14 -40.83 -20.32
CA PRO A 217 -70.27 -40.98 -19.40
C PRO A 217 -71.50 -41.45 -20.14
N PRO A 218 -72.43 -42.13 -19.45
CA PRO A 218 -73.72 -42.43 -20.07
C PRO A 218 -74.57 -41.17 -20.19
N SER A 219 -75.53 -41.22 -21.10
CA SER A 219 -76.39 -40.07 -21.34
C SER A 219 -77.20 -39.75 -20.09
N ARG A 220 -77.11 -38.50 -19.62
CA ARG A 220 -77.81 -38.11 -18.40
C ARG A 220 -79.30 -37.93 -18.63
N THR A 221 -79.76 -37.85 -19.88
CA THR A 221 -81.18 -37.75 -20.15
C THR A 221 -81.87 -39.11 -20.11
N SER A 222 -81.11 -40.20 -20.12
CA SER A 222 -81.72 -41.52 -20.18
C SER A 222 -82.56 -41.77 -18.92
N PRO A 223 -83.79 -42.26 -19.05
CA PRO A 223 -84.65 -42.38 -17.87
C PRO A 223 -84.15 -43.40 -16.85
N GLU A 224 -83.57 -44.52 -17.30
CA GLU A 224 -83.15 -45.56 -16.37
C GLU A 224 -82.15 -45.05 -15.35
N VAL A 225 -81.33 -44.06 -15.72
CA VAL A 225 -80.37 -43.51 -14.77
C VAL A 225 -81.06 -42.72 -13.67
N ARG A 226 -82.32 -42.32 -13.87
CA ARG A 226 -83.02 -41.46 -12.92
C ARG A 226 -83.52 -42.21 -11.68
N ALA A 227 -83.41 -43.53 -11.65
CA ALA A 227 -83.85 -44.30 -10.50
C ALA A 227 -83.16 -43.82 -9.23
N MET B 1 -82.86 -0.67 -17.56
CA MET B 1 -81.94 0.37 -17.02
C MET B 1 -80.74 0.54 -17.94
N THR B 2 -80.34 1.78 -18.16
CA THR B 2 -79.19 2.06 -19.02
C THR B 2 -77.94 1.40 -18.46
N ALA B 3 -77.13 0.85 -19.35
CA ALA B 3 -75.92 0.15 -18.94
C ALA B 3 -74.87 0.30 -20.03
N ILE B 4 -73.65 -0.09 -19.68
CA ILE B 4 -72.57 -0.05 -20.66
C ILE B 4 -72.96 -0.90 -21.87
N ALA B 5 -72.35 -0.58 -23.01
CA ALA B 5 -72.66 -1.26 -24.27
C ALA B 5 -71.42 -1.78 -24.98
N ASN B 6 -70.36 -2.09 -24.24
CA ASN B 6 -69.14 -2.61 -24.84
C ASN B 6 -68.43 -3.51 -23.84
N ARG B 7 -67.82 -4.57 -24.35
CA ARG B 7 -67.00 -5.43 -23.50
C ARG B 7 -65.68 -4.74 -23.19
N TYR B 8 -65.09 -5.10 -22.05
CA TYR B 8 -63.85 -4.48 -21.61
C TYR B 8 -62.93 -5.53 -21.01
N GLU B 9 -61.63 -5.32 -21.22
CA GLU B 9 -60.58 -6.01 -20.49
C GLU B 9 -59.51 -4.99 -20.13
N PHE B 10 -58.83 -5.24 -19.01
CA PHE B 10 -57.86 -4.27 -18.53
C PHE B 10 -56.72 -4.99 -17.82
N VAL B 11 -55.59 -4.30 -17.74
CA VAL B 11 -54.39 -4.81 -17.08
C VAL B 11 -53.86 -3.72 -16.17
N LEU B 12 -53.38 -4.10 -14.99
CA LEU B 12 -52.92 -3.16 -13.98
C LEU B 12 -51.55 -3.60 -13.48
N LEU B 13 -50.71 -2.62 -13.14
CA LEU B 13 -49.38 -2.87 -12.61
C LEU B 13 -49.17 -2.08 -11.34
N PHE B 14 -48.63 -2.75 -10.32
CA PHE B 14 -48.35 -2.11 -9.05
C PHE B 14 -47.18 -2.84 -8.39
N ASP B 15 -46.55 -2.17 -7.43
CA ASP B 15 -45.34 -2.68 -6.82
C ASP B 15 -45.34 -2.41 -5.33
N VAL B 16 -44.42 -3.06 -4.63
CA VAL B 16 -44.26 -2.92 -3.19
C VAL B 16 -42.79 -2.65 -2.90
N GLU B 17 -42.52 -2.05 -1.75
CA GLU B 17 -41.16 -1.75 -1.32
C GLU B 17 -41.07 -1.91 0.19
N ASN B 18 -40.25 -2.86 0.65
CA ASN B 18 -40.04 -3.09 2.07
C ASN B 18 -41.38 -3.24 2.79
N GLY B 19 -42.15 -4.23 2.37
CA GLY B 19 -43.45 -4.46 2.97
C GLY B 19 -43.93 -5.87 2.70
N ASN B 20 -45.02 -6.25 3.27
CA ASN B 20 -45.71 -7.47 3.18
C ASN B 20 -47.03 -7.31 2.47
N PRO B 21 -47.17 -7.60 1.18
CA PRO B 21 -48.41 -7.26 0.48
C PRO B 21 -49.59 -8.12 0.87
N ASN B 22 -49.36 -9.40 1.15
CA ASN B 22 -50.45 -10.30 1.50
C ASN B 22 -49.88 -11.48 2.27
N GLY B 23 -50.18 -11.62 3.52
CA GLY B 23 -49.77 -12.66 4.31
C GLY B 23 -50.41 -13.96 4.10
N ASP B 24 -49.85 -15.05 4.51
CA ASP B 24 -50.27 -16.39 4.39
C ASP B 24 -50.81 -16.94 5.68
N PRO B 25 -52.10 -17.25 5.83
CA PRO B 25 -52.58 -17.85 7.06
C PRO B 25 -51.95 -19.15 7.44
N ASP B 26 -51.43 -19.90 6.53
CA ASP B 26 -50.90 -21.20 6.63
C ASP B 26 -49.46 -21.29 7.07
N ALA B 27 -48.55 -20.81 6.28
CA ALA B 27 -47.15 -20.77 6.46
C ALA B 27 -46.74 -19.68 7.43
N GLY B 28 -47.10 -19.77 8.66
CA GLY B 28 -46.97 -18.76 9.58
C GLY B 28 -47.60 -17.51 9.17
N ASN B 29 -46.87 -16.52 8.76
CA ASN B 29 -47.31 -15.32 8.15
C ASN B 29 -46.50 -14.87 6.96
N MET B 30 -45.70 -15.69 6.37
CA MET B 30 -44.89 -15.45 5.25
C MET B 30 -45.74 -14.99 4.09
N PRO B 31 -45.27 -14.09 3.23
CA PRO B 31 -45.98 -13.77 2.02
C PRO B 31 -46.18 -14.96 1.12
N ARG B 32 -47.28 -15.09 0.45
CA ARG B 32 -47.62 -16.12 -0.45
C ARG B 32 -46.61 -16.23 -1.55
N ILE B 33 -46.21 -17.39 -1.98
CA ILE B 33 -45.39 -17.72 -3.07
C ILE B 33 -45.81 -18.98 -3.77
N ASP B 34 -45.74 -19.06 -5.06
CA ASP B 34 -46.09 -20.12 -5.93
C ASP B 34 -45.08 -21.24 -5.89
N PRO B 35 -45.41 -22.46 -5.45
CA PRO B 35 -44.45 -23.54 -5.45
C PRO B 35 -43.94 -23.97 -6.79
N GLU B 36 -44.65 -23.75 -7.85
CA GLU B 36 -44.35 -24.09 -9.18
C GLU B 36 -43.29 -23.25 -9.83
N THR B 37 -43.28 -21.99 -9.59
CA THR B 37 -42.48 -20.98 -10.20
C THR B 37 -41.64 -20.11 -9.30
N GLY B 38 -41.90 -20.02 -8.04
CA GLY B 38 -41.32 -19.12 -7.18
C GLY B 38 -41.70 -17.70 -7.24
N HIS B 39 -42.66 -17.37 -8.03
CA HIS B 39 -43.26 -16.11 -8.18
C HIS B 39 -44.13 -15.76 -7.00
N GLY B 40 -44.25 -14.54 -6.62
CA GLY B 40 -45.15 -14.09 -5.69
C GLY B 40 -46.57 -14.15 -6.09
N LEU B 41 -47.49 -14.23 -5.20
CA LEU B 41 -48.88 -14.40 -5.36
C LEU B 41 -49.71 -13.49 -4.50
N VAL B 42 -50.76 -12.89 -5.06
CA VAL B 42 -51.71 -12.08 -4.30
C VAL B 42 -53.11 -12.45 -4.75
N THR B 43 -53.98 -12.75 -3.79
CA THR B 43 -55.35 -13.11 -4.11
C THR B 43 -56.16 -11.88 -4.50
N ASP B 44 -57.37 -12.13 -5.02
CA ASP B 44 -58.17 -11.04 -5.58
C ASP B 44 -59.14 -10.44 -4.55
N VAL B 45 -59.66 -11.24 -3.63
CA VAL B 45 -60.51 -10.69 -2.59
C VAL B 45 -59.76 -9.61 -1.83
N CYS B 46 -58.44 -9.75 -1.71
CA CYS B 46 -57.63 -8.71 -1.08
C CYS B 46 -57.81 -7.38 -1.80
N LEU B 47 -57.98 -7.41 -3.11
CA LEU B 47 -58.15 -6.17 -3.87
C LEU B 47 -59.59 -5.68 -3.82
N LYS B 48 -60.55 -6.60 -3.88
CA LYS B 48 -61.95 -6.20 -3.76
C LYS B 48 -62.20 -5.49 -2.45
N ARG B 49 -61.61 -5.91 -1.37
CA ARG B 49 -61.65 -5.31 -0.10
C ARG B 49 -61.26 -3.85 -0.17
N LYS B 50 -60.15 -3.56 -0.76
CA LYS B 50 -59.61 -2.26 -0.95
C LYS B 50 -60.52 -1.37 -1.74
N ILE B 51 -61.06 -1.93 -2.82
CA ILE B 51 -61.96 -1.14 -3.66
C ILE B 51 -63.19 -0.73 -2.86
N ARG B 52 -63.77 -1.69 -2.14
CA ARG B 52 -64.94 -1.37 -1.31
C ARG B 52 -64.61 -0.27 -0.32
N ASN B 53 -63.51 -0.35 0.37
CA ASN B 53 -63.05 0.57 1.34
C ASN B 53 -62.95 1.96 0.78
N HIS B 54 -62.25 2.05 -0.36
CA HIS B 54 -62.05 3.37 -0.96
C HIS B 54 -63.37 3.99 -1.37
N VAL B 55 -64.27 3.21 -1.97
CA VAL B 55 -65.55 3.78 -2.39
C VAL B 55 -66.33 4.27 -1.17
N ALA B 56 -66.39 3.46 -0.12
CA ALA B 56 -67.13 3.86 1.07
C ALA B 56 -66.55 5.15 1.63
N LEU B 57 -65.23 5.23 1.74
CA LEU B 57 -64.60 6.42 2.29
C LEU B 57 -64.88 7.65 1.44
N THR B 58 -64.82 7.51 0.12
CA THR B 58 -64.98 8.66 -0.76
C THR B 58 -66.40 9.19 -0.75
N LYS B 59 -67.39 8.31 -0.91
CA LYS B 59 -68.74 8.78 -1.18
C LYS B 59 -69.52 9.18 0.07
N GLU B 60 -69.22 8.59 1.22
CA GLU B 60 -69.84 9.00 2.48
C GLU B 60 -71.36 8.96 2.39
N GLY B 61 -71.90 7.81 1.98
CA GLY B 61 -73.33 7.61 2.02
C GLY B 61 -74.13 8.48 1.08
N ALA B 62 -73.69 8.65 -0.16
CA ALA B 62 -74.52 9.34 -1.15
C ALA B 62 -75.78 8.52 -1.42
N GLU B 63 -76.66 9.09 -2.23
CA GLU B 63 -77.99 8.50 -2.40
C GLU B 63 -77.93 7.04 -2.82
N ARG B 64 -77.18 6.74 -3.89
CA ARG B 64 -77.19 5.41 -4.48
C ARG B 64 -75.82 4.75 -4.43
N PHE B 65 -75.02 5.05 -3.40
CA PHE B 65 -73.67 4.52 -3.30
C PHE B 65 -73.38 3.96 -1.92
N ASN B 66 -74.38 3.37 -1.29
CA ASN B 66 -74.16 2.70 -0.03
C ASN B 66 -73.43 1.38 -0.25
N ILE B 67 -72.75 0.90 0.78
CA ILE B 67 -71.99 -0.34 0.71
C ILE B 67 -72.44 -1.25 1.85
N TYR B 68 -72.66 -2.50 1.60
CA TYR B 68 -73.26 -3.48 2.42
C TYR B 68 -72.31 -4.20 3.35
N ILE B 69 -71.18 -4.62 2.89
CA ILE B 69 -70.18 -5.39 3.51
C ILE B 69 -69.18 -4.48 4.19
N GLN B 70 -68.96 -4.58 5.45
CA GLN B 70 -68.19 -3.75 6.31
C GLN B 70 -67.19 -4.51 7.14
N GLU B 71 -66.19 -3.88 7.67
CA GLU B 71 -65.11 -4.37 8.44
C GLU B 71 -64.82 -3.54 9.68
N LYS B 72 -65.87 -2.89 10.19
CA LYS B 72 -65.90 -1.87 11.26
C LYS B 72 -65.08 -0.60 10.97
N ALA B 73 -65.13 -0.17 9.71
CA ALA B 73 -65.02 1.14 9.21
C ALA B 73 -66.31 1.91 9.24
N ILE B 74 -67.38 1.32 9.64
CA ILE B 74 -68.70 1.82 9.68
C ILE B 74 -68.78 3.10 10.46
N LEU B 75 -69.68 3.97 10.19
CA LEU B 75 -70.02 5.18 10.84
C LEU B 75 -71.51 5.37 10.96
N ASN B 76 -71.99 6.07 11.94
CA ASN B 76 -73.33 6.37 12.28
C ASN B 76 -73.78 7.69 11.70
N GLU B 77 -74.66 7.68 10.72
CA GLU B 77 -75.14 8.91 10.09
C GLU B 77 -76.48 8.61 9.44
N THR B 78 -77.10 9.65 8.91
CA THR B 78 -78.34 9.49 8.16
C THR B 78 -78.04 8.96 6.76
N HIS B 79 -78.96 8.14 6.24
CA HIS B 79 -78.78 7.49 4.95
C HIS B 79 -80.01 7.70 4.08
N GLU B 80 -79.75 7.94 2.80
CA GLU B 80 -80.82 8.03 1.81
C GLU B 80 -81.34 6.64 1.46
N ARG B 81 -82.61 6.57 1.06
CA ARG B 81 -83.23 5.31 0.68
C ARG B 81 -84.20 5.59 -0.46
N ALA B 82 -83.74 5.38 -1.70
CA ALA B 82 -84.62 5.49 -2.84
C ALA B 82 -85.54 4.29 -2.92
N TYR B 83 -86.84 4.54 -3.08
CA TYR B 83 -87.82 3.48 -3.09
C TYR B 83 -87.91 2.84 -4.47
N THR B 84 -88.44 1.62 -4.51
CA THR B 84 -88.64 0.90 -5.75
C THR B 84 -89.81 -0.09 -5.60
N ASP B 101 -93.02 -11.94 -6.66
CA ASP B 101 -92.68 -10.57 -7.03
C ASP B 101 -91.55 -10.02 -6.16
N ALA B 102 -90.71 -10.93 -5.67
CA ALA B 102 -89.50 -10.52 -4.97
C ALA B 102 -88.55 -9.77 -5.89
N LYS B 103 -88.76 -9.85 -7.21
CA LYS B 103 -87.97 -9.06 -8.15
C LYS B 103 -88.02 -7.59 -7.78
N ARG B 104 -89.15 -7.12 -7.25
CA ARG B 104 -89.23 -5.74 -6.79
C ARG B 104 -88.16 -5.45 -5.74
N VAL B 105 -88.09 -6.31 -4.72
CA VAL B 105 -87.09 -6.12 -3.67
C VAL B 105 -85.68 -6.20 -4.26
N THR B 106 -85.44 -7.20 -5.11
CA THR B 106 -84.11 -7.36 -5.68
C THR B 106 -83.69 -6.11 -6.43
N ASP B 107 -84.58 -5.56 -7.25
CA ASP B 107 -84.29 -4.31 -7.93
C ASP B 107 -84.04 -3.20 -6.92
N TRP B 108 -84.86 -3.15 -5.87
CA TRP B 108 -84.75 -2.06 -4.91
C TRP B 108 -83.36 -2.02 -4.31
N MET B 109 -82.88 -3.15 -3.80
CA MET B 109 -81.55 -3.13 -3.19
C MET B 109 -80.49 -2.81 -4.23
N CYS B 110 -80.60 -3.38 -5.43
CA CYS B 110 -79.59 -3.16 -6.45
C CYS B 110 -79.50 -1.68 -6.83
N THR B 111 -80.61 -0.94 -6.70
CA THR B 111 -80.59 0.46 -7.09
C THR B 111 -79.64 1.29 -6.24
N ASN B 112 -79.64 1.07 -4.92
CA ASN B 112 -78.96 1.96 -4.00
C ASN B 112 -77.76 1.37 -3.30
N PHE B 113 -77.43 0.10 -3.51
CA PHE B 113 -76.20 -0.49 -2.99
C PHE B 113 -75.24 -0.72 -4.15
N TYR B 114 -74.01 -0.22 -4.01
CA TYR B 114 -73.09 -0.21 -5.14
C TYR B 114 -72.36 -1.55 -5.27
N ASP B 115 -71.84 -2.08 -4.16
CA ASP B 115 -71.07 -3.31 -4.22
C ASP B 115 -71.92 -4.45 -4.75
N ILE B 116 -73.19 -4.53 -4.32
CA ILE B 116 -74.08 -5.53 -4.88
C ILE B 116 -74.29 -5.27 -6.37
N ARG B 117 -74.49 -4.01 -6.74
CA ARG B 117 -74.72 -3.67 -8.13
C ARG B 117 -73.55 -4.05 -9.03
N THR B 118 -72.35 -4.17 -8.48
CA THR B 118 -71.15 -4.43 -9.27
C THR B 118 -70.68 -5.87 -9.20
N PHE B 119 -70.76 -6.51 -8.02
CA PHE B 119 -70.28 -7.87 -7.85
C PHE B 119 -71.38 -8.90 -7.68
N GLY B 120 -72.50 -8.54 -7.07
CA GLY B 120 -73.57 -9.50 -6.83
C GLY B 120 -73.43 -10.19 -5.48
N ALA B 121 -74.49 -10.87 -5.04
CA ALA B 121 -74.49 -11.53 -3.75
C ALA B 121 -75.51 -12.65 -3.77
N VAL B 122 -75.67 -13.32 -2.63
CA VAL B 122 -76.57 -14.46 -2.47
C VAL B 122 -77.45 -14.21 -1.25
N MET B 123 -78.75 -14.44 -1.40
CA MET B 123 -79.68 -14.23 -0.30
C MET B 123 -79.93 -15.52 0.46
N THR B 124 -80.75 -15.41 1.51
CA THR B 124 -81.02 -16.54 2.39
C THR B 124 -81.99 -17.54 1.77
N THR B 125 -82.98 -17.06 1.02
CA THR B 125 -84.06 -17.90 0.52
C THR B 125 -84.25 -17.71 -0.97
N GLU B 126 -84.45 -18.81 -1.67
CA GLU B 126 -84.71 -18.81 -3.11
C GLU B 126 -86.09 -19.39 -3.37
N VAL B 127 -86.89 -18.67 -4.13
CA VAL B 127 -88.13 -19.24 -4.65
C VAL B 127 -87.81 -20.42 -5.56
N ASN B 128 -86.81 -20.24 -6.42
CA ASN B 128 -86.26 -21.31 -7.24
C ASN B 128 -84.89 -20.86 -7.69
N CYS B 129 -84.17 -21.77 -8.35
CA CYS B 129 -82.84 -21.46 -8.86
C CYS B 129 -82.82 -20.08 -9.51
N GLY B 130 -81.89 -19.24 -9.04
CA GLY B 130 -81.73 -17.89 -9.55
C GLY B 130 -80.50 -17.25 -8.93
N GLN B 131 -79.82 -16.39 -9.68
CA GLN B 131 -78.54 -15.86 -9.25
C GLN B 131 -78.47 -14.36 -9.51
N VAL B 132 -77.56 -13.71 -8.80
CA VAL B 132 -77.22 -12.31 -9.04
C VAL B 132 -75.70 -12.29 -9.21
N ARG B 133 -75.23 -12.31 -10.45
CA ARG B 133 -73.82 -12.55 -10.71
C ARG B 133 -72.99 -11.28 -10.78
N GLY B 134 -73.46 -10.24 -11.45
CA GLY B 134 -72.72 -9.01 -11.56
C GLY B 134 -71.74 -9.05 -12.71
N PRO B 135 -71.42 -7.89 -13.29
CA PRO B 135 -70.65 -7.87 -14.55
C PRO B 135 -69.13 -7.94 -14.38
N VAL B 136 -68.59 -7.67 -13.21
CA VAL B 136 -67.13 -7.56 -13.04
C VAL B 136 -66.57 -8.89 -12.58
N GLN B 137 -65.35 -9.18 -13.02
CA GLN B 137 -64.66 -10.42 -12.70
C GLN B 137 -63.16 -10.19 -12.69
N MET B 138 -62.46 -10.93 -11.84
CA MET B 138 -61.02 -10.73 -11.66
C MET B 138 -60.35 -12.07 -11.38
N ALA B 139 -59.02 -12.05 -11.40
CA ALA B 139 -58.21 -13.24 -11.18
C ALA B 139 -57.03 -12.91 -10.28
N PHE B 140 -56.23 -13.86 -9.93
CA PHE B 140 -55.06 -13.75 -9.14
C PHE B 140 -54.03 -12.87 -9.78
N ALA B 141 -53.18 -12.25 -8.97
CA ALA B 141 -52.07 -11.44 -9.45
C ALA B 141 -50.75 -12.10 -9.09
N ARG B 142 -49.78 -12.02 -10.00
CA ARG B 142 -48.51 -12.70 -9.84
C ARG B 142 -47.37 -11.78 -10.20
N SER B 143 -46.21 -12.02 -9.68
CA SER B 143 -45.00 -11.33 -9.89
C SER B 143 -44.47 -11.55 -11.29
N VAL B 144 -43.59 -10.66 -11.75
CA VAL B 144 -42.97 -10.85 -13.05
C VAL B 144 -41.80 -11.81 -12.96
N GLU B 145 -41.15 -11.96 -11.86
CA GLU B 145 -39.99 -12.73 -11.62
C GLU B 145 -39.88 -13.16 -10.18
N PRO B 146 -39.03 -14.13 -9.86
CA PRO B 146 -38.94 -14.63 -8.50
C PRO B 146 -38.65 -13.59 -7.47
N VAL B 147 -39.10 -13.73 -6.27
CA VAL B 147 -38.93 -12.95 -5.10
C VAL B 147 -38.34 -13.74 -3.96
N VAL B 148 -37.54 -13.11 -3.12
CA VAL B 148 -37.01 -13.74 -1.91
C VAL B 148 -37.33 -12.85 -0.72
N PRO B 149 -38.10 -13.32 0.26
CA PRO B 149 -38.42 -12.52 1.42
C PRO B 149 -37.28 -12.35 2.38
N GLN B 150 -37.18 -11.27 3.07
CA GLN B 150 -36.33 -10.97 4.15
C GLN B 150 -36.94 -11.34 5.47
N GLU B 151 -36.18 -11.59 6.48
CA GLU B 151 -36.50 -11.90 7.81
C GLU B 151 -35.87 -10.92 8.78
N VAL B 152 -36.59 -10.29 9.64
CA VAL B 152 -36.23 -9.25 10.54
C VAL B 152 -36.53 -9.59 11.96
N SER B 153 -35.54 -9.56 12.85
CA SER B 153 -35.70 -9.80 14.29
C SER B 153 -35.77 -8.47 15.03
N ILE B 154 -36.72 -8.38 15.97
CA ILE B 154 -37.00 -7.16 16.73
C ILE B 154 -37.27 -7.49 18.19
N THR B 155 -37.19 -6.48 19.05
CA THR B 155 -37.37 -6.59 20.49
C THR B 155 -38.55 -5.73 20.96
N ARG B 156 -39.14 -6.08 22.11
CA ARG B 156 -40.10 -5.22 22.82
C ARG B 156 -39.75 -5.08 24.29
N MET B 157 -39.79 -3.86 24.78
CA MET B 157 -39.45 -3.39 26.12
C MET B 157 -40.49 -3.71 27.22
N ALA B 158 -41.49 -4.56 26.95
CA ALA B 158 -42.66 -4.76 27.83
C ALA B 158 -43.37 -6.12 27.63
N VAL B 159 -44.22 -6.50 28.59
CA VAL B 159 -44.90 -7.81 28.71
C VAL B 159 -46.43 -7.68 28.80
N THR B 160 -47.21 -8.68 28.35
CA THR B 160 -48.69 -8.60 28.37
C THR B 160 -49.30 -9.05 29.70
N THR B 161 -49.11 -10.31 30.12
CA THR B 161 -49.70 -10.84 31.36
C THR B 161 -48.86 -10.53 32.60
N LYS B 162 -49.48 -10.62 33.77
CA LYS B 162 -48.75 -10.64 35.06
C LYS B 162 -47.98 -11.95 35.30
N ALA B 163 -48.38 -13.05 34.68
CA ALA B 163 -47.85 -14.36 34.82
C ALA B 163 -46.44 -14.46 34.31
N GLU B 164 -46.22 -13.94 33.09
CA GLU B 164 -44.93 -13.98 32.39
C GLU B 164 -43.86 -13.07 33.02
N ALA B 165 -44.25 -12.12 33.89
CA ALA B 165 -43.34 -11.28 34.63
C ALA B 165 -42.61 -12.09 35.72
N GLU B 166 -41.28 -11.92 35.80
CA GLU B 166 -40.33 -12.52 36.64
C GLU B 166 -39.22 -11.61 37.12
N ASP B 171 -35.63 -6.28 31.27
CA ASP B 171 -35.93 -7.25 32.32
C ASP B 171 -37.31 -7.93 32.14
N ASN B 172 -38.27 -7.20 31.57
CA ASN B 172 -39.57 -7.69 31.14
C ASN B 172 -39.70 -7.41 29.64
N ARG B 173 -39.02 -8.24 28.84
CA ARG B 173 -38.79 -8.06 27.40
C ARG B 173 -38.91 -9.38 26.64
N THR B 174 -39.09 -9.32 25.32
CA THR B 174 -39.35 -10.38 24.43
C THR B 174 -38.91 -10.11 23.02
N MET B 175 -38.69 -11.14 22.20
CA MET B 175 -38.41 -10.97 20.78
C MET B 175 -39.70 -10.82 19.97
N GLY B 176 -39.55 -10.82 18.65
CA GLY B 176 -40.45 -10.73 17.59
C GLY B 176 -39.91 -10.92 16.24
N ARG B 177 -40.77 -10.89 15.23
CA ARG B 177 -40.51 -11.30 13.84
C ARG B 177 -41.18 -10.32 12.89
N LYS B 178 -40.60 -10.04 11.74
CA LYS B 178 -41.15 -9.39 10.61
C LYS B 178 -40.75 -9.99 9.31
N HIS B 179 -41.55 -9.98 8.31
CA HIS B 179 -41.41 -10.45 6.98
C HIS B 179 -41.58 -9.36 5.97
N ILE B 180 -40.70 -9.13 5.08
CA ILE B 180 -40.65 -8.10 4.11
C ILE B 180 -40.15 -8.55 2.77
N VAL B 181 -40.61 -8.01 1.70
CA VAL B 181 -40.20 -8.13 0.35
C VAL B 181 -39.38 -6.94 -0.06
N PRO B 182 -38.08 -7.07 -0.36
CA PRO B 182 -37.32 -5.89 -0.76
C PRO B 182 -37.94 -5.07 -1.85
N TYR B 183 -38.45 -5.67 -2.86
CA TYR B 183 -39.08 -5.11 -4.00
C TYR B 183 -39.80 -6.11 -4.84
N GLY B 184 -40.86 -5.77 -5.48
CA GLY B 184 -41.64 -6.52 -6.33
C GLY B 184 -42.63 -5.87 -7.21
N LEU B 185 -42.85 -6.38 -8.41
CA LEU B 185 -43.79 -5.80 -9.36
C LEU B 185 -44.81 -6.86 -9.75
N TYR B 186 -46.06 -6.56 -9.78
CA TYR B 186 -47.20 -7.39 -9.91
C TYR B 186 -48.09 -7.04 -11.06
N VAL B 187 -48.80 -8.02 -11.60
CA VAL B 187 -49.71 -7.82 -12.72
C VAL B 187 -51.04 -8.47 -12.40
N ALA B 188 -52.12 -7.94 -12.97
CA ALA B 188 -53.45 -8.45 -12.72
C ALA B 188 -54.32 -8.26 -13.96
N HIS B 189 -55.27 -9.16 -14.15
CA HIS B 189 -56.20 -9.12 -15.27
C HIS B 189 -57.62 -9.01 -14.76
N GLY B 190 -58.52 -8.54 -15.62
CA GLY B 190 -59.92 -8.43 -15.26
C GLY B 190 -60.78 -8.30 -16.50
N PHE B 191 -62.06 -8.60 -16.32
CA PHE B 191 -63.02 -8.62 -17.41
C PHE B 191 -64.30 -7.93 -16.97
N ILE B 192 -65.04 -7.41 -17.94
CA ILE B 192 -66.34 -6.80 -17.70
C ILE B 192 -67.30 -7.25 -18.79
N SER B 193 -68.49 -7.68 -18.40
CA SER B 193 -69.47 -8.26 -19.32
C SER B 193 -70.67 -7.32 -19.42
N ALA B 194 -70.92 -6.82 -20.62
CA ALA B 194 -72.04 -5.91 -20.84
C ALA B 194 -73.37 -6.61 -20.62
N PRO B 195 -73.60 -7.79 -21.20
CA PRO B 195 -74.93 -8.41 -21.04
C PRO B 195 -75.34 -8.60 -19.60
N LEU B 196 -74.41 -8.97 -18.71
CA LEU B 196 -74.76 -9.07 -17.30
C LEU B 196 -75.17 -7.71 -16.74
N ALA B 197 -74.44 -6.66 -17.11
CA ALA B 197 -74.74 -5.34 -16.58
C ALA B 197 -76.17 -4.93 -16.90
N GLU B 198 -76.64 -5.27 -18.09
CA GLU B 198 -78.01 -4.90 -18.48
C GLU B 198 -79.03 -5.50 -17.53
N LYS B 199 -78.69 -6.56 -16.81
CA LYS B 199 -79.57 -7.15 -15.83
C LYS B 199 -79.39 -6.55 -14.44
N THR B 200 -78.51 -5.55 -14.31
CA THR B 200 -78.26 -4.94 -13.01
C THR B 200 -78.24 -3.42 -13.04
N GLY B 201 -78.25 -2.77 -14.20
CA GLY B 201 -78.27 -1.32 -14.24
C GLY B 201 -76.92 -0.67 -14.14
N PHE B 202 -75.84 -1.44 -14.03
CA PHE B 202 -74.51 -0.88 -13.98
C PHE B 202 -74.28 0.05 -15.15
N SER B 203 -74.09 1.34 -14.88
CA SER B 203 -74.06 2.37 -15.91
C SER B 203 -72.68 3.03 -15.95
N ASP B 204 -72.55 4.02 -16.83
CA ASP B 204 -71.23 4.58 -17.14
C ASP B 204 -70.61 5.30 -15.95
N GLU B 205 -71.37 6.14 -15.27
CA GLU B 205 -70.82 6.84 -14.11
C GLU B 205 -70.17 5.85 -13.15
N ASP B 206 -70.79 4.70 -12.97
CA ASP B 206 -70.18 3.64 -12.17
C ASP B 206 -68.83 3.25 -12.74
N LEU B 207 -68.72 3.18 -14.07
CA LEU B 207 -67.46 2.79 -14.68
C LEU B 207 -66.37 3.83 -14.43
N THR B 208 -66.71 5.11 -14.55
CA THR B 208 -65.71 6.15 -14.26
C THR B 208 -65.27 6.10 -12.81
N LEU B 209 -66.23 5.96 -11.89
CA LEU B 209 -65.88 5.82 -10.49
C LEU B 209 -65.00 4.60 -10.29
N PHE B 210 -65.25 3.53 -11.04
CA PHE B 210 -64.46 2.31 -10.91
C PHE B 210 -63.02 2.56 -11.34
N TRP B 211 -62.83 3.25 -12.47
CA TRP B 211 -61.47 3.61 -12.88
C TRP B 211 -60.79 4.42 -11.79
N ASP B 212 -61.48 5.42 -11.24
CA ASP B 212 -60.86 6.25 -10.21
C ASP B 212 -60.48 5.41 -9.00
N ALA B 213 -61.36 4.50 -8.59
CA ALA B 213 -61.05 3.65 -7.44
C ALA B 213 -59.81 2.82 -7.71
N LEU B 214 -59.69 2.27 -8.92
CA LEU B 214 -58.49 1.51 -9.25
C LEU B 214 -57.25 2.37 -9.16
N VAL B 215 -57.33 3.61 -9.64
CA VAL B 215 -56.14 4.46 -9.65
C VAL B 215 -55.65 4.72 -8.23
N ASN B 216 -56.56 5.05 -7.31
CA ASN B 216 -56.21 5.59 -6.01
C ASN B 216 -56.40 4.63 -4.85
N MET B 217 -56.61 3.34 -5.12
CA MET B 217 -57.04 2.43 -4.06
C MET B 217 -56.04 2.37 -2.90
N PHE B 218 -54.75 2.55 -3.20
CA PHE B 218 -53.73 2.33 -2.17
C PHE B 218 -53.52 3.54 -1.26
N GLU B 219 -54.08 4.70 -1.59
CA GLU B 219 -53.75 5.91 -0.86
C GLU B 219 -54.31 5.94 0.55
N HIS B 220 -55.18 5.00 0.91
CA HIS B 220 -55.76 4.97 2.25
C HIS B 220 -55.42 3.69 3.01
N ASP B 221 -54.51 2.89 2.58
CA ASP B 221 -54.13 1.62 3.03
C ASP B 221 -52.95 1.57 3.97
N ARG B 222 -52.33 2.64 4.28
CA ARG B 222 -51.16 2.74 5.07
C ARG B 222 -51.32 2.02 6.38
N SER B 223 -50.39 1.23 6.80
CA SER B 223 -50.33 0.50 8.00
C SER B 223 -48.91 0.18 8.40
N ALA B 224 -48.71 -0.54 9.46
CA ALA B 224 -47.47 -0.90 10.02
C ALA B 224 -46.69 -1.89 9.19
N ALA B 225 -47.35 -2.74 8.49
CA ALA B 225 -46.86 -3.89 7.82
C ALA B 225 -46.61 -3.76 6.34
N ARG B 226 -47.36 -2.98 5.64
CA ARG B 226 -47.43 -2.86 4.25
C ARG B 226 -46.35 -2.03 3.61
N GLY B 227 -45.62 -1.26 4.34
CA GLY B 227 -44.71 -0.38 3.80
C GLY B 227 -45.26 0.58 2.83
N LEU B 228 -44.66 0.69 1.65
CA LEU B 228 -45.09 1.61 0.62
C LEU B 228 -45.47 0.84 -0.64
N MET B 229 -46.67 1.09 -1.15
CA MET B 229 -47.17 0.46 -2.37
C MET B 229 -47.90 1.51 -3.19
N SER B 230 -47.98 1.28 -4.50
CA SER B 230 -48.62 2.24 -5.38
C SER B 230 -48.81 1.61 -6.76
N SER B 231 -49.83 2.11 -7.46
CA SER B 231 -50.10 1.67 -8.81
C SER B 231 -49.29 2.50 -9.81
N ARG B 232 -48.89 1.85 -10.89
CA ARG B 232 -48.00 2.47 -11.88
C ARG B 232 -48.61 2.64 -13.25
N LYS B 233 -49.23 1.60 -13.80
CA LYS B 233 -49.79 1.69 -15.14
C LYS B 233 -51.17 1.04 -15.17
N LEU B 234 -51.99 1.48 -16.11
CA LEU B 234 -53.33 0.95 -16.29
C LEU B 234 -53.68 1.05 -17.77
N ILE B 235 -53.87 -0.09 -18.41
CA ILE B 235 -54.21 -0.15 -19.83
C ILE B 235 -55.60 -0.73 -19.96
N VAL B 236 -56.43 -0.11 -20.80
CA VAL B 236 -57.82 -0.50 -20.98
C VAL B 236 -58.04 -0.86 -22.43
N PHE B 237 -58.68 -2.01 -22.65
CA PHE B 237 -59.09 -2.44 -23.98
C PHE B 237 -60.60 -2.28 -24.08
N LYS B 238 -61.05 -1.57 -25.11
CA LYS B 238 -62.47 -1.26 -25.29
C LYS B 238 -62.93 -1.88 -26.60
N HIS B 239 -63.93 -2.74 -26.53
CA HIS B 239 -64.36 -3.50 -27.69
C HIS B 239 -65.43 -2.74 -28.47
N GLN B 240 -65.47 -3.02 -29.78
CA GLN B 240 -66.40 -2.33 -30.65
C GLN B 240 -67.85 -2.77 -30.41
N ASN B 241 -68.07 -4.07 -30.21
CA ASN B 241 -69.40 -4.65 -30.24
C ASN B 241 -69.85 -5.03 -28.84
N ARG B 242 -71.16 -5.20 -28.70
CA ARG B 242 -71.71 -5.64 -27.43
C ARG B 242 -71.02 -6.89 -26.93
N LEU B 243 -70.79 -7.85 -27.82
CA LEU B 243 -69.88 -8.94 -27.55
C LEU B 243 -68.49 -8.57 -28.06
N GLY B 244 -67.50 -9.34 -27.67
CA GLY B 244 -66.12 -9.03 -27.99
C GLY B 244 -65.87 -8.94 -29.48
N ASN B 245 -64.61 -8.66 -29.81
CA ASN B 245 -64.17 -8.60 -31.20
C ASN B 245 -62.85 -9.33 -31.42
N ALA B 246 -62.26 -9.91 -30.39
CA ALA B 246 -61.04 -10.68 -30.54
C ALA B 246 -60.87 -11.57 -29.31
N PRO B 247 -60.09 -12.64 -29.41
CA PRO B 247 -59.88 -13.51 -28.24
C PRO B 247 -59.12 -12.78 -27.15
N ALA B 248 -59.62 -12.87 -25.92
CA ALA B 248 -59.03 -12.10 -24.83
C ALA B 248 -57.60 -12.54 -24.56
N HIS B 249 -57.34 -13.84 -24.56
CA HIS B 249 -56.03 -14.33 -24.16
C HIS B 249 -54.93 -13.85 -25.10
N LYS B 250 -55.27 -13.38 -26.29
CA LYS B 250 -54.27 -12.85 -27.19
C LYS B 250 -54.01 -11.37 -26.97
N LEU B 251 -55.01 -10.63 -26.50
CA LEU B 251 -54.79 -9.23 -26.17
C LEU B 251 -53.79 -9.10 -25.04
N PHE B 252 -53.89 -9.94 -24.02
CA PHE B 252 -52.98 -9.86 -22.89
C PHE B 252 -51.53 -10.09 -23.29
N ASP B 253 -51.28 -10.69 -24.45
CA ASP B 253 -49.91 -10.87 -24.91
C ASP B 253 -49.30 -9.60 -25.47
N LEU B 254 -50.11 -8.67 -25.96
CA LEU B 254 -49.56 -7.44 -26.53
C LEU B 254 -48.72 -6.69 -25.51
N VAL B 255 -49.05 -6.80 -24.24
CA VAL B 255 -48.29 -6.14 -23.18
C VAL B 255 -47.05 -6.97 -22.87
N LYS B 256 -45.90 -6.32 -22.83
CA LYS B 256 -44.64 -6.99 -22.56
C LYS B 256 -43.80 -6.15 -21.61
N VAL B 257 -43.22 -6.79 -20.61
CA VAL B 257 -42.41 -6.13 -19.61
C VAL B 257 -41.08 -6.86 -19.51
N SER B 258 -40.00 -6.09 -19.52
CA SER B 258 -38.66 -6.65 -19.48
C SER B 258 -37.74 -5.66 -18.77
N ARG B 259 -36.64 -6.10 -18.28
CA ARG B 259 -35.67 -5.37 -17.57
C ARG B 259 -35.05 -4.30 -18.41
N ALA B 260 -34.76 -3.14 -17.83
CA ALA B 260 -34.07 -2.08 -18.55
C ALA B 260 -32.73 -2.58 -19.07
N GLU B 261 -32.17 -1.83 -20.03
CA GLU B 261 -30.96 -2.29 -20.69
C GLU B 261 -29.76 -2.25 -19.75
N GLY B 262 -29.53 -1.20 -19.04
CA GLY B 262 -28.51 -1.06 -18.13
C GLY B 262 -28.59 -1.74 -16.82
N SER B 263 -29.75 -2.13 -16.42
CA SER B 263 -30.07 -2.78 -15.21
C SER B 263 -29.37 -4.09 -15.07
N SER B 264 -28.82 -4.43 -13.95
CA SER B 264 -28.15 -5.61 -13.61
C SER B 264 -28.33 -5.99 -12.16
N GLY B 265 -28.22 -7.28 -11.81
CA GLY B 265 -28.38 -7.74 -10.42
C GLY B 265 -29.79 -7.47 -9.88
N PRO B 266 -30.09 -7.69 -8.59
CA PRO B 266 -31.46 -7.58 -8.09
C PRO B 266 -32.11 -6.21 -8.37
N ALA B 267 -33.36 -6.18 -8.85
CA ALA B 267 -34.13 -5.03 -9.07
C ALA B 267 -34.47 -4.34 -7.77
N ARG B 268 -34.49 -3.05 -7.71
CA ARG B 268 -34.80 -2.25 -6.60
C ARG B 268 -35.69 -1.06 -6.82
N SER B 269 -36.13 -0.76 -8.00
CA SER B 269 -36.91 0.35 -8.39
C SER B 269 -37.67 0.12 -9.66
N PHE B 270 -38.74 0.89 -9.87
CA PHE B 270 -39.51 0.76 -11.11
C PHE B 270 -38.69 1.13 -12.33
N ALA B 271 -37.57 1.83 -12.16
CA ALA B 271 -36.76 2.23 -13.30
C ALA B 271 -36.00 1.06 -13.91
N ASP B 272 -35.96 -0.09 -13.31
CA ASP B 272 -35.29 -1.26 -13.72
C ASP B 272 -35.98 -2.03 -14.80
N TYR B 273 -37.18 -1.73 -15.16
CA TYR B 273 -38.04 -2.36 -16.08
C TYR B 273 -38.44 -1.48 -17.23
N ALA B 274 -38.78 -2.08 -18.36
CA ALA B 274 -39.34 -1.39 -19.50
C ALA B 274 -40.64 -2.07 -19.91
N VAL B 275 -41.65 -1.27 -20.22
CA VAL B 275 -42.97 -1.77 -20.58
C VAL B 275 -43.34 -1.28 -21.97
N THR B 276 -43.96 -2.15 -22.74
CA THR B 276 -44.36 -1.81 -24.10
C THR B 276 -45.68 -2.52 -24.42
N VAL B 277 -46.41 -1.96 -25.37
CA VAL B 277 -47.66 -2.53 -25.84
C VAL B 277 -47.63 -2.55 -27.36
N GLY B 278 -47.96 -3.69 -27.94
CA GLY B 278 -48.03 -3.81 -29.37
C GLY B 278 -49.28 -3.16 -29.93
N GLN B 279 -49.43 -3.28 -31.24
CA GLN B 279 -50.62 -2.75 -31.90
C GLN B 279 -51.76 -3.76 -31.82
N ALA B 280 -52.95 -3.28 -31.47
CA ALA B 280 -54.09 -4.16 -31.27
C ALA B 280 -54.90 -4.31 -32.55
N PRO B 281 -55.71 -5.36 -32.65
CA PRO B 281 -56.56 -5.53 -33.83
C PRO B 281 -57.44 -4.30 -34.05
N GLU B 282 -58.08 -4.29 -35.22
CA GLU B 282 -58.86 -3.12 -35.64
C GLU B 282 -60.06 -2.87 -34.73
N GLY B 283 -60.71 -3.95 -34.27
CA GLY B 283 -61.98 -3.83 -33.61
C GLY B 283 -61.94 -3.33 -32.18
N VAL B 284 -60.74 -3.09 -31.63
CA VAL B 284 -60.60 -2.70 -30.23
C VAL B 284 -59.75 -1.44 -30.16
N GLU B 285 -59.91 -0.71 -29.07
CA GLU B 285 -59.15 0.50 -28.80
C GLU B 285 -58.32 0.31 -27.55
N VAL B 286 -57.11 0.85 -27.57
CA VAL B 286 -56.19 0.76 -26.44
C VAL B 286 -56.06 2.15 -25.82
N LYS B 287 -56.36 2.24 -24.53
CA LYS B 287 -56.24 3.48 -23.78
C LYS B 287 -55.31 3.27 -22.60
N GLU B 288 -54.58 4.31 -22.25
CA GLU B 288 -53.70 4.29 -21.08
C GLU B 288 -54.13 5.40 -20.14
N MET B 289 -54.54 5.01 -18.94
CA MET B 289 -54.86 5.96 -17.88
C MET B 289 -53.69 6.17 -16.93
N LEU B 290 -52.82 5.18 -16.82
CA LEU B 290 -51.53 5.35 -16.16
C LEU B 290 -50.44 4.70 -17.01
N MET C 1 -60.32 17.86 21.52
CA MET C 1 -59.25 17.90 20.64
C MET C 1 -59.67 17.71 19.20
N THR C 2 -59.89 18.79 18.47
CA THR C 2 -60.36 18.70 17.10
C THR C 2 -59.32 18.00 16.22
N ALA C 3 -59.82 17.28 15.21
CA ALA C 3 -58.94 16.63 14.27
C ALA C 3 -58.43 17.63 13.24
N ILE C 4 -57.33 17.26 12.59
CA ILE C 4 -56.76 18.07 11.51
C ILE C 4 -57.68 17.97 10.32
N ALA C 5 -57.47 18.84 9.33
CA ALA C 5 -58.35 18.89 8.15
C ALA C 5 -57.57 18.89 6.84
N ASN C 6 -56.43 18.23 6.77
CA ASN C 6 -55.66 18.14 5.53
C ASN C 6 -54.80 16.89 5.56
N ARG C 7 -54.32 16.50 4.39
CA ARG C 7 -53.39 15.40 4.29
C ARG C 7 -51.97 15.93 4.27
N TYR C 8 -51.04 15.14 4.81
CA TYR C 8 -49.65 15.56 4.93
C TYR C 8 -48.72 14.43 4.51
N GLU C 9 -47.54 14.80 4.04
CA GLU C 9 -46.44 13.89 3.81
C GLU C 9 -45.15 14.66 4.03
N PHE C 10 -44.08 13.91 4.31
CA PHE C 10 -42.82 14.56 4.65
C PHE C 10 -41.66 13.62 4.37
N VAL C 11 -40.47 14.21 4.29
CA VAL C 11 -39.22 13.47 4.07
C VAL C 11 -38.20 13.97 5.09
N LEU C 12 -37.32 13.07 5.52
CA LEU C 12 -36.35 13.37 6.56
C LEU C 12 -34.98 12.84 6.16
N LEU C 13 -33.94 13.59 6.51
CA LEU C 13 -32.56 13.20 6.27
C LEU C 13 -31.76 13.36 7.56
N PHE C 14 -30.83 12.52 7.83
CA PHE C 14 -29.99 12.50 8.97
C PHE C 14 -28.68 11.77 8.76
N ASP C 15 -27.70 12.06 9.60
CA ASP C 15 -26.34 11.58 9.44
C ASP C 15 -25.95 10.60 10.54
N VAL C 16 -24.78 10.06 10.47
CA VAL C 16 -24.08 9.28 11.40
C VAL C 16 -22.59 9.33 11.18
N GLU C 17 -21.77 9.28 12.17
CA GLU C 17 -20.36 9.38 12.19
C GLU C 17 -19.70 8.54 13.24
N ASN C 18 -18.95 7.53 12.93
CA ASN C 18 -18.24 6.73 13.84
C ASN C 18 -19.15 6.15 14.89
N GLY C 19 -20.31 5.67 14.55
CA GLY C 19 -21.30 5.13 15.33
C GLY C 19 -22.03 3.96 14.84
N ASN C 20 -22.84 3.34 15.68
CA ASN C 20 -23.69 2.23 15.29
C ASN C 20 -25.15 2.68 15.43
N PRO C 21 -25.85 3.05 14.35
CA PRO C 21 -27.21 3.54 14.46
C PRO C 21 -28.21 2.57 15.02
N ASN C 22 -28.15 1.28 14.69
CA ASN C 22 -29.10 0.28 15.21
C ASN C 22 -28.50 -1.12 15.12
N GLY C 23 -28.27 -1.76 16.26
CA GLY C 23 -27.63 -3.06 16.31
C GLY C 23 -28.56 -4.20 15.88
N ASP C 24 -28.04 -5.16 15.12
CA ASP C 24 -28.76 -6.36 14.68
C ASP C 24 -28.68 -7.49 15.74
N PRO C 25 -29.81 -7.97 16.30
CA PRO C 25 -29.79 -9.02 17.31
C PRO C 25 -29.25 -10.38 16.87
N ASP C 26 -29.16 -10.66 15.56
CA ASP C 26 -28.69 -11.93 15.03
C ASP C 26 -27.24 -11.87 14.55
N ALA C 27 -26.84 -10.78 13.88
CA ALA C 27 -25.51 -10.63 13.31
C ALA C 27 -24.45 -10.19 14.35
N GLY C 28 -24.33 -10.90 15.46
CA GLY C 28 -23.49 -10.48 16.58
C GLY C 28 -24.06 -9.22 17.23
N ASN C 29 -23.54 -8.05 16.86
CA ASN C 29 -24.30 -6.81 16.96
C ASN C 29 -23.92 -5.82 15.84
N MET C 30 -23.58 -6.31 14.65
CA MET C 30 -23.28 -5.46 13.51
C MET C 30 -24.46 -4.54 13.18
N PRO C 31 -24.25 -3.41 12.50
CA PRO C 31 -25.33 -2.64 11.93
C PRO C 31 -26.18 -3.47 10.97
N ARG C 32 -27.49 -3.18 10.87
CA ARG C 32 -28.36 -3.84 9.90
C ARG C 32 -28.01 -3.41 8.46
N ILE C 33 -27.94 -4.35 7.52
CA ILE C 33 -27.68 -4.10 6.09
C ILE C 33 -28.50 -5.00 5.18
N ASP C 34 -28.69 -4.61 3.93
CA ASP C 34 -29.24 -5.35 2.87
C ASP C 34 -28.21 -6.30 2.31
N PRO C 35 -28.29 -7.61 2.53
CA PRO C 35 -27.21 -8.50 2.14
C PRO C 35 -26.88 -8.51 0.68
N GLU C 36 -27.82 -8.12 -0.18
CA GLU C 36 -27.66 -8.25 -1.63
C GLU C 36 -27.04 -7.03 -2.30
N THR C 37 -27.10 -5.86 -1.68
CA THR C 37 -26.66 -4.60 -2.14
C THR C 37 -25.73 -3.81 -1.25
N GLY C 38 -25.58 -4.13 -0.01
CA GLY C 38 -24.80 -3.45 0.90
C GLY C 38 -25.26 -2.20 1.50
N HIS C 39 -26.45 -1.79 1.23
CA HIS C 39 -27.11 -0.66 1.75
C HIS C 39 -27.50 -0.85 3.19
N GLY C 40 -27.49 0.14 4.00
CA GLY C 40 -27.90 0.14 5.32
C GLY C 40 -29.35 0.26 5.57
N LEU C 41 -29.85 -0.12 6.69
CA LEU C 41 -31.20 -0.17 7.12
C LEU C 41 -31.43 0.28 8.52
N VAL C 42 -32.51 0.91 8.84
CA VAL C 42 -33.00 1.35 10.09
C VAL C 42 -34.46 1.05 10.26
N THR C 43 -34.91 0.43 11.29
CA THR C 43 -36.24 0.12 11.62
C THR C 43 -37.01 1.32 12.09
N ASP C 44 -38.22 1.52 11.67
CA ASP C 44 -39.10 2.53 12.10
C ASP C 44 -39.32 2.50 13.59
N VAL C 45 -39.29 1.35 14.18
CA VAL C 45 -39.47 1.10 15.56
C VAL C 45 -38.53 1.93 16.40
N CYS C 46 -37.30 2.01 16.02
CA CYS C 46 -36.29 2.79 16.62
C CYS C 46 -36.66 4.25 16.68
N LEU C 47 -37.08 4.81 15.61
CA LEU C 47 -37.53 6.14 15.45
C LEU C 47 -38.69 6.44 16.37
N LYS C 48 -39.66 5.60 16.41
CA LYS C 48 -40.79 5.67 17.24
C LYS C 48 -40.42 5.74 18.69
N ARG C 49 -39.51 4.86 19.11
CA ARG C 49 -39.01 4.82 20.49
C ARG C 49 -38.35 6.14 20.85
N LYS C 50 -37.57 6.72 19.96
CA LYS C 50 -36.92 7.98 20.10
C LYS C 50 -37.91 9.09 20.34
N ILE C 51 -38.92 9.16 19.55
CA ILE C 51 -39.97 10.11 19.60
C ILE C 51 -40.67 10.05 20.94
N ARG C 52 -41.04 8.83 21.35
CA ARG C 52 -41.70 8.58 22.63
C ARG C 52 -40.87 9.14 23.77
N ASN C 53 -39.56 8.90 23.76
CA ASN C 53 -38.62 9.34 24.72
C ASN C 53 -38.56 10.84 24.81
N HIS C 54 -38.46 11.50 23.72
CA HIS C 54 -38.42 12.91 23.60
C HIS C 54 -39.64 13.57 24.19
N VAL C 55 -40.79 13.09 23.86
CA VAL C 55 -42.05 13.53 24.32
C VAL C 55 -42.13 13.44 25.82
N ALA C 56 -41.78 12.31 26.36
CA ALA C 56 -41.72 12.04 27.74
C ALA C 56 -40.86 13.02 28.47
N LEU C 57 -39.69 13.27 27.97
CA LEU C 57 -38.73 14.17 28.47
C LEU C 57 -39.27 15.57 28.57
N THR C 58 -39.81 16.07 27.51
CA THR C 58 -40.25 17.40 27.34
C THR C 58 -41.48 17.74 28.13
N LYS C 59 -42.48 16.92 28.14
CA LYS C 59 -43.75 17.10 28.73
C LYS C 59 -43.85 16.73 30.18
N GLU C 60 -43.16 15.76 30.64
CA GLU C 60 -43.09 15.36 31.99
C GLU C 60 -44.42 14.89 32.54
N GLY C 61 -45.21 14.17 31.82
CA GLY C 61 -46.36 13.57 32.25
C GLY C 61 -47.58 14.35 32.51
N ALA C 62 -47.73 15.49 31.92
CA ALA C 62 -48.88 16.30 31.94
C ALA C 62 -50.08 15.52 31.49
N GLU C 63 -51.26 15.83 31.90
CA GLU C 63 -52.48 15.25 31.51
C GLU C 63 -52.54 15.08 30.01
N ARG C 64 -53.11 14.06 29.49
CA ARG C 64 -53.25 13.76 28.12
C ARG C 64 -51.94 13.58 27.42
N PHE C 65 -50.83 13.57 28.09
CA PHE C 65 -49.49 13.49 27.64
C PHE C 65 -48.67 12.39 28.27
N ASN C 66 -49.32 11.35 28.76
CA ASN C 66 -48.68 10.11 29.17
C ASN C 66 -48.29 9.29 27.94
N ILE C 67 -47.38 8.32 28.10
CA ILE C 67 -47.07 7.33 27.08
C ILE C 67 -47.23 5.91 27.62
N TYR C 68 -47.79 5.02 26.81
CA TYR C 68 -48.27 3.72 27.25
C TYR C 68 -47.23 2.60 27.12
N ILE C 69 -46.52 2.48 25.99
CA ILE C 69 -45.48 1.44 25.82
C ILE C 69 -44.21 1.87 26.57
N GLN C 70 -44.19 1.57 27.86
CA GLN C 70 -43.30 2.18 28.84
C GLN C 70 -42.42 1.13 29.53
N GLU C 71 -41.22 1.54 29.96
CA GLU C 71 -40.15 0.69 30.49
C GLU C 71 -40.66 -0.38 31.49
N LYS C 72 -40.41 -1.65 31.16
CA LYS C 72 -40.77 -2.88 31.89
C LYS C 72 -42.22 -3.00 32.39
N ALA C 73 -43.17 -2.30 31.78
CA ALA C 73 -44.59 -2.35 32.16
C ALA C 73 -45.25 -3.71 31.89
N ILE C 74 -46.25 -4.06 32.71
CA ILE C 74 -47.21 -5.14 32.43
C ILE C 74 -48.45 -4.50 31.81
N LEU C 75 -48.68 -4.73 30.52
CA LEU C 75 -49.61 -3.93 29.73
C LEU C 75 -51.09 -4.13 30.11
N ASN C 76 -51.53 -5.37 30.39
CA ASN C 76 -52.95 -5.65 30.65
C ASN C 76 -53.51 -4.93 31.88
N GLU C 77 -52.67 -4.50 32.82
CA GLU C 77 -53.08 -3.68 33.95
C GLU C 77 -53.68 -2.34 33.50
N THR C 78 -53.10 -1.69 32.49
CA THR C 78 -53.64 -0.46 31.92
C THR C 78 -55.01 -0.69 31.26
N HIS C 79 -55.23 -1.86 30.67
CA HIS C 79 -56.52 -2.22 30.09
C HIS C 79 -57.55 -2.37 31.20
N GLU C 80 -57.18 -3.05 32.28
CA GLU C 80 -58.04 -3.26 33.44
C GLU C 80 -58.38 -1.95 34.14
N ARG C 81 -57.40 -1.03 34.25
CA ARG C 81 -57.60 0.35 34.70
C ARG C 81 -58.57 1.10 33.81
N ALA C 82 -58.44 1.02 32.48
CA ALA C 82 -59.36 1.65 31.53
C ALA C 82 -60.78 1.10 31.69
N TYR C 83 -60.93 -0.22 31.78
CA TYR C 83 -62.20 -0.87 32.08
C TYR C 83 -62.81 -0.35 33.39
N THR C 84 -62.01 -0.31 34.46
CA THR C 84 -62.42 0.12 35.79
C THR C 84 -62.80 1.60 35.84
N ALA C 85 -62.04 2.46 35.16
CA ALA C 85 -62.37 3.87 35.01
C ALA C 85 -63.65 4.09 34.20
N CYS C 86 -64.00 3.14 33.33
CA CYS C 86 -65.30 3.06 32.66
C CYS C 86 -66.33 2.25 33.45
N ASP C 87 -66.14 2.07 34.76
CA ASP C 87 -67.11 1.47 35.69
C ASP C 87 -67.42 -0.02 35.47
N LEU C 88 -66.57 -0.74 34.73
CA LEU C 88 -66.86 -2.06 34.20
C LEU C 88 -65.66 -3.01 34.42
N LYS C 89 -65.91 -4.33 34.34
CA LYS C 89 -64.89 -5.38 34.47
C LYS C 89 -64.86 -6.30 33.25
N PRO C 90 -63.66 -6.78 32.87
CA PRO C 90 -63.39 -7.38 31.56
C PRO C 90 -63.92 -8.81 31.38
N GLU C 91 -64.09 -9.20 30.12
CA GLU C 91 -64.27 -10.58 29.68
C GLU C 91 -62.99 -11.44 29.80
N PRO C 92 -63.10 -12.78 29.78
CA PRO C 92 -61.97 -13.71 29.68
C PRO C 92 -61.18 -13.61 28.36
N LYS C 93 -60.01 -14.28 28.34
CA LYS C 93 -58.98 -14.29 27.27
C LYS C 93 -59.49 -14.51 25.84
N LYS C 94 -60.61 -15.20 25.66
CA LYS C 94 -61.16 -15.45 24.31
C LYS C 94 -61.51 -14.14 23.59
N LEU C 95 -62.19 -13.20 24.27
CA LEU C 95 -62.60 -11.88 23.76
C LEU C 95 -62.81 -11.77 22.22
N PRO C 96 -63.65 -12.63 21.59
CA PRO C 96 -63.99 -12.48 20.17
C PRO C 96 -64.88 -11.25 19.93
N LYS C 97 -65.63 -10.86 20.97
CA LYS C 97 -66.47 -9.66 21.07
C LYS C 97 -65.68 -8.37 21.29
N LYS C 98 -66.39 -7.24 21.12
CA LYS C 98 -66.00 -5.94 21.69
C LYS C 98 -66.12 -5.92 23.22
N VAL C 99 -65.37 -5.05 23.88
CA VAL C 99 -65.51 -4.75 25.33
C VAL C 99 -66.85 -4.07 25.67
N GLU C 100 -67.30 -4.20 26.93
CA GLU C 100 -68.66 -3.82 27.38
C GLU C 100 -69.00 -2.32 27.26
N ASP C 101 -68.01 -1.44 27.19
CA ASP C 101 -68.18 -0.10 26.64
C ASP C 101 -66.97 0.28 25.79
N ALA C 102 -67.00 -0.22 24.55
CA ALA C 102 -65.95 -0.04 23.55
C ALA C 102 -65.58 1.42 23.38
N LYS C 103 -66.57 2.30 23.24
CA LYS C 103 -66.36 3.74 23.14
C LYS C 103 -65.62 4.24 24.38
N ARG C 104 -66.18 4.06 25.59
CA ARG C 104 -65.56 4.66 26.77
C ARG C 104 -64.19 4.11 27.09
N VAL C 105 -63.92 2.80 27.08
CA VAL C 105 -62.54 2.34 27.40
C VAL C 105 -61.54 2.76 26.33
N THR C 106 -61.94 2.75 25.05
CA THR C 106 -61.05 3.21 23.98
C THR C 106 -60.79 4.70 24.12
N ASP C 107 -61.83 5.49 24.31
CA ASP C 107 -61.71 6.94 24.51
C ASP C 107 -60.93 7.26 25.77
N TRP C 108 -61.11 6.48 26.83
CA TRP C 108 -60.34 6.64 28.04
C TRP C 108 -58.86 6.50 27.73
N MET C 109 -58.46 5.50 26.93
CA MET C 109 -57.07 5.26 26.55
C MET C 109 -56.53 6.27 25.51
N CYS C 110 -57.37 6.78 24.64
CA CYS C 110 -57.08 7.72 23.62
C CYS C 110 -56.81 9.08 24.20
N THR C 111 -57.59 9.51 25.13
CA THR C 111 -57.52 10.75 25.80
C THR C 111 -56.22 10.92 26.55
N ASN C 112 -55.94 10.07 27.48
CA ASN C 112 -54.87 10.14 28.40
C ASN C 112 -53.52 9.89 27.78
N PHE C 113 -53.41 8.89 26.89
CA PHE C 113 -52.14 8.44 26.35
C PHE C 113 -51.94 9.00 24.97
N TYR C 114 -50.86 9.74 24.84
CA TYR C 114 -50.43 10.41 23.68
C TYR C 114 -50.04 9.47 22.57
N ASP C 115 -49.15 8.50 22.86
CA ASP C 115 -48.62 7.62 21.83
C ASP C 115 -49.70 6.72 21.24
N ILE C 116 -50.63 6.22 22.06
CA ILE C 116 -51.82 5.54 21.54
C ILE C 116 -52.58 6.46 20.58
N ARG C 117 -52.81 7.72 20.96
CA ARG C 117 -53.47 8.71 20.20
C ARG C 117 -52.82 8.96 18.87
N THR C 118 -51.56 8.72 18.73
CA THR C 118 -50.71 8.94 17.63
C THR C 118 -50.46 7.76 16.72
N PHE C 119 -50.07 6.64 17.23
CA PHE C 119 -49.66 5.44 16.60
C PHE C 119 -50.62 4.29 16.60
N GLY C 120 -51.45 4.15 17.57
CA GLY C 120 -52.23 3.04 17.82
C GLY C 120 -51.56 1.94 18.54
N ALA C 121 -52.29 0.87 18.85
CA ALA C 121 -51.78 -0.23 19.66
C ALA C 121 -52.60 -1.50 19.44
N VAL C 122 -51.97 -2.67 19.37
CA VAL C 122 -52.69 -3.97 19.49
C VAL C 122 -52.99 -4.23 20.96
N MET C 123 -54.26 -4.44 21.29
CA MET C 123 -54.76 -4.35 22.66
C MET C 123 -55.86 -5.36 23.00
N THR C 124 -56.20 -6.25 22.07
CA THR C 124 -57.04 -7.43 22.28
C THR C 124 -56.23 -8.58 22.92
N THR C 125 -55.43 -8.26 23.94
CA THR C 125 -54.77 -9.22 24.81
C THR C 125 -55.73 -9.71 25.89
N GLU C 126 -55.28 -10.57 26.79
CA GLU C 126 -56.13 -11.29 27.74
C GLU C 126 -57.08 -10.40 28.57
N VAL C 127 -56.66 -9.24 29.06
CA VAL C 127 -57.63 -8.17 29.38
C VAL C 127 -57.89 -7.40 28.10
N ASN C 128 -59.05 -7.62 27.49
CA ASN C 128 -59.43 -6.88 26.31
C ASN C 128 -59.56 -5.37 26.62
N CYS C 129 -59.16 -4.51 25.70
CA CYS C 129 -59.56 -3.09 25.71
C CYS C 129 -59.93 -2.58 24.32
N GLY C 130 -60.10 -3.47 23.34
CA GLY C 130 -60.30 -3.14 21.94
C GLY C 130 -59.00 -3.07 21.13
N GLN C 131 -59.00 -2.30 20.06
CA GLN C 131 -57.93 -2.23 19.06
C GLN C 131 -57.89 -0.85 18.40
N VAL C 132 -56.70 -0.34 18.04
CA VAL C 132 -56.53 1.00 17.45
C VAL C 132 -55.48 0.96 16.33
N ARG C 133 -55.64 1.79 15.29
CA ARG C 133 -54.84 1.89 14.12
C ARG C 133 -53.80 2.97 14.11
N GLY C 134 -54.12 4.19 14.38
CA GLY C 134 -53.29 5.28 14.41
C GLY C 134 -53.05 6.02 13.16
N PRO C 135 -53.16 7.36 13.16
CA PRO C 135 -53.11 8.12 11.94
C PRO C 135 -51.77 8.38 11.33
N VAL C 136 -50.69 8.20 12.00
CA VAL C 136 -49.34 8.50 11.68
C VAL C 136 -48.56 7.25 11.40
N GLN C 137 -47.92 7.08 10.29
CA GLN C 137 -47.17 5.99 9.82
C GLN C 137 -45.86 6.39 9.21
N MET C 138 -44.89 5.56 9.14
CA MET C 138 -43.62 5.73 8.55
C MET C 138 -42.96 4.43 8.17
N ALA C 139 -42.09 4.47 7.15
CA ALA C 139 -41.46 3.26 6.63
C ALA C 139 -39.99 3.19 7.02
N PHE C 140 -39.29 2.22 6.55
CA PHE C 140 -37.92 1.97 6.76
C PHE C 140 -37.06 3.06 6.19
N ALA C 141 -35.87 3.25 6.66
CA ALA C 141 -34.86 4.15 6.23
C ALA C 141 -33.73 3.44 5.56
N ARG C 142 -33.29 3.84 4.41
CA ARG C 142 -32.29 3.29 3.58
C ARG C 142 -31.21 4.27 3.20
N SER C 143 -29.97 3.97 3.33
CA SER C 143 -28.85 4.75 3.00
C SER C 143 -28.76 5.01 1.52
N VAL C 144 -28.31 6.21 1.13
CA VAL C 144 -28.21 6.54 -0.28
C VAL C 144 -27.10 5.77 -0.98
N GLU C 145 -26.09 5.33 -0.33
CA GLU C 145 -24.93 4.67 -0.77
C GLU C 145 -24.57 3.48 0.07
N PRO C 146 -23.93 2.46 -0.48
CA PRO C 146 -23.47 1.35 0.31
C PRO C 146 -22.52 1.76 1.40
N VAL C 147 -22.51 1.12 2.51
CA VAL C 147 -21.74 1.34 3.69
C VAL C 147 -20.78 0.22 3.93
N VAL C 148 -19.70 0.43 4.62
CA VAL C 148 -18.64 -0.45 4.93
C VAL C 148 -18.41 -0.59 6.41
N PRO C 149 -19.25 -1.34 7.14
CA PRO C 149 -19.10 -1.45 8.58
C PRO C 149 -17.76 -2.09 8.90
N GLN C 150 -17.15 -1.68 10.01
CA GLN C 150 -15.86 -2.19 10.43
C GLN C 150 -15.83 -2.41 11.93
N GLU C 151 -14.93 -3.29 12.35
CA GLU C 151 -14.85 -3.78 13.71
C GLU C 151 -13.54 -3.33 14.37
N VAL C 152 -13.61 -3.01 15.65
CA VAL C 152 -12.62 -2.46 16.50
C VAL C 152 -12.40 -3.32 17.71
N SER C 153 -11.15 -3.61 18.02
CA SER C 153 -10.71 -4.50 19.10
C SER C 153 -10.15 -3.69 20.25
N ILE C 154 -10.61 -3.96 21.47
CA ILE C 154 -10.37 -3.16 22.66
C ILE C 154 -10.16 -4.03 23.90
N THR C 155 -9.64 -3.46 24.97
CA THR C 155 -9.25 -4.16 26.18
C THR C 155 -9.93 -3.60 27.43
N ARG C 156 -9.95 -4.32 28.55
CA ARG C 156 -10.26 -3.96 29.87
C ARG C 156 -9.30 -4.54 30.87
N MET C 157 -8.75 -3.80 31.77
CA MET C 157 -7.78 -4.13 32.75
C MET C 157 -8.35 -4.73 34.01
N ALA C 158 -9.56 -5.14 34.06
CA ALA C 158 -10.26 -5.70 35.15
C ALA C 158 -11.28 -6.72 34.72
N VAL C 159 -11.64 -7.63 35.63
CA VAL C 159 -12.55 -8.73 35.35
C VAL C 159 -13.72 -8.65 36.32
N THR C 160 -14.86 -9.23 35.91
CA THR C 160 -16.07 -9.11 36.71
C THR C 160 -16.15 -10.22 37.76
N THR C 161 -16.05 -11.47 37.33
CA THR C 161 -16.41 -12.61 38.16
C THR C 161 -15.16 -13.21 38.80
N LYS C 162 -15.31 -13.68 40.05
CA LYS C 162 -14.18 -14.16 40.82
C LYS C 162 -13.50 -15.37 40.18
N ALA C 163 -14.18 -16.07 39.27
CA ALA C 163 -13.59 -17.24 38.61
C ALA C 163 -12.58 -16.75 37.58
N GLU C 164 -11.44 -16.29 38.08
CA GLU C 164 -10.40 -15.76 37.21
C GLU C 164 -9.66 -16.86 36.46
N ALA C 165 -9.54 -18.06 37.06
CA ALA C 165 -8.87 -19.19 36.43
C ALA C 165 -7.47 -18.82 35.93
N GLU C 166 -6.72 -18.09 36.74
CA GLU C 166 -5.38 -17.66 36.35
C GLU C 166 -4.66 -17.00 37.53
N ASP C 171 -7.08 -10.36 37.72
CA ASP C 171 -5.72 -10.90 37.64
C ASP C 171 -5.16 -10.74 36.23
N ASN C 172 -5.97 -10.47 35.26
CA ASN C 172 -5.69 -10.33 33.89
C ASN C 172 -6.62 -9.38 33.20
N ARG C 173 -6.32 -8.93 32.03
CA ARG C 173 -7.07 -8.11 31.17
C ARG C 173 -8.22 -8.87 30.59
N THR C 174 -8.99 -8.31 29.72
CA THR C 174 -10.07 -8.85 28.99
C THR C 174 -10.25 -8.18 27.67
N MET C 175 -10.44 -8.95 26.60
CA MET C 175 -10.68 -8.46 25.24
C MET C 175 -12.16 -8.18 25.00
N GLY C 176 -12.46 -7.34 24.00
CA GLY C 176 -13.69 -7.01 23.47
C GLY C 176 -13.67 -6.46 22.11
N ARG C 177 -14.82 -6.04 21.59
CA ARG C 177 -14.89 -5.45 20.27
C ARG C 177 -16.08 -4.53 20.11
N LYS C 178 -16.00 -3.64 19.14
CA LYS C 178 -16.94 -2.68 18.71
C LYS C 178 -17.24 -2.75 17.25
N HIS C 179 -18.34 -2.15 16.83
CA HIS C 179 -18.74 -2.03 15.42
C HIS C 179 -19.17 -0.61 15.16
N ILE C 180 -18.77 0.00 14.06
CA ILE C 180 -18.97 1.34 13.64
C ILE C 180 -19.21 1.50 12.17
N VAL C 181 -19.77 2.58 11.75
CA VAL C 181 -19.93 3.09 10.44
C VAL C 181 -19.13 4.35 10.25
N PRO C 182 -18.12 4.42 9.38
CA PRO C 182 -17.40 5.67 9.21
C PRO C 182 -18.26 6.87 8.95
N TYR C 183 -19.26 6.76 8.14
CA TYR C 183 -20.16 7.75 7.72
C TYR C 183 -21.30 7.23 6.91
N GLY C 184 -22.46 7.86 7.00
CA GLY C 184 -23.60 7.46 6.19
C GLY C 184 -24.73 8.46 6.24
N LEU C 185 -25.56 8.48 5.20
CA LEU C 185 -26.68 9.39 5.10
C LEU C 185 -27.94 8.60 4.77
N TYR C 186 -29.02 8.80 5.43
CA TYR C 186 -30.24 8.10 5.43
C TYR C 186 -31.43 8.92 4.98
N VAL C 187 -32.48 8.26 4.50
CA VAL C 187 -33.70 8.91 4.05
C VAL C 187 -34.89 8.13 4.58
N ALA C 188 -35.99 8.83 4.84
CA ALA C 188 -37.18 8.20 5.39
C ALA C 188 -38.43 8.93 4.90
N HIS C 189 -39.54 8.20 4.87
CA HIS C 189 -40.82 8.72 4.40
C HIS C 189 -41.90 8.49 5.46
N GLY C 190 -42.94 9.32 5.41
CA GLY C 190 -44.04 9.20 6.35
C GLY C 190 -45.30 9.83 5.81
N PHE C 191 -46.42 9.53 6.47
CA PHE C 191 -47.73 9.98 6.02
C PHE C 191 -48.60 10.35 7.21
N ILE C 192 -49.61 11.16 6.95
CA ILE C 192 -50.63 11.51 7.94
C ILE C 192 -51.97 11.59 7.21
N SER C 193 -53.02 11.04 7.83
CA SER C 193 -54.33 10.94 7.21
C SER C 193 -55.39 11.55 8.11
N ALA C 194 -56.20 12.44 7.55
CA ALA C 194 -57.26 13.07 8.33
C ALA C 194 -58.34 12.10 8.81
N PRO C 195 -58.88 11.21 7.97
CA PRO C 195 -60.02 10.40 8.42
C PRO C 195 -59.73 9.60 9.68
N LEU C 196 -58.60 9.01 9.82
CA LEU C 196 -58.15 8.33 10.98
C LEU C 196 -58.07 9.24 12.17
N ALA C 197 -57.50 10.42 11.95
CA ALA C 197 -57.41 11.40 13.03
C ALA C 197 -58.78 11.73 13.58
N GLU C 198 -59.79 11.84 12.79
CA GLU C 198 -61.12 12.10 13.14
C GLU C 198 -61.63 11.14 14.19
N LYS C 199 -61.17 9.93 14.19
CA LYS C 199 -61.49 8.86 15.04
C LYS C 199 -60.76 8.84 16.36
N THR C 200 -59.75 9.62 16.55
CA THR C 200 -58.89 9.72 17.66
C THR C 200 -58.73 11.08 18.30
N GLY C 201 -58.99 12.15 17.63
CA GLY C 201 -58.79 13.43 18.07
C GLY C 201 -57.45 14.04 17.97
N PHE C 202 -56.59 13.48 17.21
CA PHE C 202 -55.29 13.96 16.88
C PHE C 202 -55.38 15.40 16.44
N SER C 203 -54.88 16.34 17.24
CA SER C 203 -55.12 17.76 17.02
C SER C 203 -53.83 18.48 16.61
N ASP C 204 -54.02 19.69 16.08
CA ASP C 204 -52.92 20.45 15.52
C ASP C 204 -51.80 20.67 16.52
N GLU C 205 -52.14 20.92 17.79
CA GLU C 205 -51.11 21.08 18.81
C GLU C 205 -50.19 19.87 18.83
N ASP C 206 -50.71 18.68 18.73
CA ASP C 206 -50.02 17.47 18.60
C ASP C 206 -49.09 17.50 17.42
N LEU C 207 -49.59 18.08 16.32
CA LEU C 207 -48.79 18.15 15.10
C LEU C 207 -47.58 19.04 15.29
N THR C 208 -47.75 20.20 15.93
CA THR C 208 -46.61 21.06 16.20
C THR C 208 -45.61 20.36 17.11
N LEU C 209 -46.03 19.73 18.15
CA LEU C 209 -45.25 18.94 19.02
C LEU C 209 -44.47 17.89 18.26
N PHE C 210 -45.08 17.26 17.32
CA PHE C 210 -44.56 16.27 16.46
C PHE C 210 -43.41 16.79 15.64
N TRP C 211 -43.66 17.92 14.98
CA TRP C 211 -42.59 18.57 14.23
C TRP C 211 -41.39 18.84 15.12
N ASP C 212 -41.63 19.42 16.30
CA ASP C 212 -40.51 19.74 17.19
C ASP C 212 -39.76 18.47 17.57
N ALA C 213 -40.41 17.41 17.90
CA ALA C 213 -39.86 16.15 18.21
C ALA C 213 -38.95 15.66 17.12
N LEU C 214 -39.44 15.76 15.89
CA LEU C 214 -38.63 15.36 14.75
C LEU C 214 -37.35 16.18 14.67
N VAL C 215 -37.45 17.49 14.88
CA VAL C 215 -36.29 18.34 14.66
C VAL C 215 -35.18 18.03 15.67
N ASN C 216 -35.53 17.73 16.92
CA ASN C 216 -34.58 17.74 18.01
C ASN C 216 -34.33 16.40 18.68
N MET C 217 -34.94 15.33 18.29
CA MET C 217 -34.97 14.09 18.97
C MET C 217 -33.60 13.54 19.25
N PHE C 218 -32.66 13.76 18.32
CA PHE C 218 -31.33 13.18 18.47
C PHE C 218 -30.56 13.81 19.61
N GLU C 219 -30.78 15.10 19.89
CA GLU C 219 -29.88 15.84 20.76
C GLU C 219 -29.79 15.23 22.14
N HIS C 220 -30.82 14.52 22.59
CA HIS C 220 -30.84 13.96 23.93
C HIS C 220 -30.41 12.50 23.97
N ASP C 221 -29.85 11.94 22.95
CA ASP C 221 -29.61 10.58 22.68
C ASP C 221 -28.17 10.14 22.74
N ARG C 222 -27.28 10.95 23.27
CA ARG C 222 -25.86 10.61 23.25
C ARG C 222 -25.58 9.41 24.14
N SER C 223 -24.74 8.52 23.73
CA SER C 223 -24.29 7.36 24.39
C SER C 223 -22.96 6.90 23.87
N ALA C 224 -22.36 5.90 24.46
CA ALA C 224 -21.11 5.35 24.11
C ALA C 224 -21.07 4.86 22.69
N ALA C 225 -22.01 4.10 22.26
CA ALA C 225 -22.11 3.43 21.03
C ALA C 225 -22.69 4.22 19.88
N ARG C 226 -23.34 5.31 20.11
CA ARG C 226 -24.03 6.11 19.18
C ARG C 226 -23.13 6.89 18.27
N GLY C 227 -22.08 7.45 18.76
CA GLY C 227 -21.38 8.41 18.10
C GLY C 227 -22.08 9.70 17.95
N LEU C 228 -21.98 10.38 16.87
CA LEU C 228 -22.55 11.63 16.51
C LEU C 228 -23.60 11.49 15.44
N MET C 229 -24.84 11.82 15.66
CA MET C 229 -25.97 11.79 14.81
C MET C 229 -26.73 13.07 14.81
N SER C 230 -27.31 13.46 13.68
CA SER C 230 -28.04 14.72 13.63
C SER C 230 -28.90 14.76 12.37
N SER C 231 -30.02 15.47 12.45
CA SER C 231 -30.92 15.64 11.32
C SER C 231 -30.49 16.86 10.51
N ARG C 232 -30.72 16.79 9.21
CA ARG C 232 -30.20 17.79 8.29
C ARG C 232 -31.27 18.50 7.48
N LYS C 233 -32.29 17.78 7.01
CA LYS C 233 -33.32 18.38 6.17
C LYS C 233 -34.69 17.87 6.60
N LEU C 234 -35.73 18.64 6.27
CA LEU C 234 -37.09 18.22 6.56
C LEU C 234 -38.02 19.02 5.65
N ILE C 235 -38.73 18.34 4.77
CA ILE C 235 -39.66 18.96 3.82
C ILE C 235 -41.04 18.40 4.07
N VAL C 236 -42.04 19.27 4.08
CA VAL C 236 -43.41 18.90 4.39
C VAL C 236 -44.32 19.36 3.26
N PHE C 237 -45.17 18.45 2.79
CA PHE C 237 -46.17 18.75 1.77
C PHE C 237 -47.54 18.80 2.41
N LYS C 238 -48.30 19.83 2.10
CA LYS C 238 -49.63 20.04 2.65
C LYS C 238 -50.64 20.11 1.52
N HIS C 239 -51.64 19.24 1.56
CA HIS C 239 -52.70 19.27 0.58
C HIS C 239 -53.76 20.29 0.96
N GLN C 240 -54.52 20.74 -0.03
CA GLN C 240 -55.47 21.81 0.15
C GLN C 240 -56.89 21.33 0.45
N ASN C 241 -57.07 20.04 0.74
CA ASN C 241 -58.40 19.53 1.05
C ASN C 241 -58.25 18.22 1.82
N ARG C 242 -59.39 17.73 2.30
CA ARG C 242 -59.39 16.59 3.20
C ARG C 242 -58.76 15.35 2.57
N LEU C 243 -58.77 15.26 1.24
CA LEU C 243 -58.16 14.15 0.52
C LEU C 243 -57.19 14.70 -0.50
N GLY C 244 -56.10 13.98 -0.73
CA GLY C 244 -54.99 14.51 -1.48
C GLY C 244 -55.36 14.96 -2.88
N ASN C 245 -54.35 15.46 -3.58
CA ASN C 245 -54.49 15.94 -4.94
C ASN C 245 -53.40 15.41 -5.87
N ALA C 246 -52.60 14.46 -5.42
CA ALA C 246 -51.55 13.87 -6.26
C ALA C 246 -51.06 12.60 -5.60
N PRO C 247 -50.57 11.64 -6.37
CA PRO C 247 -50.03 10.41 -5.77
C PRO C 247 -48.78 10.70 -4.96
N ALA C 248 -48.57 9.88 -3.94
CA ALA C 248 -47.43 10.09 -3.05
C ALA C 248 -46.11 9.99 -3.80
N HIS C 249 -45.93 8.92 -4.57
CA HIS C 249 -44.63 8.68 -5.20
C HIS C 249 -44.23 9.87 -6.07
N LYS C 250 -45.20 10.54 -6.68
CA LYS C 250 -44.88 11.70 -7.49
C LYS C 250 -44.19 12.78 -6.66
N LEU C 251 -44.71 13.04 -5.46
CA LEU C 251 -44.14 14.08 -4.61
C LEU C 251 -42.74 13.71 -4.16
N PHE C 252 -42.55 12.47 -3.71
CA PHE C 252 -41.23 12.05 -3.26
C PHE C 252 -40.19 12.18 -4.35
N ASP C 253 -40.63 12.18 -5.61
CA ASP C 253 -39.67 12.30 -6.71
C ASP C 253 -39.13 13.71 -6.86
N LEU C 254 -39.77 14.71 -6.22
CA LEU C 254 -39.29 16.07 -6.34
C LEU C 254 -38.01 16.31 -5.56
N VAL C 255 -37.65 15.41 -4.64
CA VAL C 255 -36.45 15.55 -3.84
C VAL C 255 -35.37 14.65 -4.43
N LYS C 256 -34.21 15.23 -4.73
CA LYS C 256 -33.12 14.52 -5.37
C LYS C 256 -31.82 14.76 -4.62
N VAL C 257 -31.05 13.70 -4.43
CA VAL C 257 -29.80 13.74 -3.69
C VAL C 257 -28.70 13.21 -4.60
N SER C 258 -27.61 13.96 -4.69
CA SER C 258 -26.48 13.55 -5.51
C SER C 258 -25.21 14.14 -4.92
N ARG C 259 -24.09 13.49 -5.21
CA ARG C 259 -22.82 13.95 -4.67
C ARG C 259 -22.36 15.23 -5.36
N ALA C 260 -21.80 16.13 -4.57
CA ALA C 260 -21.24 17.36 -5.14
C ALA C 260 -20.16 17.00 -6.16
N GLU C 261 -20.18 17.67 -7.30
CA GLU C 261 -19.29 17.31 -8.39
C GLU C 261 -17.82 17.35 -7.99
N GLY C 262 -17.46 18.25 -7.07
CA GLY C 262 -16.06 18.38 -6.70
C GLY C 262 -15.53 17.25 -5.85
N SER C 263 -16.41 16.58 -5.10
CA SER C 263 -15.97 15.56 -4.15
C SER C 263 -15.54 14.30 -4.87
N SER C 264 -14.62 13.56 -4.24
CA SER C 264 -14.15 12.29 -4.78
C SER C 264 -13.75 11.40 -3.61
N GLY C 265 -13.67 10.11 -3.89
CA GLY C 265 -13.39 9.14 -2.86
C GLY C 265 -14.60 8.94 -1.98
N PRO C 266 -14.46 8.13 -0.93
CA PRO C 266 -15.60 7.90 -0.04
C PRO C 266 -16.06 9.19 0.62
N ALA C 267 -17.37 9.31 0.78
CA ALA C 267 -17.93 10.49 1.41
C ALA C 267 -17.59 10.52 2.89
N ARG C 268 -17.37 11.65 3.45
CA ARG C 268 -17.05 11.91 4.80
C ARG C 268 -17.73 13.07 5.48
N SER C 269 -18.58 13.81 4.79
CA SER C 269 -19.28 14.93 5.41
C SER C 269 -20.51 15.25 4.59
N PHE C 270 -21.44 15.96 5.22
CA PHE C 270 -22.64 16.37 4.52
C PHE C 270 -22.32 17.28 3.34
N ALA C 271 -21.14 17.90 3.35
CA ALA C 271 -20.75 18.75 2.24
C ALA C 271 -20.49 17.96 0.96
N ASP C 272 -20.31 16.65 1.06
CA ASP C 272 -20.06 15.83 -0.12
C ASP C 272 -21.30 15.67 -0.99
N TYR C 273 -22.48 16.03 -0.50
CA TYR C 273 -23.72 15.80 -1.21
C TYR C 273 -24.40 17.12 -1.54
N ALA C 274 -25.26 17.06 -2.56
CA ALA C 274 -26.09 18.19 -2.95
C ALA C 274 -27.55 17.74 -3.00
N VAL C 275 -28.44 18.57 -2.47
CA VAL C 275 -29.85 18.25 -2.36
C VAL C 275 -30.66 19.31 -3.09
N THR C 276 -31.67 18.86 -3.82
CA THR C 276 -32.49 19.74 -4.65
C THR C 276 -33.95 19.40 -4.49
N VAL C 277 -34.80 20.43 -4.50
CA VAL C 277 -36.25 20.28 -4.39
C VAL C 277 -36.89 20.99 -5.57
N GLY C 278 -37.84 20.32 -6.20
CA GLY C 278 -38.50 20.85 -7.38
C GLY C 278 -39.71 21.69 -7.04
N GLN C 279 -40.63 21.76 -8.00
CA GLN C 279 -41.84 22.56 -7.89
C GLN C 279 -43.05 21.63 -7.83
N ALA C 280 -43.90 21.84 -6.83
CA ALA C 280 -45.03 20.96 -6.60
C ALA C 280 -46.22 21.36 -7.47
N PRO C 281 -47.14 20.43 -7.71
CA PRO C 281 -48.35 20.78 -8.46
C PRO C 281 -49.19 21.80 -7.71
N GLU C 282 -50.19 22.33 -8.42
CA GLU C 282 -51.00 23.42 -7.86
C GLU C 282 -51.74 22.99 -6.60
N GLY C 283 -52.12 21.72 -6.49
CA GLY C 283 -52.91 21.28 -5.37
C GLY C 283 -52.15 21.09 -4.09
N VAL C 284 -50.84 21.27 -4.12
CA VAL C 284 -49.99 21.06 -2.96
C VAL C 284 -49.11 22.28 -2.77
N GLU C 285 -48.67 22.50 -1.53
CA GLU C 285 -47.75 23.57 -1.20
C GLU C 285 -46.60 23.00 -0.38
N VAL C 286 -45.39 23.42 -0.73
CA VAL C 286 -44.17 22.88 -0.13
C VAL C 286 -43.62 23.90 0.85
N LYS C 287 -43.24 23.43 2.03
CA LYS C 287 -42.59 24.24 3.04
C LYS C 287 -41.46 23.44 3.65
N GLU C 288 -40.40 24.13 4.04
CA GLU C 288 -39.22 23.51 4.63
C GLU C 288 -39.10 23.94 6.08
N MET C 289 -39.05 22.95 6.98
CA MET C 289 -38.80 23.23 8.39
C MET C 289 -37.32 23.42 8.64
N LEU C 290 -36.53 22.39 8.34
CA LEU C 290 -35.08 22.47 8.45
C LEU C 290 -34.42 21.43 7.54
N MET D 1 -27.02 16.01 45.30
CA MET D 1 -26.05 17.15 45.32
C MET D 1 -26.19 17.96 44.03
N THR D 2 -26.27 19.28 44.19
CA THR D 2 -26.75 20.17 43.14
C THR D 2 -26.11 19.89 41.79
N ALA D 3 -26.94 19.52 40.81
CA ALA D 3 -26.44 19.25 39.48
C ALA D 3 -26.29 20.54 38.69
N ILE D 4 -25.61 20.43 37.54
CA ILE D 4 -25.49 21.57 36.65
C ILE D 4 -26.86 21.94 36.10
N ALA D 5 -26.94 23.14 35.52
CA ALA D 5 -28.20 23.65 34.99
C ALA D 5 -28.06 24.20 33.58
N ASN D 6 -27.10 23.72 32.81
CA ASN D 6 -26.94 24.14 31.42
C ASN D 6 -26.31 23.01 30.62
N ARG D 7 -26.52 23.07 29.31
CA ARG D 7 -25.90 22.10 28.41
C ARG D 7 -24.58 22.66 27.90
N TYR D 8 -23.63 21.75 27.63
CA TYR D 8 -22.29 22.15 27.23
C TYR D 8 -21.83 21.35 26.02
N GLU D 9 -21.02 22.00 25.19
CA GLU D 9 -20.27 21.37 24.12
C GLU D 9 -18.85 21.91 24.14
N PHE D 10 -17.90 21.13 23.62
CA PHE D 10 -16.52 21.58 23.62
C PHE D 10 -15.73 20.85 22.55
N VAL D 11 -14.57 21.41 22.22
CA VAL D 11 -13.68 20.87 21.21
C VAL D 11 -12.25 20.91 21.77
N LEU D 12 -11.47 19.88 21.45
CA LEU D 12 -10.12 19.75 21.98
C LEU D 12 -9.16 19.45 20.83
N LEU D 13 -7.93 19.95 20.97
CA LEU D 13 -6.88 19.76 19.98
C LEU D 13 -5.59 19.30 20.66
N PHE D 14 -4.86 18.41 20.09
CA PHE D 14 -3.64 17.86 20.52
C PHE D 14 -2.85 17.23 19.40
N ASP D 15 -1.59 17.02 19.56
CA ASP D 15 -0.65 16.53 18.62
C ASP D 15 0.37 15.58 19.22
N VAL D 16 1.19 14.98 18.44
CA VAL D 16 2.19 14.02 18.73
C VAL D 16 3.43 14.18 17.90
N GLU D 17 4.57 13.73 18.34
CA GLU D 17 5.84 13.71 17.73
C GLU D 17 6.60 12.45 17.96
N ASN D 18 6.91 11.66 16.99
CA ASN D 18 7.72 10.52 17.08
C ASN D 18 7.24 9.58 18.17
N GLY D 19 5.99 9.26 18.21
CA GLY D 19 5.34 8.46 19.12
C GLY D 19 4.24 7.59 18.64
N ASN D 20 3.78 6.67 19.46
CA ASN D 20 2.62 5.87 19.14
C ASN D 20 1.48 6.32 20.06
N PRO D 21 0.46 7.01 19.57
CA PRO D 21 -0.63 7.47 20.41
C PRO D 21 -1.47 6.38 21.02
N ASN D 22 -1.85 5.35 20.27
CA ASN D 22 -2.68 4.24 20.77
C ASN D 22 -2.50 3.02 19.87
N GLY D 23 -1.92 1.94 20.38
CA GLY D 23 -1.61 0.76 19.58
C GLY D 23 -2.82 -0.09 19.28
N ASP D 24 -2.97 -0.52 18.04
CA ASP D 24 -3.98 -1.50 17.63
C ASP D 24 -3.62 -2.91 18.13
N PRO D 25 -4.40 -3.55 18.99
CA PRO D 25 -4.04 -4.84 19.55
C PRO D 25 -4.16 -6.02 18.59
N ASP D 26 -4.70 -5.84 17.38
CA ASP D 26 -4.79 -6.90 16.37
C ASP D 26 -3.73 -6.75 15.27
N ALA D 27 -3.48 -5.52 14.81
CA ALA D 27 -2.54 -5.24 13.72
C ALA D 27 -1.08 -5.17 14.20
N GLY D 28 -0.58 -6.24 14.80
CA GLY D 28 0.72 -6.26 15.47
C GLY D 28 0.68 -5.38 16.71
N ASN D 29 1.18 -4.15 16.59
CA ASN D 29 0.84 -3.07 17.50
C ASN D 29 0.83 -1.69 16.81
N MET D 30 0.59 -1.67 15.50
CA MET D 30 0.64 -0.44 14.70
C MET D 30 -0.38 0.59 15.19
N PRO D 31 -0.19 1.89 14.95
CA PRO D 31 -1.21 2.89 15.21
C PRO D 31 -2.52 2.60 14.45
N ARG D 32 -3.67 2.92 15.04
CA ARG D 32 -4.98 2.78 14.38
C ARG D 32 -5.14 3.81 13.26
N ILE D 33 -5.68 3.44 12.09
CA ILE D 33 -5.91 4.24 10.95
C ILE D 33 -7.22 3.96 10.28
N ASP D 34 -7.74 4.86 9.51
CA ASP D 34 -8.83 4.74 8.64
C ASP D 34 -8.46 3.89 7.46
N PRO D 35 -9.03 2.71 7.24
CA PRO D 35 -8.63 1.88 6.11
C PRO D 35 -8.86 2.47 4.75
N GLU D 36 -9.74 3.39 4.58
CA GLU D 36 -10.13 4.04 3.38
C GLU D 36 -9.34 5.25 3.00
N THR D 37 -8.94 6.06 3.93
CA THR D 37 -8.31 7.32 3.79
C THR D 37 -6.98 7.53 4.46
N GLY D 38 -6.54 6.71 5.34
CA GLY D 38 -5.37 6.83 6.04
C GLY D 38 -5.27 7.73 7.19
N HIS D 39 -6.31 8.39 7.56
CA HIS D 39 -6.45 9.20 8.69
C HIS D 39 -6.29 8.40 9.96
N GLY D 40 -5.64 8.89 10.97
CA GLY D 40 -5.52 8.29 12.20
C GLY D 40 -6.70 8.33 13.09
N LEU D 41 -6.79 7.51 14.08
CA LEU D 41 -7.83 7.35 15.01
C LEU D 41 -7.38 7.08 16.42
N VAL D 42 -8.06 7.52 17.42
CA VAL D 42 -7.88 7.34 18.81
C VAL D 42 -9.17 6.99 19.49
N THR D 43 -9.28 5.94 20.24
CA THR D 43 -10.39 5.52 20.97
C THR D 43 -10.65 6.41 22.15
N ASP D 44 -11.86 6.72 22.48
CA ASP D 44 -12.29 7.48 23.59
C ASP D 44 -11.93 6.85 24.91
N VAL D 45 -11.94 5.57 25.00
CA VAL D 45 -11.61 4.80 26.14
C VAL D 45 -10.24 5.17 26.65
N CYS D 46 -9.30 5.37 25.79
CA CYS D 46 -7.98 5.81 26.05
C CYS D 46 -7.96 7.10 26.82
N LEU D 47 -8.65 8.08 26.34
CA LEU D 47 -8.81 9.37 26.92
C LEU D 47 -9.40 9.28 28.30
N LYS D 48 -10.45 8.48 28.41
CA LYS D 48 -11.09 8.30 29.72
C LYS D 48 -10.13 7.68 30.71
N ARG D 49 -9.33 6.73 30.33
CA ARG D 49 -8.31 6.13 31.09
C ARG D 49 -7.35 7.16 31.63
N LYS D 50 -6.87 8.01 30.80
CA LYS D 50 -5.99 9.08 31.10
C LYS D 50 -6.58 10.00 32.14
N ILE D 51 -7.84 10.37 31.93
CA ILE D 51 -8.51 11.27 32.86
C ILE D 51 -8.62 10.62 34.23
N ARG D 52 -8.98 9.35 34.27
CA ARG D 52 -9.09 8.65 35.54
C ARG D 52 -7.74 8.61 36.24
N ASN D 53 -6.67 8.36 35.57
CA ASN D 53 -5.35 8.36 36.05
C ASN D 53 -5.00 9.68 36.70
N HIS D 54 -5.27 10.76 35.96
CA HIS D 54 -4.96 12.09 36.49
C HIS D 54 -5.75 12.37 37.77
N VAL D 55 -7.04 12.01 37.78
CA VAL D 55 -7.85 12.28 38.96
C VAL D 55 -7.30 11.51 40.16
N ALA D 56 -6.98 10.22 39.95
CA ALA D 56 -6.44 9.43 41.04
C ALA D 56 -5.14 10.03 41.55
N LEU D 57 -4.28 10.48 40.63
CA LEU D 57 -3.01 11.06 41.04
C LEU D 57 -3.22 12.33 41.85
N THR D 58 -4.12 13.20 41.42
CA THR D 58 -4.23 14.52 42.01
C THR D 58 -5.05 14.53 43.30
N LYS D 59 -6.10 13.71 43.40
CA LYS D 59 -6.93 13.71 44.61
C LYS D 59 -6.44 12.73 45.66
N GLU D 60 -5.95 11.57 45.26
CA GLU D 60 -5.35 10.62 46.21
C GLU D 60 -6.36 10.19 47.28
N GLY D 61 -7.46 9.59 46.84
CA GLY D 61 -8.36 8.94 47.76
C GLY D 61 -9.21 9.85 48.61
N ALA D 62 -9.30 11.14 48.27
CA ALA D 62 -10.20 12.01 49.00
C ALA D 62 -11.62 11.48 48.92
N GLU D 63 -12.43 11.84 49.92
CA GLU D 63 -13.75 11.26 50.02
C GLU D 63 -14.62 11.65 48.83
N ARG D 64 -15.46 10.71 48.41
CA ARG D 64 -16.35 10.89 47.26
C ARG D 64 -15.57 11.02 45.97
N PHE D 65 -14.26 10.77 46.01
CA PHE D 65 -13.40 10.89 44.85
C PHE D 65 -12.66 9.59 44.56
N ASN D 66 -13.22 8.47 45.00
CA ASN D 66 -12.65 7.18 44.65
C ASN D 66 -12.88 6.88 43.17
N ILE D 67 -12.07 5.98 42.63
CA ILE D 67 -11.99 5.80 41.19
C ILE D 67 -12.43 4.39 40.82
N TYR D 68 -13.18 3.73 41.70
CA TYR D 68 -13.68 2.39 41.42
C TYR D 68 -12.55 1.39 41.25
N ILE D 69 -11.40 1.69 41.85
CA ILE D 69 -10.22 0.82 41.86
C ILE D 69 -10.11 0.06 40.54
N GLN D 70 -10.24 0.80 39.44
CA GLN D 70 -10.43 0.15 38.15
C GLN D 70 -9.29 -0.77 37.77
N GLU D 71 -8.10 -0.60 38.35
CA GLU D 71 -6.95 -1.41 37.96
C GLU D 71 -7.06 -2.79 38.61
N LYS D 72 -7.19 -3.83 37.86
CA LYS D 72 -7.03 -5.18 38.21
C LYS D 72 -7.88 -5.62 39.39
N ALA D 73 -9.08 -5.06 39.54
CA ALA D 73 -9.95 -5.45 40.63
C ALA D 73 -11.03 -6.42 40.15
N ILE D 74 -11.65 -7.11 41.10
CA ILE D 74 -12.80 -7.95 40.82
C ILE D 74 -14.03 -7.08 41.04
N LEU D 75 -14.70 -6.72 39.94
CA LEU D 75 -15.72 -5.69 39.99
C LEU D 75 -16.92 -6.10 40.85
N ASN D 76 -17.35 -7.35 40.74
CA ASN D 76 -18.57 -7.77 41.42
C ASN D 76 -18.50 -7.58 42.93
N GLU D 77 -17.30 -7.51 43.50
CA GLU D 77 -17.20 -7.32 44.94
C GLU D 77 -17.78 -5.97 45.37
N THR D 78 -17.51 -4.92 44.60
CA THR D 78 -18.02 -3.60 44.97
C THR D 78 -19.54 -3.54 44.94
N HIS D 79 -20.17 -4.30 44.06
CA HIS D 79 -21.63 -4.32 44.00
C HIS D 79 -22.22 -4.91 45.28
N GLU D 80 -21.74 -6.09 45.69
CA GLU D 80 -22.20 -6.64 46.96
C GLU D 80 -21.81 -5.75 48.12
N ARG D 81 -20.68 -5.04 48.01
CA ARG D 81 -20.35 -4.02 49.00
C ARG D 81 -21.44 -2.94 49.04
N ALA D 82 -21.91 -2.50 47.87
CA ALA D 82 -23.02 -1.57 47.84
C ALA D 82 -24.26 -2.18 48.48
N TYR D 83 -24.54 -3.44 48.14
CA TYR D 83 -25.66 -4.14 48.75
C TYR D 83 -25.49 -4.21 50.26
N THR D 84 -24.33 -4.70 50.72
CA THR D 84 -24.08 -4.79 52.14
C THR D 84 -23.95 -3.40 52.77
N ALA D 85 -23.30 -2.47 52.09
CA ALA D 85 -23.24 -1.10 52.59
C ALA D 85 -24.64 -0.49 52.71
N CYS D 86 -25.50 -0.75 51.72
CA CYS D 86 -26.89 -0.34 51.81
C CYS D 86 -27.69 -1.22 52.76
N ASP D 87 -27.07 -2.26 53.33
CA ASP D 87 -27.74 -3.21 54.21
C ASP D 87 -28.66 -4.15 53.43
N LEU D 88 -28.47 -4.24 52.12
CA LEU D 88 -29.26 -5.11 51.27
C LEU D 88 -28.49 -6.38 50.99
N LYS D 89 -29.19 -7.51 50.97
CA LYS D 89 -28.55 -8.76 50.65
C LYS D 89 -28.10 -8.75 49.19
N PRO D 90 -26.85 -9.09 48.89
CA PRO D 90 -26.41 -9.07 47.49
C PRO D 90 -27.25 -9.99 46.63
N GLU D 91 -27.62 -9.49 45.45
CA GLU D 91 -28.39 -10.24 44.49
C GLU D 91 -27.59 -10.41 43.21
N PRO D 92 -27.27 -11.65 42.80
CA PRO D 92 -26.33 -11.83 41.69
C PRO D 92 -26.78 -11.17 40.40
N LYS D 93 -27.88 -11.53 39.83
CA LYS D 93 -28.39 -11.20 38.56
C LYS D 93 -29.44 -10.13 38.52
N LYS D 94 -30.06 -9.78 39.59
CA LYS D 94 -31.17 -8.93 39.76
C LYS D 94 -30.98 -7.88 40.82
N LEU D 95 -31.53 -6.72 40.68
CA LEU D 95 -31.66 -5.69 41.63
C LEU D 95 -32.66 -6.07 42.69
N PRO D 96 -32.60 -5.47 43.88
CA PRO D 96 -33.63 -5.66 44.87
C PRO D 96 -35.00 -5.33 44.35
N LYS D 97 -36.03 -6.02 44.74
CA LYS D 97 -37.40 -5.74 44.55
C LYS D 97 -37.92 -4.66 45.48
N LYS D 98 -37.17 -3.57 45.62
CA LYS D 98 -37.53 -2.48 46.53
C LYS D 98 -36.90 -1.22 45.95
N VAL D 99 -37.64 -0.34 45.38
CA VAL D 99 -37.25 0.73 44.56
C VAL D 99 -36.20 1.58 45.23
N GLU D 100 -36.49 1.99 46.46
CA GLU D 100 -35.56 2.88 47.17
C GLU D 100 -34.24 2.20 47.43
N ASP D 101 -34.26 1.00 48.03
CA ASP D 101 -33.02 0.29 48.29
C ASP D 101 -32.36 -0.19 47.00
N ALA D 102 -33.09 -0.53 45.99
CA ALA D 102 -32.65 -0.89 44.71
C ALA D 102 -31.81 0.21 44.09
N LYS D 103 -32.32 1.44 44.19
CA LYS D 103 -31.54 2.58 43.71
C LYS D 103 -30.42 2.93 44.66
N ARG D 104 -30.56 2.60 45.95
CA ARG D 104 -29.52 2.91 46.92
C ARG D 104 -28.27 2.07 46.67
N VAL D 105 -28.43 0.80 46.31
CA VAL D 105 -27.26 -0.01 45.98
C VAL D 105 -26.47 0.57 44.83
N THR D 106 -27.00 1.61 44.17
CA THR D 106 -26.30 2.41 43.18
C THR D 106 -25.92 3.79 43.70
N ASP D 107 -26.77 4.39 44.54
CA ASP D 107 -26.49 5.73 45.04
C ASP D 107 -25.31 5.71 45.99
N TRP D 108 -25.16 4.65 46.75
CA TRP D 108 -23.91 4.40 47.46
C TRP D 108 -22.73 4.48 46.51
N MET D 109 -22.82 3.80 45.37
CA MET D 109 -21.74 3.87 44.39
C MET D 109 -21.51 5.32 43.98
N CYS D 110 -22.57 6.00 43.55
CA CYS D 110 -22.45 7.35 43.03
C CYS D 110 -21.79 8.27 44.05
N THR D 111 -22.22 8.19 45.31
CA THR D 111 -21.56 8.95 46.35
C THR D 111 -20.08 8.63 46.41
N ASN D 112 -19.73 7.36 46.37
CA ASN D 112 -18.33 7.00 46.56
C ASN D 112 -17.50 7.32 45.32
N PHE D 113 -17.89 6.80 44.17
CA PHE D 113 -17.00 6.69 43.02
C PHE D 113 -17.25 7.84 42.05
N TYR D 114 -16.20 8.61 41.79
CA TYR D 114 -16.30 9.75 40.89
C TYR D 114 -16.54 9.32 39.45
N ASP D 115 -15.76 8.36 38.97
CA ASP D 115 -15.86 7.97 37.56
C ASP D 115 -17.22 7.36 37.26
N ILE D 116 -17.80 6.65 38.22
CA ILE D 116 -19.17 6.17 38.05
C ILE D 116 -20.12 7.35 37.93
N ARG D 117 -19.94 8.34 38.80
CA ARG D 117 -20.79 9.52 38.77
C ARG D 117 -20.70 10.23 37.43
N THR D 118 -19.56 10.13 36.75
CA THR D 118 -19.33 10.91 35.53
C THR D 118 -19.68 10.15 34.26
N PHE D 119 -19.16 8.93 34.10
CA PHE D 119 -19.35 8.16 32.89
C PHE D 119 -20.41 7.07 33.01
N GLY D 120 -20.70 6.60 34.21
CA GLY D 120 -21.63 5.50 34.38
C GLY D 120 -20.97 4.16 34.18
N ALA D 121 -21.75 3.10 34.36
CA ALA D 121 -21.22 1.75 34.24
C ALA D 121 -22.37 0.77 34.05
N VAL D 122 -22.11 -0.41 33.59
CA VAL D 122 -22.94 -1.55 33.48
C VAL D 122 -22.87 -2.35 34.75
N MET D 123 -24.00 -2.62 35.38
CA MET D 123 -24.01 -3.19 36.71
C MET D 123 -25.11 -4.23 36.87
N THR D 124 -25.57 -4.82 35.83
CA THR D 124 -26.42 -5.95 35.70
C THR D 124 -25.68 -7.26 35.76
N THR D 125 -24.47 -7.23 36.29
CA THR D 125 -23.51 -8.31 36.17
C THR D 125 -23.86 -9.42 37.17
N GLU D 126 -22.94 -10.37 37.35
CA GLU D 126 -23.18 -11.48 38.26
C GLU D 126 -23.43 -11.03 39.69
N VAL D 127 -23.25 -9.74 39.99
CA VAL D 127 -23.88 -9.09 41.13
C VAL D 127 -24.52 -7.82 40.61
N ASN D 128 -25.81 -7.72 40.59
CA ASN D 128 -26.65 -6.82 39.91
C ASN D 128 -26.94 -5.59 40.73
N CYS D 129 -26.50 -4.41 40.29
CA CYS D 129 -26.94 -3.15 40.86
C CYS D 129 -27.60 -2.25 39.83
N GLY D 130 -27.75 -2.63 38.61
CA GLY D 130 -28.38 -1.95 37.57
C GLY D 130 -27.61 -1.35 36.47
N GLN D 131 -27.97 -0.24 35.91
CA GLN D 131 -27.38 0.48 34.85
C GLN D 131 -27.28 1.95 35.10
N VAL D 132 -26.34 2.64 34.53
CA VAL D 132 -26.10 4.03 34.49
C VAL D 132 -25.66 4.48 33.13
N ARG D 133 -26.05 5.60 32.63
CA ARG D 133 -25.83 6.13 31.34
C ARG D 133 -24.69 7.11 31.21
N GLY D 134 -24.47 7.92 32.25
CA GLY D 134 -23.34 8.83 32.27
C GLY D 134 -23.65 10.17 31.66
N PRO D 135 -23.51 11.26 32.43
CA PRO D 135 -23.79 12.59 31.87
C PRO D 135 -22.76 13.10 30.88
N VAL D 136 -21.61 12.46 30.73
CA VAL D 136 -20.53 12.96 29.89
C VAL D 136 -20.20 11.92 28.84
N GLN D 137 -20.09 12.36 27.57
CA GLN D 137 -19.82 11.46 26.47
C GLN D 137 -18.79 12.09 25.55
N MET D 138 -18.07 11.26 24.82
CA MET D 138 -17.07 11.70 23.87
C MET D 138 -17.06 10.78 22.66
N ALA D 139 -16.57 11.30 21.54
CA ALA D 139 -16.48 10.55 20.30
C ALA D 139 -15.02 10.27 19.95
N PHE D 140 -14.77 9.62 18.87
CA PHE D 140 -13.50 9.29 18.35
C PHE D 140 -12.73 10.53 17.97
N ALA D 141 -11.44 10.52 18.00
CA ALA D 141 -10.53 11.50 17.54
C ALA D 141 -10.01 11.20 16.16
N ARG D 142 -9.96 12.13 15.28
CA ARG D 142 -9.58 12.06 13.92
C ARG D 142 -8.54 13.08 13.54
N SER D 143 -7.48 12.74 12.91
CA SER D 143 -6.45 13.57 12.42
C SER D 143 -6.93 14.42 11.28
N VAL D 144 -6.35 15.60 11.11
CA VAL D 144 -6.79 16.49 10.04
C VAL D 144 -6.19 16.13 8.69
N GLU D 145 -5.14 15.39 8.61
CA GLU D 145 -4.41 14.97 7.48
C GLU D 145 -3.99 13.53 7.54
N PRO D 146 -3.73 12.87 6.42
CA PRO D 146 -3.23 11.52 6.45
C PRO D 146 -1.93 11.37 7.19
N VAL D 147 -1.66 10.28 7.81
CA VAL D 147 -0.51 9.90 8.53
C VAL D 147 0.20 8.74 7.88
N VAL D 148 1.51 8.62 8.07
CA VAL D 148 2.31 7.54 7.48
C VAL D 148 3.12 6.88 8.57
N PRO D 149 2.63 5.78 9.17
CA PRO D 149 3.37 5.07 10.18
C PRO D 149 4.73 4.55 9.70
N GLN D 150 5.71 4.52 10.59
CA GLN D 150 7.07 4.06 10.32
C GLN D 150 7.44 2.95 11.28
N GLU D 151 8.41 2.12 10.90
CA GLU D 151 8.91 1.01 11.71
C GLU D 151 10.45 0.96 11.69
N VAL D 152 11.04 0.61 12.82
CA VAL D 152 12.48 0.64 13.03
C VAL D 152 12.92 -0.64 13.71
N SER D 153 14.22 -0.91 13.71
CA SER D 153 14.80 -2.15 14.19
C SER D 153 15.78 -1.91 15.34
N ILE D 154 15.92 -2.89 16.23
CA ILE D 154 16.57 -2.92 17.49
C ILE D 154 17.46 -4.12 17.67
N THR D 155 18.62 -4.00 18.21
CA THR D 155 19.49 -5.03 18.64
C THR D 155 19.21 -5.44 20.06
N ARG D 156 20.03 -6.23 20.66
CA ARG D 156 20.01 -6.65 22.01
C ARG D 156 21.29 -7.22 22.52
N MET D 157 21.79 -6.86 23.66
CA MET D 157 22.88 -7.43 24.35
C MET D 157 22.76 -8.92 24.52
N ALA D 158 21.73 -9.36 25.17
CA ALA D 158 21.56 -10.59 25.84
C ALA D 158 20.36 -11.37 25.37
N VAL D 159 20.08 -12.50 25.94
CA VAL D 159 19.06 -13.44 25.70
C VAL D 159 18.26 -13.75 26.94
N THR D 160 16.97 -13.75 26.92
CA THR D 160 16.07 -13.98 27.98
C THR D 160 16.06 -15.42 28.44
N THR D 161 15.95 -16.34 27.56
CA THR D 161 15.76 -17.74 27.69
C THR D 161 17.02 -18.52 27.41
N LYS D 162 16.98 -19.81 27.49
CA LYS D 162 18.00 -20.76 27.22
C LYS D 162 18.23 -20.94 25.74
N ALA D 163 18.62 -19.93 25.03
CA ALA D 163 19.00 -19.87 23.66
C ALA D 163 20.43 -20.34 23.50
N GLU D 164 20.63 -21.65 23.47
CA GLU D 164 21.98 -22.22 23.46
C GLU D 164 22.58 -22.33 22.07
N ALA D 165 21.86 -21.91 21.02
CA ALA D 165 22.45 -21.88 19.69
C ALA D 165 23.66 -20.96 19.64
N GLU D 166 23.82 -20.01 20.50
CA GLU D 166 24.90 -19.11 20.56
C GLU D 166 25.03 -18.28 19.31
N ASP D 171 28.32 -10.24 19.87
CA ASP D 171 27.44 -10.03 18.79
C ASP D 171 26.17 -9.30 19.11
N ASN D 172 25.25 -9.17 18.21
CA ASN D 172 23.93 -8.68 18.29
C ASN D 172 22.95 -9.83 18.26
N ARG D 173 22.35 -10.21 19.33
CA ARG D 173 21.71 -11.44 19.62
C ARG D 173 20.22 -11.50 19.37
N THR D 174 19.55 -10.46 19.02
CA THR D 174 18.15 -10.37 18.91
C THR D 174 17.66 -9.14 18.18
N MET D 175 16.61 -9.18 17.43
CA MET D 175 15.91 -8.14 16.82
C MET D 175 14.73 -7.65 17.63
N GLY D 176 14.21 -6.50 17.36
CA GLY D 176 13.08 -5.88 17.84
C GLY D 176 12.55 -4.76 17.07
N ARG D 177 11.33 -4.38 17.20
CA ARG D 177 10.59 -3.45 16.45
C ARG D 177 10.01 -2.32 17.25
N LYS D 178 9.79 -1.18 16.69
CA LYS D 178 9.09 -0.04 17.13
C LYS D 178 8.23 0.58 16.07
N HIS D 179 7.09 1.15 16.44
CA HIS D 179 6.15 1.76 15.51
C HIS D 179 5.96 3.22 15.91
N ILE D 180 6.11 4.17 14.99
CA ILE D 180 6.05 5.60 15.31
C ILE D 180 5.33 6.40 14.24
N VAL D 181 4.89 7.60 14.61
CA VAL D 181 4.28 8.60 13.80
C VAL D 181 5.12 9.84 13.76
N PRO D 182 5.62 10.33 12.60
CA PRO D 182 6.47 11.50 12.60
C PRO D 182 5.81 12.73 13.23
N TYR D 183 4.58 13.04 12.82
CA TYR D 183 3.79 14.12 13.28
C TYR D 183 2.32 13.97 12.96
N GLY D 184 1.43 14.53 13.70
CA GLY D 184 0.06 14.58 13.56
C GLY D 184 -0.77 15.38 14.47
N LEU D 185 -1.87 15.95 13.99
CA LEU D 185 -2.73 16.82 14.79
C LEU D 185 -4.14 16.23 14.81
N TYR D 186 -4.78 16.18 15.93
CA TYR D 186 -5.98 15.52 16.26
C TYR D 186 -7.06 16.44 16.77
N VAL D 187 -8.33 16.04 16.60
CA VAL D 187 -9.48 16.81 17.05
C VAL D 187 -10.44 15.86 17.74
N ALA D 188 -11.30 16.41 18.60
CA ALA D 188 -12.27 15.61 19.34
C ALA D 188 -13.49 16.45 19.68
N HIS D 189 -14.60 15.78 19.99
CA HIS D 189 -15.85 16.42 20.34
C HIS D 189 -16.41 15.79 21.61
N GLY D 190 -17.23 16.55 22.32
CA GLY D 190 -17.81 16.07 23.56
C GLY D 190 -19.10 16.79 23.89
N PHE D 191 -19.85 16.21 24.83
CA PHE D 191 -21.14 16.74 25.23
C PHE D 191 -21.34 16.54 26.72
N ILE D 192 -22.24 17.35 27.29
CA ILE D 192 -22.67 17.21 28.67
C ILE D 192 -24.17 17.46 28.72
N SER D 193 -24.88 16.65 29.49
CA SER D 193 -26.34 16.70 29.55
C SER D 193 -26.78 16.94 30.99
N ALA D 194 -27.69 17.89 31.17
CA ALA D 194 -28.15 18.27 32.50
C ALA D 194 -29.21 17.29 33.03
N PRO D 195 -30.19 16.89 32.22
CA PRO D 195 -31.20 15.96 32.75
C PRO D 195 -30.61 14.69 33.33
N LEU D 196 -29.61 14.11 32.67
CA LEU D 196 -28.94 12.95 33.24
C LEU D 196 -28.17 13.32 34.50
N ALA D 197 -27.49 14.48 34.49
CA ALA D 197 -26.75 14.90 35.67
C ALA D 197 -27.66 14.96 36.89
N GLU D 198 -28.90 15.40 36.70
CA GLU D 198 -29.83 15.48 37.82
C GLU D 198 -30.04 14.11 38.47
N LYS D 199 -29.86 13.04 37.79
CA LYS D 199 -30.02 11.70 38.20
C LYS D 199 -28.85 11.14 38.97
N THR D 200 -27.70 11.81 38.92
CA THR D 200 -26.51 11.38 39.64
C THR D 200 -25.90 12.44 40.53
N GLY D 201 -26.16 13.72 40.29
CA GLY D 201 -25.63 14.76 41.15
C GLY D 201 -24.34 15.39 40.66
N PHE D 202 -23.92 15.09 39.44
CA PHE D 202 -22.72 15.71 38.89
C PHE D 202 -22.81 17.22 39.02
N SER D 203 -21.90 17.81 39.80
CA SER D 203 -22.02 19.20 40.21
C SER D 203 -20.89 20.04 39.64
N ASP D 204 -20.86 21.30 40.07
CA ASP D 204 -19.97 22.28 39.44
C ASP D 204 -18.51 22.00 39.76
N GLU D 205 -18.20 21.73 41.02
CA GLU D 205 -16.82 21.45 41.37
C GLU D 205 -16.26 20.29 40.55
N ASP D 206 -17.10 19.29 40.31
CA ASP D 206 -16.67 18.19 39.45
C ASP D 206 -16.38 18.69 38.05
N LEU D 207 -17.18 19.62 37.55
CA LEU D 207 -16.94 20.18 36.23
C LEU D 207 -15.61 20.92 36.17
N THR D 208 -15.30 21.70 37.21
CA THR D 208 -14.03 22.40 37.25
C THR D 208 -12.87 21.42 37.28
N LEU D 209 -12.97 20.38 38.10
CA LEU D 209 -11.93 19.37 38.13
C LEU D 209 -11.78 18.71 36.77
N PHE D 210 -12.89 18.52 36.06
CA PHE D 210 -12.83 17.95 34.73
C PHE D 210 -12.08 18.85 33.76
N TRP D 211 -12.37 20.15 33.81
CA TRP D 211 -11.63 21.09 32.98
C TRP D 211 -10.13 21.00 33.26
N ASP D 212 -9.77 20.99 34.53
CA ASP D 212 -8.36 20.92 34.89
C ASP D 212 -7.73 19.64 34.37
N ALA D 213 -8.44 18.51 34.51
CA ALA D 213 -7.91 17.25 34.00
C ALA D 213 -7.66 17.33 32.51
N LEU D 214 -8.60 17.92 31.77
CA LEU D 214 -8.39 18.07 30.33
C LEU D 214 -7.16 18.91 30.03
N VAL D 215 -6.96 20.01 30.75
CA VAL D 215 -5.82 20.88 30.44
C VAL D 215 -4.51 20.15 30.68
N ASN D 216 -4.40 19.43 31.80
CA ASN D 216 -3.13 18.88 32.25
C ASN D 216 -3.01 17.38 32.06
N MET D 217 -3.74 16.80 31.11
CA MET D 217 -3.81 15.35 31.02
C MET D 217 -2.46 14.69 30.76
N PHE D 218 -1.72 15.10 29.77
CA PHE D 218 -0.59 14.48 29.22
C PHE D 218 0.66 14.59 30.06
N GLU D 219 0.72 15.59 30.94
CA GLU D 219 1.97 15.89 31.62
C GLU D 219 2.50 14.73 32.43
N HIS D 220 1.65 13.84 32.91
CA HIS D 220 2.06 12.75 33.78
C HIS D 220 2.11 11.41 33.07
N ASP D 221 2.10 11.33 31.79
CA ASP D 221 1.96 10.20 30.95
C ASP D 221 3.22 9.73 30.25
N ARG D 222 4.36 10.32 30.55
CA ARG D 222 5.56 10.02 29.79
C ARG D 222 5.91 8.54 29.90
N SER D 223 6.31 7.93 28.84
CA SER D 223 6.71 6.59 28.68
C SER D 223 7.66 6.40 27.52
N ALA D 224 8.23 5.24 27.36
CA ALA D 224 9.15 4.90 26.35
C ALA D 224 8.59 5.11 24.97
N ALA D 225 7.47 4.54 24.68
CA ALA D 225 6.81 4.52 23.44
C ALA D 225 5.96 5.72 23.13
N ARG D 226 5.56 6.48 24.10
CA ARG D 226 4.64 7.54 24.02
C ARG D 226 5.14 8.68 23.18
N GLY D 227 6.39 8.95 23.18
CA GLY D 227 6.91 10.09 22.62
C GLY D 227 6.56 11.34 23.30
N LEU D 228 6.36 12.43 22.62
CA LEU D 228 6.00 13.72 23.04
C LEU D 228 4.60 14.11 22.61
N MET D 229 3.69 14.39 23.47
CA MET D 229 2.34 14.77 23.27
C MET D 229 1.91 15.92 24.14
N SER D 230 1.03 16.78 23.65
CA SER D 230 0.56 17.90 24.44
C SER D 230 -0.74 18.41 23.84
N SER D 231 -1.47 19.18 24.64
CA SER D 231 -2.73 19.78 24.23
C SER D 231 -2.51 21.24 23.87
N ARG D 232 -3.26 21.78 22.97
CA ARG D 232 -3.13 23.01 22.30
C ARG D 232 -4.24 24.01 22.45
N LYS D 233 -5.48 23.52 22.39
CA LYS D 233 -6.64 24.41 22.36
C LYS D 233 -7.81 23.75 23.06
N LEU D 234 -8.74 24.58 23.52
CA LEU D 234 -9.94 24.10 24.20
C LEU D 234 -10.98 25.21 24.14
N ILE D 235 -12.14 24.91 23.55
CA ILE D 235 -13.23 25.86 23.39
C ILE D 235 -14.48 25.25 24.00
N VAL D 236 -15.21 26.05 24.76
CA VAL D 236 -16.39 25.59 25.48
C VAL D 236 -17.58 26.45 25.09
N PHE D 237 -18.68 25.81 24.72
CA PHE D 237 -19.94 26.48 24.41
C PHE D 237 -20.93 26.18 25.52
N LYS D 238 -21.58 27.21 26.03
CA LYS D 238 -22.51 27.07 27.15
C LYS D 238 -23.86 27.67 26.75
N HIS D 239 -24.88 26.83 26.66
CA HIS D 239 -26.22 27.30 26.37
C HIS D 239 -26.77 28.02 27.60
N GLN D 240 -27.86 28.76 27.39
CA GLN D 240 -28.41 29.60 28.45
C GLN D 240 -29.63 28.99 29.13
N ASN D 241 -29.95 27.73 28.87
CA ASN D 241 -31.08 27.09 29.53
C ASN D 241 -30.87 25.59 29.51
N ARG D 242 -31.73 24.88 30.26
CA ARG D 242 -31.50 23.45 30.48
C ARG D 242 -31.49 22.67 29.17
N LEU D 243 -32.16 23.18 28.14
CA LEU D 243 -32.14 22.57 26.82
C LEU D 243 -31.55 23.58 25.84
N GLY D 244 -30.60 23.13 25.03
CA GLY D 244 -29.82 24.05 24.24
C GLY D 244 -30.66 24.96 23.38
N ASN D 245 -30.00 25.95 22.79
CA ASN D 245 -30.64 26.92 21.92
C ASN D 245 -30.22 26.79 20.47
N ALA D 246 -29.42 25.78 20.12
CA ALA D 246 -28.97 25.61 18.74
C ALA D 246 -28.54 24.18 18.55
N PRO D 247 -28.50 23.69 17.32
CA PRO D 247 -27.98 22.34 17.07
C PRO D 247 -26.48 22.27 17.29
N ALA D 248 -26.01 21.09 17.69
CA ALA D 248 -24.59 20.92 17.97
C ALA D 248 -23.75 21.10 16.71
N HIS D 249 -24.17 20.50 15.60
CA HIS D 249 -23.33 20.50 14.41
C HIS D 249 -23.04 21.92 13.95
N LYS D 250 -24.01 22.83 14.11
CA LYS D 250 -23.77 24.22 13.75
C LYS D 250 -22.63 24.81 14.57
N LEU D 251 -22.57 24.48 15.86
CA LEU D 251 -21.53 25.04 16.72
C LEU D 251 -20.15 24.52 16.32
N PHE D 252 -20.02 23.20 16.14
CA PHE D 252 -18.71 22.64 15.79
C PHE D 252 -18.20 23.20 14.47
N ASP D 253 -19.09 23.73 13.64
CA ASP D 253 -18.66 24.27 12.35
C ASP D 253 -17.97 25.61 12.50
N LEU D 254 -18.13 26.29 13.63
CA LEU D 254 -17.51 27.60 13.81
C LEU D 254 -15.99 27.50 13.94
N VAL D 255 -15.46 26.31 14.20
CA VAL D 255 -14.02 26.12 14.34
C VAL D 255 -13.48 25.53 13.05
N LYS D 256 -12.41 26.12 12.54
CA LYS D 256 -11.84 25.72 11.26
C LYS D 256 -10.32 25.69 11.35
N VAL D 257 -9.72 24.69 10.71
CA VAL D 257 -8.28 24.47 10.74
C VAL D 257 -7.78 24.36 9.31
N SER D 258 -6.63 24.97 9.03
CA SER D 258 -6.08 24.97 7.69
C SER D 258 -4.58 25.19 7.78
N ARG D 259 -3.88 24.96 6.73
CA ARG D 259 -2.49 25.17 6.54
C ARG D 259 -2.13 26.62 6.64
N ALA D 260 -1.06 26.98 7.25
CA ALA D 260 -0.43 28.24 7.22
C ALA D 260 0.01 28.57 5.81
N GLU D 261 0.45 29.75 5.54
CA GLU D 261 0.93 30.22 4.30
C GLU D 261 2.13 29.44 3.81
N GLY D 262 3.10 29.21 4.63
CA GLY D 262 4.20 28.43 4.38
C GLY D 262 3.98 26.98 4.40
N SER D 263 3.19 26.46 3.53
CA SER D 263 2.80 25.10 3.43
C SER D 263 4.00 24.18 3.38
N SER D 264 4.86 24.35 2.44
CA SER D 264 6.11 23.71 2.33
C SER D 264 5.98 22.20 2.44
N GLY D 265 5.09 21.54 1.71
CA GLY D 265 5.07 20.07 1.69
C GLY D 265 4.78 19.47 3.08
N PRO D 266 5.53 18.48 3.59
CA PRO D 266 5.21 17.80 4.85
C PRO D 266 5.15 18.74 6.08
N ALA D 267 4.10 18.63 6.90
CA ALA D 267 3.91 19.29 8.13
C ALA D 267 4.70 18.66 9.23
N ARG D 268 5.36 19.43 10.10
CA ARG D 268 6.20 18.88 11.17
C ARG D 268 6.11 19.63 12.48
N SER D 269 5.25 20.64 12.60
CA SER D 269 5.04 21.42 13.76
C SER D 269 3.69 22.07 13.80
N PHE D 270 3.18 22.42 14.94
CA PHE D 270 1.98 23.11 15.14
C PHE D 270 1.93 24.41 14.37
N ALA D 271 3.04 25.02 14.12
CA ALA D 271 3.21 26.25 13.45
C ALA D 271 2.73 26.22 12.03
N ASP D 272 2.61 25.08 11.42
CA ASP D 272 2.20 24.85 10.09
C ASP D 272 0.74 25.10 9.84
N TYR D 273 -0.08 25.20 10.84
CA TYR D 273 -1.48 25.29 10.86
C TYR D 273 -2.00 26.62 11.33
N ALA D 274 -3.21 26.98 10.91
CA ALA D 274 -3.90 28.17 11.39
C ALA D 274 -5.27 27.77 11.92
N VAL D 275 -5.65 28.34 13.07
CA VAL D 275 -6.90 28.00 13.74
C VAL D 275 -7.71 29.28 13.94
N THR D 276 -9.00 29.20 13.67
CA THR D 276 -9.87 30.35 13.79
C THR D 276 -11.24 29.89 14.27
N VAL D 277 -11.94 30.79 14.97
CA VAL D 277 -13.26 30.52 15.52
C VAL D 277 -14.19 31.66 15.14
N GLY D 278 -15.40 31.31 14.74
CA GLY D 278 -16.38 32.31 14.34
C GLY D 278 -17.07 32.96 15.51
N GLN D 279 -18.31 33.41 15.30
CA GLN D 279 -19.09 34.07 16.34
C GLN D 279 -20.39 33.31 16.51
N ALA D 280 -20.82 33.14 17.76
CA ALA D 280 -21.93 32.26 18.09
C ALA D 280 -23.26 33.00 18.06
N PRO D 281 -24.37 32.27 17.94
CA PRO D 281 -25.68 32.91 18.05
C PRO D 281 -25.86 33.58 19.40
N GLU D 282 -26.98 34.29 19.53
CA GLU D 282 -27.23 35.06 20.75
C GLU D 282 -27.36 34.16 21.98
N GLY D 283 -28.00 33.01 21.85
CA GLY D 283 -28.30 32.18 23.00
C GLY D 283 -27.15 31.34 23.50
N VAL D 284 -25.99 31.44 22.88
CA VAL D 284 -24.84 30.61 23.21
C VAL D 284 -23.69 31.50 23.65
N GLU D 285 -22.96 31.07 24.67
CA GLU D 285 -21.81 31.79 25.19
C GLU D 285 -20.55 31.01 24.86
N VAL D 286 -19.59 31.69 24.24
CA VAL D 286 -18.35 31.07 23.80
C VAL D 286 -17.22 31.55 24.67
N LYS D 287 -16.53 30.61 25.30
CA LYS D 287 -15.31 30.89 26.04
C LYS D 287 -14.24 29.92 25.57
N GLU D 288 -13.11 30.47 25.13
CA GLU D 288 -12.09 29.68 24.47
C GLU D 288 -10.75 29.78 25.18
N MET D 289 -10.61 30.77 26.05
CA MET D 289 -9.32 31.02 26.66
C MET D 289 -8.85 29.88 27.54
N LEU D 290 -9.69 28.89 27.82
CA LEU D 290 -9.28 27.78 28.67
C LEU D 290 -8.04 27.12 28.09
N MET E 1 17.52 6.54 51.51
CA MET E 1 17.75 6.75 50.05
C MET E 1 16.55 7.49 49.48
N THR E 2 16.30 8.68 50.02
CA THR E 2 15.07 9.41 49.71
C THR E 2 15.03 9.81 48.24
N ALA E 3 13.83 9.82 47.68
CA ALA E 3 13.63 10.20 46.30
C ALA E 3 13.72 11.72 46.14
N ILE E 4 13.85 12.15 44.89
CA ILE E 4 13.84 13.58 44.59
C ILE E 4 12.47 14.15 44.87
N ALA E 5 12.40 15.49 44.92
CA ALA E 5 11.17 16.19 45.28
C ALA E 5 10.86 17.33 44.32
N ASN E 6 11.27 17.25 43.06
CA ASN E 6 10.95 18.27 42.07
C ASN E 6 10.85 17.64 40.71
N ARG E 7 10.14 18.33 39.81
CA ARG E 7 10.02 17.88 38.43
C ARG E 7 11.03 18.62 37.56
N TYR E 8 11.59 17.90 36.59
CA TYR E 8 12.71 18.40 35.79
C TYR E 8 12.44 18.26 34.31
N GLU E 9 13.12 19.09 33.53
CA GLU E 9 13.24 18.93 32.09
C GLU E 9 14.60 19.45 31.67
N PHE E 10 15.10 18.97 30.52
CA PHE E 10 16.41 19.38 30.07
C PHE E 10 16.52 19.23 28.56
N VAL E 11 17.50 19.81 27.96
CA VAL E 11 17.85 19.87 26.60
C VAL E 11 19.33 19.67 26.38
N LEU E 12 19.76 18.87 25.46
CA LEU E 12 21.08 18.48 25.14
C LEU E 12 21.43 18.67 23.69
N LEU E 13 22.57 19.15 23.34
CA LEU E 13 23.12 19.39 22.07
C LEU E 13 24.40 18.64 21.80
N PHE E 14 24.60 18.05 20.68
CA PHE E 14 25.74 17.35 20.25
C PHE E 14 25.88 17.29 18.75
N ASP E 15 27.03 17.07 18.22
CA ASP E 15 27.41 17.06 16.87
C ASP E 15 28.42 15.99 16.51
N VAL E 16 28.62 15.68 15.28
CA VAL E 16 29.45 14.71 14.70
C VAL E 16 30.24 15.24 13.54
N GLU E 17 31.37 14.72 13.21
CA GLU E 17 32.24 15.00 12.13
C GLU E 17 32.78 13.78 11.45
N ASN E 18 32.56 13.55 10.20
CA ASN E 18 33.12 12.50 9.43
C ASN E 18 32.95 11.17 10.14
N GLY E 19 31.77 10.74 10.42
CA GLY E 19 31.41 9.60 11.08
C GLY E 19 30.05 9.08 10.93
N ASN E 20 29.76 7.89 11.44
CA ASN E 20 28.41 7.33 11.45
C ASN E 20 27.87 7.30 12.89
N PRO E 21 26.86 8.12 13.24
CA PRO E 21 26.40 8.22 14.61
C PRO E 21 25.51 7.04 15.03
N ASN E 22 24.69 6.51 14.13
CA ASN E 22 23.86 5.33 14.37
C ASN E 22 23.52 4.70 13.02
N GLY E 23 24.15 3.57 12.68
CA GLY E 23 23.76 2.83 11.50
C GLY E 23 22.57 1.97 11.84
N ASP E 24 21.44 2.11 11.16
CA ASP E 24 20.27 1.29 11.53
C ASP E 24 20.15 0.09 10.59
N PRO E 25 19.95 -1.13 11.12
CA PRO E 25 20.38 -2.40 10.52
C PRO E 25 19.44 -2.94 9.44
N ASP E 26 18.91 -2.05 8.58
CA ASP E 26 17.89 -2.40 7.60
C ASP E 26 18.04 -1.64 6.26
N ALA E 27 19.20 -1.04 6.04
CA ALA E 27 19.57 -0.31 4.83
C ALA E 27 21.09 -0.39 4.65
N GLY E 28 21.60 -1.60 4.44
CA GLY E 28 23.02 -1.88 4.62
C GLY E 28 23.39 -1.61 6.06
N ASN E 29 24.18 -0.56 6.29
CA ASN E 29 24.32 0.03 7.62
C ASN E 29 24.32 1.56 7.57
N MET E 30 23.56 2.14 6.64
CA MET E 30 23.48 3.58 6.44
C MET E 30 23.00 4.31 7.70
N PRO E 31 23.44 5.56 7.95
CA PRO E 31 22.93 6.38 9.03
C PRO E 31 21.44 6.65 8.87
N ARG E 32 20.66 6.59 9.95
CA ARG E 32 19.19 6.69 9.90
C ARG E 32 18.72 8.11 9.56
N ILE E 33 17.72 8.25 8.68
CA ILE E 33 17.11 9.54 8.27
C ILE E 33 15.59 9.50 8.21
N ASP E 34 14.94 10.66 8.31
CA ASP E 34 13.54 10.89 7.99
C ASP E 34 13.34 10.83 6.47
N PRO E 35 12.56 9.89 5.94
CA PRO E 35 12.52 9.59 4.51
C PRO E 35 11.76 10.62 3.68
N GLU E 36 11.00 11.53 4.29
CA GLU E 36 10.26 12.57 3.58
C GLU E 36 11.03 13.89 3.53
N THR E 37 11.82 14.19 4.54
CA THR E 37 12.42 15.52 4.75
C THR E 37 13.94 15.52 4.82
N GLY E 38 14.60 14.37 5.01
CA GLY E 38 16.05 14.27 4.96
C GLY E 38 16.80 14.77 6.20
N HIS E 39 16.12 15.06 7.30
CA HIS E 39 16.78 15.24 8.60
C HIS E 39 17.24 13.90 9.17
N GLY E 40 18.34 13.88 9.91
CA GLY E 40 18.88 12.69 10.55
C GLY E 40 18.22 12.39 11.88
N LEU E 41 18.25 11.13 12.31
CA LEU E 41 17.65 10.66 13.56
C LEU E 41 18.63 9.79 14.36
N VAL E 42 18.54 9.81 15.69
CA VAL E 42 19.22 8.84 16.55
C VAL E 42 18.26 8.33 17.61
N THR E 43 18.25 7.01 17.88
CA THR E 43 17.38 6.43 18.89
C THR E 43 17.92 6.63 20.30
N ASP E 44 17.02 6.76 21.25
CA ASP E 44 17.27 6.88 22.64
C ASP E 44 17.99 5.69 23.19
N VAL E 45 17.78 4.53 22.65
CA VAL E 45 18.34 3.30 23.03
C VAL E 45 19.84 3.35 23.01
N CYS E 46 20.40 3.90 21.98
CA CYS E 46 21.79 4.11 21.79
C CYS E 46 22.38 4.92 22.92
N LEU E 47 21.79 6.03 23.24
CA LEU E 47 22.16 6.92 24.27
C LEU E 47 22.18 6.24 25.61
N LYS E 48 21.16 5.53 25.94
CA LYS E 48 21.01 4.78 27.13
C LYS E 48 22.08 3.74 27.28
N ARG E 49 22.39 3.03 26.23
CA ARG E 49 23.48 2.13 26.12
C ARG E 49 24.76 2.77 26.54
N LYS E 50 25.07 3.89 25.97
CA LYS E 50 26.22 4.67 26.24
C LYS E 50 26.34 5.01 27.70
N ILE E 51 25.24 5.50 28.25
CA ILE E 51 25.22 5.92 29.66
C ILE E 51 25.51 4.71 30.55
N ARG E 52 24.89 3.58 30.24
CA ARG E 52 25.15 2.36 30.99
C ARG E 52 26.64 2.05 30.97
N ASN E 53 27.28 2.11 29.86
CA ASN E 53 28.66 1.90 29.66
C ASN E 53 29.50 2.78 30.53
N HIS E 54 29.17 4.08 30.50
CA HIS E 54 29.93 5.04 31.28
C HIS E 54 29.83 4.75 32.77
N VAL E 55 28.62 4.44 33.24
CA VAL E 55 28.46 4.14 34.66
C VAL E 55 29.26 2.92 35.04
N ALA E 56 29.20 1.87 34.23
CA ALA E 56 29.97 0.66 34.51
C ALA E 56 31.45 0.99 34.60
N LEU E 57 31.95 1.76 33.63
CA LEU E 57 33.37 2.10 33.62
C LEU E 57 33.76 2.89 34.86
N THR E 58 32.99 3.92 35.20
CA THR E 58 33.40 4.83 36.25
C THR E 58 33.26 4.22 37.65
N LYS E 59 32.14 3.57 37.93
CA LYS E 59 31.93 3.05 39.28
C LYS E 59 32.67 1.75 39.55
N GLU E 60 33.02 1.00 38.50
CA GLU E 60 33.78 -0.23 38.66
C GLU E 60 33.04 -1.23 39.55
N GLY E 61 31.73 -1.33 39.35
CA GLY E 61 30.94 -2.34 40.02
C GLY E 61 30.71 -2.12 41.49
N ALA E 62 30.75 -0.87 41.96
CA ALA E 62 30.46 -0.60 43.37
C ALA E 62 29.09 -1.14 43.74
N GLU E 63 28.90 -1.38 45.04
CA GLU E 63 27.67 -2.00 45.50
C GLU E 63 26.47 -1.11 45.22
N ARG E 64 25.37 -1.72 44.81
CA ARG E 64 24.13 -1.05 44.46
C ARG E 64 24.27 -0.20 43.21
N PHE E 65 25.34 -0.40 42.45
CA PHE E 65 25.54 0.26 41.16
C PHE E 65 25.79 -0.73 40.04
N ASN E 66 25.40 -1.99 40.23
CA ASN E 66 25.52 -2.97 39.18
C ASN E 66 24.56 -2.67 38.05
N ILE E 67 24.87 -3.21 36.87
CA ILE E 67 24.04 -3.03 35.69
C ILE E 67 23.45 -4.37 35.31
N TYR E 68 22.15 -4.38 35.02
CA TYR E 68 21.41 -5.61 34.85
C TYR E 68 21.64 -6.20 33.45
N ILE E 69 21.61 -5.44 32.41
CA ILE E 69 21.80 -5.79 31.06
C ILE E 69 23.26 -5.84 30.70
N GLN E 70 23.97 -6.91 31.05
CA GLN E 70 25.34 -7.07 30.61
C GLN E 70 25.38 -7.91 29.33
N GLU E 71 26.43 -7.84 28.60
CA GLU E 71 26.63 -8.42 27.32
C GLU E 71 26.38 -9.91 27.36
N LYS E 72 25.62 -10.47 26.49
CA LYS E 72 25.35 -11.86 26.33
C LYS E 72 25.02 -12.53 27.64
N ALA E 73 24.36 -11.81 28.54
CA ALA E 73 23.91 -12.40 29.79
C ALA E 73 22.66 -13.26 29.55
N ILE E 74 22.14 -13.82 30.64
CA ILE E 74 20.86 -14.51 30.62
C ILE E 74 20.01 -13.92 31.73
N LEU E 75 18.84 -13.47 31.45
CA LEU E 75 17.96 -12.70 32.26
C LEU E 75 17.12 -13.52 33.22
N ASN E 76 16.56 -14.59 32.77
CA ASN E 76 15.77 -15.48 33.53
C ASN E 76 16.50 -15.92 34.78
N GLU E 77 17.80 -16.19 34.62
CA GLU E 77 18.60 -16.58 35.78
C GLU E 77 18.75 -15.44 36.77
N THR E 78 18.86 -14.20 36.30
CA THR E 78 18.90 -13.07 37.22
C THR E 78 17.58 -12.92 37.97
N HIS E 79 16.47 -13.12 37.34
CA HIS E 79 15.17 -13.16 37.91
C HIS E 79 15.10 -14.19 39.00
N GLU E 80 15.61 -15.38 38.68
CA GLU E 80 15.66 -16.46 39.65
C GLU E 80 16.53 -16.09 40.85
N ARG E 81 17.65 -15.44 40.60
CA ARG E 81 18.52 -15.01 41.68
C ARG E 81 17.81 -14.02 42.59
N ALA E 82 17.06 -13.09 42.01
CA ALA E 82 16.25 -12.18 42.82
C ALA E 82 15.23 -12.96 43.64
N TYR E 83 14.57 -13.93 43.00
CA TYR E 83 13.59 -14.75 43.69
C TYR E 83 14.21 -15.42 44.92
N THR E 84 15.37 -16.04 44.73
CA THR E 84 16.05 -16.72 45.83
C THR E 84 16.53 -15.73 46.89
N ALA E 85 16.94 -14.53 46.46
CA ALA E 85 17.37 -13.51 47.41
C ALA E 85 16.22 -13.13 48.34
N CYS E 86 15.02 -12.92 47.79
CA CYS E 86 13.84 -12.73 48.61
C CYS E 86 13.30 -14.05 49.14
N ASP E 87 13.95 -15.16 48.79
CA ASP E 87 13.68 -16.47 49.38
C ASP E 87 12.37 -17.08 48.86
N LEU E 88 12.07 -16.87 47.59
CA LEU E 88 10.94 -17.52 46.92
C LEU E 88 11.42 -18.16 45.63
N LYS E 89 10.57 -19.03 45.08
CA LYS E 89 10.77 -19.58 43.76
C LYS E 89 9.67 -19.08 42.82
N PRO E 90 9.96 -18.97 41.53
CA PRO E 90 9.00 -18.36 40.61
C PRO E 90 7.92 -19.34 40.17
N GLU E 91 6.75 -18.79 39.92
CA GLU E 91 5.79 -19.56 39.13
C GLU E 91 6.13 -19.41 37.65
N PRO E 92 5.91 -20.44 36.84
CA PRO E 92 6.43 -20.40 35.46
C PRO E 92 6.00 -19.17 34.66
N LYS E 93 4.95 -18.49 35.01
CA LYS E 93 4.40 -17.38 34.35
C LYS E 93 4.01 -16.16 35.16
N LYS E 94 3.87 -16.29 36.48
CA LYS E 94 3.27 -15.23 37.27
C LYS E 94 4.07 -14.99 38.55
N LEU E 95 3.91 -13.78 39.09
CA LEU E 95 4.56 -13.41 40.34
C LEU E 95 3.93 -14.16 41.52
N PRO E 96 4.61 -14.20 42.66
CA PRO E 96 4.04 -14.90 43.82
C PRO E 96 2.70 -14.31 44.21
N LYS E 97 1.77 -15.18 44.62
CA LYS E 97 0.45 -14.72 45.02
C LYS E 97 0.52 -13.89 46.30
N LYS E 98 1.49 -14.17 47.16
CA LYS E 98 1.72 -13.35 48.34
C LYS E 98 2.27 -12.01 47.88
N VAL E 99 1.54 -10.93 48.19
CA VAL E 99 1.94 -9.60 47.72
C VAL E 99 3.32 -9.25 48.26
N GLU E 100 3.59 -9.61 49.52
CA GLU E 100 4.86 -9.23 50.12
C GLU E 100 6.05 -9.86 49.42
N ASP E 101 5.91 -11.11 48.97
CA ASP E 101 7.03 -11.76 48.28
C ASP E 101 7.33 -11.06 46.96
N ALA E 102 6.30 -10.71 46.20
CA ALA E 102 6.52 -9.97 44.96
C ALA E 102 7.14 -8.60 45.25
N LYS E 103 6.66 -7.92 46.29
CA LYS E 103 7.24 -6.64 46.66
C LYS E 103 8.70 -6.81 47.02
N ARG E 104 9.04 -7.89 47.73
CA ARG E 104 10.42 -8.09 48.15
C ARG E 104 11.33 -8.38 46.96
N VAL E 105 10.89 -9.24 46.04
CA VAL E 105 11.73 -9.52 44.88
C VAL E 105 11.92 -8.24 44.05
N THR E 106 10.84 -7.48 43.84
CA THR E 106 10.95 -6.26 43.06
C THR E 106 11.85 -5.25 43.75
N ASP E 107 11.70 -5.09 45.07
CA ASP E 107 12.49 -4.12 45.80
C ASP E 107 13.96 -4.51 45.83
N TRP E 108 14.23 -5.81 45.96
CA TRP E 108 15.60 -6.29 45.89
C TRP E 108 16.21 -5.96 44.53
N MET E 109 15.50 -6.29 43.45
CA MET E 109 16.00 -5.98 42.12
C MET E 109 16.27 -4.49 41.97
N CYS E 110 15.31 -3.65 42.37
CA CYS E 110 15.49 -2.21 42.25
C CYS E 110 16.70 -1.75 43.06
N THR E 111 16.81 -2.25 44.30
CA THR E 111 17.89 -1.83 45.17
C THR E 111 19.26 -2.17 44.60
N ASN E 112 19.39 -3.32 43.94
CA ASN E 112 20.71 -3.79 43.52
C ASN E 112 21.16 -3.25 42.18
N PHE E 113 20.26 -3.06 41.22
CA PHE E 113 20.64 -2.72 39.86
C PHE E 113 20.33 -1.25 39.60
N TYR E 114 21.37 -0.48 39.27
CA TYR E 114 21.21 0.95 39.07
C TYR E 114 20.32 1.25 37.87
N ASP E 115 20.54 0.56 36.76
CA ASP E 115 19.80 0.88 35.54
C ASP E 115 18.33 0.57 35.68
N ILE E 116 17.98 -0.49 36.41
CA ILE E 116 16.57 -0.76 36.69
C ILE E 116 15.97 0.38 37.48
N ARG E 117 16.72 0.88 38.47
CA ARG E 117 16.25 1.96 39.31
C ARG E 117 16.00 3.24 38.53
N THR E 118 16.54 3.35 37.32
CA THR E 118 16.51 4.59 36.56
C THR E 118 15.62 4.53 35.32
N PHE E 119 15.59 3.38 34.64
CA PHE E 119 14.86 3.25 33.40
C PHE E 119 13.73 2.24 33.43
N GLY E 120 13.71 1.33 34.40
CA GLY E 120 12.71 0.29 34.43
C GLY E 120 13.05 -0.86 33.50
N ALA E 121 12.20 -1.88 33.52
CA ALA E 121 12.43 -3.06 32.71
C ALA E 121 11.16 -3.89 32.64
N VAL E 122 11.06 -4.78 31.71
CA VAL E 122 10.04 -5.72 31.44
C VAL E 122 10.52 -7.08 31.87
N MET E 123 10.30 -7.49 33.08
CA MET E 123 10.67 -8.70 33.72
C MET E 123 9.60 -9.76 33.71
N THR E 124 8.69 -9.78 32.80
CA THR E 124 7.55 -10.62 32.68
C THR E 124 7.83 -11.96 32.03
N THR E 125 9.02 -12.42 31.98
CA THR E 125 9.49 -13.62 31.41
C THR E 125 9.00 -14.80 32.23
N GLU E 126 9.40 -15.99 31.94
CA GLU E 126 9.08 -17.19 32.63
C GLU E 126 9.23 -17.01 34.13
N VAL E 127 10.34 -16.51 34.56
CA VAL E 127 10.67 -16.13 35.87
C VAL E 127 10.09 -14.76 36.14
N ASN E 128 8.79 -14.68 36.41
CA ASN E 128 8.11 -13.39 36.45
C ASN E 128 8.53 -12.62 37.69
N CYS E 129 9.08 -11.42 37.48
CA CYS E 129 9.43 -10.53 38.58
C CYS E 129 8.70 -9.19 38.48
N GLY E 130 7.80 -9.03 37.51
CA GLY E 130 6.97 -7.84 37.42
C GLY E 130 7.40 -6.85 36.35
N GLN E 131 7.00 -5.63 36.44
CA GLN E 131 7.25 -4.52 35.60
C GLN E 131 7.67 -3.29 36.35
N VAL E 132 8.40 -2.40 35.68
CA VAL E 132 8.76 -1.10 36.23
C VAL E 132 8.66 -0.08 35.11
N ARG E 133 8.25 1.12 35.38
CA ARG E 133 8.03 2.18 34.48
C ARG E 133 9.19 3.12 34.27
N GLY E 134 9.96 3.36 35.33
CA GLY E 134 11.17 4.15 35.21
C GLY E 134 10.89 5.64 35.26
N PRO E 135 11.61 6.37 36.11
CA PRO E 135 11.32 7.81 36.23
C PRO E 135 11.94 8.67 35.14
N VAL E 136 13.00 8.21 34.48
CA VAL E 136 13.71 9.02 33.50
C VAL E 136 13.34 8.54 32.11
N GLN E 137 13.05 9.48 31.21
CA GLN E 137 12.63 9.17 29.85
C GLN E 137 13.32 10.12 28.89
N MET E 138 13.46 9.76 27.66
CA MET E 138 14.04 10.44 26.58
C MET E 138 13.33 10.23 25.27
N ALA E 139 13.32 11.17 24.38
CA ALA E 139 12.78 11.18 23.08
C ALA E 139 13.83 11.02 22.01
N PHE E 140 13.46 10.89 20.78
CA PHE E 140 14.28 10.78 19.65
C PHE E 140 15.08 12.03 19.42
N ALA E 141 16.31 11.96 19.06
CA ALA E 141 17.17 13.00 18.63
C ALA E 141 16.96 13.32 17.18
N ARG E 142 16.82 14.59 16.82
CA ARG E 142 16.61 15.02 15.44
C ARG E 142 17.57 16.14 15.12
N SER E 143 18.16 16.10 13.94
CA SER E 143 19.03 17.05 13.38
C SER E 143 18.32 18.35 13.12
N VAL E 144 18.99 19.46 13.15
CA VAL E 144 18.50 20.76 12.90
C VAL E 144 18.27 21.06 11.45
N GLU E 145 19.03 20.49 10.57
CA GLU E 145 19.11 20.69 9.18
C GLU E 145 19.23 19.41 8.41
N PRO E 146 18.87 19.38 7.13
CA PRO E 146 19.07 18.19 6.32
C PRO E 146 20.50 17.75 6.25
N VAL E 147 20.69 16.44 6.12
CA VAL E 147 22.01 15.80 6.01
C VAL E 147 22.10 15.07 4.68
N VAL E 148 23.29 15.02 4.11
CA VAL E 148 23.64 14.44 2.86
C VAL E 148 24.69 13.37 3.00
N PRO E 149 24.37 12.14 3.44
CA PRO E 149 25.39 11.15 3.71
C PRO E 149 26.19 10.79 2.46
N GLN E 150 27.47 10.48 2.64
CA GLN E 150 28.39 10.10 1.58
C GLN E 150 28.94 8.70 1.85
N GLU E 151 29.17 7.93 0.80
CA GLU E 151 29.78 6.60 0.90
C GLU E 151 31.19 6.60 0.30
N VAL E 152 32.15 5.98 0.99
CA VAL E 152 33.55 5.96 0.61
C VAL E 152 33.96 4.53 0.35
N SER E 153 34.45 4.23 -0.85
CA SER E 153 35.02 2.91 -1.16
C SER E 153 36.43 2.79 -0.62
N ILE E 154 36.76 1.60 -0.10
CA ILE E 154 38.08 1.26 0.44
C ILE E 154 38.48 -0.12 -0.08
N THR E 155 39.75 -0.48 0.02
CA THR E 155 40.24 -1.78 -0.48
C THR E 155 41.21 -2.42 0.48
N ARG E 156 41.37 -3.74 0.41
CA ARG E 156 42.27 -4.49 1.28
C ARG E 156 43.31 -5.21 0.44
N MET E 157 44.58 -4.97 0.74
CA MET E 157 45.72 -5.46 -0.02
C MET E 157 45.92 -6.96 0.21
N ALA E 158 45.85 -7.40 1.46
CA ALA E 158 45.86 -8.81 1.85
C ALA E 158 44.59 -9.56 1.42
N VAL E 159 44.64 -10.89 1.40
CA VAL E 159 43.60 -11.73 0.78
C VAL E 159 42.88 -12.60 1.80
N THR E 160 41.54 -12.62 1.78
CA THR E 160 40.75 -13.22 2.88
C THR E 160 40.84 -14.74 2.93
N THR E 161 40.53 -15.39 1.80
CA THR E 161 40.32 -16.84 1.67
C THR E 161 40.77 -17.29 0.27
N LYS E 162 41.22 -18.53 0.14
CA LYS E 162 41.82 -19.07 -1.09
C LYS E 162 40.77 -19.33 -2.18
N ALA E 163 41.02 -18.87 -3.40
CA ALA E 163 40.29 -19.06 -4.61
C ALA E 163 41.18 -19.12 -5.82
N GLU E 164 40.65 -19.10 -7.01
CA GLU E 164 41.32 -19.08 -8.24
C GLU E 164 42.29 -17.93 -8.37
N ALA E 165 41.89 -16.72 -7.98
CA ALA E 165 42.67 -15.48 -8.10
C ALA E 165 43.15 -14.95 -6.74
N GLU E 166 43.13 -15.80 -5.71
CA GLU E 166 43.28 -15.44 -4.30
C GLU E 166 44.14 -16.46 -3.54
N ASP E 171 45.83 -12.85 -5.36
CA ASP E 171 45.74 -11.71 -4.44
C ASP E 171 44.58 -10.73 -4.72
N ASN E 172 43.61 -11.08 -5.58
CA ASN E 172 42.62 -10.14 -6.14
C ASN E 172 41.91 -9.30 -5.06
N ARG E 173 42.18 -7.99 -5.03
CA ARG E 173 41.75 -7.11 -3.93
C ARG E 173 40.23 -6.93 -3.88
N THR E 174 39.66 -7.10 -2.70
CA THR E 174 38.27 -6.75 -2.43
C THR E 174 38.07 -5.24 -2.37
N MET E 175 36.87 -4.76 -2.65
CA MET E 175 36.43 -3.41 -2.27
C MET E 175 35.42 -3.52 -1.13
N GLY E 176 35.70 -2.87 -0.01
CA GLY E 176 34.76 -2.60 1.06
C GLY E 176 34.21 -1.18 0.96
N ARG E 177 33.42 -0.76 1.95
CA ARG E 177 32.82 0.58 1.99
C ARG E 177 32.69 1.15 3.39
N LYS E 178 32.64 2.48 3.48
CA LYS E 178 32.26 3.25 4.65
C LYS E 178 31.17 4.23 4.30
N HIS E 179 30.25 4.46 5.22
CA HIS E 179 29.19 5.46 5.12
C HIS E 179 29.49 6.52 6.17
N ILE E 180 29.44 7.80 5.81
CA ILE E 180 29.77 8.90 6.73
C ILE E 180 28.82 10.08 6.56
N VAL E 181 28.67 10.83 7.64
CA VAL E 181 28.07 12.15 7.63
C VAL E 181 29.20 13.18 7.70
N PRO E 182 29.29 14.16 6.80
CA PRO E 182 30.25 15.25 6.90
C PRO E 182 30.17 16.04 8.17
N TYR E 183 29.03 16.58 8.47
CA TYR E 183 28.71 17.35 9.60
C TYR E 183 27.24 17.34 9.94
N GLY E 184 26.86 17.42 11.16
CA GLY E 184 25.59 17.50 11.69
C GLY E 184 25.38 17.87 13.11
N LEU E 185 24.31 18.45 13.51
CA LEU E 185 23.95 18.96 14.78
C LEU E 185 22.62 18.45 15.25
N TYR E 186 22.53 17.96 16.48
CA TYR E 186 21.36 17.25 17.00
C TYR E 186 20.87 17.85 18.31
N VAL E 187 19.59 17.66 18.58
CA VAL E 187 18.82 18.10 19.68
C VAL E 187 18.04 16.98 20.33
N ALA E 188 17.93 16.90 21.61
CA ALA E 188 17.28 15.94 22.40
C ALA E 188 16.50 16.50 23.56
N HIS E 189 15.47 15.88 24.01
CA HIS E 189 14.60 16.17 25.09
C HIS E 189 14.55 15.09 26.13
N GLY E 190 14.21 15.44 27.37
CA GLY E 190 14.07 14.45 28.42
C GLY E 190 13.22 14.97 29.56
N PHE E 191 12.82 14.06 30.43
CA PHE E 191 11.94 14.38 31.55
C PHE E 191 12.30 13.53 32.75
N ILE E 192 11.94 14.02 33.94
CA ILE E 192 12.06 13.28 35.19
C ILE E 192 10.83 13.58 36.02
N SER E 193 10.27 12.55 36.65
CA SER E 193 9.03 12.68 37.41
C SER E 193 9.23 12.19 38.83
N ALA E 194 8.91 13.04 39.80
CA ALA E 194 9.06 12.66 41.20
C ALA E 194 8.14 11.52 41.61
N PRO E 195 6.86 11.50 41.27
CA PRO E 195 5.98 10.43 41.78
C PRO E 195 6.49 9.04 41.46
N LEU E 196 6.96 8.81 40.24
CA LEU E 196 7.55 7.51 39.93
C LEU E 196 8.81 7.26 40.74
N ALA E 197 9.66 8.27 40.89
CA ALA E 197 10.87 8.11 41.68
C ALA E 197 10.53 7.65 43.09
N GLU E 198 9.41 8.11 43.63
CA GLU E 198 9.02 7.69 44.98
C GLU E 198 8.81 6.19 45.05
N LYS E 199 8.47 5.56 43.93
CA LYS E 199 8.25 4.12 43.92
C LYS E 199 9.53 3.30 43.87
N THR E 200 10.67 3.93 43.56
CA THR E 200 11.92 3.22 43.42
C THR E 200 13.08 3.76 44.24
N GLY E 201 12.92 4.91 44.89
CA GLY E 201 14.00 5.46 45.68
C GLY E 201 15.08 6.12 44.87
N PHE E 202 14.77 6.61 43.68
CA PHE E 202 15.75 7.30 42.86
C PHE E 202 16.20 8.58 43.55
N SER E 203 17.42 8.58 44.08
CA SER E 203 17.89 9.66 44.93
C SER E 203 18.68 10.70 44.14
N ASP E 204 18.90 11.85 44.78
CA ASP E 204 19.56 12.96 44.10
C ASP E 204 21.01 12.69 43.78
N GLU E 205 21.70 11.89 44.61
CA GLU E 205 23.06 11.52 44.26
C GLU E 205 23.10 10.78 42.93
N ASP E 206 22.12 9.92 42.69
CA ASP E 206 21.99 9.31 41.38
C ASP E 206 21.80 10.38 40.33
N LEU E 207 21.09 11.45 40.66
CA LEU E 207 20.87 12.52 39.70
C LEU E 207 22.18 13.22 39.34
N THR E 208 23.04 13.47 40.33
CA THR E 208 24.33 14.09 40.05
C THR E 208 25.19 13.16 39.20
N LEU E 209 25.23 11.89 39.55
CA LEU E 209 25.96 10.93 38.73
C LEU E 209 25.42 10.92 37.30
N PHE E 210 24.11 11.05 37.15
CA PHE E 210 23.49 11.05 35.83
C PHE E 210 23.94 12.27 35.03
N TRP E 211 23.91 13.44 35.65
CA TRP E 211 24.42 14.63 34.97
C TRP E 211 25.86 14.41 34.52
N ASP E 212 26.71 13.96 35.44
CA ASP E 212 28.12 13.76 35.12
C ASP E 212 28.28 12.84 33.94
N ALA E 213 27.63 11.68 33.96
CA ALA E 213 27.73 10.75 32.86
C ALA E 213 27.25 11.38 31.57
N LEU E 214 26.18 12.17 31.65
CA LEU E 214 25.61 12.75 30.45
C LEU E 214 26.55 13.75 29.80
N VAL E 215 27.35 14.46 30.60
CA VAL E 215 28.23 15.47 30.02
C VAL E 215 29.50 14.82 29.46
N ASN E 216 29.97 13.74 30.07
CA ASN E 216 31.20 13.09 29.65
C ASN E 216 30.98 11.87 28.78
N MET E 217 29.83 11.79 28.12
CA MET E 217 29.40 10.51 27.55
C MET E 217 30.36 10.03 26.47
N PHE E 218 30.64 10.80 25.47
CA PHE E 218 31.29 10.47 24.26
C PHE E 218 32.77 10.22 24.37
N GLU E 219 33.36 10.53 25.52
CA GLU E 219 34.82 10.56 25.61
C GLU E 219 35.46 9.19 25.72
N HIS E 220 34.69 8.12 25.91
CA HIS E 220 35.27 6.80 26.15
C HIS E 220 35.01 5.80 25.03
N ASP E 221 34.28 6.09 24.01
CA ASP E 221 33.82 5.24 22.98
C ASP E 221 34.37 5.53 21.61
N ARG E 222 35.56 5.99 21.46
CA ARG E 222 36.26 6.17 20.26
C ARG E 222 36.37 4.88 19.50
N SER E 223 36.15 4.83 18.24
CA SER E 223 36.21 3.71 17.38
C SER E 223 36.55 4.07 15.96
N ALA E 224 36.80 3.13 15.12
CA ALA E 224 37.15 3.27 13.76
C ALA E 224 36.11 4.00 12.97
N ALA E 225 34.87 3.66 13.10
CA ALA E 225 33.75 4.09 12.36
C ALA E 225 33.03 5.28 12.91
N ARG E 226 33.15 5.60 14.16
CA ARG E 226 32.40 6.56 14.87
C ARG E 226 32.85 7.99 14.66
N GLY E 227 33.99 8.23 14.12
CA GLY E 227 34.48 9.49 13.96
C GLY E 227 34.65 10.28 15.19
N LEU E 228 34.41 11.55 15.19
CA LEU E 228 34.51 12.51 16.23
C LEU E 228 33.18 13.05 16.67
N MET E 229 32.77 12.90 17.89
CA MET E 229 31.57 13.32 18.50
C MET E 229 31.80 14.04 19.80
N SER E 230 31.04 15.04 20.12
CA SER E 230 31.13 15.87 21.26
C SER E 230 29.83 16.47 21.68
N SER E 231 29.66 16.87 22.90
CA SER E 231 28.59 17.54 23.52
C SER E 231 28.87 19.01 23.70
N ARG E 232 27.96 19.89 23.44
CA ARG E 232 28.05 21.29 23.37
C ARG E 232 27.30 22.10 24.40
N LYS E 233 26.11 21.76 24.73
CA LYS E 233 25.20 22.46 25.56
C LYS E 233 24.36 21.59 26.44
N LEU E 234 23.95 22.09 27.60
CA LEU E 234 23.05 21.37 28.49
C LEU E 234 22.30 22.41 29.32
N ILE E 235 20.97 22.39 29.23
CA ILE E 235 20.11 23.29 29.97
C ILE E 235 19.09 22.46 30.74
N VAL E 236 18.86 22.80 32.00
CA VAL E 236 17.93 22.09 32.86
C VAL E 236 16.94 23.07 33.44
N PHE E 237 15.66 22.70 33.41
CA PHE E 237 14.60 23.45 34.04
C PHE E 237 14.14 22.73 35.29
N LYS E 238 14.05 23.45 36.40
CA LYS E 238 13.69 22.88 37.68
C LYS E 238 12.39 23.52 38.17
N HIS E 239 11.34 22.73 38.26
CA HIS E 239 10.08 23.20 38.83
C HIS E 239 10.20 23.31 40.34
N GLN E 240 9.46 24.23 40.91
CA GLN E 240 9.48 24.45 42.35
C GLN E 240 8.50 23.60 43.09
N ASN E 241 7.90 22.60 42.44
CA ASN E 241 6.88 21.79 43.07
C ASN E 241 6.94 20.38 42.50
N ARG E 242 6.48 19.42 43.30
CA ARG E 242 6.44 18.03 42.84
C ARG E 242 5.61 17.87 41.58
N LEU E 243 4.70 18.79 41.32
CA LEU E 243 3.96 18.85 40.06
C LEU E 243 4.32 20.15 39.37
N GLY E 244 4.39 20.10 38.04
CA GLY E 244 4.93 21.22 37.29
C GLY E 244 4.18 22.51 37.53
N ASN E 245 4.70 23.58 36.93
CA ASN E 245 4.08 24.90 36.98
C ASN E 245 3.82 25.49 35.61
N ALA E 246 4.26 24.83 34.55
CA ALA E 246 4.05 25.32 33.19
C ALA E 246 4.11 24.14 32.23
N PRO E 247 3.50 24.27 31.06
CA PRO E 247 3.56 23.18 30.07
C PRO E 247 4.99 22.98 29.57
N ALA E 248 5.30 21.73 29.21
CA ALA E 248 6.65 21.42 28.75
C ALA E 248 6.96 22.13 27.44
N HIS E 249 6.02 22.14 26.49
CA HIS E 249 6.32 22.67 25.17
C HIS E 249 6.71 24.14 25.24
N LYS E 250 6.10 24.90 26.16
CA LYS E 250 6.47 26.30 26.30
C LYS E 250 7.93 26.43 26.71
N LEU E 251 8.39 25.60 27.64
CA LEU E 251 9.78 25.68 28.07
C LEU E 251 10.73 25.41 26.92
N PHE E 252 10.49 24.34 26.16
CA PHE E 252 11.40 24.00 25.08
C PHE E 252 11.47 25.10 24.04
N ASP E 253 10.46 25.95 23.96
CA ASP E 253 10.48 27.04 23.00
C ASP E 253 11.38 28.18 23.43
N LEU E 254 11.89 28.16 24.66
CA LEU E 254 12.72 29.26 25.15
C LEU E 254 14.11 29.23 24.53
N VAL E 255 14.52 28.10 23.95
CA VAL E 255 15.85 27.93 23.39
C VAL E 255 15.75 27.85 21.88
N LYS E 256 16.45 28.74 21.19
CA LYS E 256 16.42 28.82 19.74
C LYS E 256 17.83 28.68 19.18
N VAL E 257 17.97 28.10 18.03
CA VAL E 257 19.14 27.86 17.27
C VAL E 257 18.96 28.27 15.84
N SER E 258 19.94 28.97 15.26
CA SER E 258 19.78 29.48 13.91
C SER E 258 21.15 29.71 13.29
N ARG E 259 21.13 30.03 12.01
CA ARG E 259 22.36 30.31 11.28
C ARG E 259 23.12 31.46 11.93
N ALA E 260 24.43 31.26 12.12
CA ALA E 260 25.28 32.38 12.49
C ALA E 260 25.43 33.32 11.32
N GLU E 261 25.48 34.61 11.60
CA GLU E 261 25.56 35.60 10.54
C GLU E 261 26.85 35.43 9.74
N GLY E 262 26.73 35.53 8.42
CA GLY E 262 27.85 35.31 7.53
C GLY E 262 27.96 33.91 6.97
N SER E 263 27.27 32.93 7.55
CA SER E 263 27.30 31.58 7.02
C SER E 263 26.52 31.52 5.71
N SER E 264 27.17 31.02 4.66
CA SER E 264 26.54 30.93 3.35
C SER E 264 26.45 29.49 2.87
N GLY E 265 27.55 28.76 2.94
CA GLY E 265 27.57 27.40 2.49
C GLY E 265 27.00 26.46 3.53
N PRO E 266 26.97 25.17 3.20
CA PRO E 266 26.56 24.17 4.16
C PRO E 266 27.36 24.22 5.43
N ALA E 267 26.77 24.08 6.57
CA ALA E 267 27.37 24.05 7.84
C ALA E 267 28.46 23.04 7.91
N ARG E 268 29.61 23.34 8.42
CA ARG E 268 30.74 22.52 8.61
C ARG E 268 31.42 22.57 9.95
N SER E 269 30.97 23.46 10.84
CA SER E 269 31.54 23.56 12.17
C SER E 269 30.48 24.14 13.10
N PHE E 270 30.61 23.95 14.36
CA PHE E 270 29.78 24.44 15.38
C PHE E 270 29.65 25.94 15.33
N ALA E 271 30.70 26.60 14.85
CA ALA E 271 30.73 28.05 14.83
C ALA E 271 29.76 28.63 13.81
N ASP E 272 29.19 27.82 12.94
CA ASP E 272 28.27 28.34 11.93
C ASP E 272 26.87 28.60 12.48
N TYR E 273 26.54 28.25 13.67
CA TYR E 273 25.32 28.35 14.35
C TYR E 273 25.33 29.35 15.46
N ALA E 274 24.15 29.84 15.86
CA ALA E 274 23.99 30.71 17.01
C ALA E 274 22.86 30.18 17.89
N VAL E 275 23.07 30.21 19.19
CA VAL E 275 22.15 29.63 20.16
C VAL E 275 21.84 30.65 21.24
N THR E 276 20.59 30.73 21.64
CA THR E 276 20.14 31.68 22.66
C THR E 276 19.14 31.02 23.58
N VAL E 277 19.01 31.57 24.78
CA VAL E 277 18.10 31.08 25.80
C VAL E 277 17.25 32.24 26.28
N GLY E 278 15.93 32.03 26.32
CA GLY E 278 15.02 33.07 26.73
C GLY E 278 14.88 33.16 28.24
N GLN E 279 13.87 33.93 28.66
CA GLN E 279 13.61 34.15 30.07
C GLN E 279 12.54 33.18 30.54
N ALA E 280 12.81 32.47 31.64
CA ALA E 280 11.90 31.45 32.11
C ALA E 280 10.73 32.08 32.88
N PRO E 281 9.60 31.38 32.96
CA PRO E 281 8.49 31.87 33.80
C PRO E 281 8.90 31.92 35.27
N GLU E 282 7.99 32.44 36.08
CA GLU E 282 8.28 32.70 37.48
C GLU E 282 8.59 31.43 38.26
N GLY E 283 7.85 30.35 38.03
CA GLY E 283 7.94 29.18 38.87
C GLY E 283 9.01 28.18 38.49
N VAL E 284 9.93 28.54 37.60
CA VAL E 284 10.90 27.62 37.05
C VAL E 284 12.28 28.24 37.12
N GLU E 285 13.28 27.41 37.41
CA GLU E 285 14.67 27.84 37.47
C GLU E 285 15.44 27.24 36.31
N VAL E 286 16.22 28.07 35.63
CA VAL E 286 16.95 27.68 34.43
C VAL E 286 18.44 27.74 34.73
N LYS E 287 19.15 26.65 34.42
CA LYS E 287 20.58 26.55 34.67
C LYS E 287 21.26 26.02 33.42
N GLU E 288 22.52 26.40 33.25
CA GLU E 288 23.35 25.90 32.17
C GLU E 288 24.54 25.15 32.76
N MET E 289 24.43 23.83 32.84
CA MET E 289 25.48 23.01 33.42
C MET E 289 26.65 22.80 32.49
N LEU E 290 26.53 23.20 31.22
CA LEU E 290 27.59 23.02 30.26
C LEU E 290 27.33 23.91 29.04
N MET F 1 49.52 -7.70 31.97
CA MET F 1 49.56 -6.93 30.82
C MET F 1 49.90 -5.47 31.09
N THR F 2 51.18 -5.14 31.25
CA THR F 2 51.56 -3.77 31.54
C THR F 2 51.10 -2.83 30.42
N ALA F 3 50.67 -1.64 30.81
CA ALA F 3 50.10 -0.71 29.84
C ALA F 3 50.43 0.71 30.27
N ILE F 4 50.26 1.63 29.32
CA ILE F 4 50.50 3.04 29.60
C ILE F 4 49.60 3.50 30.73
N ALA F 5 49.98 4.60 31.38
CA ALA F 5 49.31 5.04 32.58
C ALA F 5 48.54 6.35 32.42
N ASN F 6 48.54 6.93 31.23
CA ASN F 6 47.90 8.22 31.02
C ASN F 6 47.10 8.23 29.73
N ARG F 7 46.27 9.26 29.60
CA ARG F 7 45.46 9.46 28.41
C ARG F 7 46.15 10.46 27.48
N TYR F 8 46.21 10.13 26.19
CA TYR F 8 46.96 10.92 25.23
C TYR F 8 46.06 11.39 24.10
N GLU F 9 46.42 12.52 23.51
CA GLU F 9 45.80 13.02 22.30
C GLU F 9 46.82 13.87 21.55
N PHE F 10 46.71 13.92 20.23
CA PHE F 10 47.74 14.55 19.42
C PHE F 10 47.14 15.03 18.11
N VAL F 11 47.89 15.89 17.43
CA VAL F 11 47.54 16.42 16.12
C VAL F 11 48.80 16.45 15.27
N LEU F 12 48.64 16.21 13.97
CA LEU F 12 49.77 16.07 13.06
C LEU F 12 49.51 16.90 11.80
N LEU F 13 50.57 17.48 11.26
CA LEU F 13 50.51 18.26 10.03
C LEU F 13 51.50 17.71 9.01
N PHE F 14 51.10 17.47 7.81
CA PHE F 14 51.83 17.00 6.71
C PHE F 14 51.49 17.71 5.43
N ASP F 15 52.34 17.72 4.45
CA ASP F 15 52.33 18.46 3.26
C ASP F 15 52.58 17.64 2.03
N VAL F 16 52.04 17.97 0.90
CA VAL F 16 52.16 17.39 -0.39
C VAL F 16 52.45 18.41 -1.44
N GLU F 17 53.17 18.10 -2.47
CA GLU F 17 53.60 18.91 -3.55
C GLU F 17 53.67 18.17 -4.85
N ASN F 18 52.89 18.45 -5.84
CA ASN F 18 52.92 17.86 -7.11
C ASN F 18 52.80 16.35 -7.03
N GLY F 19 51.73 15.84 -6.52
CA GLY F 19 51.45 14.51 -6.32
C GLY F 19 50.06 14.09 -6.09
N ASN F 20 49.78 12.84 -5.92
CA ASN F 20 48.56 12.20 -5.65
C ASN F 20 48.56 11.48 -4.33
N PRO F 21 48.11 12.06 -3.22
CA PRO F 21 48.24 11.42 -1.93
C PRO F 21 47.44 10.16 -1.74
N ASN F 22 46.25 10.10 -2.23
CA ASN F 22 45.29 9.07 -2.06
C ASN F 22 44.27 9.04 -3.16
N GLY F 23 44.28 8.10 -4.06
CA GLY F 23 43.40 7.99 -5.11
C GLY F 23 42.05 7.49 -4.81
N ASP F 24 41.07 7.73 -5.62
CA ASP F 24 39.70 7.41 -5.50
C ASP F 24 39.28 6.29 -6.41
N PRO F 25 38.94 5.08 -5.93
CA PRO F 25 38.54 3.99 -6.82
C PRO F 25 37.28 4.24 -7.67
N ASP F 26 36.38 5.12 -7.25
CA ASP F 26 35.13 5.45 -7.84
C ASP F 26 35.15 6.61 -8.78
N ALA F 27 36.22 7.31 -8.93
CA ALA F 27 36.47 8.47 -9.70
C ALA F 27 37.63 8.32 -10.64
N GLY F 28 37.76 7.15 -11.28
CA GLY F 28 38.92 6.80 -12.10
C GLY F 28 40.12 6.55 -11.19
N ASN F 29 40.92 7.58 -10.96
CA ASN F 29 41.88 7.58 -9.85
C ASN F 29 42.14 8.98 -9.28
N MET F 30 41.15 9.87 -9.42
CA MET F 30 41.10 11.20 -8.99
C MET F 30 41.38 11.29 -7.52
N PRO F 31 42.07 12.32 -7.03
CA PRO F 31 42.19 12.53 -5.61
C PRO F 31 40.87 12.69 -4.92
N ARG F 32 40.70 12.14 -3.72
CA ARG F 32 39.46 12.29 -2.94
C ARG F 32 39.26 13.74 -2.51
N ILE F 33 38.04 14.25 -2.65
CA ILE F 33 37.57 15.53 -2.32
C ILE F 33 36.21 15.53 -1.69
N ASP F 34 35.77 16.59 -1.11
CA ASP F 34 34.47 16.89 -0.64
C ASP F 34 33.67 17.58 -1.70
N PRO F 35 32.69 16.94 -2.35
CA PRO F 35 32.03 17.55 -3.48
C PRO F 35 31.40 18.90 -3.25
N GLU F 36 30.84 19.14 -2.11
CA GLU F 36 30.13 20.30 -1.74
C GLU F 36 30.97 21.52 -1.48
N THR F 37 32.19 21.39 -1.11
CA THR F 37 33.11 22.39 -0.72
C THR F 37 34.44 22.38 -1.44
N GLY F 38 34.88 21.24 -1.87
CA GLY F 38 36.07 21.04 -2.51
C GLY F 38 37.33 20.90 -1.76
N HIS F 39 37.27 20.57 -0.52
CA HIS F 39 38.34 20.23 0.33
C HIS F 39 38.85 18.84 0.05
N GLY F 40 40.06 18.52 0.36
CA GLY F 40 40.62 17.28 0.27
C GLY F 40 40.43 16.35 1.40
N LEU F 41 40.61 15.08 1.24
CA LEU F 41 40.46 14.02 2.17
C LEU F 41 41.49 12.94 2.03
N VAL F 42 41.91 12.30 3.07
CA VAL F 42 42.77 11.19 3.18
C VAL F 42 42.25 10.19 4.18
N THR F 43 42.07 8.93 3.79
CA THR F 43 41.61 7.89 4.70
C THR F 43 42.69 7.53 5.72
N ASP F 44 42.29 7.17 6.92
CA ASP F 44 43.08 6.72 7.98
C ASP F 44 43.78 5.42 7.66
N VAL F 45 43.09 4.55 6.93
CA VAL F 45 43.56 3.23 6.54
C VAL F 45 44.91 3.31 5.83
N CYS F 46 45.12 4.32 5.00
CA CYS F 46 46.30 4.62 4.29
C CYS F 46 47.46 4.85 5.23
N LEU F 47 47.29 5.70 6.19
CA LEU F 47 48.23 6.05 7.19
C LEU F 47 48.64 4.86 8.01
N LYS F 48 47.70 4.06 8.42
CA LYS F 48 47.89 2.86 9.12
C LYS F 48 48.79 1.91 8.37
N ARG F 49 48.51 1.72 7.08
CA ARG F 49 49.31 0.86 6.20
C ARG F 49 50.74 1.37 6.14
N LYS F 50 50.95 2.67 6.04
CA LYS F 50 52.21 3.32 6.03
C LYS F 50 53.01 3.00 7.26
N ILE F 51 52.42 3.13 8.40
CA ILE F 51 52.96 2.84 9.68
C ILE F 51 53.42 1.41 9.76
N ARG F 52 52.54 0.48 9.37
CA ARG F 52 52.84 -0.96 9.36
C ARG F 52 54.08 -1.23 8.52
N ASN F 53 54.20 -0.60 7.36
CA ASN F 53 55.29 -0.71 6.46
C ASN F 53 56.57 -0.28 7.11
N HIS F 54 56.59 0.85 7.72
CA HIS F 54 57.67 1.43 8.40
C HIS F 54 58.20 0.52 9.48
N VAL F 55 57.34 0.02 10.31
CA VAL F 55 57.62 -0.88 11.37
C VAL F 55 58.30 -2.11 10.85
N ALA F 56 57.74 -2.73 9.86
CA ALA F 56 58.23 -3.88 9.21
C ALA F 56 59.63 -3.69 8.73
N LEU F 57 59.90 -2.61 8.08
CA LEU F 57 61.16 -2.19 7.61
C LEU F 57 62.17 -2.08 8.71
N THR F 58 61.84 -1.44 9.78
CA THR F 58 62.65 -1.09 10.89
C THR F 58 63.05 -2.25 11.75
N LYS F 59 62.14 -2.91 12.38
CA LYS F 59 62.30 -3.99 13.27
C LYS F 59 62.87 -5.23 12.66
N GLU F 60 62.50 -5.57 11.47
CA GLU F 60 63.03 -6.65 10.73
C GLU F 60 62.67 -7.98 11.33
N GLY F 61 61.45 -8.23 11.65
CA GLY F 61 60.94 -9.45 12.07
C GLY F 61 61.15 -9.93 13.44
N ALA F 62 61.64 -9.12 14.32
CA ALA F 62 61.84 -9.39 15.69
C ALA F 62 60.55 -9.84 16.33
N GLU F 63 60.54 -10.86 17.12
CA GLU F 63 59.45 -11.36 17.85
C GLU F 63 58.78 -10.26 18.63
N ARG F 64 57.52 -10.33 18.90
CA ARG F 64 56.76 -9.32 19.53
C ARG F 64 56.57 -8.12 18.63
N PHE F 65 57.05 -8.16 17.42
CA PHE F 65 57.07 -7.16 16.44
C PHE F 65 56.72 -7.61 15.05
N ASN F 66 56.11 -8.77 14.90
CA ASN F 66 55.59 -9.17 13.60
C ASN F 66 54.40 -8.30 13.21
N ILE F 67 54.10 -8.23 11.91
CA ILE F 67 52.88 -7.60 11.38
C ILE F 67 51.93 -8.71 10.96
N TYR F 68 50.70 -8.72 11.45
CA TYR F 68 49.74 -9.78 11.11
C TYR F 68 49.28 -9.66 9.66
N ILE F 69 48.83 -8.48 9.26
CA ILE F 69 48.30 -8.24 7.92
C ILE F 69 49.40 -7.74 6.99
N GLN F 70 50.34 -8.63 6.66
CA GLN F 70 51.31 -8.40 5.59
C GLN F 70 50.60 -8.19 4.26
N GLU F 71 51.24 -7.51 3.31
CA GLU F 71 50.59 -6.96 2.10
C GLU F 71 49.79 -7.98 1.29
N LYS F 72 50.21 -9.24 1.26
CA LYS F 72 49.55 -10.33 0.51
C LYS F 72 49.27 -11.57 1.38
N ALA F 73 49.12 -11.37 2.70
CA ALA F 73 48.82 -12.45 3.63
C ALA F 73 47.47 -13.13 3.30
N ILE F 74 47.42 -14.45 3.37
CA ILE F 74 46.16 -15.20 3.36
C ILE F 74 45.63 -15.19 4.79
N LEU F 75 44.59 -14.41 5.04
CA LEU F 75 44.18 -14.09 6.41
C LEU F 75 43.62 -15.30 7.15
N ASN F 76 42.83 -16.15 6.50
CA ASN F 76 42.35 -17.39 7.14
C ASN F 76 43.48 -18.38 7.49
N GLU F 77 44.52 -18.51 6.67
CA GLU F 77 45.73 -19.26 7.06
C GLU F 77 46.46 -18.61 8.21
N THR F 78 46.53 -17.28 8.24
CA THR F 78 47.20 -16.54 9.32
C THR F 78 46.42 -16.65 10.64
N HIS F 79 45.09 -16.59 10.61
CA HIS F 79 44.26 -16.99 11.76
C HIS F 79 44.48 -18.46 12.11
N GLU F 80 44.47 -19.39 11.15
CA GLU F 80 44.75 -20.80 11.39
C GLU F 80 46.12 -21.01 12.05
N ARG F 81 47.15 -20.26 11.65
CA ARG F 81 48.46 -20.30 12.30
C ARG F 81 48.37 -19.82 13.74
N ALA F 82 47.68 -18.72 14.02
CA ALA F 82 47.45 -18.27 15.39
C ALA F 82 46.64 -19.29 16.22
N TYR F 83 45.63 -19.90 15.61
CA TYR F 83 44.81 -20.98 16.13
C TYR F 83 45.67 -22.19 16.51
N THR F 84 46.36 -22.77 15.53
CA THR F 84 47.17 -23.99 15.68
C THR F 84 48.42 -23.76 16.54
N ALA F 85 48.97 -22.54 16.58
CA ALA F 85 50.00 -22.18 17.56
C ALA F 85 49.47 -22.26 19.01
N CYS F 86 48.17 -22.04 19.19
CA CYS F 86 47.43 -22.30 20.42
C CYS F 86 46.67 -23.64 20.37
N ASP F 87 47.23 -24.63 19.67
CA ASP F 87 46.73 -26.01 19.47
C ASP F 87 45.32 -26.18 18.87
N LEU F 88 44.67 -25.11 18.41
CA LEU F 88 43.30 -25.17 17.90
C LEU F 88 43.17 -25.65 16.45
N LYS F 89 42.16 -26.47 16.19
CA LYS F 89 41.66 -26.76 14.84
C LYS F 89 40.74 -25.61 14.37
N PRO F 90 40.90 -25.05 13.16
CA PRO F 90 40.15 -23.87 12.69
C PRO F 90 38.62 -24.01 12.75
N GLU F 91 37.91 -22.94 13.13
CA GLU F 91 36.44 -22.86 13.12
C GLU F 91 35.92 -21.42 12.91
N PRO F 92 34.69 -21.19 12.40
CA PRO F 92 34.26 -19.89 11.88
C PRO F 92 33.84 -18.84 12.92
N LYS F 93 33.84 -17.57 12.46
CA LYS F 93 33.10 -16.47 12.95
C LYS F 93 33.35 -16.20 14.40
N LYS F 94 32.39 -16.40 15.24
CA LYS F 94 32.40 -16.18 16.63
C LYS F 94 33.55 -16.88 17.28
N LEU F 95 33.89 -16.55 18.49
CA LEU F 95 34.72 -17.28 19.36
C LEU F 95 34.12 -18.63 19.62
N PRO F 96 34.91 -19.69 19.82
CA PRO F 96 34.34 -21.02 20.04
C PRO F 96 33.37 -21.00 21.21
N LYS F 97 32.55 -22.05 21.35
CA LYS F 97 31.70 -22.28 22.45
C LYS F 97 32.42 -22.04 23.75
N LYS F 98 33.65 -22.42 23.84
CA LYS F 98 34.66 -22.07 24.76
C LYS F 98 35.44 -20.91 24.21
N VAL F 99 35.06 -19.70 24.41
CA VAL F 99 35.67 -18.52 23.92
C VAL F 99 37.11 -18.42 24.34
N GLU F 100 37.50 -19.09 25.38
CA GLU F 100 38.79 -19.13 25.93
C GLU F 100 39.82 -19.59 24.93
N ASP F 101 39.48 -20.52 24.04
CA ASP F 101 40.46 -21.06 23.09
C ASP F 101 40.91 -19.97 22.12
N ALA F 102 39.97 -19.27 21.49
CA ALA F 102 40.29 -18.13 20.67
C ALA F 102 40.91 -16.97 21.48
N LYS F 103 40.55 -16.77 22.75
CA LYS F 103 41.22 -15.87 23.61
C LYS F 103 42.67 -16.23 23.79
N ARG F 104 43.04 -17.52 23.86
CA ARG F 104 44.47 -17.94 23.87
C ARG F 104 45.13 -17.49 22.58
N VAL F 105 44.45 -17.72 21.46
CA VAL F 105 44.90 -17.25 20.16
C VAL F 105 45.09 -15.75 20.16
N THR F 106 44.17 -15.02 20.78
CA THR F 106 44.22 -13.62 20.98
C THR F 106 45.45 -13.21 21.75
N ASP F 107 45.71 -13.84 22.84
CA ASP F 107 46.81 -13.67 23.69
C ASP F 107 48.10 -13.88 22.95
N TRP F 108 48.20 -15.00 22.26
CA TRP F 108 49.36 -15.34 21.47
C TRP F 108 49.61 -14.29 20.37
N MET F 109 48.57 -13.91 19.62
CA MET F 109 48.73 -13.00 18.48
C MET F 109 48.98 -11.54 18.89
N CYS F 110 48.46 -11.09 20.01
CA CYS F 110 48.74 -9.89 20.71
C CYS F 110 50.16 -9.87 21.21
N THR F 111 50.63 -10.96 21.73
CA THR F 111 51.95 -11.18 22.18
C THR F 111 52.95 -10.93 21.09
N ASN F 112 52.86 -11.62 20.01
CA ASN F 112 53.74 -11.60 18.92
C ASN F 112 53.52 -10.47 17.95
N PHE F 113 52.29 -10.06 17.62
CA PHE F 113 51.99 -9.17 16.52
C PHE F 113 51.69 -7.82 17.10
N TYR F 114 52.53 -6.91 16.72
CA TYR F 114 52.54 -5.55 17.08
C TYR F 114 51.32 -4.81 16.61
N ASP F 115 50.96 -4.95 15.33
CA ASP F 115 49.88 -4.14 14.77
C ASP F 115 48.51 -4.51 15.34
N ILE F 116 48.24 -5.79 15.57
CA ILE F 116 47.05 -6.21 16.33
C ILE F 116 47.06 -5.57 17.71
N ARG F 117 48.18 -5.62 18.43
CA ARG F 117 48.38 -5.04 19.70
C ARG F 117 48.10 -3.57 19.72
N THR F 118 48.25 -2.88 18.65
CA THR F 118 48.14 -1.48 18.44
C THR F 118 46.78 -1.02 17.97
N PHE F 119 46.37 -1.43 16.82
CA PHE F 119 45.20 -1.09 16.11
C PHE F 119 44.03 -2.00 16.30
N GLY F 120 44.16 -3.10 16.97
CA GLY F 120 43.22 -4.09 17.05
C GLY F 120 42.89 -4.74 15.77
N ALA F 121 41.89 -5.59 15.75
CA ALA F 121 41.51 -6.32 14.55
C ALA F 121 40.14 -6.95 14.77
N VAL F 122 39.31 -7.01 13.74
CA VAL F 122 38.20 -7.86 13.66
C VAL F 122 38.63 -9.27 13.90
N MET F 123 39.80 -9.68 13.38
CA MET F 123 40.47 -10.93 13.76
C MET F 123 39.58 -12.18 13.71
N THR F 124 38.50 -12.11 12.92
CA THR F 124 37.48 -13.08 12.83
C THR F 124 37.16 -13.46 11.42
N THR F 125 37.25 -14.70 11.02
CA THR F 125 36.89 -15.13 9.66
C THR F 125 36.31 -16.53 9.78
N GLU F 126 36.16 -17.29 8.69
CA GLU F 126 35.86 -18.73 8.74
C GLU F 126 36.92 -19.53 9.53
N VAL F 127 38.03 -18.89 9.90
CA VAL F 127 38.83 -19.19 11.08
C VAL F 127 38.73 -17.98 12.03
N ASN F 128 37.99 -18.10 13.11
CA ASN F 128 38.00 -17.14 14.21
C ASN F 128 39.42 -17.00 14.78
N CYS F 129 39.69 -15.91 15.51
CA CYS F 129 40.74 -15.89 16.52
C CYS F 129 40.35 -15.06 17.77
N GLY F 130 39.16 -14.44 17.84
CA GLY F 130 38.71 -13.51 18.74
C GLY F 130 38.31 -12.19 18.22
N GLN F 131 38.31 -11.15 18.98
CA GLN F 131 38.06 -9.79 18.67
C GLN F 131 38.85 -8.83 19.51
N VAL F 132 39.18 -7.67 19.05
CA VAL F 132 39.93 -6.64 19.66
C VAL F 132 39.52 -5.27 19.18
N ARG F 133 39.58 -4.24 19.97
CA ARG F 133 39.31 -2.89 19.65
C ARG F 133 40.54 -2.07 19.33
N GLY F 134 41.59 -2.24 20.04
CA GLY F 134 42.78 -1.56 19.93
C GLY F 134 42.81 -0.22 20.55
N PRO F 135 43.87 0.10 21.31
CA PRO F 135 43.91 1.35 22.04
C PRO F 135 44.04 2.60 21.24
N VAL F 136 44.42 2.56 20.01
CA VAL F 136 44.77 3.61 19.13
C VAL F 136 43.74 3.80 18.05
N GLN F 137 43.28 4.97 17.76
CA GLN F 137 42.33 5.37 16.80
C GLN F 137 42.73 6.62 16.08
N MET F 138 42.27 6.88 14.89
CA MET F 138 42.52 7.98 14.06
C MET F 138 41.32 8.42 13.27
N ALA F 139 41.25 9.62 12.82
CA ALA F 139 40.26 10.25 12.05
C ALA F 139 40.70 10.60 10.65
N PHE F 140 39.84 11.06 9.81
CA PHE F 140 40.08 11.55 8.52
C PHE F 140 40.98 12.76 8.54
N ALA F 141 41.89 12.91 7.63
CA ALA F 141 42.66 14.04 7.35
C ALA F 141 41.96 14.96 6.39
N ARG F 142 41.90 16.23 6.63
CA ARG F 142 41.22 17.24 5.92
C ARG F 142 42.11 18.39 5.52
N SER F 143 42.07 18.87 4.33
CA SER F 143 42.79 19.96 3.81
C SER F 143 42.45 21.23 4.55
N VAL F 144 43.44 22.08 4.78
CA VAL F 144 43.18 23.32 5.49
C VAL F 144 42.31 24.25 4.67
N GLU F 145 42.26 24.06 3.35
CA GLU F 145 41.47 24.94 2.50
C GLU F 145 41.25 24.28 1.13
N PRO F 146 40.44 24.89 0.27
CA PRO F 146 40.09 24.21 -0.98
C PRO F 146 41.31 23.90 -1.84
N VAL F 147 41.28 22.84 -2.56
CA VAL F 147 42.26 22.27 -3.43
C VAL F 147 41.71 22.00 -4.80
N VAL F 148 42.45 22.35 -5.84
CA VAL F 148 41.98 22.17 -7.21
C VAL F 148 42.91 21.21 -7.97
N PRO F 149 42.57 19.93 -8.07
CA PRO F 149 43.41 18.97 -8.75
C PRO F 149 43.53 19.22 -10.23
N GLN F 150 44.69 18.94 -10.81
CA GLN F 150 44.86 18.93 -12.25
C GLN F 150 45.11 17.51 -12.73
N GLU F 151 45.14 17.28 -14.00
CA GLU F 151 45.53 16.11 -14.66
C GLU F 151 46.28 16.37 -15.93
N VAL F 152 47.23 15.58 -16.30
CA VAL F 152 48.18 15.72 -17.33
C VAL F 152 48.17 14.55 -18.28
N SER F 153 48.45 14.70 -19.53
CA SER F 153 48.55 13.73 -20.55
C SER F 153 49.97 13.33 -20.83
N ILE F 154 50.29 12.08 -20.96
CA ILE F 154 51.52 11.47 -21.24
C ILE F 154 51.43 10.51 -22.39
N THR F 155 52.48 10.22 -23.09
CA THR F 155 52.59 9.45 -24.27
C THR F 155 53.61 8.35 -24.18
N ARG F 156 53.24 7.10 -24.40
CA ARG F 156 54.19 6.00 -24.58
C ARG F 156 54.59 5.99 -26.06
N MET F 157 55.84 6.29 -26.38
CA MET F 157 56.29 6.35 -27.78
C MET F 157 56.43 4.95 -28.37
N ALA F 158 57.00 4.01 -27.62
CA ALA F 158 56.88 2.62 -27.79
C ALA F 158 55.53 2.13 -27.34
N VAL F 159 55.04 0.99 -27.82
CA VAL F 159 53.76 0.40 -27.35
C VAL F 159 53.92 -1.06 -26.91
N THR F 160 53.21 -1.47 -25.87
CA THR F 160 53.21 -2.86 -25.38
C THR F 160 52.64 -3.83 -26.42
N THR F 161 51.43 -3.57 -26.91
CA THR F 161 50.70 -4.37 -27.90
C THR F 161 50.87 -3.87 -29.33
N LYS F 162 50.61 -4.74 -30.30
CA LYS F 162 50.40 -4.53 -31.68
C LYS F 162 49.27 -3.55 -31.91
N ALA F 163 49.37 -2.65 -32.82
CA ALA F 163 48.44 -1.66 -33.23
C ALA F 163 48.23 -1.63 -34.72
N GLU F 164 47.06 -1.40 -35.20
CA GLU F 164 46.67 -1.33 -36.56
C GLU F 164 46.99 -0.02 -37.24
N ALA F 165 47.10 1.09 -36.50
CA ALA F 165 47.37 2.41 -37.08
C ALA F 165 48.87 2.72 -37.33
N GLU F 166 49.76 1.74 -37.21
CA GLU F 166 51.24 1.92 -37.22
C GLU F 166 51.76 2.42 -38.58
N ASP F 171 55.56 2.66 -35.28
CA ASP F 171 54.86 2.58 -34.05
C ASP F 171 53.96 3.75 -33.77
N ASN F 172 52.88 3.60 -33.06
CA ASN F 172 51.90 4.54 -32.70
C ASN F 172 52.20 5.24 -31.40
N ARG F 173 51.87 6.53 -31.28
CA ARG F 173 51.96 7.24 -29.99
C ARG F 173 50.66 7.00 -29.21
N THR F 174 50.78 6.40 -28.04
CA THR F 174 49.62 5.99 -27.21
C THR F 174 49.63 6.71 -25.87
N MET F 175 48.54 7.38 -25.50
CA MET F 175 48.53 8.30 -24.36
C MET F 175 47.73 7.82 -23.14
N GLY F 176 48.31 7.89 -21.94
CA GLY F 176 47.67 7.87 -20.72
C GLY F 176 47.64 9.15 -20.00
N ARG F 177 47.23 9.27 -18.78
CA ARG F 177 47.15 10.45 -18.02
C ARG F 177 47.44 10.26 -16.56
N LYS F 178 47.84 11.27 -15.86
CA LYS F 178 48.10 11.44 -14.49
C LYS F 178 47.26 12.50 -13.85
N HIS F 179 46.80 12.37 -12.66
CA HIS F 179 46.17 13.32 -11.82
C HIS F 179 47.09 13.82 -10.75
N ILE F 180 47.16 15.08 -10.48
CA ILE F 180 48.10 15.77 -9.69
C ILE F 180 47.49 16.87 -8.87
N VAL F 181 47.94 17.14 -7.70
CA VAL F 181 47.63 18.19 -6.80
C VAL F 181 48.76 19.19 -6.74
N PRO F 182 48.61 20.44 -7.18
CA PRO F 182 49.75 21.36 -7.10
C PRO F 182 50.34 21.47 -5.71
N TYR F 183 49.53 21.85 -4.72
CA TYR F 183 50.02 21.96 -3.35
C TYR F 183 48.85 21.85 -2.39
N GLY F 184 49.12 21.36 -1.19
CA GLY F 184 48.09 21.22 -0.18
C GLY F 184 48.63 20.90 1.19
N LEU F 185 47.87 21.25 2.22
CA LEU F 185 48.27 21.05 3.61
C LEU F 185 47.12 20.37 4.35
N TYR F 186 47.39 19.42 5.19
CA TYR F 186 46.51 18.52 5.83
C TYR F 186 46.65 18.49 7.33
N VAL F 187 45.59 18.11 8.04
CA VAL F 187 45.58 18.03 9.49
C VAL F 187 44.89 16.73 9.90
N ALA F 188 45.31 16.09 10.93
CA ALA F 188 44.90 14.85 11.47
C ALA F 188 44.79 14.81 12.98
N HIS F 189 43.78 14.15 13.52
CA HIS F 189 43.58 14.01 14.95
C HIS F 189 43.65 12.55 15.35
N GLY F 190 43.96 12.29 16.61
CA GLY F 190 44.05 10.92 17.09
C GLY F 190 43.93 10.85 18.60
N PHE F 191 43.67 9.65 19.09
CA PHE F 191 43.45 9.43 20.51
C PHE F 191 44.14 8.15 20.95
N ILE F 192 44.37 8.04 22.26
CA ILE F 192 44.85 6.83 22.89
C ILE F 192 44.17 6.70 24.25
N SER F 193 43.72 5.49 24.59
CA SER F 193 42.96 5.24 25.80
C SER F 193 43.67 4.22 26.65
N ALA F 194 43.93 4.56 27.91
CA ALA F 194 44.61 3.63 28.81
C ALA F 194 43.83 2.36 29.07
N PRO F 195 42.53 2.39 29.34
CA PRO F 195 41.83 1.15 29.72
C PRO F 195 41.99 0.02 28.71
N LEU F 196 41.93 0.31 27.42
CA LEU F 196 42.11 -0.75 26.42
C LEU F 196 43.54 -1.26 26.40
N ALA F 197 44.51 -0.37 26.51
CA ALA F 197 45.90 -0.81 26.62
C ALA F 197 46.07 -1.77 27.79
N GLU F 198 45.39 -1.48 28.91
CA GLU F 198 45.42 -2.40 30.02
C GLU F 198 44.90 -3.77 29.62
N LYS F 199 44.06 -3.82 28.58
CA LYS F 199 43.48 -5.08 28.12
C LYS F 199 44.34 -5.77 27.08
N THR F 200 45.18 -5.12 26.35
CA THR F 200 46.03 -5.59 25.32
C THR F 200 47.50 -5.64 25.61
N GLY F 201 47.95 -4.97 26.67
CA GLY F 201 49.36 -4.96 27.00
C GLY F 201 50.19 -3.95 26.24
N PHE F 202 49.62 -3.01 25.56
CA PHE F 202 50.24 -1.94 24.88
C PHE F 202 51.18 -1.21 25.79
N SER F 203 52.49 -1.35 25.60
CA SER F 203 53.49 -0.85 26.54
C SER F 203 54.09 0.46 26.07
N ASP F 204 54.97 1.02 26.91
CA ASP F 204 55.55 2.32 26.62
C ASP F 204 56.56 2.29 25.50
N GLU F 205 57.46 1.30 25.49
CA GLU F 205 58.39 1.16 24.39
C GLU F 205 57.63 1.15 23.07
N ASP F 206 56.50 0.54 22.98
CA ASP F 206 55.59 0.58 21.91
C ASP F 206 55.25 2.00 21.54
N LEU F 207 54.97 2.80 22.56
CA LEU F 207 54.58 4.18 22.33
C LEU F 207 55.73 4.98 21.71
N THR F 208 56.94 4.82 22.25
CA THR F 208 58.07 5.54 21.70
C THR F 208 58.34 5.11 20.25
N LEU F 209 58.32 3.86 19.95
CA LEU F 209 58.43 3.30 18.66
C LEU F 209 57.41 3.87 17.72
N PHE F 210 56.19 3.97 18.14
CA PHE F 210 55.09 4.52 17.47
C PHE F 210 55.37 5.93 17.02
N TRP F 211 55.79 6.75 17.99
CA TRP F 211 56.11 8.14 17.66
C TRP F 211 57.24 8.21 16.65
N ASP F 212 58.30 7.48 16.80
CA ASP F 212 59.42 7.44 15.97
C ASP F 212 59.04 7.13 14.54
N ALA F 213 58.26 6.12 14.34
CA ALA F 213 57.70 5.72 13.11
C ALA F 213 56.89 6.81 12.49
N LEU F 214 56.03 7.41 13.32
CA LEU F 214 55.12 8.43 12.82
C LEU F 214 55.89 9.63 12.27
N VAL F 215 57.02 9.97 12.89
CA VAL F 215 57.80 11.09 12.41
C VAL F 215 58.45 10.76 11.07
N ASN F 216 59.00 9.61 10.89
CA ASN F 216 59.73 9.12 9.78
C ASN F 216 58.93 8.36 8.76
N MET F 217 57.65 8.53 8.67
CA MET F 217 56.73 7.80 7.88
C MET F 217 57.05 7.80 6.41
N PHE F 218 57.15 8.94 5.83
CA PHE F 218 57.20 9.21 4.45
C PHE F 218 58.53 8.92 3.80
N GLU F 219 59.59 8.82 4.51
CA GLU F 219 60.92 8.70 4.05
C GLU F 219 61.14 7.50 3.19
N HIS F 220 60.37 6.43 3.40
CA HIS F 220 60.58 5.13 2.77
C HIS F 220 59.59 4.84 1.64
N ASP F 221 58.60 5.70 1.41
CA ASP F 221 57.49 5.44 0.49
C ASP F 221 57.56 6.27 -0.80
N ARG F 222 58.76 6.73 -1.18
CA ARG F 222 58.98 7.42 -2.45
C ARG F 222 58.56 6.53 -3.62
N SER F 223 57.94 7.13 -4.62
CA SER F 223 57.25 6.45 -5.71
C SER F 223 57.02 7.41 -6.86
N ALA F 224 56.67 6.94 -8.04
CA ALA F 224 56.40 7.66 -9.21
C ALA F 224 55.18 8.53 -9.09
N ALA F 225 54.09 7.99 -8.66
CA ALA F 225 52.81 8.60 -8.50
C ALA F 225 52.77 9.68 -7.46
N ARG F 226 53.33 9.40 -6.29
CA ARG F 226 53.43 10.34 -5.16
C ARG F 226 54.54 11.33 -5.43
N GLY F 227 54.28 12.61 -5.23
CA GLY F 227 55.20 13.62 -5.24
C GLY F 227 56.08 13.70 -4.06
N LEU F 228 56.45 14.84 -3.61
CA LEU F 228 57.17 15.14 -2.44
C LEU F 228 56.25 15.30 -1.26
N MET F 229 56.28 14.48 -0.27
CA MET F 229 55.51 14.42 0.91
C MET F 229 56.35 14.49 2.15
N SER F 230 56.00 15.21 3.16
CA SER F 230 56.70 15.44 4.36
C SER F 230 55.83 15.78 5.54
N SER F 231 56.22 15.47 6.73
CA SER F 231 55.66 15.83 7.97
C SER F 231 56.28 17.08 8.53
N ARG F 232 55.47 17.98 9.09
CA ARG F 232 55.95 19.28 9.52
C ARG F 232 55.88 19.48 11.02
N LYS F 233 54.72 19.25 11.63
CA LYS F 233 54.50 19.57 13.04
C LYS F 233 53.89 18.36 13.75
N LEU F 234 54.21 18.21 15.03
CA LEU F 234 53.65 17.16 15.86
C LEU F 234 53.52 17.69 17.27
N ILE F 235 52.29 17.67 17.80
CA ILE F 235 51.99 18.18 19.14
C ILE F 235 51.29 17.07 19.91
N VAL F 236 51.69 16.89 21.18
CA VAL F 236 51.19 15.81 22.01
C VAL F 236 50.62 16.40 23.29
N PHE F 237 49.42 15.98 23.65
CA PHE F 237 48.79 16.34 24.91
C PHE F 237 48.73 15.11 25.80
N LYS F 238 49.24 15.21 27.02
CA LYS F 238 49.20 14.12 27.98
C LYS F 238 48.44 14.55 29.21
N HIS F 239 47.45 13.74 29.59
CA HIS F 239 46.67 14.02 30.79
C HIS F 239 47.39 13.47 32.02
N GLN F 240 46.98 13.94 33.19
CA GLN F 240 47.66 13.61 34.43
C GLN F 240 47.05 12.44 35.17
N ASN F 241 46.02 11.80 34.62
CA ASN F 241 45.33 10.74 35.33
C ASN F 241 44.86 9.68 34.34
N ARG F 242 44.42 8.54 34.86
CA ARG F 242 44.04 7.43 34.01
C ARG F 242 42.90 7.79 33.07
N LEU F 243 42.09 8.78 33.44
CA LEU F 243 40.98 9.23 32.62
C LEU F 243 41.22 10.68 32.21
N GLY F 244 40.24 11.26 31.53
CA GLY F 244 40.41 12.59 30.98
C GLY F 244 40.55 13.65 32.06
N ASN F 245 40.95 14.84 31.60
CA ASN F 245 41.05 16.00 32.47
C ASN F 245 40.44 17.23 31.80
N ALA F 246 40.10 17.12 30.52
CA ALA F 246 39.51 18.23 29.79
C ALA F 246 38.80 17.70 28.55
N PRO F 247 37.85 18.44 28.00
CA PRO F 247 37.20 18.00 26.76
C PRO F 247 38.17 18.03 25.60
N ALA F 248 38.04 17.04 24.71
CA ALA F 248 38.96 16.93 23.59
C ALA F 248 38.83 18.11 22.64
N HIS F 249 37.60 18.51 22.31
CA HIS F 249 37.42 19.57 21.33
C HIS F 249 38.07 20.86 21.80
N LYS F 250 38.09 21.11 23.11
CA LYS F 250 38.79 22.29 23.61
C LYS F 250 40.28 22.21 23.30
N LEU F 251 40.89 21.06 23.52
CA LEU F 251 42.32 20.93 23.28
C LEU F 251 42.67 21.19 21.82
N PHE F 252 41.95 20.54 20.91
CA PHE F 252 42.25 20.72 19.50
C PHE F 252 42.06 22.17 19.06
N ASP F 253 41.30 22.96 19.82
CA ASP F 253 41.13 24.37 19.50
C ASP F 253 42.35 25.20 19.82
N LEU F 254 43.23 24.73 20.72
CA LEU F 254 44.43 25.49 21.06
C LEU F 254 45.34 25.68 19.86
N VAL F 255 45.27 24.79 18.87
CA VAL F 255 46.13 24.86 17.69
C VAL F 255 45.35 25.57 16.59
N LYS F 256 45.95 26.61 16.03
CA LYS F 256 45.32 27.40 14.98
C LYS F 256 46.33 27.72 13.90
N VAL F 257 45.92 27.58 12.65
CA VAL F 257 46.76 27.83 11.49
C VAL F 257 46.08 28.86 10.61
N SER F 258 46.83 29.86 10.18
CA SER F 258 46.28 30.93 9.37
C SER F 258 47.28 31.31 8.30
N ARG F 259 46.76 31.86 7.22
CA ARG F 259 47.60 32.24 6.09
C ARG F 259 48.68 33.23 6.54
N ALA F 260 49.92 32.95 6.16
CA ALA F 260 51.00 33.89 6.42
C ALA F 260 50.67 35.23 5.79
N GLU F 261 50.88 36.31 6.55
CA GLU F 261 50.41 37.62 6.11
C GLU F 261 51.10 38.07 4.82
N GLY F 262 52.34 37.66 4.58
CA GLY F 262 53.00 37.99 3.34
C GLY F 262 52.51 37.19 2.15
N SER F 263 51.72 36.14 2.38
CA SER F 263 51.20 35.29 1.32
C SER F 263 49.83 35.78 0.90
N SER F 264 49.67 36.04 -0.40
CA SER F 264 48.39 36.51 -0.93
C SER F 264 47.84 35.67 -2.07
N GLY F 265 48.67 35.11 -2.94
CA GLY F 265 48.19 34.28 -4.02
C GLY F 265 47.87 32.88 -3.52
N PRO F 266 47.58 31.97 -4.43
CA PRO F 266 47.34 30.58 -4.01
C PRO F 266 48.56 30.01 -3.32
N ALA F 267 48.32 29.23 -2.27
CA ALA F 267 49.40 28.67 -1.49
C ALA F 267 50.29 27.79 -2.36
N ARG F 268 51.60 27.92 -2.17
CA ARG F 268 52.53 27.05 -2.90
C ARG F 268 53.70 26.58 -2.06
N SER F 269 53.75 26.90 -0.76
CA SER F 269 54.82 26.41 0.09
C SER F 269 54.37 26.49 1.55
N PHE F 270 55.07 25.75 2.41
CA PHE F 270 54.73 25.76 3.82
C PHE F 270 54.92 27.15 4.43
N ALA F 271 55.73 27.99 3.79
CA ALA F 271 55.96 29.34 4.30
C ALA F 271 54.75 30.24 4.14
N ASP F 272 53.74 29.82 3.35
CA ASP F 272 52.56 30.64 3.15
C ASP F 272 51.60 30.60 4.33
N TYR F 273 51.89 29.80 5.35
CA TYR F 273 50.99 29.63 6.49
C TYR F 273 51.73 29.94 7.78
N ALA F 274 50.96 30.34 8.79
CA ALA F 274 51.48 30.58 10.13
C ALA F 274 50.77 29.65 11.10
N VAL F 275 51.54 28.99 11.96
CA VAL F 275 51.03 28.01 12.91
C VAL F 275 51.29 28.53 14.31
N THR F 276 50.27 28.44 15.17
CA THR F 276 50.34 28.95 16.52
C THR F 276 49.79 27.93 17.49
N VAL F 277 50.28 27.98 18.73
CA VAL F 277 49.85 27.07 19.79
C VAL F 277 49.57 27.89 21.03
N GLY F 278 48.47 27.60 21.71
CA GLY F 278 48.13 28.26 22.95
C GLY F 278 48.71 27.56 24.16
N GLN F 279 48.28 28.02 25.33
CA GLN F 279 48.73 27.41 26.57
C GLN F 279 47.88 26.18 26.89
N ALA F 280 48.44 25.30 27.71
CA ALA F 280 47.75 24.07 28.08
C ALA F 280 47.02 24.24 29.40
N PRO F 281 45.77 23.78 29.53
CA PRO F 281 45.10 23.84 30.82
C PRO F 281 45.91 23.17 31.91
N GLU F 282 45.46 23.35 33.15
CA GLU F 282 46.24 22.90 34.31
C GLU F 282 46.46 21.39 34.32
N GLY F 283 45.47 20.62 33.87
CA GLY F 283 45.54 19.18 33.98
C GLY F 283 46.24 18.48 32.85
N VAL F 284 46.83 19.22 31.91
CA VAL F 284 47.35 18.67 30.68
C VAL F 284 48.76 19.19 30.46
N GLU F 285 49.63 18.33 29.94
CA GLU F 285 50.99 18.70 29.57
C GLU F 285 51.10 18.69 28.06
N VAL F 286 51.56 19.79 27.49
CA VAL F 286 51.72 19.93 26.05
C VAL F 286 53.21 20.02 25.72
N LYS F 287 53.66 19.13 24.86
CA LYS F 287 55.04 19.13 24.39
C LYS F 287 55.03 18.93 22.88
N GLU F 288 56.08 19.44 22.23
CA GLU F 288 56.14 19.52 20.78
C GLU F 288 57.34 18.72 20.29
N MET F 289 57.08 17.62 19.60
CA MET F 289 58.14 16.80 19.03
C MET F 289 58.60 17.28 17.68
N LEU F 290 57.78 18.05 16.97
CA LEU F 290 58.18 18.70 15.74
C LEU F 290 57.63 20.13 15.69
N MET G 1 76.02 -8.96 -8.53
CA MET G 1 76.04 -7.57 -8.56
C MET G 1 75.76 -6.98 -7.19
N THR G 2 76.72 -6.60 -6.44
CA THR G 2 76.64 -6.05 -5.13
C THR G 2 75.78 -4.82 -5.12
N ALA G 3 74.95 -4.60 -4.15
CA ALA G 3 74.10 -3.51 -3.93
C ALA G 3 74.81 -2.36 -3.25
N ILE G 4 74.46 -1.13 -3.62
CA ILE G 4 74.92 0.06 -2.91
C ILE G 4 74.50 -0.02 -1.44
N ALA G 5 75.23 0.68 -0.57
CA ALA G 5 75.14 0.72 0.84
C ALA G 5 74.90 2.05 1.48
N ASN G 6 74.38 3.04 0.83
CA ASN G 6 74.10 4.36 1.26
C ASN G 6 72.88 4.98 0.65
N ARG G 7 72.22 5.85 1.31
CA ARG G 7 71.13 6.66 0.89
C ARG G 7 71.61 7.91 0.20
N TYR G 8 71.09 8.28 -0.92
CA TYR G 8 71.44 9.37 -1.76
C TYR G 8 70.30 10.28 -2.11
N GLU G 9 70.47 11.56 -2.11
CA GLU G 9 69.66 12.61 -2.61
C GLU G 9 70.45 13.59 -3.41
N PHE G 10 69.95 14.14 -4.46
CA PHE G 10 70.56 14.95 -5.42
C PHE G 10 69.69 16.06 -5.95
N VAL G 11 70.24 17.09 -6.49
CA VAL G 11 69.66 18.23 -7.09
C VAL G 11 70.31 18.57 -8.40
N LEU G 12 69.52 18.89 -9.42
CA LEU G 12 70.05 19.26 -10.73
C LEU G 12 69.43 20.57 -11.19
N LEU G 13 70.15 21.28 -12.06
CA LEU G 13 69.75 22.61 -12.49
C LEU G 13 70.19 22.79 -13.94
N PHE G 14 69.23 23.14 -14.81
CA PHE G 14 69.52 23.20 -16.24
C PHE G 14 68.74 24.33 -16.89
N ASP G 15 69.14 24.78 -18.03
CA ASP G 15 68.72 25.88 -18.80
C ASP G 15 67.79 25.52 -19.93
N VAL G 16 67.25 26.46 -20.61
CA VAL G 16 66.53 26.43 -21.83
C VAL G 16 66.50 27.77 -22.51
N GLU G 17 66.48 27.86 -23.79
CA GLU G 17 66.60 29.01 -24.58
C GLU G 17 65.93 28.93 -25.92
N ASN G 18 64.94 29.70 -26.22
CA ASN G 18 64.34 29.83 -27.50
C ASN G 18 63.89 28.50 -28.03
N GLY G 19 63.08 27.78 -27.32
CA GLY G 19 62.58 26.54 -27.61
C GLY G 19 61.45 26.02 -26.82
N ASN G 20 60.93 24.87 -27.10
CA ASN G 20 59.88 24.18 -26.47
C ASN G 20 60.38 23.02 -25.67
N PRO G 21 60.67 23.15 -24.37
CA PRO G 21 61.22 22.02 -23.64
C PRO G 21 60.38 20.78 -23.63
N ASN G 22 59.10 20.89 -23.53
CA ASN G 22 58.14 19.86 -23.41
C ASN G 22 56.77 20.18 -23.92
N GLY G 23 56.37 19.79 -25.09
CA GLY G 23 55.14 20.07 -25.63
C GLY G 23 53.98 19.54 -24.89
N ASP G 24 52.86 20.17 -24.88
CA ASP G 24 51.65 19.82 -24.26
C ASP G 24 50.76 19.01 -25.15
N PRO G 25 50.40 17.76 -24.83
CA PRO G 25 49.51 17.01 -25.69
C PRO G 25 48.20 17.65 -26.02
N ASP G 26 47.63 18.42 -25.14
CA ASP G 26 46.36 19.02 -25.18
C ASP G 26 46.31 20.36 -25.87
N ALA G 27 47.00 21.33 -25.27
CA ALA G 27 47.00 22.70 -25.78
C ALA G 27 47.89 22.79 -27.03
N GLY G 28 47.52 22.14 -28.07
CA GLY G 28 48.27 22.01 -29.21
C GLY G 28 49.62 21.48 -28.97
N ASN G 29 50.63 22.28 -29.00
CA ASN G 29 51.95 22.03 -28.55
C ASN G 29 52.51 23.07 -27.61
N MET G 30 51.73 23.85 -26.95
CA MET G 30 52.09 24.85 -26.02
C MET G 30 52.97 24.26 -24.95
N PRO G 31 54.02 24.95 -24.50
CA PRO G 31 54.75 24.47 -23.34
C PRO G 31 53.87 24.26 -22.14
N ARG G 32 54.09 23.29 -21.33
CA ARG G 32 53.38 22.97 -20.15
C ARG G 32 53.64 23.96 -19.06
N ILE G 33 52.61 24.61 -18.53
CA ILE G 33 52.74 25.57 -17.44
C ILE G 33 51.62 25.36 -16.45
N ASP G 34 51.82 25.90 -15.25
CA ASP G 34 50.77 25.87 -14.23
C ASP G 34 49.78 26.99 -14.53
N PRO G 35 48.50 26.68 -14.77
CA PRO G 35 47.56 27.76 -15.13
C PRO G 35 47.42 28.82 -14.07
N GLU G 36 47.50 28.46 -12.78
CA GLU G 36 47.27 29.45 -11.73
C GLU G 36 48.36 30.52 -11.70
N THR G 37 49.62 30.13 -11.87
CA THR G 37 50.73 31.07 -11.71
C THR G 37 51.61 31.22 -12.94
N GLY G 38 51.48 30.38 -13.96
CA GLY G 38 52.27 30.55 -15.16
C GLY G 38 53.67 30.01 -15.09
N HIS G 39 54.03 29.30 -14.03
CA HIS G 39 55.35 28.68 -13.98
C HIS G 39 55.39 27.49 -14.93
N GLY G 40 56.59 27.21 -15.45
CA GLY G 40 56.75 26.11 -16.38
C GLY G 40 56.95 24.77 -15.68
N LEU G 41 56.68 23.70 -16.41
CA LEU G 41 56.79 22.35 -15.87
C LEU G 41 57.35 21.41 -16.92
N VAL G 42 58.07 20.41 -16.53
CA VAL G 42 58.61 19.32 -17.24
C VAL G 42 58.37 18.02 -16.54
N THR G 43 57.78 17.04 -17.12
CA THR G 43 57.54 15.75 -16.61
C THR G 43 58.81 14.98 -16.42
N ASP G 44 58.90 14.08 -15.49
CA ASP G 44 59.97 13.20 -15.24
C ASP G 44 60.17 12.20 -16.34
N VAL G 45 59.14 11.81 -17.01
CA VAL G 45 59.10 10.85 -18.06
C VAL G 45 60.05 11.24 -19.16
N CYS G 46 60.09 12.48 -19.52
CA CYS G 46 60.95 13.06 -20.47
C CYS G 46 62.39 12.80 -20.12
N LEU G 47 62.78 13.06 -18.92
CA LEU G 47 64.06 12.86 -18.36
C LEU G 47 64.47 11.42 -18.44
N LYS G 48 63.63 10.53 -18.05
CA LYS G 48 63.80 9.13 -18.08
C LYS G 48 64.10 8.66 -19.48
N ARG G 49 63.33 9.06 -20.43
CA ARG G 49 63.45 8.77 -21.81
C ARG G 49 64.79 9.18 -22.34
N LYS G 50 65.19 10.38 -22.09
CA LYS G 50 66.41 10.96 -22.49
C LYS G 50 67.59 10.18 -21.96
N ILE G 51 67.58 9.83 -20.73
CA ILE G 51 68.55 9.05 -20.05
C ILE G 51 68.71 7.71 -20.70
N ARG G 52 67.63 7.03 -20.94
CA ARG G 52 67.55 5.80 -21.60
C ARG G 52 68.27 5.85 -22.92
N ASN G 53 67.93 6.85 -23.73
CA ASN G 53 68.51 6.99 -25.06
C ASN G 53 70.02 7.22 -25.01
N HIS G 54 70.50 8.04 -24.07
CA HIS G 54 71.87 8.31 -23.85
C HIS G 54 72.64 7.07 -23.50
N VAL G 55 72.14 6.28 -22.61
CA VAL G 55 72.68 5.06 -22.17
C VAL G 55 72.83 4.09 -23.32
N ALA G 56 71.78 3.87 -24.04
CA ALA G 56 71.71 3.05 -25.19
C ALA G 56 72.75 3.43 -26.20
N LEU G 57 72.95 4.68 -26.43
CA LEU G 57 73.94 5.25 -27.28
C LEU G 57 75.33 4.92 -26.83
N THR G 58 75.72 5.40 -25.69
CA THR G 58 77.02 5.34 -25.13
C THR G 58 77.52 3.93 -24.95
N LYS G 59 76.74 3.07 -24.38
CA LYS G 59 77.01 1.72 -24.08
C LYS G 59 76.95 0.80 -25.28
N GLU G 60 76.31 1.17 -26.33
CA GLU G 60 76.29 0.49 -27.57
C GLU G 60 75.62 -0.85 -27.51
N GLY G 61 74.75 -1.11 -26.60
CA GLY G 61 74.11 -2.31 -26.42
C GLY G 61 74.89 -3.47 -25.97
N ALA G 62 75.98 -3.26 -25.31
CA ALA G 62 76.83 -4.23 -24.75
C ALA G 62 76.07 -5.14 -23.81
N GLU G 63 76.60 -6.25 -23.44
CA GLU G 63 76.09 -7.18 -22.52
C GLU G 63 75.84 -6.52 -21.18
N ARG G 64 74.74 -6.75 -20.54
CA ARG G 64 74.31 -6.24 -19.30
C ARG G 64 73.93 -4.79 -19.33
N PHE G 65 73.75 -4.18 -20.45
CA PHE G 65 73.38 -2.85 -20.71
C PHE G 65 72.31 -2.70 -21.75
N ASN G 66 71.42 -3.70 -21.80
CA ASN G 66 70.21 -3.69 -22.60
C ASN G 66 69.19 -2.74 -21.98
N ILE G 67 68.19 -2.34 -22.76
CA ILE G 67 67.06 -1.58 -22.39
C ILE G 67 65.76 -2.23 -22.79
N TYR G 68 64.83 -2.43 -21.88
CA TYR G 68 63.61 -3.18 -22.16
C TYR G 68 62.55 -2.32 -22.86
N ILE G 69 62.51 -1.01 -22.59
CA ILE G 69 61.61 -0.05 -23.26
C ILE G 69 62.29 0.52 -24.52
N GLN G 70 62.41 -0.34 -25.53
CA GLN G 70 62.99 0.00 -26.83
C GLN G 70 62.02 0.88 -27.61
N GLU G 71 62.53 1.94 -28.23
CA GLU G 71 61.81 2.93 -28.95
C GLU G 71 61.00 2.33 -30.06
N LYS G 72 59.73 2.69 -30.24
CA LYS G 72 58.87 2.29 -31.34
C LYS G 72 58.82 0.78 -31.58
N ALA G 73 59.05 -0.02 -30.52
CA ALA G 73 59.09 -1.42 -30.48
C ALA G 73 57.94 -2.04 -29.73
N ILE G 74 57.48 -3.20 -30.08
CA ILE G 74 56.52 -3.99 -29.43
C ILE G 74 57.10 -4.49 -28.13
N LEU G 75 56.79 -3.84 -27.01
CA LEU G 75 57.34 -4.20 -25.70
C LEU G 75 56.80 -5.55 -25.16
N ASN G 76 55.71 -6.08 -25.72
CA ASN G 76 55.36 -7.48 -25.47
C ASN G 76 56.42 -8.45 -26.02
N GLU G 77 57.14 -8.10 -27.09
CA GLU G 77 58.30 -8.88 -27.54
C GLU G 77 59.51 -8.68 -26.62
N THR G 78 59.70 -7.50 -26.01
CA THR G 78 60.81 -7.30 -25.07
C THR G 78 60.58 -8.04 -23.75
N HIS G 79 59.33 -8.12 -23.25
CA HIS G 79 59.01 -9.02 -22.14
C HIS G 79 58.94 -10.50 -22.55
N GLU G 80 58.60 -10.82 -23.80
CA GLU G 80 58.83 -12.17 -24.32
C GLU G 80 60.31 -12.54 -24.24
N ARG G 81 61.22 -11.71 -24.75
CA ARG G 81 62.68 -11.93 -24.67
C ARG G 81 63.18 -12.06 -23.23
N ALA G 82 62.62 -11.28 -22.29
CA ALA G 82 62.90 -11.44 -20.86
C ALA G 82 62.49 -12.82 -20.33
N TYR G 83 61.36 -13.35 -20.80
CA TYR G 83 60.80 -14.59 -20.30
C TYR G 83 61.39 -15.82 -21.01
N THR G 84 61.58 -15.80 -22.34
CA THR G 84 61.98 -16.98 -23.13
C THR G 84 63.43 -17.37 -22.89
N ALA G 85 64.31 -16.43 -22.54
CA ALA G 85 65.64 -16.73 -22.01
C ALA G 85 65.58 -17.52 -20.68
N CYS G 86 64.46 -17.42 -19.96
CA CYS G 86 64.12 -18.19 -18.77
C CYS G 86 63.14 -19.34 -19.05
N ASP G 87 63.09 -19.84 -20.30
CA ASP G 87 62.16 -20.90 -20.77
C ASP G 87 60.65 -20.61 -20.55
N LEU G 88 60.28 -19.35 -20.33
CA LEU G 88 58.92 -18.89 -20.03
C LEU G 88 58.32 -18.06 -21.18
N LYS G 89 56.99 -17.92 -21.19
CA LYS G 89 56.24 -17.24 -22.26
C LYS G 89 55.37 -16.09 -21.71
N PRO G 90 55.14 -15.01 -22.48
CA PRO G 90 54.47 -13.79 -22.06
C PRO G 90 53.23 -13.96 -21.17
N GLU G 91 53.19 -13.19 -20.09
CA GLU G 91 52.03 -13.03 -19.22
C GLU G 91 51.89 -11.55 -18.85
N PRO G 92 50.67 -11.00 -18.90
CA PRO G 92 50.26 -9.83 -18.14
C PRO G 92 50.10 -10.15 -16.64
N LYS G 93 49.53 -9.21 -15.87
CA LYS G 93 49.29 -9.26 -14.41
C LYS G 93 50.60 -9.22 -13.61
N LYS G 94 51.50 -10.17 -13.81
CA LYS G 94 52.85 -10.21 -13.23
C LYS G 94 53.83 -10.86 -14.22
N LEU G 95 55.13 -10.69 -13.93
CA LEU G 95 56.15 -11.63 -14.40
C LEU G 95 55.66 -13.04 -14.04
N PRO G 96 55.87 -14.04 -14.91
CA PRO G 96 55.01 -15.23 -15.03
C PRO G 96 54.59 -15.82 -13.69
N LYS G 97 53.26 -15.80 -13.43
CA LYS G 97 52.60 -15.73 -12.11
C LYS G 97 53.16 -16.61 -10.98
N LYS G 98 53.64 -17.82 -11.29
CA LYS G 98 54.32 -18.72 -10.36
C LYS G 98 55.64 -18.10 -9.88
N VAL G 99 55.72 -17.73 -8.59
CA VAL G 99 56.70 -16.75 -8.07
C VAL G 99 58.17 -17.05 -8.35
N GLU G 100 58.58 -18.32 -8.39
CA GLU G 100 59.95 -18.69 -8.76
C GLU G 100 60.28 -18.35 -10.21
N ASP G 101 59.35 -18.63 -11.13
CA ASP G 101 59.48 -18.31 -12.56
C ASP G 101 59.30 -16.81 -12.83
N ALA G 102 58.38 -16.15 -12.11
CA ALA G 102 58.31 -14.69 -12.05
C ALA G 102 59.69 -14.13 -11.71
N LYS G 103 60.30 -14.62 -10.62
CA LYS G 103 61.63 -14.23 -10.19
C LYS G 103 62.69 -14.58 -11.22
N ARG G 104 62.65 -15.74 -11.91
CA ARG G 104 63.62 -16.05 -12.97
C ARG G 104 63.61 -15.00 -14.08
N VAL G 105 62.45 -14.66 -14.65
CA VAL G 105 62.42 -13.58 -15.66
C VAL G 105 62.79 -12.25 -15.02
N THR G 106 62.32 -11.95 -13.80
CA THR G 106 62.70 -10.74 -13.07
C THR G 106 64.22 -10.62 -13.01
N ASP G 107 64.91 -11.69 -12.63
CA ASP G 107 66.30 -11.79 -12.46
C ASP G 107 67.02 -11.65 -13.76
N TRP G 108 66.56 -12.41 -14.74
CA TRP G 108 67.11 -12.34 -16.06
C TRP G 108 66.77 -11.00 -16.72
N MET G 109 65.87 -10.20 -16.18
CA MET G 109 65.76 -8.80 -16.55
C MET G 109 66.81 -8.00 -15.80
N CYS G 110 66.75 -7.99 -14.48
CA CYS G 110 67.55 -7.12 -13.61
C CYS G 110 69.05 -7.26 -13.86
N THR G 111 69.53 -8.47 -14.14
CA THR G 111 70.89 -8.80 -14.34
C THR G 111 71.49 -8.03 -15.49
N ASN G 112 70.75 -7.78 -16.51
CA ASN G 112 71.15 -7.26 -17.76
C ASN G 112 70.46 -6.03 -18.28
N PHE G 113 69.15 -5.88 -18.08
CA PHE G 113 68.38 -4.71 -18.47
C PHE G 113 68.63 -3.60 -17.46
N TYR G 114 69.54 -2.68 -17.79
CA TYR G 114 69.92 -1.59 -17.00
C TYR G 114 68.74 -0.76 -16.57
N ASP G 115 67.88 -0.42 -17.47
CA ASP G 115 66.73 0.38 -17.28
C ASP G 115 65.80 -0.19 -16.25
N ILE G 116 65.60 -1.51 -16.17
CA ILE G 116 64.76 -2.14 -15.15
C ILE G 116 65.49 -2.19 -13.82
N ARG G 117 66.77 -2.54 -13.81
CA ARG G 117 67.58 -2.54 -12.58
C ARG G 117 67.57 -1.17 -11.90
N THR G 118 67.41 -0.11 -12.69
CA THR G 118 67.42 1.28 -12.25
C THR G 118 66.04 1.83 -11.91
N PHE G 119 65.09 1.77 -12.84
CA PHE G 119 63.81 2.47 -12.74
C PHE G 119 62.62 1.58 -12.41
N GLY G 120 62.78 0.26 -12.38
CA GLY G 120 61.67 -0.66 -12.17
C GLY G 120 60.66 -0.66 -13.33
N ALA G 121 59.63 -1.49 -13.25
CA ALA G 121 58.73 -1.75 -14.38
C ALA G 121 57.42 -2.40 -13.96
N VAL G 122 56.42 -2.27 -14.83
CA VAL G 122 55.23 -3.10 -14.90
C VAL G 122 54.93 -3.36 -16.38
N MET G 123 54.41 -4.54 -16.76
CA MET G 123 53.67 -4.65 -18.03
C MET G 123 52.25 -4.12 -17.78
N THR G 124 51.96 -2.90 -18.25
CA THR G 124 50.83 -2.10 -17.74
C THR G 124 49.48 -2.82 -17.90
N THR G 125 48.91 -3.14 -16.74
CA THR G 125 47.68 -3.93 -16.55
C THR G 125 46.78 -3.14 -15.58
N GLU G 126 45.45 -3.21 -15.68
CA GLU G 126 44.54 -2.32 -14.91
C GLU G 126 44.68 -2.43 -13.38
N VAL G 127 45.13 -3.56 -12.86
CA VAL G 127 45.46 -3.74 -11.43
C VAL G 127 46.72 -3.00 -10.98
N ASN G 128 47.49 -2.39 -11.90
CA ASN G 128 48.38 -1.25 -11.65
C ASN G 128 49.27 -1.40 -10.39
N CYS G 129 49.88 -2.56 -10.20
CA CYS G 129 50.57 -2.91 -8.96
C CYS G 129 51.54 -4.10 -9.16
N GLY G 130 52.42 -4.35 -8.19
CA GLY G 130 53.35 -5.48 -8.21
C GLY G 130 54.50 -5.31 -9.20
N GLN G 131 54.94 -6.42 -9.81
CA GLN G 131 56.13 -6.51 -10.65
C GLN G 131 57.39 -5.95 -9.95
N VAL G 132 57.91 -4.76 -10.28
CA VAL G 132 59.11 -4.22 -9.62
C VAL G 132 59.13 -2.69 -9.54
N ARG G 133 59.58 -2.17 -8.40
CA ARG G 133 59.60 -0.74 -8.04
C ARG G 133 61.01 -0.19 -8.14
N GLY G 134 61.19 0.95 -8.79
CA GLY G 134 62.53 1.47 -9.10
C GLY G 134 63.29 1.94 -7.86
N PRO G 135 64.56 1.53 -7.65
CA PRO G 135 65.39 2.12 -6.60
C PRO G 135 65.71 3.59 -6.83
N VAL G 136 65.60 4.10 -8.07
CA VAL G 136 65.79 5.51 -8.41
C VAL G 136 64.46 6.18 -8.75
N GLN G 137 64.18 7.35 -8.20
CA GLN G 137 62.94 8.11 -8.43
C GLN G 137 63.23 9.62 -8.51
N MET G 138 62.40 10.40 -9.21
CA MET G 138 62.51 11.79 -9.42
C MET G 138 61.19 12.46 -9.64
N ALA G 139 61.03 13.70 -9.34
CA ALA G 139 59.87 14.50 -9.35
C ALA G 139 59.81 15.47 -10.50
N PHE G 140 58.77 16.23 -10.62
CA PHE G 140 58.52 17.24 -11.57
C PHE G 140 59.53 18.34 -11.49
N ALA G 141 59.93 18.90 -12.63
CA ALA G 141 60.76 20.10 -12.64
C ALA G 141 59.89 21.33 -12.88
N ARG G 142 60.22 22.41 -12.20
CA ARG G 142 59.42 23.63 -12.27
C ARG G 142 60.34 24.83 -12.49
N SER G 143 59.83 25.80 -13.23
CA SER G 143 60.60 27.02 -13.49
C SER G 143 60.68 27.86 -12.22
N VAL G 144 61.85 28.46 -11.99
CA VAL G 144 62.03 29.31 -10.82
C VAL G 144 61.16 30.56 -10.90
N GLU G 145 60.78 30.98 -12.10
CA GLU G 145 60.03 32.20 -12.30
C GLU G 145 59.02 31.99 -13.40
N PRO G 146 57.94 32.77 -13.43
CA PRO G 146 56.95 32.60 -14.49
C PRO G 146 57.54 32.87 -15.86
N VAL G 147 56.96 32.22 -16.86
CA VAL G 147 57.45 32.28 -18.24
C VAL G 147 56.36 32.85 -19.13
N VAL G 148 56.76 33.25 -20.33
CA VAL G 148 55.85 33.89 -21.28
C VAL G 148 55.95 33.20 -22.63
N PRO G 149 55.28 32.09 -22.85
CA PRO G 149 55.28 31.45 -24.15
C PRO G 149 54.63 32.27 -25.23
N GLN G 150 54.94 32.08 -26.46
CA GLN G 150 54.47 32.74 -27.61
C GLN G 150 54.52 31.91 -28.86
N GLU G 151 53.56 31.99 -29.72
CA GLU G 151 53.55 31.48 -31.03
C GLU G 151 54.45 32.30 -31.92
N VAL G 152 55.12 31.74 -32.88
CA VAL G 152 56.00 32.28 -33.83
C VAL G 152 55.73 31.78 -35.21
N SER G 153 55.72 32.59 -36.22
CA SER G 153 55.44 32.35 -37.59
C SER G 153 56.58 32.73 -38.49
N ILE G 154 56.77 32.12 -39.60
CA ILE G 154 57.75 32.30 -40.61
C ILE G 154 57.16 32.54 -41.96
N THR G 155 57.81 33.22 -42.85
CA THR G 155 57.51 33.44 -44.22
C THR G 155 58.09 32.33 -45.05
N ARG G 156 57.71 31.06 -44.89
CA ARG G 156 58.02 29.96 -45.83
C ARG G 156 57.73 30.36 -47.31
N MET G 157 58.55 30.19 -48.31
CA MET G 157 58.56 30.27 -49.72
C MET G 157 57.94 29.10 -50.43
N ALA G 158 57.13 28.31 -49.79
CA ALA G 158 56.45 27.16 -50.24
C ALA G 158 55.23 26.85 -49.43
N VAL G 159 54.27 26.15 -49.93
CA VAL G 159 53.01 25.82 -49.39
C VAL G 159 52.80 24.34 -49.25
N THR G 160 52.09 23.93 -48.20
CA THR G 160 51.72 22.54 -47.91
C THR G 160 50.81 21.93 -48.97
N THR G 161 49.87 22.73 -49.49
CA THR G 161 48.76 22.38 -50.29
C THR G 161 48.41 23.44 -51.30
N LYS G 162 47.63 23.15 -52.29
CA LYS G 162 47.05 24.03 -53.21
C LYS G 162 46.46 25.21 -52.49
N ALA G 163 46.94 26.40 -52.63
CA ALA G 163 46.67 27.55 -51.87
C ALA G 163 46.75 28.84 -52.62
N GLU G 164 46.15 29.89 -52.08
CA GLU G 164 46.23 31.24 -52.63
C GLU G 164 47.36 32.05 -52.01
N ALA G 165 48.21 31.49 -51.20
CA ALA G 165 49.24 32.13 -50.48
C ALA G 165 50.13 32.96 -51.37
N GLU G 166 50.62 32.40 -52.42
CA GLU G 166 51.52 32.94 -53.37
C GLU G 166 51.07 32.78 -54.81
N ASP G 171 50.23 37.38 -51.15
CA ASP G 171 51.37 37.96 -51.73
C ASP G 171 52.65 37.69 -50.97
N ASN G 172 52.64 37.93 -49.71
CA ASN G 172 53.66 37.65 -48.77
C ASN G 172 53.95 36.17 -48.75
N ARG G 173 55.15 35.75 -48.54
CA ARG G 173 55.61 34.42 -48.62
C ARG G 173 54.89 33.51 -47.67
N THR G 174 54.73 32.26 -47.97
CA THR G 174 53.95 31.29 -47.31
C THR G 174 54.24 31.26 -45.83
N MET G 175 53.34 30.82 -45.01
CA MET G 175 53.33 30.90 -43.60
C MET G 175 54.03 29.76 -42.91
N GLY G 176 54.31 29.85 -41.61
CA GLY G 176 54.58 28.66 -40.78
C GLY G 176 54.08 28.84 -39.36
N ARG G 177 54.30 27.85 -38.48
CA ARG G 177 54.10 28.03 -37.04
C ARG G 177 55.05 27.24 -36.15
N LYS G 178 55.35 27.83 -35.00
CA LYS G 178 56.18 27.37 -33.90
C LYS G 178 55.67 28.08 -32.64
N HIS G 179 56.06 27.60 -31.48
CA HIS G 179 55.97 28.03 -30.15
C HIS G 179 57.28 27.92 -29.42
N ILE G 180 57.72 28.90 -28.68
CA ILE G 180 58.96 29.04 -28.05
C ILE G 180 58.90 29.65 -26.67
N VAL G 181 59.86 29.45 -25.86
CA VAL G 181 60.17 30.05 -24.61
C VAL G 181 61.36 30.96 -24.72
N PRO G 182 61.27 32.27 -24.50
CA PRO G 182 62.46 33.12 -24.65
C PRO G 182 63.64 32.61 -23.83
N TYR G 183 63.42 32.37 -22.54
CA TYR G 183 64.48 31.89 -21.66
C TYR G 183 63.86 31.39 -20.37
N GLY G 184 64.52 30.44 -19.74
CA GLY G 184 64.02 29.86 -18.51
C GLY G 184 65.03 29.01 -17.78
N LEU G 185 64.83 28.83 -16.48
CA LEU G 185 65.70 28.03 -15.63
C LEU G 185 64.85 27.08 -14.82
N TYR G 186 65.29 25.84 -14.69
CA TYR G 186 64.49 24.79 -14.06
C TYR G 186 65.32 24.07 -13.01
N VAL G 187 64.61 23.46 -12.05
CA VAL G 187 65.23 22.71 -10.97
C VAL G 187 64.45 21.41 -10.78
N ALA G 188 65.06 20.39 -10.26
CA ALA G 188 64.59 19.08 -10.07
C ALA G 188 65.14 18.40 -8.85
N HIS G 189 64.51 17.42 -8.30
CA HIS G 189 64.82 16.61 -7.19
C HIS G 189 64.78 15.14 -7.48
N GLY G 190 65.49 14.31 -6.79
CA GLY G 190 65.52 12.93 -6.84
C GLY G 190 66.02 12.20 -5.67
N PHE G 191 65.84 10.88 -5.64
CA PHE G 191 66.12 10.01 -4.50
C PHE G 191 66.68 8.67 -4.93
N ILE G 192 67.51 8.03 -4.11
CA ILE G 192 67.98 6.67 -4.32
C ILE G 192 67.85 5.87 -3.03
N SER G 193 67.24 4.69 -3.10
CA SER G 193 66.89 3.85 -1.95
C SER G 193 67.82 2.65 -1.83
N ALA G 194 68.52 2.43 -0.70
CA ALA G 194 69.31 1.28 -0.51
C ALA G 194 68.53 -0.01 -0.57
N PRO G 195 67.46 -0.16 0.23
CA PRO G 195 66.74 -1.43 0.25
C PRO G 195 66.31 -1.96 -1.08
N LEU G 196 65.79 -1.08 -1.94
CA LEU G 196 65.37 -1.49 -3.27
C LEU G 196 66.57 -1.82 -4.15
N ALA G 197 67.72 -1.16 -3.99
CA ALA G 197 68.94 -1.55 -4.69
C ALA G 197 69.42 -2.94 -4.26
N GLU G 198 69.22 -3.35 -3.02
CA GLU G 198 69.43 -4.63 -2.46
C GLU G 198 68.54 -5.66 -3.08
N LYS G 199 67.27 -5.32 -3.30
CA LYS G 199 66.34 -6.19 -4.05
C LYS G 199 66.72 -6.34 -5.51
N THR G 200 67.04 -5.27 -6.23
CA THR G 200 67.38 -5.36 -7.65
C THR G 200 68.85 -5.69 -7.91
N GLY G 201 69.75 -5.58 -6.93
CA GLY G 201 71.11 -5.64 -7.17
C GLY G 201 71.79 -4.52 -7.83
N PHE G 202 71.12 -3.37 -7.94
CA PHE G 202 71.67 -2.14 -8.49
C PHE G 202 73.01 -1.81 -7.81
N SER G 203 74.08 -1.92 -8.57
CA SER G 203 75.44 -1.87 -8.21
C SER G 203 76.08 -0.51 -8.39
N ASP G 204 77.21 -0.27 -7.82
CA ASP G 204 77.95 0.93 -7.83
C ASP G 204 78.30 1.40 -9.22
N GLU G 205 78.75 0.53 -10.06
CA GLU G 205 79.02 0.74 -11.43
C GLU G 205 77.87 1.48 -12.09
N ASP G 206 76.67 1.07 -11.83
CA ASP G 206 75.47 1.66 -12.25
C ASP G 206 75.39 3.09 -11.82
N LEU G 207 75.71 3.39 -10.60
CA LEU G 207 75.73 4.67 -10.01
C LEU G 207 76.66 5.61 -10.74
N THR G 208 77.85 5.19 -11.00
CA THR G 208 78.84 5.87 -11.74
C THR G 208 78.35 6.23 -13.11
N LEU G 209 77.88 5.28 -13.84
CA LEU G 209 77.28 5.41 -15.10
C LEU G 209 76.17 6.41 -15.09
N PHE G 210 75.39 6.44 -14.06
CA PHE G 210 74.29 7.29 -13.84
C PHE G 210 74.71 8.74 -13.76
N TRP G 211 75.65 9.03 -12.94
CA TRP G 211 76.30 10.29 -12.85
C TRP G 211 76.73 10.77 -14.21
N ASP G 212 77.47 9.96 -14.90
CA ASP G 212 78.02 10.21 -16.18
C ASP G 212 76.97 10.59 -17.17
N ALA G 213 75.91 9.86 -17.24
CA ALA G 213 74.76 10.09 -18.02
C ALA G 213 74.20 11.46 -17.75
N LEU G 214 73.89 11.76 -16.53
CA LEU G 214 73.35 12.98 -16.08
C LEU G 214 74.12 14.15 -16.62
N VAL G 215 75.39 14.17 -16.46
CA VAL G 215 76.25 15.22 -16.87
C VAL G 215 76.23 15.44 -18.36
N ASN G 216 76.33 14.41 -19.15
CA ASN G 216 76.50 14.37 -20.55
C ASN G 216 75.23 14.28 -21.36
N MET G 217 74.09 14.14 -20.76
CA MET G 217 72.86 13.74 -21.36
C MET G 217 72.41 14.66 -22.46
N PHE G 218 72.46 15.93 -22.28
CA PHE G 218 71.90 16.93 -23.10
C PHE G 218 72.52 17.03 -24.46
N GLU G 219 73.78 16.75 -24.61
CA GLU G 219 74.57 16.96 -25.76
C GLU G 219 74.09 16.18 -26.96
N HIS G 220 73.52 15.00 -26.73
CA HIS G 220 73.19 14.03 -27.77
C HIS G 220 71.81 14.24 -28.40
N ASP G 221 71.01 15.21 -27.92
CA ASP G 221 69.60 15.36 -28.29
C ASP G 221 69.27 16.70 -28.99
N ARG G 222 70.17 17.20 -29.83
CA ARG G 222 69.90 18.38 -30.66
C ARG G 222 68.82 18.08 -31.70
N SER G 223 67.87 18.99 -31.89
CA SER G 223 66.87 18.95 -32.97
C SER G 223 66.31 20.37 -33.19
N ALA G 224 65.42 20.51 -34.17
CA ALA G 224 64.91 21.83 -34.56
C ALA G 224 64.08 22.51 -33.46
N ALA G 225 63.14 21.80 -32.85
CA ALA G 225 62.14 22.40 -31.96
C ALA G 225 62.64 22.72 -30.54
N ARG G 226 63.64 21.99 -30.04
CA ARG G 226 64.11 22.19 -28.65
C ARG G 226 64.95 23.44 -28.47
N GLY G 227 65.57 23.96 -29.53
CA GLY G 227 66.44 25.02 -29.44
C GLY G 227 67.76 24.70 -28.86
N LEU G 228 68.02 25.00 -27.64
CA LEU G 228 69.18 24.75 -26.89
C LEU G 228 68.95 24.53 -25.42
N MET G 229 69.61 23.63 -24.79
CA MET G 229 69.62 23.30 -23.40
C MET G 229 71.00 23.02 -22.89
N SER G 230 71.23 23.08 -21.63
CA SER G 230 72.45 22.84 -20.96
C SER G 230 72.31 22.55 -19.51
N SER G 231 72.92 21.55 -18.97
CA SER G 231 73.05 21.23 -17.61
C SER G 231 73.98 22.21 -16.93
N ARG G 232 73.56 22.84 -15.84
CA ARG G 232 74.36 23.88 -15.21
C ARG G 232 75.00 23.42 -13.90
N LYS G 233 74.21 22.85 -12.99
CA LYS G 233 74.72 22.48 -11.67
C LYS G 233 74.15 21.15 -11.25
N LEU G 234 74.85 20.42 -10.46
CA LEU G 234 74.55 19.18 -9.85
C LEU G 234 75.18 19.02 -8.49
N ILE G 235 74.39 18.70 -7.47
CA ILE G 235 74.90 18.50 -6.11
C ILE G 235 74.35 17.18 -5.59
N VAL G 236 75.13 16.43 -4.89
CA VAL G 236 74.91 15.13 -4.36
C VAL G 236 75.04 15.11 -2.86
N PHE G 237 74.11 14.60 -2.13
CA PHE G 237 74.06 14.34 -0.74
C PHE G 237 74.17 12.86 -0.46
N LYS G 238 75.07 12.40 0.33
CA LYS G 238 75.32 11.07 0.74
C LYS G 238 75.11 10.88 2.22
N HIS G 239 74.20 10.07 2.66
CA HIS G 239 74.00 9.62 3.98
C HIS G 239 75.07 8.64 4.37
N GLN G 240 75.37 8.55 5.67
CA GLN G 240 76.45 7.72 6.16
C GLN G 240 75.97 6.42 6.77
N ASN G 241 74.82 5.92 6.47
CA ASN G 241 74.18 4.78 6.99
C ASN G 241 73.22 4.16 6.01
N ARG G 242 72.84 2.93 6.20
CA ARG G 242 71.92 2.21 5.40
C ARG G 242 70.61 2.95 5.27
N LEU G 243 70.08 3.42 6.35
CA LEU G 243 68.94 4.23 6.49
C LEU G 243 69.31 5.69 6.49
N GLY G 244 68.39 6.58 6.57
CA GLY G 244 68.57 7.94 6.56
C GLY G 244 69.22 8.55 7.74
N ASN G 245 69.61 9.78 7.69
CA ASN G 245 70.23 10.57 8.69
C ASN G 245 69.66 11.95 8.94
N ALA G 246 68.82 12.46 8.11
CA ALA G 246 68.25 13.76 8.12
C ALA G 246 66.98 13.84 7.31
N PRO G 247 66.13 14.84 7.54
CA PRO G 247 64.96 15.05 6.71
C PRO G 247 65.30 15.57 5.33
N ALA G 248 64.72 15.10 4.29
CA ALA G 248 64.93 15.46 2.95
C ALA G 248 64.71 16.93 2.71
N HIS G 249 63.61 17.44 3.13
CA HIS G 249 63.16 18.77 2.92
C HIS G 249 64.19 19.77 3.38
N LYS G 250 64.79 19.55 4.51
CA LYS G 250 65.84 20.32 5.06
C LYS G 250 67.00 20.42 4.11
N LEU G 251 67.43 19.33 3.56
CA LEU G 251 68.51 19.21 2.65
C LEU G 251 68.32 20.08 1.44
N PHE G 252 67.20 20.00 0.80
CA PHE G 252 66.82 20.76 -0.32
C PHE G 252 66.86 22.24 -0.05
N ASP G 253 66.70 22.62 1.22
CA ASP G 253 66.70 24.03 1.57
C ASP G 253 68.10 24.62 1.56
N LEU G 254 69.14 23.78 1.64
CA LEU G 254 70.50 24.30 1.69
C LEU G 254 70.88 25.04 0.42
N VAL G 255 70.31 24.65 -0.72
CA VAL G 255 70.61 25.27 -2.00
C VAL G 255 69.57 26.34 -2.26
N LYS G 256 70.03 27.53 -2.67
CA LYS G 256 69.16 28.68 -2.84
C LYS G 256 69.49 29.36 -4.16
N VAL G 257 68.46 29.85 -4.83
CA VAL G 257 68.59 30.51 -6.12
C VAL G 257 67.99 31.90 -6.01
N SER G 258 68.69 32.89 -6.56
CA SER G 258 68.22 34.27 -6.53
C SER G 258 68.73 34.99 -7.76
N ARG G 259 67.99 36.01 -8.16
CA ARG G 259 68.38 36.79 -9.33
C ARG G 259 69.63 37.59 -9.03
N ALA G 260 70.54 37.65 -10.00
CA ALA G 260 71.73 38.48 -9.86
C ALA G 260 71.29 39.92 -9.60
N GLU G 261 71.91 40.52 -8.57
CA GLU G 261 71.51 41.86 -8.17
C GLU G 261 71.62 42.86 -9.32
N GLY G 262 72.64 42.71 -10.17
CA GLY G 262 72.79 43.61 -11.30
C GLY G 262 71.76 43.42 -12.39
N SER G 263 71.20 42.22 -12.51
CA SER G 263 70.23 41.94 -13.56
C SER G 263 68.92 42.66 -13.27
N SER G 264 68.27 43.13 -14.34
CA SER G 264 66.98 43.79 -14.22
C SER G 264 66.16 43.47 -15.45
N GLY G 265 64.84 43.58 -15.30
CA GLY G 265 63.93 43.21 -16.36
C GLY G 265 63.91 41.71 -16.53
N PRO G 266 63.27 41.22 -17.59
CA PRO G 266 63.23 39.77 -17.81
C PRO G 266 64.64 39.21 -17.98
N ALA G 267 64.87 38.05 -17.36
CA ALA G 267 66.18 37.42 -17.47
C ALA G 267 66.38 36.86 -18.87
N ARG G 268 67.64 36.81 -19.30
CA ARG G 268 67.97 36.26 -20.59
C ARG G 268 69.24 35.43 -20.60
N SER G 269 69.86 35.19 -19.45
CA SER G 269 71.07 34.40 -19.40
C SER G 269 71.23 33.81 -18.01
N PHE G 270 72.03 32.74 -17.93
CA PHE G 270 72.34 32.16 -16.63
C PHE G 270 73.01 33.17 -15.72
N ALA G 271 73.69 34.17 -16.30
CA ALA G 271 74.33 35.20 -15.49
C ALA G 271 73.33 36.05 -14.73
N ASP G 272 72.07 36.07 -15.16
CA ASP G 272 71.06 36.86 -14.47
C ASP G 272 70.74 36.34 -13.08
N TYR G 273 71.19 35.14 -12.73
CA TYR G 273 70.87 34.52 -11.46
C TYR G 273 72.13 34.27 -10.65
N ALA G 274 71.94 34.03 -9.36
CA ALA G 274 73.00 33.68 -8.44
C ALA G 274 72.58 32.46 -7.64
N VAL G 275 73.56 31.63 -7.30
CA VAL G 275 73.30 30.36 -6.62
C VAL G 275 74.14 30.30 -5.35
N THR G 276 73.68 29.52 -4.38
CA THR G 276 74.36 29.38 -3.11
C THR G 276 74.10 27.99 -2.56
N VAL G 277 75.07 27.48 -1.80
CA VAL G 277 74.96 26.17 -1.16
C VAL G 277 75.51 26.31 0.25
N GLY G 278 74.70 25.97 1.24
CA GLY G 278 75.15 25.98 2.61
C GLY G 278 75.86 24.70 2.98
N GLN G 279 76.18 24.58 4.26
CA GLN G 279 76.81 23.37 4.78
C GLN G 279 75.73 22.35 5.16
N ALA G 280 76.14 21.07 5.23
CA ALA G 280 75.18 20.03 5.52
C ALA G 280 75.36 19.48 6.93
N PRO G 281 74.31 18.93 7.52
CA PRO G 281 74.45 18.31 8.85
C PRO G 281 75.49 17.19 8.82
N GLU G 282 76.11 16.96 9.98
CA GLU G 282 77.22 16.01 10.06
C GLU G 282 76.83 14.65 9.50
N GLY G 283 75.58 14.24 9.66
CA GLY G 283 75.17 12.91 9.20
C GLY G 283 75.23 12.75 7.70
N VAL G 284 75.42 13.83 6.95
CA VAL G 284 75.44 13.79 5.51
C VAL G 284 76.64 14.59 5.01
N GLU G 285 77.18 14.16 3.86
CA GLU G 285 78.31 14.82 3.23
C GLU G 285 77.87 15.36 1.87
N VAL G 286 78.52 16.43 1.43
CA VAL G 286 78.16 17.15 0.22
C VAL G 286 79.32 17.12 -0.75
N LYS G 287 79.02 16.81 -2.01
CA LYS G 287 79.98 16.88 -3.09
C LYS G 287 79.25 17.34 -4.34
N GLU G 288 79.93 18.15 -5.16
CA GLU G 288 79.28 18.82 -6.27
C GLU G 288 79.21 17.88 -7.47
N MET G 289 78.87 18.44 -8.64
CA MET G 289 78.48 17.63 -9.80
C MET G 289 79.39 16.42 -9.95
N LEU G 290 78.76 15.30 -10.27
CA LEU G 290 79.45 14.02 -10.47
C LEU G 290 80.49 13.78 -9.39
N MET H 1 79.59 6.35 -49.76
CA MET H 1 79.49 7.61 -49.20
C MET H 1 79.88 7.61 -47.74
N THR H 2 81.03 8.05 -47.36
CA THR H 2 81.57 8.06 -46.06
C THR H 2 80.84 9.00 -45.14
N ALA H 3 80.66 8.69 -43.91
CA ALA H 3 80.23 9.50 -42.85
C ALA H 3 81.35 10.29 -42.23
N ILE H 4 81.17 11.51 -41.85
CA ILE H 4 82.11 12.33 -41.19
C ILE H 4 82.64 11.63 -39.97
N ALA H 5 83.82 11.90 -39.53
CA ALA H 5 84.57 11.27 -38.52
C ALA H 5 84.48 11.88 -37.14
N ASN H 6 84.06 13.09 -36.99
CA ASN H 6 84.07 13.89 -35.83
C ASN H 6 82.86 14.77 -35.68
N ARG H 7 82.56 15.23 -34.51
CA ARG H 7 81.59 16.18 -34.14
C ARG H 7 82.09 17.59 -34.33
N TYR H 8 81.34 18.48 -34.90
CA TYR H 8 81.64 19.82 -35.23
C TYR H 8 80.63 20.80 -34.71
N GLU H 9 81.02 21.94 -34.24
CA GLU H 9 80.30 23.07 -33.81
C GLU H 9 80.84 24.35 -34.37
N PHE H 10 80.04 25.28 -34.76
CA PHE H 10 80.35 26.48 -35.43
C PHE H 10 79.54 27.66 -35.01
N VAL H 11 80.10 28.87 -35.11
CA VAL H 11 79.40 30.11 -34.81
C VAL H 11 79.48 30.98 -36.06
N LEU H 12 78.34 31.45 -36.53
CA LEU H 12 78.27 32.31 -37.69
C LEU H 12 77.90 33.73 -37.27
N LEU H 13 78.67 34.71 -37.75
CA LEU H 13 78.44 36.11 -37.45
C LEU H 13 78.31 36.87 -38.76
N PHE H 14 77.22 37.62 -38.90
CA PHE H 14 76.98 38.40 -40.10
C PHE H 14 76.42 39.76 -39.71
N ASP H 15 76.69 40.74 -40.56
CA ASP H 15 76.33 42.12 -40.26
C ASP H 15 74.84 42.35 -40.46
N VAL H 16 74.33 43.34 -39.73
CA VAL H 16 73.09 44.01 -40.08
C VAL H 16 73.47 45.49 -40.20
N GLU H 17 74.70 45.72 -40.65
CA GLU H 17 75.33 47.03 -40.66
C GLU H 17 74.46 47.98 -41.47
N ASN H 18 73.86 48.96 -40.80
CA ASN H 18 73.00 49.94 -41.46
C ASN H 18 72.03 49.24 -42.41
N GLY H 19 71.54 48.08 -41.97
CA GLY H 19 70.63 47.29 -42.78
C GLY H 19 69.63 46.50 -41.95
N ASN H 20 68.90 45.60 -42.60
CA ASN H 20 67.88 44.79 -41.98
C ASN H 20 68.30 43.32 -41.98
N PRO H 21 68.14 42.63 -40.85
CA PRO H 21 68.57 41.22 -40.81
C PRO H 21 67.54 40.27 -41.38
N ASN H 22 66.26 40.56 -41.15
CA ASN H 22 65.17 39.65 -41.52
C ASN H 22 63.86 40.39 -41.33
N GLY H 23 62.94 40.21 -42.28
CA GLY H 23 61.69 40.95 -42.22
C GLY H 23 60.68 40.29 -41.30
N ASP H 24 60.10 41.07 -40.40
CA ASP H 24 59.01 40.59 -39.56
C ASP H 24 57.73 40.69 -40.38
N PRO H 25 57.01 39.59 -40.61
CA PRO H 25 56.00 39.56 -41.65
C PRO H 25 54.99 40.66 -41.64
N ASP H 26 54.47 40.97 -40.45
CA ASP H 26 53.34 41.90 -40.36
C ASP H 26 53.74 43.33 -40.72
N ALA H 27 55.03 43.65 -40.65
CA ALA H 27 55.51 45.00 -40.94
C ALA H 27 56.61 45.00 -42.00
N GLY H 28 56.51 44.15 -43.00
CA GLY H 28 57.52 44.11 -44.05
C GLY H 28 58.89 43.81 -43.47
N ASN H 29 59.87 44.64 -43.82
CA ASN H 29 61.22 44.44 -43.30
C ASN H 29 61.38 45.10 -41.94
N MET H 30 60.47 44.80 -41.03
CA MET H 30 60.71 45.08 -39.62
C MET H 30 61.55 43.96 -39.02
N PRO H 31 62.50 44.26 -38.15
CA PRO H 31 63.30 43.18 -37.56
C PRO H 31 62.54 42.49 -36.43
N ARG H 32 62.48 41.20 -36.44
CA ARG H 32 62.01 40.38 -35.40
C ARG H 32 62.79 40.67 -34.15
N ILE H 33 62.20 41.35 -33.17
CA ILE H 33 62.91 41.72 -31.95
C ILE H 33 62.11 41.22 -30.76
N ASP H 34 62.83 40.94 -29.68
CA ASP H 34 62.20 40.53 -28.44
C ASP H 34 61.25 41.65 -28.01
N PRO H 35 59.93 41.42 -28.01
CA PRO H 35 59.01 42.50 -27.63
C PRO H 35 59.24 43.03 -26.23
N GLU H 36 59.82 42.22 -25.34
CA GLU H 36 60.12 42.68 -23.98
C GLU H 36 61.39 43.50 -23.90
N THR H 37 62.37 43.25 -24.77
CA THR H 37 63.64 43.97 -24.72
C THR H 37 64.03 44.64 -26.02
N GLY H 38 63.51 44.21 -27.17
CA GLY H 38 63.83 44.86 -28.42
C GLY H 38 65.09 44.40 -29.09
N HIS H 39 65.85 43.50 -28.47
CA HIS H 39 67.05 42.98 -29.11
C HIS H 39 66.67 42.13 -30.32
N GLY H 40 67.61 42.06 -31.26
CA GLY H 40 67.31 41.51 -32.58
C GLY H 40 67.16 40.00 -32.57
N LEU H 41 66.13 39.53 -33.27
CA LEU H 41 65.89 38.11 -33.47
C LEU H 41 65.78 37.82 -34.96
N VAL H 42 66.31 36.73 -35.40
CA VAL H 42 66.29 36.17 -36.70
C VAL H 42 65.85 34.74 -36.68
N THR H 43 64.89 34.32 -37.42
CA THR H 43 64.40 33.01 -37.52
C THR H 43 65.52 32.04 -37.79
N ASP H 44 65.64 30.97 -37.08
CA ASP H 44 66.53 29.89 -37.32
C ASP H 44 66.46 29.46 -38.76
N VAL H 45 65.30 29.41 -39.32
CA VAL H 45 64.98 29.08 -40.65
C VAL H 45 65.48 30.10 -41.64
N CYS H 46 65.99 31.22 -41.22
CA CYS H 46 66.46 32.30 -41.99
C CYS H 46 67.48 31.89 -43.00
N LEU H 47 68.46 31.16 -42.60
CA LEU H 47 69.63 30.79 -43.30
C LEU H 47 69.43 29.72 -44.35
N LYS H 48 68.44 28.90 -44.23
CA LYS H 48 68.19 27.73 -44.98
C LYS H 48 67.84 27.98 -46.41
N ARG H 49 67.01 28.92 -46.72
CA ARG H 49 66.68 29.36 -48.01
C ARG H 49 67.90 29.82 -48.76
N LYS H 50 68.70 30.65 -48.16
CA LYS H 50 69.92 31.14 -48.66
C LYS H 50 70.88 30.02 -48.99
N ILE H 51 70.99 29.05 -48.15
CA ILE H 51 71.74 27.86 -48.30
C ILE H 51 71.35 27.17 -49.58
N ARG H 52 70.11 26.84 -49.73
CA ARG H 52 69.53 26.21 -50.85
C ARG H 52 69.76 26.98 -52.11
N ASN H 53 69.66 28.28 -52.06
CA ASN H 53 69.90 29.20 -53.09
C ASN H 53 71.31 29.09 -53.62
N HIS H 54 72.26 29.11 -52.70
CA HIS H 54 73.65 28.98 -53.13
C HIS H 54 73.90 27.61 -53.73
N VAL H 55 73.28 26.57 -53.26
CA VAL H 55 73.32 25.26 -53.79
C VAL H 55 72.90 25.26 -55.23
N ALA H 56 71.74 25.76 -55.51
CA ALA H 56 71.15 25.91 -56.79
C ALA H 56 71.93 26.84 -57.69
N LEU H 57 72.71 27.72 -57.08
CA LEU H 57 73.49 28.70 -57.82
C LEU H 57 74.85 28.19 -58.24
N THR H 58 75.48 27.36 -57.41
CA THR H 58 76.81 26.82 -57.68
C THR H 58 76.79 25.42 -58.27
N LYS H 59 76.07 24.48 -57.76
CA LYS H 59 75.84 23.19 -58.28
C LYS H 59 74.84 23.16 -59.40
N GLU H 60 73.80 23.98 -59.27
CA GLU H 60 72.87 24.25 -60.36
C GLU H 60 72.30 22.98 -60.95
N GLY H 61 71.68 22.14 -60.11
CA GLY H 61 71.01 20.96 -60.59
C GLY H 61 71.89 19.74 -60.77
N ALA H 62 73.11 19.73 -60.33
CA ALA H 62 73.96 18.62 -60.26
C ALA H 62 73.26 17.48 -59.57
N GLU H 63 73.21 16.30 -60.12
CA GLU H 63 72.48 15.19 -59.66
C GLU H 63 72.52 15.09 -58.16
N ARG H 64 73.66 14.84 -57.60
CA ARG H 64 73.96 14.69 -56.24
C ARG H 64 73.74 15.92 -55.41
N PHE H 65 73.33 17.02 -55.94
CA PHE H 65 73.20 18.30 -55.34
C PHE H 65 71.90 19.01 -55.65
N ASN H 66 70.81 18.34 -55.71
CA ASN H 66 69.49 18.82 -55.79
C ASN H 66 69.10 19.52 -54.50
N ILE H 67 68.08 20.30 -54.46
CA ILE H 67 67.53 21.04 -53.39
C ILE H 67 66.09 20.69 -53.14
N TYR H 68 65.46 20.85 -52.01
CA TYR H 68 64.17 20.33 -51.60
C TYR H 68 63.20 21.47 -51.69
N ILE H 69 63.60 22.62 -51.16
CA ILE H 69 62.81 23.79 -51.11
C ILE H 69 63.08 24.70 -52.27
N GLN H 70 62.10 25.16 -52.98
CA GLN H 70 62.10 25.99 -54.11
C GLN H 70 61.07 27.09 -54.02
N GLU H 71 61.39 28.31 -54.28
CA GLU H 71 60.56 29.44 -54.17
C GLU H 71 59.28 29.26 -54.94
N LYS H 72 58.15 29.55 -54.39
CA LYS H 72 56.86 29.42 -54.96
C LYS H 72 56.46 27.99 -55.24
N ALA H 73 57.20 27.02 -54.84
CA ALA H 73 56.99 25.64 -54.99
C ALA H 73 56.02 25.11 -53.96
N ILE H 74 55.52 23.93 -54.11
CA ILE H 74 54.72 23.16 -53.24
C ILE H 74 55.58 22.22 -52.43
N LEU H 75 55.52 22.24 -51.10
CA LEU H 75 56.42 21.50 -50.22
C LEU H 75 56.45 20.00 -50.52
N ASN H 76 55.27 19.41 -50.76
CA ASN H 76 55.13 17.98 -51.07
C ASN H 76 55.71 17.56 -52.44
N GLU H 77 56.11 18.49 -53.32
CA GLU H 77 56.71 18.24 -54.58
C GLU H 77 57.96 17.43 -54.44
N THR H 78 58.87 17.82 -53.55
CA THR H 78 60.13 17.09 -53.33
C THR H 78 59.91 15.73 -52.68
N HIS H 79 58.90 15.61 -51.81
CA HIS H 79 58.47 14.34 -51.23
C HIS H 79 58.08 13.38 -52.36
N GLU H 80 57.22 13.83 -53.27
CA GLU H 80 56.73 13.16 -54.41
C GLU H 80 57.84 12.74 -55.33
N ARG H 81 58.77 13.58 -55.58
CA ARG H 81 59.95 13.37 -56.35
C ARG H 81 60.77 12.24 -55.80
N ALA H 82 61.06 12.26 -54.50
CA ALA H 82 61.89 11.24 -53.85
C ALA H 82 61.25 9.85 -53.89
N TYR H 83 59.92 9.79 -53.76
CA TYR H 83 59.16 8.55 -53.88
C TYR H 83 59.16 8.07 -55.34
N THR H 84 58.92 8.93 -56.35
CA THR H 84 58.94 8.62 -57.73
C THR H 84 60.27 8.05 -58.16
N ALA H 85 61.35 8.67 -57.81
CA ALA H 85 62.67 8.29 -58.10
C ALA H 85 62.95 6.88 -57.67
N CYS H 86 62.35 6.46 -56.55
CA CYS H 86 62.45 5.12 -55.98
C CYS H 86 61.27 4.22 -56.36
N ASP H 87 60.60 4.52 -57.48
CA ASP H 87 59.46 3.78 -58.05
C ASP H 87 58.29 3.57 -57.06
N LEU H 88 58.18 4.43 -56.03
CA LEU H 88 57.05 4.47 -55.11
C LEU H 88 56.00 5.50 -55.54
N LYS H 89 54.74 5.12 -55.36
CA LYS H 89 53.55 5.87 -55.35
C LYS H 89 53.61 6.87 -54.23
N PRO H 90 53.63 8.18 -54.45
CA PRO H 90 53.73 9.12 -53.34
C PRO H 90 52.68 8.93 -52.29
N GLU H 91 53.16 8.93 -51.03
CA GLU H 91 52.41 9.00 -49.77
C GLU H 91 53.01 10.16 -48.93
N PRO H 92 52.94 11.42 -49.39
CA PRO H 92 53.71 12.53 -48.81
C PRO H 92 53.33 12.91 -47.37
N LYS H 93 52.24 12.34 -46.83
CA LYS H 93 51.75 12.56 -45.47
C LYS H 93 52.12 11.44 -44.48
N LYS H 94 52.98 10.50 -44.88
CA LYS H 94 53.36 9.29 -44.11
C LYS H 94 54.75 8.81 -44.50
N LEU H 95 55.42 8.02 -43.66
CA LEU H 95 56.55 7.21 -44.12
C LEU H 95 56.15 6.37 -45.34
N PRO H 96 57.02 6.20 -46.35
CA PRO H 96 56.77 5.28 -47.44
C PRO H 96 56.60 3.87 -46.87
N LYS H 97 55.41 3.29 -46.99
CA LYS H 97 54.97 2.10 -46.24
C LYS H 97 55.87 0.89 -46.44
N LYS H 98 56.42 0.69 -47.64
CA LYS H 98 57.49 -0.29 -47.90
C LYS H 98 58.80 0.27 -47.37
N VAL H 99 59.18 -0.05 -46.13
CA VAL H 99 60.25 0.66 -45.42
C VAL H 99 61.65 0.51 -46.03
N GLU H 100 61.94 -0.57 -46.76
CA GLU H 100 63.17 -0.66 -47.55
C GLU H 100 63.22 0.35 -48.70
N ASP H 101 62.06 0.72 -49.24
CA ASP H 101 61.96 1.81 -50.20
C ASP H 101 61.71 3.16 -49.53
N ALA H 102 61.27 3.24 -48.27
CA ALA H 102 61.48 4.45 -47.49
C ALA H 102 62.97 4.73 -47.33
N LYS H 103 63.75 3.70 -47.04
CA LYS H 103 65.20 3.77 -47.14
C LYS H 103 65.62 4.15 -48.56
N ARG H 104 65.07 3.59 -49.66
CA ARG H 104 65.43 4.10 -50.99
C ARG H 104 65.09 5.57 -51.20
N VAL H 105 63.89 6.08 -50.84
CA VAL H 105 63.62 7.53 -50.94
C VAL H 105 64.63 8.29 -50.11
N THR H 106 64.95 7.81 -48.91
CA THR H 106 65.94 8.38 -48.01
C THR H 106 67.33 8.43 -48.62
N ASP H 107 67.81 7.34 -49.21
CA ASP H 107 69.04 7.23 -49.88
C ASP H 107 69.10 8.13 -51.08
N TRP H 108 68.13 8.06 -51.93
CA TRP H 108 67.99 8.77 -53.13
C TRP H 108 67.98 10.26 -52.91
N MET H 109 67.22 10.68 -51.89
CA MET H 109 67.15 12.07 -51.48
C MET H 109 68.44 12.47 -50.78
N CYS H 110 68.95 11.72 -49.81
CA CYS H 110 70.24 12.05 -49.19
C CYS H 110 71.41 11.97 -50.18
N THR H 111 71.21 11.59 -51.43
CA THR H 111 72.11 11.59 -52.52
C THR H 111 71.94 12.75 -53.45
N ASN H 112 70.85 12.83 -54.14
CA ASN H 112 70.45 13.84 -55.04
C ASN H 112 70.15 15.14 -54.33
N PHE H 113 69.37 15.10 -53.30
CA PHE H 113 68.98 16.16 -52.45
C PHE H 113 70.01 16.36 -51.39
N TYR H 114 71.10 16.99 -51.67
CA TYR H 114 72.15 17.35 -50.78
C TYR H 114 71.59 17.97 -49.52
N ASP H 115 70.67 18.86 -49.64
CA ASP H 115 70.00 19.51 -48.59
C ASP H 115 69.26 18.56 -47.69
N ILE H 116 68.83 17.38 -48.16
CA ILE H 116 68.25 16.32 -47.32
C ILE H 116 69.34 15.38 -46.78
N ARG H 117 70.47 15.24 -47.47
CA ARG H 117 71.70 14.70 -46.84
C ARG H 117 72.11 15.55 -45.63
N THR H 118 71.74 16.83 -45.61
CA THR H 118 72.10 17.81 -44.60
C THR H 118 71.03 17.98 -43.51
N PHE H 119 69.76 18.01 -43.89
CA PHE H 119 68.64 18.39 -43.02
C PHE H 119 67.48 17.40 -43.12
N GLY H 120 66.58 17.40 -42.12
CA GLY H 120 65.48 16.45 -42.09
C GLY H 120 64.34 16.80 -43.04
N ALA H 121 64.08 15.96 -44.03
CA ALA H 121 62.85 16.03 -44.83
C ALA H 121 61.71 15.33 -44.10
N VAL H 122 61.23 15.97 -43.04
CA VAL H 122 60.47 15.29 -41.97
C VAL H 122 59.41 16.22 -41.36
N MET H 123 59.22 16.31 -40.04
CA MET H 123 58.14 17.11 -39.42
C MET H 123 58.54 18.04 -38.27
N THR H 124 57.97 19.24 -38.33
CA THR H 124 57.60 20.15 -37.22
C THR H 124 56.15 20.63 -37.38
N THR H 125 55.63 20.72 -38.61
CA THR H 125 54.23 21.06 -38.90
C THR H 125 53.55 20.06 -39.83
N GLU H 126 54.22 19.60 -40.89
CA GLU H 126 53.77 18.51 -41.77
C GLU H 126 54.97 17.58 -42.07
N VAL H 127 54.79 16.36 -42.60
CA VAL H 127 55.75 15.25 -42.31
C VAL H 127 56.65 14.68 -43.41
N ASN H 128 56.32 14.71 -44.71
CA ASN H 128 57.01 13.87 -45.69
C ASN H 128 57.02 12.38 -45.26
N CYS H 129 58.09 11.66 -45.59
CA CYS H 129 58.48 10.40 -45.00
C CYS H 129 58.56 10.44 -43.46
N GLY H 130 58.87 11.60 -42.87
CA GLY H 130 59.28 11.66 -41.46
C GLY H 130 60.55 10.85 -41.23
N GLN H 131 60.84 10.54 -39.96
CA GLN H 131 61.88 9.61 -39.51
C GLN H 131 63.33 10.10 -39.69
N VAL H 132 63.67 10.68 -40.83
CA VAL H 132 65.02 11.17 -41.21
C VAL H 132 65.39 12.44 -40.43
N ARG H 133 65.73 12.30 -39.16
CA ARG H 133 66.20 13.40 -38.30
C ARG H 133 67.47 14.03 -38.88
N GLY H 134 67.56 15.36 -38.90
CA GLY H 134 68.63 16.06 -39.62
C GLY H 134 70.01 15.93 -38.93
N PRO H 135 71.07 15.51 -39.63
CA PRO H 135 72.42 15.39 -39.04
C PRO H 135 73.08 16.74 -38.73
N VAL H 136 72.63 17.83 -39.37
CA VAL H 136 73.04 19.21 -39.10
C VAL H 136 71.86 20.01 -38.56
N GLN H 137 72.08 20.86 -37.55
CA GLN H 137 71.05 21.71 -36.95
C GLN H 137 71.67 23.05 -36.53
N MET H 138 70.91 24.16 -36.46
CA MET H 138 71.28 25.41 -35.93
C MET H 138 70.13 26.20 -35.37
N ALA H 139 70.32 27.00 -34.38
CA ALA H 139 69.38 27.68 -33.57
C ALA H 139 68.96 29.02 -34.12
N PHE H 140 68.07 29.70 -33.49
CA PHE H 140 67.62 31.01 -33.76
C PHE H 140 68.77 31.98 -33.73
N ALA H 141 68.90 32.82 -34.76
CA ALA H 141 69.94 33.85 -34.77
C ALA H 141 69.45 35.09 -34.03
N ARG H 142 70.39 35.75 -33.36
CA ARG H 142 70.09 36.87 -32.47
C ARG H 142 71.09 37.98 -32.67
N SER H 143 70.68 39.20 -32.30
CA SER H 143 71.57 40.35 -32.37
C SER H 143 72.40 40.43 -31.09
N VAL H 144 73.61 40.99 -31.24
CA VAL H 144 74.54 41.05 -30.11
C VAL H 144 74.08 42.02 -29.03
N GLU H 145 73.21 42.96 -29.36
CA GLU H 145 72.83 44.02 -28.43
C GLU H 145 71.35 44.32 -28.59
N PRO H 146 70.75 45.00 -27.60
CA PRO H 146 69.39 45.52 -27.82
C PRO H 146 69.39 46.54 -28.94
N VAL H 147 68.78 46.16 -30.05
CA VAL H 147 68.99 46.85 -31.32
C VAL H 147 67.66 47.34 -31.88
N VAL H 148 66.75 47.76 -31.00
CA VAL H 148 65.49 48.35 -31.45
C VAL H 148 65.81 49.29 -32.60
N PRO H 149 65.33 49.02 -33.81
CA PRO H 149 65.90 49.66 -35.00
C PRO H 149 65.53 51.13 -35.11
N GLN H 150 66.35 51.85 -35.87
CA GLN H 150 66.00 53.19 -36.33
C GLN H 150 65.12 53.05 -37.55
N GLU H 151 63.86 53.50 -37.43
CA GLU H 151 62.88 53.23 -38.47
C GLU H 151 63.24 53.97 -39.76
N VAL H 152 62.97 53.31 -40.88
CA VAL H 152 63.23 53.87 -42.20
C VAL H 152 61.89 53.87 -42.94
N SER H 153 61.18 54.99 -42.88
CA SER H 153 59.94 55.15 -43.62
C SER H 153 60.27 55.33 -45.09
N ILE H 154 60.29 54.23 -45.83
CA ILE H 154 60.72 54.26 -47.23
C ILE H 154 59.68 54.99 -48.07
N THR H 155 60.16 55.68 -49.10
CA THR H 155 59.31 56.45 -50.00
C THR H 155 58.80 55.58 -51.14
N ARG H 156 57.84 54.71 -50.81
CA ARG H 156 57.31 53.76 -51.78
C ARG H 156 55.86 53.43 -51.43
N MET H 157 55.11 53.00 -52.43
CA MET H 157 53.74 52.56 -52.26
C MET H 157 53.59 51.04 -52.41
N ALA H 158 54.56 50.37 -53.03
CA ALA H 158 54.48 48.93 -53.23
C ALA H 158 54.73 48.19 -51.92
N VAL H 159 53.72 48.12 -51.06
CA VAL H 159 53.82 47.45 -49.78
C VAL H 159 52.49 46.78 -49.48
N THR H 160 52.43 45.99 -48.41
CA THR H 160 51.21 45.24 -48.10
C THR H 160 49.99 46.14 -47.99
N THR H 161 50.16 47.38 -47.54
CA THR H 161 49.06 48.32 -47.36
C THR H 161 49.13 49.39 -48.43
N LYS H 162 48.06 49.52 -49.20
CA LYS H 162 47.91 50.61 -50.15
C LYS H 162 47.27 51.82 -49.47
N ALA H 163 47.51 53.00 -50.04
CA ALA H 163 47.03 54.22 -49.41
C ALA H 163 46.74 55.26 -50.49
N GLU H 164 45.98 56.27 -50.11
CA GLU H 164 45.63 57.38 -51.00
C GLU H 164 46.81 58.30 -51.21
N ALA H 165 47.91 58.08 -50.48
CA ALA H 165 49.05 58.97 -50.56
C ALA H 165 49.60 59.09 -51.97
N GLU H 166 49.41 58.08 -52.81
CA GLU H 166 49.85 58.14 -54.19
C GLU H 166 48.86 57.41 -55.11
N ASP H 171 50.85 65.81 -49.42
CA ASP H 171 51.98 65.94 -50.32
C ASP H 171 53.01 64.84 -50.08
N ASN H 172 52.96 64.25 -48.89
CA ASN H 172 53.89 63.18 -48.55
C ASN H 172 53.58 61.93 -49.36
N ARG H 173 54.65 61.20 -49.69
CA ARG H 173 54.51 59.99 -50.49
C ARG H 173 54.02 58.83 -49.61
N THR H 174 53.63 57.74 -50.27
CA THR H 174 53.24 56.54 -49.55
C THR H 174 54.45 55.92 -48.85
N MET H 175 54.17 55.21 -47.77
CA MET H 175 55.23 54.71 -46.90
C MET H 175 54.89 53.29 -46.44
N GLY H 176 55.92 52.45 -46.44
CA GLY H 176 55.87 51.16 -45.77
C GLY H 176 57.05 51.06 -44.84
N ARG H 177 56.79 50.60 -43.61
CA ARG H 177 57.80 50.65 -42.57
C ARG H 177 58.87 49.59 -42.81
N LYS H 178 60.07 50.04 -43.15
CA LYS H 178 61.26 49.21 -43.22
C LYS H 178 62.30 49.82 -42.29
N HIS H 179 63.24 49.00 -41.85
CA HIS H 179 64.12 49.37 -40.75
C HIS H 179 65.54 48.92 -41.03
N ILE H 180 66.50 49.64 -40.44
CA ILE H 180 67.90 49.26 -40.47
C ILE H 180 68.49 49.54 -39.11
N VAL H 181 69.40 48.68 -38.67
CA VAL H 181 70.15 48.95 -37.44
C VAL H 181 71.33 49.85 -37.78
N PRO H 182 71.58 50.92 -37.02
CA PRO H 182 72.78 51.73 -37.30
C PRO H 182 74.01 50.86 -37.49
N TYR H 183 74.17 49.88 -36.61
CA TYR H 183 74.97 48.70 -36.90
C TYR H 183 74.61 47.63 -35.88
N GLY H 184 74.56 46.39 -36.34
CA GLY H 184 74.39 45.26 -35.46
C GLY H 184 75.06 44.04 -36.03
N LEU H 185 75.52 43.18 -35.14
CA LEU H 185 76.12 41.91 -35.50
C LEU H 185 75.20 40.80 -35.03
N TYR H 186 74.83 39.91 -35.95
CA TYR H 186 73.93 38.81 -35.62
C TYR H 186 74.74 37.53 -35.46
N VAL H 187 74.31 36.69 -34.52
CA VAL H 187 75.03 35.50 -34.12
C VAL H 187 74.13 34.29 -34.28
N ALA H 188 74.62 33.21 -34.77
CA ALA H 188 74.03 31.94 -34.98
C ALA H 188 74.88 30.80 -34.48
N HIS H 189 74.34 29.77 -33.92
CA HIS H 189 74.92 28.58 -33.42
C HIS H 189 74.48 27.37 -34.18
N GLY H 190 75.31 26.44 -34.51
CA GLY H 190 75.09 25.25 -35.17
C GLY H 190 75.85 24.05 -34.77
N PHE H 191 75.40 22.88 -35.05
CA PHE H 191 75.88 21.61 -34.65
C PHE H 191 75.97 20.62 -35.78
N ILE H 192 76.86 19.69 -35.74
CA ILE H 192 77.10 18.59 -36.61
C ILE H 192 77.29 17.30 -35.85
N SER H 193 76.51 16.28 -36.17
CA SER H 193 76.48 15.01 -35.45
C SER H 193 76.91 13.85 -36.36
N ALA H 194 78.02 13.20 -36.03
CA ALA H 194 78.51 12.04 -36.69
C ALA H 194 77.53 10.90 -36.72
N PRO H 195 76.93 10.53 -35.58
CA PRO H 195 76.05 9.38 -35.56
C PRO H 195 74.96 9.37 -36.58
N LEU H 196 74.32 10.52 -36.83
CA LEU H 196 73.25 10.64 -37.82
C LEU H 196 73.78 10.72 -39.24
N ALA H 197 74.98 11.26 -39.46
CA ALA H 197 75.73 11.20 -40.65
C ALA H 197 75.90 9.77 -41.09
N GLU H 198 76.20 8.90 -40.18
CA GLU H 198 76.34 7.51 -40.35
C GLU H 198 75.12 6.90 -40.99
N LYS H 199 73.96 7.35 -40.65
CA LYS H 199 72.69 7.01 -41.15
C LYS H 199 72.36 7.62 -42.48
N THR H 200 72.90 8.79 -42.76
CA THR H 200 72.54 9.61 -43.93
C THR H 200 73.68 9.74 -44.94
N GLY H 201 74.90 9.32 -44.63
CA GLY H 201 75.99 9.46 -45.44
C GLY H 201 76.46 10.81 -45.77
N PHE H 202 76.47 11.71 -44.86
CA PHE H 202 77.02 13.01 -44.92
C PHE H 202 78.51 12.93 -45.07
N SER H 203 79.14 13.55 -46.01
CA SER H 203 80.49 13.48 -46.42
C SER H 203 81.23 14.78 -46.32
N ASP H 204 82.53 14.77 -46.34
CA ASP H 204 83.40 15.88 -46.28
C ASP H 204 83.18 16.84 -47.41
N GLU H 205 82.90 16.38 -48.58
CA GLU H 205 82.49 17.12 -49.71
C GLU H 205 81.33 18.01 -49.34
N ASP H 206 80.33 17.46 -48.72
CA ASP H 206 79.20 18.09 -48.19
C ASP H 206 79.57 19.20 -47.24
N LEU H 207 80.47 18.95 -46.35
CA LEU H 207 80.99 19.85 -45.39
C LEU H 207 81.61 21.07 -46.04
N THR H 208 82.46 20.81 -47.04
CA THR H 208 83.11 21.90 -47.75
C THR H 208 82.09 22.74 -48.49
N LEU H 209 81.15 22.17 -49.16
CA LEU H 209 80.06 22.80 -49.80
C LEU H 209 79.28 23.64 -48.84
N PHE H 210 79.08 23.19 -47.64
CA PHE H 210 78.45 23.83 -46.56
C PHE H 210 79.15 25.10 -46.19
N TRP H 211 80.43 25.05 -45.99
CA TRP H 211 81.30 26.14 -45.80
C TRP H 211 81.10 27.18 -46.86
N ASP H 212 81.16 26.72 -48.11
CA ASP H 212 81.05 27.62 -49.25
C ASP H 212 79.70 28.34 -49.24
N ALA H 213 78.63 27.67 -49.00
CA ALA H 213 77.31 28.18 -48.88
C ALA H 213 77.23 29.24 -47.83
N LEU H 214 77.75 28.99 -46.68
CA LEU H 214 77.83 29.86 -45.58
C LEU H 214 78.49 31.16 -45.96
N VAL H 215 79.62 31.03 -46.66
CA VAL H 215 80.35 32.22 -47.09
C VAL H 215 79.53 33.01 -48.11
N ASN H 216 78.87 32.33 -49.04
CA ASN H 216 78.28 33.00 -50.19
C ASN H 216 76.83 33.38 -49.98
N MET H 217 76.21 33.08 -48.88
CA MET H 217 74.84 33.31 -48.58
C MET H 217 74.38 34.68 -48.98
N PHE H 218 74.94 35.68 -48.30
CA PHE H 218 74.42 37.04 -48.37
C PHE H 218 74.65 37.69 -49.72
N GLU H 219 75.51 37.11 -50.57
CA GLU H 219 75.65 37.63 -51.93
C GLU H 219 74.35 37.57 -52.70
N HIS H 220 73.42 36.71 -52.28
CA HIS H 220 72.14 36.54 -52.94
C HIS H 220 71.03 37.38 -52.30
N ASP H 221 71.33 38.11 -51.22
CA ASP H 221 70.31 38.85 -50.47
C ASP H 221 70.84 40.26 -50.21
N ARG H 222 70.23 41.24 -50.87
CA ARG H 222 70.52 42.65 -50.65
C ARG H 222 69.29 43.48 -50.96
N SER H 223 69.14 44.59 -50.24
CA SER H 223 68.05 45.53 -50.47
C SER H 223 68.33 46.77 -49.62
N ALA H 224 67.54 47.81 -49.86
CA ALA H 224 67.71 49.06 -49.12
C ALA H 224 67.59 48.84 -47.61
N ALA H 225 66.53 48.15 -47.19
CA ALA H 225 66.37 47.82 -45.77
C ALA H 225 67.41 46.80 -45.34
N ARG H 226 67.65 45.78 -46.18
CA ARG H 226 68.63 44.76 -45.85
C ARG H 226 70.01 45.38 -45.67
N GLY H 227 70.34 46.39 -46.46
CA GLY H 227 71.63 47.05 -46.30
C GLY H 227 72.75 46.05 -46.45
N LEU H 228 73.66 46.05 -45.48
CA LEU H 228 74.82 45.17 -45.51
C LEU H 228 74.63 44.06 -44.48
N MET H 229 74.71 42.81 -44.94
CA MET H 229 74.93 41.65 -44.08
C MET H 229 76.06 40.85 -44.71
N SER H 230 77.29 41.23 -44.37
CA SER H 230 78.46 40.51 -44.84
C SER H 230 78.69 39.28 -43.96
N SER H 231 79.15 38.20 -44.59
CA SER H 231 79.51 36.98 -43.85
C SER H 231 80.83 37.28 -43.15
N ARG H 232 80.74 38.04 -42.07
CA ARG H 232 81.93 38.53 -41.37
C ARG H 232 82.85 37.39 -40.98
N LYS H 233 82.31 36.40 -40.28
CA LYS H 233 83.12 35.32 -39.73
C LYS H 233 82.31 34.03 -39.72
N LEU H 234 83.04 32.91 -39.72
CA LEU H 234 82.45 31.58 -39.54
C LEU H 234 83.50 30.73 -38.85
N ILE H 235 83.42 30.66 -37.53
CA ILE H 235 84.36 29.86 -36.74
C ILE H 235 83.80 28.45 -36.62
N VAL H 236 84.65 27.46 -36.90
CA VAL H 236 84.26 26.05 -36.84
C VAL H 236 85.13 25.35 -35.82
N PHE H 237 84.49 24.62 -34.91
CA PHE H 237 85.18 23.83 -33.90
C PHE H 237 85.08 22.37 -34.27
N LYS H 238 86.22 21.67 -34.22
CA LYS H 238 86.26 20.24 -34.54
C LYS H 238 86.65 19.46 -33.30
N HIS H 239 85.94 18.44 -32.97
CA HIS H 239 86.19 17.44 -32.01
C HIS H 239 87.17 16.42 -32.52
N GLN H 240 87.93 15.80 -31.61
CA GLN H 240 88.98 14.89 -32.03
C GLN H 240 88.51 13.45 -32.19
N ASN H 241 87.29 13.11 -31.95
CA ASN H 241 86.73 11.81 -31.93
C ASN H 241 85.30 11.78 -32.37
N ARG H 242 84.67 10.64 -32.37
CA ARG H 242 83.32 10.41 -32.71
C ARG H 242 82.38 11.25 -31.88
N LEU H 243 82.56 11.27 -30.60
CA LEU H 243 81.83 11.93 -29.59
C LEU H 243 82.58 13.10 -29.00
N GLY H 244 81.97 14.18 -28.70
CA GLY H 244 82.57 15.32 -28.23
C GLY H 244 83.41 15.17 -27.02
N ASN H 245 84.10 16.17 -26.59
CA ASN H 245 85.00 16.26 -25.51
C ASN H 245 84.82 17.42 -24.57
N ALA H 246 83.84 18.24 -24.71
CA ALA H 246 83.52 19.39 -23.97
C ALA H 246 82.10 19.85 -24.15
N PRO H 247 81.49 20.52 -23.17
CA PRO H 247 80.17 21.08 -23.37
C PRO H 247 80.11 22.11 -24.45
N ALA H 248 79.07 22.20 -25.22
CA ALA H 248 78.86 23.11 -26.27
C ALA H 248 78.96 24.54 -25.81
N HIS H 249 78.25 24.90 -24.78
CA HIS H 249 78.20 26.20 -24.23
C HIS H 249 79.55 26.72 -23.86
N LYS H 250 80.43 25.90 -23.39
CA LYS H 250 81.79 26.17 -23.14
C LYS H 250 82.49 26.70 -24.37
N LEU H 251 82.31 26.08 -25.48
CA LEU H 251 82.84 26.43 -26.74
C LEU H 251 82.44 27.82 -27.15
N PHE H 252 81.17 28.09 -27.17
CA PHE H 252 80.60 29.35 -27.47
C PHE H 252 81.12 30.44 -26.57
N ASP H 253 81.40 30.08 -25.32
CA ASP H 253 82.03 31.03 -24.41
C ASP H 253 83.38 31.49 -24.94
N LEU H 254 84.09 30.61 -25.63
CA LEU H 254 85.39 30.98 -26.19
C LEU H 254 85.26 32.10 -27.22
N VAL H 255 84.12 32.19 -27.90
CA VAL H 255 83.92 33.21 -28.92
C VAL H 255 83.43 34.47 -28.26
N LYS H 256 84.36 35.30 -27.77
CA LYS H 256 83.99 36.52 -27.07
C LYS H 256 83.81 37.65 -28.08
N VAL H 257 82.62 38.24 -28.09
CA VAL H 257 82.27 39.31 -29.00
C VAL H 257 81.66 40.45 -28.20
N SER H 258 82.09 41.67 -28.48
CA SER H 258 81.59 42.84 -27.78
C SER H 258 81.94 44.07 -28.59
N ARG H 259 81.30 45.19 -28.25
CA ARG H 259 81.61 46.45 -28.91
C ARG H 259 83.05 46.84 -28.66
N ALA H 260 83.69 47.39 -29.69
CA ALA H 260 85.05 47.88 -29.55
C ALA H 260 85.08 49.00 -28.52
N GLU H 261 85.73 48.74 -27.38
CA GLU H 261 85.81 49.73 -26.33
C GLU H 261 86.40 51.05 -26.83
N GLY H 262 87.28 50.98 -27.83
CA GLY H 262 87.75 52.20 -28.47
C GLY H 262 86.69 52.95 -29.24
N SER H 263 85.67 52.23 -29.72
CA SER H 263 84.56 52.88 -30.41
C SER H 263 83.69 53.65 -29.42
N SER H 264 83.15 54.76 -29.88
CA SER H 264 82.34 55.63 -29.04
C SER H 264 81.06 55.98 -29.76
N GLY H 265 80.02 56.27 -28.99
CA GLY H 265 78.72 56.60 -29.53
C GLY H 265 78.04 55.37 -30.10
N PRO H 266 76.83 55.54 -30.62
CA PRO H 266 76.13 54.40 -31.21
C PRO H 266 76.92 53.82 -32.38
N ALA H 267 76.88 52.50 -32.50
CA ALA H 267 77.71 51.82 -33.47
C ALA H 267 77.16 52.01 -34.89
N ARG H 268 78.07 52.13 -35.84
CA ARG H 268 77.72 52.24 -37.26
C ARG H 268 78.49 51.28 -38.14
N SER H 269 79.42 50.51 -37.60
CA SER H 269 80.30 49.67 -38.41
C SER H 269 80.75 48.48 -37.61
N PHE H 270 81.23 47.46 -38.32
CA PHE H 270 81.83 46.31 -37.65
C PHE H 270 83.05 46.72 -36.85
N ALA H 271 83.72 47.80 -37.26
CA ALA H 271 84.82 48.32 -36.46
C ALA H 271 84.39 48.69 -35.06
N ASP H 272 83.11 49.01 -34.87
CA ASP H 272 82.60 49.29 -33.53
C ASP H 272 82.56 48.04 -32.65
N TYR H 273 82.91 46.87 -33.17
CA TYR H 273 82.83 45.64 -32.43
C TYR H 273 84.12 44.85 -32.61
N ALA H 274 84.44 44.04 -31.60
CA ALA H 274 85.65 43.23 -31.59
C ALA H 274 85.27 41.75 -31.47
N VAL H 275 85.94 40.91 -32.24
CA VAL H 275 85.72 39.47 -32.24
C VAL H 275 87.01 38.81 -31.77
N THR H 276 86.90 37.96 -30.75
CA THR H 276 88.06 37.27 -30.19
C THR H 276 87.69 35.83 -29.91
N VAL H 277 88.70 34.96 -29.91
CA VAL H 277 88.52 33.53 -29.70
C VAL H 277 89.51 33.07 -28.63
N GLY H 278 89.01 32.47 -27.57
CA GLY H 278 89.87 31.80 -26.63
C GLY H 278 90.29 30.43 -27.13
N GLN H 279 91.39 29.92 -26.59
CA GLN H 279 91.91 28.64 -27.05
C GLN H 279 91.04 27.51 -26.55
N ALA H 280 90.63 26.62 -27.46
CA ALA H 280 89.85 25.47 -27.08
C ALA H 280 90.74 24.39 -26.48
N PRO H 281 90.20 23.50 -25.65
CA PRO H 281 91.01 22.42 -25.10
C PRO H 281 91.54 21.51 -26.20
N GLU H 282 92.48 20.64 -25.80
CA GLU H 282 93.06 19.69 -26.74
C GLU H 282 92.00 18.81 -27.39
N GLY H 283 90.87 18.60 -26.73
CA GLY H 283 89.81 17.77 -27.28
C GLY H 283 89.08 18.47 -28.42
N VAL H 284 89.41 19.74 -28.65
CA VAL H 284 88.79 20.52 -29.72
C VAL H 284 89.89 21.28 -30.45
N GLU H 285 89.69 21.42 -31.76
CA GLU H 285 90.56 22.26 -32.57
C GLU H 285 89.68 23.26 -33.32
N VAL H 286 90.14 24.51 -33.37
CA VAL H 286 89.33 25.61 -33.85
C VAL H 286 89.94 26.17 -35.14
N LYS H 287 89.12 26.33 -36.16
CA LYS H 287 89.49 27.00 -37.39
C LYS H 287 88.64 28.26 -37.53
N GLU H 288 89.25 29.33 -38.02
CA GLU H 288 88.61 30.64 -37.89
C GLU H 288 88.69 31.55 -39.11
N MET H 289 88.86 31.05 -40.33
CA MET H 289 88.99 31.97 -41.46
C MET H 289 87.70 32.11 -42.26
N LEU H 290 86.82 31.11 -42.23
CA LEU H 290 85.59 31.18 -43.00
C LEU H 290 84.79 32.42 -42.59
N LEU I 3 -64.99 -42.32 -0.41
CA LEU I 3 -63.78 -42.99 -0.22
C LEU I 3 -63.98 -44.48 -0.09
N GLN I 4 -63.92 -45.22 -1.15
CA GLN I 4 -64.08 -46.62 -1.24
C GLN I 4 -63.16 -47.35 -0.31
N ALA I 5 -61.98 -46.86 -0.11
CA ALA I 5 -60.89 -47.50 0.52
C ALA I 5 -61.23 -48.00 1.90
N LEU I 6 -61.73 -47.18 2.75
CA LEU I 6 -62.09 -47.44 4.08
C LEU I 6 -63.17 -48.49 4.18
N HIS I 7 -64.21 -48.29 3.37
CA HIS I 7 -65.31 -49.25 3.34
C HIS I 7 -64.80 -50.63 2.97
N GLY I 8 -63.99 -50.71 1.92
CA GLY I 8 -63.44 -51.99 1.51
C GLY I 8 -62.55 -52.59 2.58
N TYR I 9 -61.77 -51.83 3.27
CA TYR I 9 -60.93 -52.22 4.33
C TYR I 9 -61.71 -52.89 5.44
N TYR I 10 -62.78 -52.21 5.86
CA TYR I 10 -63.64 -52.77 6.87
C TYR I 10 -64.25 -54.09 6.40
N GLN I 11 -64.75 -54.11 5.17
CA GLN I 11 -65.31 -55.34 4.62
C GLN I 11 -64.29 -56.47 4.65
N ARG I 12 -63.05 -56.21 4.38
CA ARG I 12 -62.00 -57.14 4.24
C ARG I 12 -61.86 -58.02 5.46
N MET I 13 -61.75 -57.44 6.60
CA MET I 13 -61.47 -57.99 7.86
C MET I 13 -62.59 -58.02 8.86
N SER I 14 -63.70 -57.35 8.56
CA SER I 14 -64.86 -57.43 9.44
C SER I 14 -65.32 -58.88 9.60
N ALA I 15 -65.09 -59.72 8.59
CA ALA I 15 -65.38 -61.14 8.73
C ALA I 15 -64.43 -61.83 9.70
N ASP I 16 -63.35 -61.17 10.09
CA ASP I 16 -62.37 -61.69 11.01
C ASP I 16 -62.73 -61.30 12.44
N PRO I 17 -62.23 -62.04 13.44
CA PRO I 17 -62.71 -61.85 14.82
C PRO I 17 -62.19 -60.58 15.50
N ASP I 18 -61.57 -59.66 14.78
CA ASP I 18 -60.99 -58.47 15.41
C ASP I 18 -61.07 -57.29 14.46
N ALA I 19 -60.98 -56.10 14.96
CA ALA I 19 -60.94 -54.88 14.27
C ALA I 19 -62.21 -54.54 13.55
N GLY I 20 -63.27 -55.32 13.77
CA GLY I 20 -64.57 -55.02 13.19
C GLY I 20 -65.66 -55.53 14.10
N MET I 21 -66.68 -54.69 14.27
CA MET I 21 -67.79 -55.01 15.15
C MET I 21 -69.08 -54.96 14.34
N PRO I 22 -70.10 -55.73 14.72
CA PRO I 22 -71.31 -55.83 13.89
C PRO I 22 -72.26 -54.65 14.03
N PRO I 23 -72.18 -53.81 15.10
CA PRO I 23 -73.20 -52.76 15.24
C PRO I 23 -73.32 -51.85 14.02
N TYR I 24 -74.32 -50.96 14.04
CA TYR I 24 -74.52 -50.03 12.94
C TYR I 24 -74.92 -48.65 13.47
N LEU I 180 -85.71 -40.12 3.90
CA LEU I 180 -86.10 -40.68 2.63
C LEU I 180 -85.13 -41.72 2.12
N CYS I 181 -85.28 -42.11 0.85
CA CYS I 181 -84.42 -43.09 0.22
C CYS I 181 -83.83 -42.50 -1.05
N GLY I 182 -82.56 -42.80 -1.30
CA GLY I 182 -81.86 -42.28 -2.45
C GLY I 182 -80.75 -43.19 -2.89
N GLN I 183 -79.79 -42.61 -3.60
CA GLN I 183 -78.66 -43.36 -4.12
C GLN I 183 -77.47 -43.22 -3.18
N CYS I 184 -76.99 -44.34 -2.64
CA CYS I 184 -75.84 -44.33 -1.76
C CYS I 184 -74.58 -44.07 -2.57
N LEU I 185 -73.95 -42.92 -2.35
CA LEU I 185 -72.79 -42.55 -3.16
C LEU I 185 -71.67 -43.56 -3.03
N ILE I 186 -71.26 -43.87 -1.80
CA ILE I 186 -70.07 -44.67 -1.58
C ILE I 186 -70.23 -46.04 -2.23
N THR I 187 -71.40 -46.66 -2.11
CA THR I 187 -71.66 -47.95 -2.72
C THR I 187 -72.29 -47.86 -4.10
N GLY I 188 -72.93 -46.74 -4.42
CA GLY I 188 -73.59 -46.59 -5.70
C GLY I 188 -74.94 -47.26 -5.80
N GLU I 189 -75.42 -47.89 -4.74
CA GLU I 189 -76.70 -48.56 -4.76
C GLU I 189 -77.84 -47.55 -4.69
N ARG I 190 -79.03 -48.00 -5.05
CA ARG I 190 -80.19 -47.11 -5.17
C ARG I 190 -81.26 -47.50 -4.15
N GLN I 191 -82.04 -46.49 -3.75
CA GLN I 191 -83.18 -46.66 -2.86
C GLN I 191 -82.77 -47.29 -1.53
N LYS I 192 -81.96 -46.55 -0.79
CA LYS I 192 -81.57 -46.93 0.55
C LYS I 192 -81.76 -45.76 1.51
N PRO I 193 -81.99 -46.02 2.79
CA PRO I 193 -82.14 -44.91 3.75
C PRO I 193 -80.85 -44.09 3.82
N ILE I 194 -81.03 -42.78 3.98
CA ILE I 194 -79.93 -41.83 3.97
C ILE I 194 -79.74 -41.31 5.39
N ALA I 195 -78.49 -41.29 5.83
CA ALA I 195 -78.17 -40.82 7.18
C ALA I 195 -78.30 -39.31 7.27
N GLN I 196 -78.79 -38.82 8.41
CA GLN I 196 -78.90 -37.39 8.63
C GLN I 196 -77.67 -36.81 9.30
N LEU I 197 -76.90 -37.62 10.02
CA LEU I 197 -75.65 -37.17 10.61
C LEU I 197 -74.79 -38.40 10.89
N HIS I 198 -73.49 -38.18 11.01
CA HIS I 198 -72.53 -39.26 11.08
C HIS I 198 -71.97 -39.41 12.48
N PRO I 199 -71.51 -40.61 12.85
CA PRO I 199 -70.84 -40.76 14.14
C PRO I 199 -69.53 -39.98 14.17
N SER I 200 -69.08 -39.61 15.32
CA SER I 200 -67.96 -38.81 15.59
C SER I 200 -66.65 -39.53 15.41
N ILE I 201 -65.55 -38.86 15.32
CA ILE I 201 -64.20 -39.26 15.20
C ILE I 201 -63.39 -38.85 16.38
N LYS I 202 -62.56 -39.67 16.94
CA LYS I 202 -61.74 -39.45 18.07
C LYS I 202 -60.78 -38.33 17.84
N GLY I 203 -60.68 -37.34 18.67
CA GLY I 203 -59.71 -36.37 18.73
C GLY I 203 -58.64 -36.53 19.72
N GLY I 204 -58.02 -35.50 20.19
CA GLY I 204 -57.03 -35.52 21.15
C GLY I 204 -55.77 -36.20 20.77
N ARG I 205 -54.86 -36.39 21.66
CA ARG I 205 -53.61 -37.03 21.46
C ARG I 205 -53.76 -38.43 20.96
N ASP I 206 -54.60 -39.22 21.58
CA ASP I 206 -54.94 -40.53 21.22
C ASP I 206 -55.46 -40.62 19.80
N GLY I 207 -56.41 -39.77 19.43
CA GLY I 207 -56.97 -39.67 18.09
C GLY I 207 -56.10 -38.80 17.18
N VAL I 208 -56.73 -37.87 16.45
CA VAL I 208 -55.99 -36.85 15.68
C VAL I 208 -55.44 -35.78 16.61
N ARG I 209 -54.12 -35.71 16.73
CA ARG I 209 -53.42 -34.75 17.58
C ARG I 209 -53.76 -33.32 17.19
N GLY I 210 -54.08 -32.49 18.17
CA GLY I 210 -54.43 -31.16 18.08
C GLY I 210 -55.82 -30.78 17.75
N ALA I 211 -56.69 -31.69 17.60
CA ALA I 211 -58.06 -31.56 17.27
C ALA I 211 -58.96 -31.45 18.48
N GLN I 212 -60.16 -31.04 18.32
CA GLN I 212 -61.20 -31.03 19.27
C GLN I 212 -61.50 -32.44 19.74
N ALA I 213 -61.97 -32.65 20.92
CA ALA I 213 -62.31 -33.90 21.47
C ALA I 213 -63.16 -34.73 20.54
N VAL I 214 -64.10 -34.14 19.89
CA VAL I 214 -65.03 -34.62 18.94
C VAL I 214 -64.83 -33.98 17.59
N ALA I 215 -64.53 -34.68 16.56
CA ALA I 215 -64.24 -34.28 15.24
C ALA I 215 -65.01 -35.03 14.18
N SER I 216 -65.27 -34.46 13.05
CA SER I 216 -65.99 -34.96 11.95
C SER I 216 -65.37 -34.60 10.63
N ILE I 217 -65.58 -35.36 9.60
CA ILE I 217 -65.16 -35.18 8.27
C ILE I 217 -66.11 -34.35 7.44
N VAL I 218 -67.40 -34.60 7.64
CA VAL I 218 -68.46 -33.96 6.87
C VAL I 218 -69.38 -33.23 7.83
N SER I 219 -69.63 -31.96 7.56
CA SER I 219 -70.45 -31.13 8.44
C SER I 219 -70.94 -29.92 7.66
N PHE I 220 -72.16 -29.50 7.96
CA PHE I 220 -72.81 -28.41 7.22
C PHE I 220 -73.51 -27.46 8.19
N ASN I 221 -72.80 -27.02 9.23
CA ASN I 221 -73.41 -26.25 10.30
C ASN I 221 -74.01 -24.94 9.81
N ASN I 222 -73.36 -24.15 9.03
CA ASN I 222 -73.64 -22.82 8.65
C ASN I 222 -74.36 -22.70 7.34
N THR I 223 -75.15 -21.64 7.17
CA THR I 223 -75.92 -21.47 5.95
C THR I 223 -75.02 -21.32 4.73
N ALA I 224 -73.87 -20.67 4.89
CA ALA I 224 -73.00 -20.43 3.76
C ALA I 224 -72.53 -21.73 3.12
N PHE I 225 -72.58 -22.83 3.75
CA PHE I 225 -72.15 -24.13 3.36
C PHE I 225 -73.20 -24.99 2.72
N GLU I 226 -74.42 -24.47 2.59
CA GLU I 226 -75.56 -25.25 2.10
C GLU I 226 -75.94 -24.78 0.71
N SER I 227 -76.32 -25.73 -0.14
CA SER I 227 -76.56 -25.45 -1.55
C SER I 227 -77.83 -26.14 -2.02
N TYR I 228 -78.46 -25.55 -3.04
CA TYR I 228 -79.67 -26.11 -3.64
C TYR I 228 -80.74 -26.37 -2.60
N GLY I 229 -80.80 -25.55 -1.57
CA GLY I 229 -81.89 -25.60 -0.62
C GLY I 229 -82.02 -26.88 0.16
N LYS I 230 -80.93 -27.61 0.39
CA LYS I 230 -80.97 -28.85 1.15
C LYS I 230 -80.08 -28.70 2.39
N GLU I 231 -80.50 -29.36 3.47
CA GLU I 231 -80.00 -29.06 4.80
C GLU I 231 -79.24 -30.23 5.40
N GLN I 232 -78.29 -29.90 6.27
CA GLN I 232 -77.55 -30.88 7.05
C GLN I 232 -76.87 -31.91 6.15
N SER I 233 -76.71 -33.14 6.62
CA SER I 233 -75.98 -34.14 5.88
C SER I 233 -76.66 -34.53 4.58
N ILE I 234 -77.92 -34.11 4.37
CA ILE I 234 -78.58 -34.37 3.10
C ILE I 234 -77.78 -33.83 1.93
N ASN I 235 -76.84 -32.93 2.19
CA ASN I 235 -75.97 -32.43 1.13
C ASN I 235 -75.06 -33.50 0.55
N ALA I 236 -74.92 -34.64 1.22
CA ALA I 236 -74.07 -35.74 0.73
C ALA I 236 -74.67 -37.05 1.20
N PRO I 237 -75.49 -37.70 0.37
CA PRO I 237 -76.23 -38.88 0.82
C PRO I 237 -75.35 -40.11 0.93
N VAL I 238 -75.46 -40.81 2.06
CA VAL I 238 -74.82 -42.10 2.27
C VAL I 238 -75.66 -42.90 3.25
N SER I 239 -75.67 -44.22 3.06
CA SER I 239 -76.49 -45.08 3.90
C SER I 239 -75.92 -45.15 5.32
N GLN I 240 -76.78 -45.50 6.27
CA GLN I 240 -76.35 -45.55 7.67
C GLN I 240 -75.25 -46.58 7.87
N GLU I 241 -75.41 -47.77 7.31
CA GLU I 241 -74.41 -48.81 7.48
C GLU I 241 -73.07 -48.40 6.89
N ALA I 242 -73.10 -47.76 5.72
CA ALA I 242 -71.86 -47.30 5.10
C ALA I 242 -71.15 -46.31 5.99
N ALA I 243 -71.89 -45.34 6.54
CA ALA I 243 -71.29 -44.36 7.43
C ALA I 243 -70.69 -45.04 8.64
N PHE I 244 -71.43 -45.97 9.23
CA PHE I 244 -70.93 -46.67 10.41
C PHE I 244 -69.61 -47.37 10.09
N SER I 245 -69.59 -48.18 9.04
CA SER I 245 -68.38 -48.93 8.71
C SER I 245 -67.23 -48.00 8.40
N TYR I 246 -67.42 -46.98 7.63
CA TYR I 246 -66.51 -45.97 7.27
C TYR I 246 -65.83 -45.39 8.48
N VAL I 247 -66.57 -44.91 9.42
CA VAL I 247 -66.12 -44.32 10.62
C VAL I 247 -65.39 -45.31 11.48
N THR I 248 -65.88 -46.50 11.61
CA THR I 248 -65.37 -47.54 12.41
C THR I 248 -63.97 -47.92 12.02
N ALA I 249 -63.72 -48.12 10.77
CA ALA I 249 -62.46 -48.45 10.22
C ALA I 249 -61.42 -47.42 10.57
N LEU I 250 -61.71 -46.18 10.34
CA LEU I 250 -60.91 -45.05 10.63
C LEU I 250 -60.55 -45.00 12.10
N ASN I 251 -61.50 -45.12 12.95
CA ASN I 251 -61.35 -45.16 14.36
C ASN I 251 -60.40 -46.23 14.79
N TYR I 252 -60.52 -47.41 14.28
CA TYR I 252 -59.69 -48.53 14.51
C TYR I 252 -58.26 -48.23 14.16
N LEU I 253 -58.00 -47.71 13.01
CA LEU I 253 -56.73 -47.38 12.49
C LEU I 253 -55.97 -46.46 13.40
N LEU I 254 -56.65 -45.40 13.87
CA LEU I 254 -56.05 -44.36 14.70
C LEU I 254 -55.56 -44.87 16.05
N ASN I 255 -55.90 -46.09 16.47
CA ASN I 255 -55.53 -46.71 17.68
C ASN I 255 -54.03 -46.90 17.73
N PRO I 256 -53.28 -46.27 18.64
CA PRO I 256 -51.85 -46.47 18.70
C PRO I 256 -51.39 -47.86 19.03
N SER I 257 -52.19 -48.67 19.63
CA SER I 257 -51.91 -49.99 20.05
C SER I 257 -51.44 -50.89 18.95
N ASN I 258 -51.83 -50.67 17.74
CA ASN I 258 -51.50 -51.32 16.54
C ASN I 258 -50.61 -50.48 15.66
N ARG I 259 -49.52 -50.96 15.18
CA ARG I 259 -48.46 -50.30 14.52
C ARG I 259 -48.82 -49.80 13.15
N GLN I 260 -49.69 -48.80 13.01
CA GLN I 260 -50.15 -48.28 11.71
C GLN I 260 -50.31 -46.75 11.65
N LYS I 261 -49.71 -46.01 12.58
CA LYS I 261 -49.85 -44.55 12.76
C LYS I 261 -48.49 -43.87 12.90
N VAL I 262 -48.34 -42.64 12.41
CA VAL I 262 -47.16 -41.79 12.69
C VAL I 262 -47.51 -40.30 12.63
N THR I 263 -46.77 -39.45 13.34
CA THR I 263 -46.98 -37.98 13.34
C THR I 263 -45.82 -37.26 12.67
N ILE I 264 -46.11 -36.30 11.79
CA ILE I 264 -45.13 -35.48 11.07
C ILE I 264 -45.56 -34.01 11.12
N ALA I 265 -44.87 -33.20 11.92
CA ALA I 265 -45.12 -31.77 12.09
C ALA I 265 -46.59 -31.42 12.37
N ASP I 266 -47.30 -30.82 11.41
CA ASP I 266 -48.71 -30.44 11.52
C ASP I 266 -49.68 -31.64 11.56
N ALA I 267 -49.29 -32.79 11.00
CA ALA I 267 -50.22 -33.78 10.50
C ALA I 267 -49.99 -35.19 11.06
N THR I 268 -51.05 -35.96 11.15
CA THR I 268 -51.01 -37.40 11.47
C THR I 268 -51.23 -38.22 10.22
N VAL I 269 -50.45 -39.28 10.04
CA VAL I 269 -50.44 -40.11 8.84
C VAL I 269 -50.78 -41.54 9.21
N VAL I 270 -51.55 -42.21 8.36
CA VAL I 270 -51.94 -43.63 8.53
C VAL I 270 -51.82 -44.36 7.20
N PHE I 271 -51.61 -45.67 7.26
CA PHE I 271 -51.40 -46.51 6.10
C PHE I 271 -51.87 -47.94 6.36
N TRP I 272 -52.20 -48.67 5.30
CA TRP I 272 -52.58 -50.02 5.27
C TRP I 272 -52.38 -50.66 3.93
N ALA I 273 -52.34 -51.93 3.84
CA ALA I 273 -52.23 -52.75 2.70
C ALA I 273 -53.54 -53.35 2.27
N GLU I 274 -53.83 -53.47 1.02
CA GLU I 274 -55.00 -54.06 0.48
C GLU I 274 -55.16 -55.49 0.90
N ARG I 275 -54.04 -56.20 1.00
CA ARG I 275 -54.00 -57.55 1.52
C ARG I 275 -52.94 -57.63 2.61
N SER I 276 -53.05 -58.55 3.51
CA SER I 276 -52.14 -58.84 4.54
C SER I 276 -50.77 -59.10 3.97
N SER I 277 -49.75 -58.39 4.32
CA SER I 277 -48.42 -58.46 3.87
C SER I 277 -47.44 -57.85 4.82
N PRO I 278 -46.16 -58.26 4.81
CA PRO I 278 -45.17 -57.65 5.68
C PRO I 278 -44.84 -56.21 5.40
N ALA I 279 -45.20 -55.67 4.29
CA ALA I 279 -44.94 -54.34 3.87
C ALA I 279 -45.32 -53.33 4.91
N GLU I 280 -46.43 -53.48 5.55
CA GLU I 280 -46.95 -52.66 6.57
C GLU I 280 -45.95 -52.49 7.69
N ASP I 281 -45.39 -53.56 8.16
CA ASP I 281 -44.37 -53.63 9.12
C ASP I 281 -43.14 -52.86 8.70
N ILE I 282 -42.64 -53.15 7.51
CA ILE I 282 -41.38 -52.55 7.04
C ILE I 282 -41.51 -51.03 6.97
N PHE I 283 -42.58 -50.53 6.35
CA PHE I 283 -42.71 -49.12 6.04
C PHE I 283 -42.67 -48.23 7.28
N ALA I 284 -43.31 -48.67 8.36
CA ALA I 284 -43.53 -47.89 9.56
C ALA I 284 -42.25 -47.26 10.14
N GLY I 285 -41.15 -48.01 10.17
CA GLY I 285 -39.89 -47.60 10.53
C GLY I 285 -38.99 -47.11 9.48
N MET I 286 -39.03 -47.76 8.30
CA MET I 286 -38.09 -47.49 7.21
C MET I 286 -38.29 -46.12 6.56
N PHE I 287 -39.51 -45.56 6.55
CA PHE I 287 -39.73 -44.20 6.04
C PHE I 287 -39.14 -43.10 6.97
N ASP I 288 -39.05 -43.35 8.28
CA ASP I 288 -38.50 -42.43 9.28
C ASP I 288 -37.76 -43.29 10.34
N PRO I 289 -36.54 -43.77 10.01
CA PRO I 289 -35.68 -44.59 10.87
C PRO I 289 -35.50 -44.00 12.28
N PRO I 290 -35.28 -44.84 13.31
CA PRO I 290 -35.15 -44.41 14.70
C PRO I 290 -33.92 -43.51 14.93
N ARG I 325 -31.47 -56.07 8.30
CA ARG I 325 -32.59 -56.89 7.82
C ARG I 325 -33.15 -56.43 6.48
N MET I 326 -31.54 -54.27 10.68
CA MET I 326 -32.58 -53.35 10.11
C MET I 326 -32.34 -52.90 8.66
N HIS I 327 -31.15 -52.41 8.29
CA HIS I 327 -30.98 -51.57 7.09
C HIS I 327 -30.52 -52.29 5.81
N ASP I 328 -30.45 -53.62 5.78
CA ASP I 328 -29.98 -54.33 4.58
C ASP I 328 -30.88 -54.08 3.37
N LEU I 329 -32.20 -54.08 3.57
CA LEU I 329 -33.11 -53.72 2.49
C LEU I 329 -33.05 -52.22 2.14
N LEU I 330 -32.62 -51.35 3.05
CA LEU I 330 -32.42 -49.93 2.75
C LEU I 330 -31.23 -49.75 1.80
N VAL I 331 -30.09 -50.37 2.08
CA VAL I 331 -28.96 -50.34 1.14
C VAL I 331 -29.31 -51.05 -0.17
N ALA I 332 -30.17 -52.08 -0.15
CA ALA I 332 -30.68 -52.69 -1.38
C ALA I 332 -31.48 -51.68 -2.26
N ILE I 333 -32.46 -50.97 -1.72
CA ILE I 333 -33.20 -50.00 -2.53
C ILE I 333 -32.35 -48.77 -2.89
N ARG I 334 -31.43 -48.35 -2.02
CA ARG I 334 -30.51 -47.24 -2.32
C ARG I 334 -29.53 -47.60 -3.42
N SER I 335 -29.00 -48.80 -3.46
CA SER I 335 -28.17 -49.34 -4.48
C SER I 335 -28.86 -49.41 -5.81
N GLY I 336 -30.05 -49.91 -5.86
CA GLY I 336 -30.90 -50.06 -6.93
C GLY I 336 -31.59 -51.32 -7.25
N LYS I 337 -31.25 -52.41 -6.65
CA LYS I 337 -31.83 -53.69 -6.80
C LYS I 337 -33.24 -53.74 -6.27
N ARG I 338 -34.07 -54.60 -6.74
CA ARG I 338 -35.43 -54.80 -6.38
C ARG I 338 -35.60 -55.42 -5.03
N ALA I 339 -36.75 -55.20 -4.39
CA ALA I 339 -37.00 -55.64 -3.02
C ALA I 339 -37.05 -57.17 -2.87
N THR I 340 -37.57 -57.89 -3.87
CA THR I 340 -37.71 -59.29 -3.90
C THR I 340 -36.40 -60.01 -3.74
N ASP I 341 -35.32 -59.44 -4.14
CA ASP I 341 -34.01 -59.93 -4.01
C ASP I 341 -33.69 -60.32 -2.60
N ILE I 342 -33.98 -59.41 -1.65
CA ILE I 342 -33.72 -59.60 -0.22
C ILE I 342 -34.84 -60.42 0.42
N MET I 343 -36.08 -60.18 0.00
CA MET I 343 -37.28 -60.84 0.52
C MET I 343 -38.20 -61.21 -0.65
N PRO I 344 -37.96 -62.34 -1.37
CA PRO I 344 -38.81 -62.74 -2.47
C PRO I 344 -40.26 -62.90 -2.15
N ASP I 345 -40.62 -63.22 -0.95
CA ASP I 345 -41.92 -63.39 -0.45
C ASP I 345 -42.82 -62.22 -0.72
N MET I 346 -42.31 -61.03 -0.71
CA MET I 346 -42.96 -59.80 -0.96
C MET I 346 -43.62 -59.83 -2.30
N ASP I 347 -44.90 -59.91 -2.42
CA ASP I 347 -45.68 -59.75 -3.58
C ASP I 347 -45.71 -58.31 -3.99
N GLU I 348 -44.82 -57.81 -4.78
CA GLU I 348 -44.69 -56.47 -5.19
C GLU I 348 -45.93 -55.93 -5.86
N SER I 349 -46.88 -56.72 -6.22
CA SER I 349 -48.10 -56.42 -6.85
C SER I 349 -49.23 -56.04 -5.93
N VAL I 350 -49.07 -56.11 -4.65
CA VAL I 350 -49.99 -55.75 -3.64
C VAL I 350 -50.16 -54.26 -3.58
N ARG I 351 -51.31 -53.74 -3.33
CA ARG I 351 -51.66 -52.38 -3.23
C ARG I 351 -51.39 -51.81 -1.87
N PHE I 352 -51.06 -50.57 -1.73
CA PHE I 352 -50.67 -49.86 -0.58
C PHE I 352 -51.30 -48.49 -0.50
N HIS I 353 -51.90 -48.09 0.57
CA HIS I 353 -52.58 -46.88 0.85
C HIS I 353 -51.86 -46.00 1.82
N VAL I 354 -51.96 -44.68 1.67
CA VAL I 354 -51.37 -43.68 2.57
C VAL I 354 -52.30 -42.48 2.66
N LEU I 355 -52.54 -41.94 3.85
CA LEU I 355 -53.42 -40.79 4.06
C LEU I 355 -52.86 -39.85 5.13
N GLY I 356 -52.85 -38.55 4.87
CA GLY I 356 -52.37 -37.54 5.81
C GLY I 356 -53.42 -36.48 6.13
N LEU I 357 -53.73 -36.29 7.41
CA LEU I 357 -54.79 -35.39 7.91
C LEU I 357 -54.22 -34.32 8.82
N SER I 358 -54.86 -33.15 8.85
CA SER I 358 -54.56 -32.10 9.82
C SER I 358 -55.81 -31.31 10.22
N PRO I 359 -55.94 -30.88 11.48
CA PRO I 359 -57.18 -30.33 12.02
C PRO I 359 -57.19 -28.81 12.13
N ASN I 360 -58.38 -28.26 12.38
CA ASN I 360 -58.69 -26.93 12.72
C ASN I 360 -59.99 -26.85 13.46
N ALA I 361 -60.03 -26.63 14.73
CA ALA I 361 -61.19 -26.63 15.55
C ALA I 361 -61.79 -28.01 15.53
N ALA I 362 -63.05 -28.21 15.34
CA ALA I 362 -63.78 -29.41 15.28
C ALA I 362 -63.86 -30.05 13.91
N ARG I 363 -63.41 -29.41 12.89
CA ARG I 363 -63.43 -29.76 11.52
C ARG I 363 -62.09 -30.27 11.05
N LEU I 364 -62.02 -31.18 10.15
CA LEU I 364 -60.92 -31.95 9.71
C LEU I 364 -60.65 -31.81 8.24
N SER I 365 -59.44 -31.85 7.79
CA SER I 365 -58.97 -31.64 6.47
C SER I 365 -58.06 -32.73 5.98
N VAL I 366 -57.78 -32.79 4.71
CA VAL I 366 -56.98 -33.70 3.98
C VAL I 366 -55.83 -33.00 3.31
N ARG I 367 -54.58 -33.42 3.53
CA ARG I 367 -53.40 -32.78 2.90
C ARG I 367 -52.89 -33.57 1.71
N PHE I 368 -52.80 -34.89 1.82
CA PHE I 368 -52.37 -35.75 0.73
C PHE I 368 -52.88 -37.17 0.91
N TRP I 369 -52.89 -37.90 -0.19
CA TRP I 369 -53.46 -39.23 -0.34
C TRP I 369 -52.70 -39.94 -1.47
N GLU I 370 -52.34 -41.20 -1.30
CA GLU I 370 -51.63 -41.96 -2.33
C GLU I 370 -52.00 -43.44 -2.30
N VAL I 371 -52.00 -44.10 -3.47
CA VAL I 371 -52.53 -45.40 -3.73
C VAL I 371 -51.66 -46.35 -4.50
N ASP I 372 -50.40 -46.14 -4.62
CA ASP I 372 -49.48 -46.86 -5.42
C ASP I 372 -49.35 -48.29 -4.97
N THR I 373 -48.70 -49.13 -5.72
CA THR I 373 -48.35 -50.47 -5.47
C THR I 373 -47.02 -50.61 -4.78
N VAL I 374 -46.72 -51.72 -4.18
CA VAL I 374 -45.56 -52.00 -3.42
C VAL I 374 -44.31 -51.80 -4.23
N GLY I 375 -44.22 -52.43 -5.35
CA GLY I 375 -43.13 -52.41 -6.18
C GLY I 375 -42.62 -51.09 -6.56
N HIS I 376 -43.44 -50.26 -7.13
CA HIS I 376 -43.18 -48.91 -7.46
C HIS I 376 -42.87 -48.09 -6.24
N MET I 377 -43.63 -48.26 -5.16
CA MET I 377 -43.56 -47.37 -4.01
C MET I 377 -42.14 -47.31 -3.45
N LEU I 378 -41.53 -48.43 -3.08
CA LEU I 378 -40.23 -48.34 -2.42
C LEU I 378 -39.07 -48.17 -3.40
N ASP I 379 -39.31 -48.33 -4.70
CA ASP I 379 -38.40 -47.98 -5.72
C ASP I 379 -38.08 -46.51 -5.68
N LYS I 380 -39.13 -45.69 -5.58
CA LYS I 380 -39.04 -44.24 -5.46
C LYS I 380 -38.35 -43.84 -4.16
N VAL I 381 -38.63 -44.54 -3.07
CA VAL I 381 -37.95 -44.33 -1.78
C VAL I 381 -36.45 -44.61 -1.88
N GLY I 382 -36.03 -45.60 -2.65
CA GLY I 382 -34.69 -45.85 -2.90
C GLY I 382 -33.97 -44.76 -3.58
N ARG I 383 -34.53 -44.23 -4.62
CA ARG I 383 -34.08 -43.10 -5.34
C ARG I 383 -33.89 -41.90 -4.45
N HIS I 384 -34.84 -41.67 -3.55
CA HIS I 384 -34.81 -40.52 -2.62
C HIS I 384 -33.55 -40.55 -1.75
N TYR I 385 -33.11 -41.71 -1.32
CA TYR I 385 -31.98 -41.92 -0.49
C TYR I 385 -30.66 -41.69 -1.17
N ARG I 386 -30.52 -42.04 -2.41
CA ARG I 386 -29.36 -41.87 -3.20
C ARG I 386 -28.94 -40.44 -3.25
N GLU I 387 -29.84 -39.54 -3.51
CA GLU I 387 -29.65 -38.15 -3.69
C GLU I 387 -29.18 -37.47 -2.43
N LEU I 388 -29.66 -37.87 -1.30
CA LEU I 388 -29.39 -37.36 -0.01
C LEU I 388 -28.01 -37.66 0.49
N GLU I 389 -27.33 -38.61 -0.04
CA GLU I 389 -26.12 -39.15 0.41
C GLU I 389 -25.04 -38.11 0.53
N ILE I 390 -24.40 -37.97 1.69
CA ILE I 390 -23.33 -37.02 1.98
C ILE I 390 -22.43 -37.71 3.01
N ILE I 391 -21.13 -37.42 3.00
CA ILE I 391 -20.19 -37.85 3.96
C ILE I 391 -20.58 -37.36 5.32
N PRO I 392 -20.67 -38.18 6.37
CA PRO I 392 -20.98 -37.67 7.69
C PRO I 392 -19.92 -36.80 8.28
N GLN I 393 -20.25 -35.79 9.08
CA GLN I 393 -19.27 -34.89 9.71
C GLN I 393 -18.73 -35.47 11.04
N PHE I 394 -19.52 -36.27 11.74
CA PHE I 394 -19.18 -36.98 12.98
C PHE I 394 -19.77 -38.39 12.97
N ASN I 395 -19.12 -39.30 13.68
CA ASN I 395 -19.32 -40.70 13.65
C ASN I 395 -20.66 -41.11 14.20
N ASN I 396 -21.27 -40.37 15.05
CA ASN I 396 -22.50 -40.58 15.72
C ASN I 396 -23.72 -40.19 14.94
N GLU I 397 -23.61 -39.48 13.86
CA GLU I 397 -24.64 -38.96 13.06
C GLU I 397 -25.44 -40.06 12.40
N GLN I 398 -26.66 -39.83 12.03
CA GLN I 398 -27.49 -40.66 11.27
C GLN I 398 -26.90 -40.93 9.92
N GLU I 399 -27.10 -42.06 9.33
CA GLU I 399 -26.80 -42.48 8.02
C GLU I 399 -27.96 -42.53 7.08
N PHE I 400 -29.14 -42.90 7.58
CA PHE I 400 -30.41 -42.82 6.87
C PHE I 400 -31.24 -41.79 7.63
N PRO I 401 -31.02 -40.48 7.42
CA PRO I 401 -31.71 -39.46 8.18
C PRO I 401 -33.20 -39.58 8.15
N SER I 402 -33.89 -39.47 9.24
CA SER I 402 -35.28 -39.48 9.42
C SER I 402 -35.91 -38.23 8.84
N LEU I 403 -37.05 -38.31 8.15
CA LEU I 403 -37.68 -37.13 7.55
C LEU I 403 -38.07 -36.07 8.60
N SER I 404 -38.55 -36.50 9.76
CA SER I 404 -38.87 -35.60 10.87
C SER I 404 -37.64 -34.85 11.39
N THR I 405 -36.45 -35.45 11.37
CA THR I 405 -35.20 -34.86 11.68
C THR I 405 -34.90 -33.70 10.77
N LEU I 406 -35.03 -33.95 9.47
CA LEU I 406 -34.72 -32.97 8.42
C LEU I 406 -35.61 -31.74 8.51
N LEU I 407 -36.92 -31.91 8.71
CA LEU I 407 -37.85 -30.78 8.75
C LEU I 407 -37.54 -29.80 9.89
N ARG I 408 -37.18 -30.30 11.08
CA ARG I 408 -36.85 -29.59 12.24
C ARG I 408 -35.76 -28.59 11.99
N GLN I 409 -34.81 -28.91 11.18
CA GLN I 409 -33.67 -28.17 10.85
C GLN I 409 -33.96 -26.86 10.18
N THR I 410 -35.12 -26.66 9.65
CA THR I 410 -35.63 -25.48 9.06
C THR I 410 -36.40 -24.57 9.98
N ALA I 411 -36.70 -24.98 11.17
CA ALA I 411 -37.43 -24.31 12.17
C ALA I 411 -36.68 -23.09 12.66
N VAL I 412 -37.33 -22.08 13.15
CA VAL I 412 -36.79 -20.86 13.61
C VAL I 412 -35.77 -21.08 14.69
N LEU I 413 -36.05 -21.88 15.66
CA LEU I 413 -35.29 -22.24 16.79
C LEU I 413 -35.19 -23.72 17.01
N ASN I 414 -35.20 -24.52 16.00
CA ASN I 414 -35.11 -25.93 16.06
C ASN I 414 -36.23 -26.57 16.83
N LYS I 415 -37.33 -25.92 17.03
CA LYS I 415 -38.49 -26.34 17.70
C LYS I 415 -39.39 -27.15 16.83
N THR I 416 -40.09 -28.14 17.37
CA THR I 416 -40.96 -29.02 16.55
C THR I 416 -42.13 -28.26 15.92
N GLU I 417 -42.67 -27.25 16.59
CA GLU I 417 -43.53 -26.25 16.09
C GLU I 417 -42.73 -25.26 15.27
N ASN I 418 -43.30 -24.25 14.71
CA ASN I 418 -42.67 -23.30 13.89
C ASN I 418 -42.35 -23.85 12.52
N ILE I 419 -42.60 -25.14 12.28
CA ILE I 419 -42.47 -25.78 10.97
C ILE I 419 -43.66 -25.33 10.14
N SER I 420 -43.39 -24.78 8.96
CA SER I 420 -44.31 -24.38 7.98
C SER I 420 -45.16 -25.55 7.57
N PRO I 421 -46.48 -25.56 7.76
CA PRO I 421 -47.27 -26.74 7.38
C PRO I 421 -47.18 -27.03 5.87
N VAL I 422 -46.98 -26.01 5.04
CA VAL I 422 -46.88 -26.21 3.58
C VAL I 422 -45.65 -27.00 3.14
N LEU I 423 -44.48 -26.78 3.73
CA LEU I 423 -43.28 -27.55 3.39
C LEU I 423 -43.39 -28.99 3.87
N ALA I 424 -43.97 -29.22 5.05
CA ALA I 424 -44.21 -30.57 5.53
C ALA I 424 -45.07 -31.38 4.54
N GLY I 425 -46.14 -30.78 4.01
CA GLY I 425 -46.97 -31.43 2.98
C GLY I 425 -46.25 -31.62 1.65
N GLY I 426 -45.53 -30.60 1.18
CA GLY I 426 -44.81 -30.64 -0.08
C GLY I 426 -43.72 -31.69 -0.14
N LEU I 427 -42.84 -31.75 0.86
CA LEU I 427 -41.75 -32.73 0.88
C LEU I 427 -42.26 -34.16 0.96
N PHE I 428 -43.30 -34.43 1.77
CA PHE I 428 -43.80 -35.78 1.88
C PHE I 428 -44.37 -36.27 0.54
N ARG I 429 -45.17 -35.44 -0.13
CA ARG I 429 -45.69 -35.79 -1.45
C ARG I 429 -44.57 -35.92 -2.48
N ALA I 430 -43.57 -35.05 -2.48
CA ALA I 430 -42.44 -35.16 -3.41
C ALA I 430 -41.64 -36.45 -3.20
N MET I 431 -41.49 -36.91 -1.95
CA MET I 431 -40.79 -38.15 -1.63
C MET I 431 -41.45 -39.33 -2.31
N LEU I 432 -42.72 -39.62 -2.01
CA LEU I 432 -43.36 -40.84 -2.51
C LEU I 432 -43.94 -40.75 -3.92
N THR I 433 -44.15 -39.55 -4.49
CA THR I 433 -44.52 -39.42 -5.92
C THR I 433 -43.33 -39.39 -6.88
N GLY I 434 -42.12 -39.07 -6.39
CA GLY I 434 -40.92 -38.97 -7.22
C GLY I 434 -40.83 -37.72 -8.10
N GLY I 435 -41.72 -36.73 -7.95
CA GLY I 435 -41.69 -35.47 -8.69
C GLY I 435 -40.66 -34.46 -8.16
N PRO I 436 -40.64 -33.23 -8.69
CA PRO I 436 -39.73 -32.17 -8.24
C PRO I 436 -39.96 -31.76 -6.80
N TYR I 437 -38.94 -31.26 -6.12
CA TYR I 437 -39.13 -30.62 -4.82
C TYR I 437 -39.79 -29.25 -5.01
N PRO I 438 -40.58 -28.74 -4.06
CA PRO I 438 -41.19 -27.42 -4.17
C PRO I 438 -40.14 -26.32 -4.24
N GLN I 439 -40.35 -25.30 -5.09
CA GLN I 439 -39.44 -24.26 -5.36
C GLN I 439 -39.14 -23.40 -4.17
N SER I 440 -40.04 -23.26 -3.25
CA SER I 440 -39.95 -22.55 -2.05
C SER I 440 -38.89 -23.06 -1.11
N LEU I 441 -38.42 -24.30 -1.28
CA LEU I 441 -37.56 -24.99 -0.31
C LEU I 441 -36.19 -24.31 -0.17
N LEU I 442 -35.47 -24.11 -1.28
CA LEU I 442 -34.10 -23.60 -1.25
C LEU I 442 -33.93 -22.24 -0.53
N PRO I 443 -34.68 -21.18 -0.85
CA PRO I 443 -34.52 -19.91 -0.12
C PRO I 443 -34.86 -20.04 1.37
N ALA I 444 -35.67 -21.02 1.78
CA ALA I 444 -35.94 -21.31 3.13
C ALA I 444 -34.70 -21.71 3.88
N VAL I 445 -33.94 -22.62 3.37
CA VAL I 445 -32.73 -23.12 3.89
C VAL I 445 -31.72 -22.01 4.04
N LEU I 446 -31.52 -21.24 2.97
CA LEU I 446 -30.56 -20.14 2.96
C LEU I 446 -30.89 -19.09 4.02
N GLY I 447 -32.18 -18.84 4.28
CA GLY I 447 -32.60 -18.02 5.30
C GLY I 447 -32.18 -18.40 6.65
N ARG I 448 -32.28 -19.65 6.99
CA ARG I 448 -31.85 -20.25 8.19
C ARG I 448 -30.39 -20.01 8.44
N ILE I 449 -29.57 -20.31 7.44
CA ILE I 449 -28.12 -20.15 7.48
C ILE I 449 -27.74 -18.69 7.73
N ARG I 450 -28.46 -17.75 7.12
CA ARG I 450 -28.31 -16.30 7.37
C ARG I 450 -28.66 -15.94 8.81
N ALA I 451 -29.79 -16.43 9.31
CA ALA I 451 -30.33 -16.07 10.61
C ALA I 451 -29.59 -16.74 11.79
N GLU I 452 -28.90 -17.84 11.58
CA GLU I 452 -28.19 -18.56 12.63
C GLU I 452 -27.01 -17.79 13.24
N HIS I 453 -26.77 -18.06 14.52
CA HIS I 453 -25.61 -17.62 15.30
C HIS I 453 -25.36 -18.67 16.39
N ALA I 454 -24.11 -18.82 16.85
CA ALA I 454 -23.76 -19.81 17.85
C ALA I 454 -24.56 -19.61 19.15
N ARG I 455 -24.82 -20.70 19.88
CA ARG I 455 -25.63 -20.66 21.11
C ARG I 455 -24.85 -21.22 22.30
N PRO I 456 -23.93 -20.43 22.89
CA PRO I 456 -23.28 -20.78 24.14
C PRO I 456 -24.26 -21.08 25.27
N GLU I 457 -25.49 -20.55 25.20
CA GLU I 457 -26.55 -20.73 26.11
C GLU I 457 -26.98 -22.17 26.20
N ASP I 458 -26.94 -22.90 25.08
CA ASP I 458 -27.19 -24.34 25.03
C ASP I 458 -26.03 -25.17 25.64
N LYS I 459 -24.87 -24.55 25.89
CA LYS I 459 -23.71 -25.14 26.59
C LYS I 459 -23.21 -26.45 25.96
N SER I 460 -23.36 -26.57 24.64
CA SER I 460 -22.68 -27.60 23.84
C SER I 460 -21.16 -27.40 23.91
N ARG I 461 -20.40 -28.49 23.96
CA ARG I 461 -18.93 -28.46 23.99
C ARG I 461 -18.35 -27.80 22.74
N TYR I 462 -18.80 -28.24 21.58
CA TYR I 462 -18.50 -27.61 20.29
C TYR I 462 -19.43 -26.42 20.07
N ARG I 463 -18.89 -25.30 19.56
CA ARG I 463 -19.70 -24.21 18.99
C ARG I 463 -20.42 -24.78 17.78
N LEU I 464 -21.76 -24.85 17.80
CA LEU I 464 -22.54 -25.52 16.77
C LEU I 464 -22.22 -25.02 15.38
N GLU I 465 -22.06 -25.93 14.42
CA GLU I 465 -21.86 -25.59 13.02
C GLU I 465 -23.12 -24.97 12.41
N VAL I 466 -22.97 -24.00 11.51
CA VAL I 466 -24.10 -23.40 10.80
C VAL I 466 -24.56 -24.31 9.68
N VAL I 467 -23.64 -24.77 8.83
CA VAL I 467 -23.90 -25.77 7.80
C VAL I 467 -23.77 -27.16 8.43
N THR I 468 -24.84 -27.59 9.10
CA THR I 468 -24.92 -28.91 9.71
C THR I 468 -24.91 -30.02 8.66
N TYR I 469 -24.74 -31.27 9.10
CA TYR I 469 -24.78 -32.44 8.32
C TYR I 469 -26.06 -32.51 7.52
N TYR I 470 -27.17 -32.27 8.14
CA TYR I 470 -28.47 -32.33 7.61
C TYR I 470 -28.71 -31.30 6.53
N ARG I 471 -28.38 -30.04 6.83
CA ARG I 471 -28.63 -28.92 5.91
C ARG I 471 -27.94 -29.11 4.57
N ALA I 472 -26.71 -29.62 4.59
CA ALA I 472 -25.96 -29.91 3.38
C ALA I 472 -26.67 -30.94 2.50
N ALA I 473 -27.23 -32.00 3.08
CA ALA I 473 -27.95 -33.03 2.43
C ALA I 473 -29.12 -32.49 1.66
N LEU I 474 -29.93 -31.63 2.29
CA LEU I 474 -31.11 -31.04 1.66
C LEU I 474 -30.73 -30.25 0.41
N ILE I 475 -29.68 -29.44 0.52
CA ILE I 475 -29.19 -28.61 -0.57
C ILE I 475 -28.75 -29.49 -1.74
N LYS I 476 -27.98 -30.55 -1.49
CA LYS I 476 -27.51 -31.45 -2.54
C LYS I 476 -28.65 -32.04 -3.35
N ALA I 477 -29.67 -32.60 -2.70
CA ALA I 477 -30.80 -33.22 -3.27
C ALA I 477 -31.53 -32.30 -4.21
N TYR I 478 -31.74 -31.05 -3.80
CA TYR I 478 -32.46 -30.06 -4.60
C TYR I 478 -31.78 -29.80 -5.94
N LEU I 479 -30.46 -29.65 -5.94
CA LEU I 479 -29.69 -29.40 -7.16
C LEU I 479 -29.77 -30.55 -8.17
N ILE I 480 -30.08 -31.76 -7.73
CA ILE I 480 -30.19 -32.91 -8.54
C ILE I 480 -31.47 -32.91 -9.34
N ARG I 481 -32.62 -33.04 -8.65
CA ARG I 481 -33.92 -33.15 -9.32
C ARG I 481 -34.29 -31.89 -10.08
N ASN I 482 -34.19 -30.75 -9.43
CA ASN I 482 -34.62 -29.49 -9.92
C ASN I 482 -33.71 -28.88 -10.94
N ARG I 483 -32.41 -28.91 -10.67
CA ARG I 483 -31.40 -28.21 -11.49
C ARG I 483 -30.59 -29.13 -12.41
N LYS I 484 -30.64 -30.46 -12.25
CA LYS I 484 -30.00 -31.40 -13.07
C LYS I 484 -28.50 -31.20 -13.10
N LEU I 485 -27.90 -30.71 -12.02
CA LEU I 485 -26.44 -30.58 -11.90
C LEU I 485 -25.78 -31.91 -11.56
N GLU I 486 -24.46 -31.94 -11.65
CA GLU I 486 -23.62 -32.97 -11.04
C GLU I 486 -22.96 -32.40 -9.79
N VAL I 487 -23.04 -33.10 -8.66
CA VAL I 487 -22.29 -32.77 -7.43
C VAL I 487 -21.79 -34.05 -6.73
N PRO I 488 -20.52 -34.09 -6.28
CA PRO I 488 -19.89 -35.30 -5.73
C PRO I 488 -20.33 -35.57 -4.29
N VAL I 489 -20.06 -36.76 -3.77
CA VAL I 489 -20.30 -37.17 -2.43
C VAL I 489 -19.28 -36.63 -1.46
N SER I 490 -18.08 -36.39 -1.88
CA SER I 490 -16.95 -35.92 -1.18
C SER I 490 -16.24 -34.81 -1.89
N LEU I 491 -15.21 -34.27 -1.34
CA LEU I 491 -14.39 -33.24 -1.87
C LEU I 491 -13.86 -33.60 -3.23
N ASP I 492 -14.02 -32.80 -4.24
CA ASP I 492 -13.55 -32.90 -5.56
C ASP I 492 -12.49 -31.89 -5.87
N PRO I 493 -11.19 -32.20 -5.86
CA PRO I 493 -10.17 -31.21 -6.08
C PRO I 493 -10.01 -30.66 -7.48
N ALA I 494 -10.67 -31.18 -8.45
CA ALA I 494 -10.65 -30.87 -9.83
C ALA I 494 -11.87 -30.19 -10.37
N ARG I 495 -12.77 -29.72 -9.49
CA ARG I 495 -14.09 -29.22 -9.91
C ARG I 495 -13.99 -28.01 -10.84
N THR I 496 -13.17 -27.01 -10.47
CA THR I 496 -12.89 -25.87 -11.25
C THR I 496 -14.13 -25.07 -11.59
N ASP I 497 -14.91 -24.57 -10.63
CA ASP I 497 -16.08 -23.70 -10.88
C ASP I 497 -16.01 -22.49 -9.95
N ARG I 498 -16.28 -21.27 -10.39
CA ARG I 498 -16.16 -20.09 -9.51
C ARG I 498 -16.99 -20.21 -8.23
N PRO I 499 -18.28 -20.59 -8.25
CA PRO I 499 -19.06 -20.73 -7.03
C PRO I 499 -18.50 -21.77 -6.07
N TYR I 500 -18.10 -22.93 -6.60
CA TYR I 500 -17.56 -24.02 -5.80
C TYR I 500 -16.17 -23.69 -5.28
N LEU I 501 -15.29 -23.10 -6.10
CA LEU I 501 -14.01 -22.64 -5.70
C LEU I 501 -14.09 -21.69 -4.55
N LEU I 502 -14.89 -20.62 -4.70
CA LEU I 502 -15.02 -19.58 -3.67
C LEU I 502 -15.49 -20.16 -2.33
N GLY I 503 -16.34 -21.18 -2.34
CA GLY I 503 -16.71 -21.94 -1.14
C GLY I 503 -15.50 -22.57 -0.45
N ARG I 504 -14.56 -23.15 -1.19
CA ARG I 504 -13.36 -23.72 -0.72
C ARG I 504 -12.47 -22.69 -0.10
N LEU I 505 -12.27 -21.59 -0.76
CA LEU I 505 -11.48 -20.49 -0.34
C LEU I 505 -11.92 -20.00 1.01
N PHE I 506 -13.22 -19.81 1.20
CA PHE I 506 -13.75 -19.31 2.47
C PHE I 506 -13.44 -20.26 3.63
N ALA I 507 -13.41 -21.57 3.40
CA ALA I 507 -13.11 -22.58 4.35
C ALA I 507 -11.71 -22.44 4.90
N VAL I 508 -10.74 -22.34 4.07
CA VAL I 508 -9.36 -22.29 4.38
C VAL I 508 -9.04 -21.08 5.23
N LEU I 509 -9.39 -19.92 4.80
CA LEU I 509 -9.15 -18.68 5.42
C LEU I 509 -9.84 -18.55 6.74
N GLU I 510 -10.84 -19.31 7.01
CA GLU I 510 -11.46 -19.50 8.27
C GLU I 510 -10.60 -20.28 9.23
N LYS I 511 -9.97 -21.31 8.77
CA LYS I 511 -9.11 -22.16 9.49
C LYS I 511 -7.99 -21.40 10.16
N ALA I 512 -7.45 -20.43 9.51
CA ALA I 512 -6.45 -19.55 9.98
C ALA I 512 -6.87 -18.85 11.25
N GLN I 513 -8.04 -18.30 11.27
CA GLN I 513 -8.64 -17.65 12.36
C GLN I 513 -8.71 -18.54 13.57
N GLU I 514 -9.18 -19.73 13.42
CA GLU I 514 -9.36 -20.71 14.42
C GLU I 514 -8.07 -21.02 15.13
N ASP I 515 -7.01 -21.22 14.43
CA ASP I 515 -5.70 -21.49 14.89
C ASP I 515 -5.06 -20.32 15.57
N ALA I 516 -5.22 -19.14 15.06
CA ALA I 516 -4.73 -17.92 15.56
C ALA I 516 -5.22 -17.62 16.95
N VAL I 517 -6.46 -17.78 17.22
CA VAL I 517 -7.19 -17.50 18.41
C VAL I 517 -7.93 -18.70 18.93
N PRO I 518 -7.28 -19.67 19.58
CA PRO I 518 -8.00 -20.78 20.15
C PRO I 518 -9.09 -20.36 21.09
N GLY I 519 -10.22 -21.08 21.09
CA GLY I 519 -11.40 -20.69 21.87
C GLY I 519 -12.01 -19.36 21.41
N ALA I 520 -12.18 -19.17 20.11
CA ALA I 520 -12.58 -17.90 19.50
C ALA I 520 -13.94 -17.37 20.00
N ASN I 521 -14.06 -16.05 20.05
CA ASN I 521 -15.26 -15.34 20.51
C ASN I 521 -16.44 -15.51 19.57
N ALA I 522 -16.24 -15.01 18.36
CA ALA I 522 -17.06 -15.16 17.19
C ALA I 522 -16.13 -15.35 16.01
N THR I 523 -16.68 -15.83 14.92
CA THR I 523 -15.95 -16.15 13.70
C THR I 523 -16.65 -15.48 12.53
N ILE I 524 -15.95 -15.25 11.44
CA ILE I 524 -16.46 -14.72 10.23
C ILE I 524 -17.67 -15.49 9.77
N LYS I 525 -17.79 -16.78 10.11
CA LYS I 525 -18.96 -17.62 9.83
C LYS I 525 -20.26 -17.01 10.35
N ASP I 526 -20.18 -16.41 11.53
CA ASP I 526 -21.31 -15.86 12.28
C ASP I 526 -21.83 -14.55 11.70
N ARG I 527 -21.09 -13.89 10.81
CA ARG I 527 -21.41 -12.52 10.34
C ARG I 527 -21.31 -12.33 8.83
N TYR I 528 -20.20 -12.75 8.22
CA TYR I 528 -19.92 -12.44 6.83
C TYR I 528 -20.45 -13.51 5.87
N LEU I 529 -20.83 -14.69 6.33
CA LEU I 529 -21.14 -15.81 5.43
C LEU I 529 -22.34 -15.51 4.49
N ALA I 530 -23.34 -14.80 4.97
CA ALA I 530 -24.47 -14.38 4.13
C ALA I 530 -24.06 -13.38 3.04
N SER I 531 -23.25 -12.38 3.36
CA SER I 531 -22.80 -11.36 2.49
C SER I 531 -21.90 -11.90 1.41
N ALA I 532 -20.91 -12.70 1.81
CA ALA I 532 -19.89 -13.21 0.90
C ALA I 532 -20.49 -14.13 -0.15
N SER I 533 -21.42 -15.00 0.23
CA SER I 533 -22.07 -15.92 -0.70
C SER I 533 -23.02 -15.25 -1.68
N ALA I 534 -23.61 -14.09 -1.36
CA ALA I 534 -24.50 -13.36 -2.25
C ALA I 534 -23.80 -12.31 -3.13
N ASN I 535 -22.76 -11.64 -2.62
CA ASN I 535 -22.23 -10.40 -3.19
C ASN I 535 -20.69 -10.34 -3.06
N PRO I 536 -19.94 -11.25 -3.69
CA PRO I 536 -18.55 -11.54 -3.29
C PRO I 536 -17.61 -10.37 -3.44
N GLY I 537 -17.70 -9.65 -4.56
CA GLY I 537 -16.78 -8.57 -4.90
C GLY I 537 -16.78 -7.37 -3.94
N GLN I 538 -17.75 -7.28 -3.02
CA GLN I 538 -17.83 -6.21 -2.04
C GLN I 538 -17.18 -6.52 -0.69
N VAL I 539 -16.85 -7.77 -0.38
CA VAL I 539 -16.43 -8.23 0.89
C VAL I 539 -15.11 -8.96 0.89
N PHE I 540 -14.82 -9.71 -0.19
CA PHE I 540 -13.67 -10.62 -0.20
C PHE I 540 -12.34 -9.87 -0.09
N HIS I 541 -12.28 -8.63 -0.55
CA HIS I 541 -11.12 -7.83 -0.55
C HIS I 541 -10.57 -7.67 0.85
N MET I 542 -11.38 -7.30 1.78
CA MET I 542 -11.09 -7.07 3.14
C MET I 542 -10.85 -8.33 3.91
N LEU I 543 -11.55 -9.38 3.61
CA LEU I 543 -11.41 -10.66 4.16
C LEU I 543 -9.99 -11.14 4.04
N LEU I 544 -9.41 -11.05 2.89
CA LEU I 544 -8.08 -11.38 2.58
C LEU I 544 -7.10 -10.64 3.45
N LYS I 545 -7.25 -9.37 3.58
CA LYS I 545 -6.42 -8.48 4.30
C LYS I 545 -6.29 -8.92 5.74
N ASN I 546 -7.35 -9.25 6.37
CA ASN I 546 -7.44 -9.77 7.69
C ASN I 546 -6.63 -11.02 7.85
N ALA I 547 -6.76 -11.93 6.94
CA ALA I 547 -6.11 -13.18 6.92
C ALA I 547 -4.62 -13.05 7.05
N SER I 548 -4.05 -12.01 6.54
CA SER I 548 -2.68 -11.68 6.59
C SER I 548 -2.17 -11.66 8.01
N ASN I 549 -2.91 -10.98 8.89
CA ASN I 549 -2.50 -10.80 10.28
C ASN I 549 -2.45 -12.14 11.02
N HIS I 550 -3.42 -13.02 10.76
CA HIS I 550 -3.49 -14.32 11.28
C HIS I 550 -2.28 -15.14 10.90
N THR I 551 -1.94 -15.14 9.65
CA THR I 551 -0.81 -15.75 9.08
C THR I 551 0.47 -15.24 9.71
N ALA I 552 0.61 -13.96 9.81
CA ALA I 552 1.72 -13.27 10.36
C ALA I 552 2.00 -13.74 11.77
N LYS I 553 0.97 -13.76 12.61
CA LYS I 553 1.11 -14.20 14.00
C LYS I 553 1.45 -15.68 14.10
N LEU I 554 0.81 -16.53 13.30
CA LEU I 554 1.17 -17.96 13.20
C LEU I 554 2.62 -18.15 12.74
N ARG I 555 3.13 -17.28 11.88
CA ARG I 555 4.51 -17.31 11.37
C ARG I 555 5.55 -16.92 12.44
N LYS I 556 5.25 -15.96 13.33
CA LYS I 556 6.20 -15.58 14.39
C LYS I 556 6.39 -16.68 15.44
N ASP I 557 5.30 -17.27 15.93
CA ASP I 557 5.37 -18.42 16.84
C ASP I 557 6.02 -19.65 16.17
N PRO I 558 6.48 -20.65 16.94
CA PRO I 558 6.72 -22.00 16.44
C PRO I 558 5.47 -22.64 15.80
N GLU I 559 5.64 -23.82 15.21
CA GLU I 559 4.60 -24.52 14.43
C GLU I 559 4.22 -23.75 13.15
N ARG I 560 5.25 -23.39 12.37
CA ARG I 560 5.19 -22.52 11.19
C ARG I 560 4.70 -23.27 9.93
N LYS I 561 3.49 -23.79 9.97
CA LYS I 561 2.76 -24.39 8.84
C LYS I 561 1.29 -24.01 8.88
N ALA I 564 2.06 -21.07 9.39
CA ALA I 564 1.17 -20.51 8.38
C ALA I 564 1.40 -21.08 6.96
N ILE I 565 2.58 -21.62 6.72
CA ILE I 565 3.09 -21.92 5.38
C ILE I 565 2.15 -22.82 4.59
N HIS I 566 1.66 -23.92 5.15
CA HIS I 566 0.84 -24.87 4.40
C HIS I 566 -0.44 -24.20 3.90
N TYR I 567 -1.07 -23.38 4.74
CA TYR I 567 -2.26 -22.64 4.33
C TYR I 567 -1.93 -21.64 3.23
N GLU I 568 -0.85 -20.88 3.37
CA GLU I 568 -0.43 -19.91 2.35
C GLU I 568 -0.33 -20.52 0.95
N ILE I 569 0.19 -21.75 0.82
CA ILE I 569 0.33 -22.43 -0.50
C ILE I 569 -1.07 -22.66 -1.07
N MET I 570 -1.98 -23.22 -0.36
CA MET I 570 -3.29 -23.57 -0.75
C MET I 570 -4.04 -22.41 -1.33
N MET I 571 -4.00 -21.28 -0.73
CA MET I 571 -4.58 -20.07 -1.17
C MET I 571 -4.12 -19.71 -2.55
N GLN I 572 -2.86 -19.76 -2.80
CA GLN I 572 -2.23 -19.50 -4.04
C GLN I 572 -2.76 -20.40 -5.12
N GLU I 573 -2.85 -21.66 -4.86
CA GLU I 573 -3.32 -22.67 -5.73
C GLU I 573 -4.72 -22.40 -6.21
N ILE I 574 -5.62 -22.14 -5.31
CA ILE I 574 -6.99 -21.85 -5.53
C ILE I 574 -7.15 -20.62 -6.36
N ILE I 575 -6.49 -19.56 -6.00
CA ILE I 575 -6.55 -18.27 -6.59
C ILE I 575 -6.26 -18.34 -8.06
N ASP I 576 -5.27 -19.14 -8.41
CA ASP I 576 -4.78 -19.16 -9.80
C ASP I 576 -5.90 -19.46 -10.79
N ASN I 577 -6.86 -20.26 -10.47
CA ASN I 577 -7.93 -20.68 -11.29
C ASN I 577 -8.95 -19.61 -11.58
N ILE I 578 -9.00 -18.55 -10.86
CA ILE I 578 -9.91 -17.47 -10.86
C ILE I 578 -9.40 -16.32 -11.68
N SER I 579 -10.22 -15.57 -12.36
CA SER I 579 -9.96 -14.40 -13.08
C SER I 579 -10.36 -13.12 -12.40
N ASP I 580 -11.57 -13.02 -11.94
CA ASP I 580 -12.20 -11.93 -11.32
C ASP I 580 -13.25 -12.30 -10.32
N PHE I 581 -13.49 -11.50 -9.29
CA PHE I 581 -14.59 -11.73 -8.35
C PHE I 581 -15.91 -11.29 -8.99
N PRO I 582 -16.96 -12.14 -9.01
CA PRO I 582 -18.26 -11.72 -9.49
C PRO I 582 -18.90 -10.73 -8.49
N VAL I 583 -19.66 -9.77 -8.99
CA VAL I 583 -20.34 -8.80 -8.12
C VAL I 583 -21.54 -9.40 -7.41
N THR I 584 -22.33 -10.25 -8.08
CA THR I 584 -23.54 -10.89 -7.53
C THR I 584 -23.71 -12.30 -8.04
N MET I 585 -24.37 -13.15 -7.25
CA MET I 585 -24.62 -14.55 -7.58
C MET I 585 -26.10 -14.90 -7.44
N SER I 586 -26.68 -15.61 -8.41
CA SER I 586 -28.06 -16.10 -8.36
C SER I 586 -28.18 -17.28 -7.39
N SER I 587 -29.36 -17.56 -6.85
CA SER I 587 -29.54 -18.56 -5.78
C SER I 587 -28.97 -19.95 -6.12
N ASP I 588 -29.15 -20.41 -7.35
CA ASP I 588 -29.03 -21.83 -7.76
C ASP I 588 -27.79 -22.61 -7.29
N GLU I 589 -26.30 -20.48 -7.80
CA GLU I 589 -24.86 -20.19 -7.55
C GLU I 589 -24.58 -20.05 -6.06
N GLN I 590 -25.29 -19.15 -5.33
CA GLN I 590 -25.21 -19.01 -3.86
C GLN I 590 -25.22 -20.39 -3.19
N GLY I 591 -26.23 -22.84 -3.34
CA GLY I 591 -26.02 -24.26 -3.01
C GLY I 591 -24.55 -24.56 -3.16
N LEU I 592 -24.00 -24.52 -4.39
CA LEU I 592 -22.59 -24.86 -4.69
C LEU I 592 -21.56 -24.26 -3.72
N PHE I 593 -21.65 -22.98 -3.40
CA PHE I 593 -20.77 -22.34 -2.42
C PHE I 593 -20.74 -23.08 -1.07
N MET I 594 -21.90 -23.45 -0.53
CA MET I 594 -22.02 -24.17 0.75
C MET I 594 -21.47 -25.59 0.65
N ILE I 595 -21.66 -26.25 -0.49
CA ILE I 595 -21.11 -27.58 -0.72
C ILE I 595 -19.59 -27.53 -0.77
N GLY I 596 -19.01 -26.59 -1.51
CA GLY I 596 -17.56 -26.39 -1.54
C GLY I 596 -16.99 -26.13 -0.15
N TYR I 597 -17.67 -25.29 0.63
CA TYR I 597 -17.30 -25.03 2.02
C TYR I 597 -17.38 -26.28 2.90
N TYR I 598 -18.49 -27.01 2.91
CA TYR I 598 -18.67 -28.21 3.74
C TYR I 598 -17.61 -29.26 3.44
N HIS I 599 -17.38 -29.54 2.15
CA HIS I 599 -16.38 -30.52 1.74
C HIS I 599 -14.99 -30.08 2.16
N GLN I 600 -14.62 -28.84 1.90
CA GLN I 600 -13.29 -28.36 2.25
C GLN I 600 -13.05 -28.33 3.75
N ARG I 601 -14.06 -27.95 4.54
CA ARG I 601 -13.94 -27.89 6.00
C ARG I 601 -13.74 -29.28 6.59
N LYS I 602 -14.45 -30.29 6.10
CA LYS I 602 -14.30 -31.65 6.46
C LYS I 602 -12.92 -32.15 6.15
N ALA I 603 -12.41 -31.84 5.01
CA ALA I 603 -11.12 -32.17 4.55
C ALA I 603 -10.04 -31.81 5.55
N LEU I 604 -10.19 -30.73 6.25
CA LEU I 604 -9.34 -30.22 7.25
C LEU I 604 -9.56 -30.85 8.61
N PHE I 605 -10.80 -31.22 8.92
CA PHE I 605 -11.11 -31.99 10.13
C PHE I 605 -10.44 -33.38 10.12
N THR I 606 -10.32 -34.00 8.95
CA THR I 606 -9.70 -35.24 8.70
C THR I 606 -8.26 -35.26 9.10
N LYS I 607 -7.57 -34.15 9.02
CA LYS I 607 -6.29 -33.87 9.58
C LYS I 607 -6.32 -33.80 11.09
N LYS I 608 -7.29 -33.04 11.62
CA LYS I 608 -7.48 -32.77 13.07
C LYS I 608 -8.96 -32.64 13.44
N VAL J 1 1.29 -20.74 -15.01
CA VAL J 1 0.56 -19.84 -14.06
C VAL J 1 -0.53 -19.09 -14.81
N SER J 2 -1.62 -18.77 -14.10
CA SER J 2 -2.73 -18.04 -14.69
C SER J 2 -2.40 -16.58 -14.97
N LEU J 3 -1.23 -16.11 -14.54
CA LEU J 3 -0.85 -14.72 -14.75
C LEU J 3 -1.03 -14.33 -16.21
N ASP J 4 -1.70 -13.20 -16.43
CA ASP J 4 -1.84 -12.64 -17.76
C ASP J 4 -0.84 -11.51 -17.92
N PRO J 5 0.20 -11.64 -18.73
CA PRO J 5 1.22 -10.59 -18.81
C PRO J 5 0.84 -9.42 -19.72
N ALA J 6 -0.43 -9.28 -20.10
CA ALA J 6 -0.85 -8.20 -20.99
C ALA J 6 -2.18 -7.59 -20.58
N ARG J 7 -2.60 -7.66 -19.36
CA ARG J 7 -3.81 -7.16 -18.85
C ARG J 7 -3.87 -5.65 -18.88
N THR J 8 -2.86 -5.03 -18.29
CA THR J 8 -2.72 -3.57 -18.31
C THR J 8 -3.74 -2.87 -17.41
N ASP J 9 -4.40 -3.61 -16.53
CA ASP J 9 -5.31 -2.98 -15.57
C ASP J 9 -4.51 -2.44 -14.39
N ARG J 10 -4.61 -1.18 -14.09
CA ARG J 10 -3.81 -0.48 -13.17
C ARG J 10 -3.68 -1.17 -11.83
N PRO J 11 -4.78 -1.52 -11.17
CA PRO J 11 -4.65 -2.28 -9.92
C PRO J 11 -3.92 -3.60 -10.11
N TYR J 12 -4.16 -4.29 -11.22
CA TYR J 12 -3.46 -5.53 -11.51
C TYR J 12 -1.95 -5.30 -11.59
N LEU J 13 -1.51 -4.30 -12.27
CA LEU J 13 -0.17 -3.89 -12.41
C LEU J 13 0.46 -3.61 -11.08
N LEU J 14 -0.21 -2.87 -10.25
CA LEU J 14 0.17 -2.51 -8.95
C LEU J 14 0.43 -3.72 -8.08
N GLY J 15 -0.52 -4.66 -8.13
CA GLY J 15 -0.33 -5.90 -7.39
C GLY J 15 0.90 -6.65 -7.85
N ARG J 16 1.12 -6.73 -9.16
CA ARG J 16 2.31 -7.39 -9.67
C ARG J 16 3.57 -6.70 -9.17
N LEU J 17 3.64 -5.41 -9.16
CA LEU J 17 4.69 -4.61 -8.67
C LEU J 17 5.01 -4.92 -7.24
N PHE J 18 4.02 -4.97 -6.42
CA PHE J 18 4.08 -5.32 -5.05
C PHE J 18 4.74 -6.66 -4.85
N ALA J 19 4.25 -7.64 -5.62
CA ALA J 19 4.79 -8.99 -5.50
C ALA J 19 6.28 -9.02 -5.83
N VAL J 20 6.72 -8.39 -6.88
CA VAL J 20 8.06 -8.34 -7.31
C VAL J 20 8.94 -7.67 -6.28
N LEU J 21 8.52 -6.61 -5.70
CA LEU J 21 9.16 -5.91 -4.65
C LEU J 21 9.44 -6.81 -3.48
N GLU J 22 8.45 -7.52 -3.03
CA GLU J 22 8.49 -8.46 -1.99
C GLU J 22 9.53 -9.51 -2.24
N LYS J 23 9.49 -10.06 -3.45
CA LYS J 23 10.44 -11.11 -3.82
C LYS J 23 11.87 -10.57 -3.76
N ALA J 24 12.15 -9.42 -4.27
CA ALA J 24 13.40 -8.78 -4.26
C ALA J 24 13.94 -8.62 -2.87
N GLN J 25 13.17 -8.08 -1.99
CA GLN J 25 13.48 -7.88 -0.62
C GLN J 25 13.83 -9.19 0.05
N GLU J 26 13.03 -10.19 -0.12
CA GLU J 26 13.21 -11.49 0.37
C GLU J 26 14.55 -12.05 -0.01
N ASP J 27 14.88 -11.92 -1.30
CA ASP J 27 16.17 -12.39 -1.77
C ASP J 27 17.31 -11.63 -1.11
N ALA J 28 17.21 -10.35 -0.92
CA ALA J 28 18.20 -9.49 -0.41
C ALA J 28 18.67 -9.89 0.98
N VAL J 29 17.79 -10.12 1.89
CA VAL J 29 17.97 -10.28 3.28
C VAL J 29 17.47 -11.60 3.81
N PRO J 30 18.17 -12.71 3.68
CA PRO J 30 17.73 -13.95 4.26
C PRO J 30 17.56 -13.91 5.74
N GLY J 31 16.66 -14.62 6.32
CA GLY J 31 16.40 -14.69 7.67
C GLY J 31 15.73 -13.58 8.34
N ALA J 32 15.01 -12.76 7.64
CA ALA J 32 14.28 -11.65 8.09
C ALA J 32 13.13 -12.07 8.98
N ASN J 33 12.64 -11.24 9.83
CA ASN J 33 11.50 -11.42 10.66
C ASN J 33 10.28 -11.80 9.86
N ALA J 34 9.89 -10.98 8.94
CA ALA J 34 8.70 -10.98 8.19
C ALA J 34 8.89 -10.43 6.80
N THR J 35 7.86 -10.27 6.05
CA THR J 35 7.77 -9.79 4.73
C THR J 35 7.31 -8.37 4.62
N ILE J 36 7.44 -7.74 3.50
CA ILE J 36 6.92 -6.49 3.14
C ILE J 36 5.42 -6.48 3.27
N LYS J 37 4.77 -7.52 2.85
CA LYS J 37 3.39 -7.76 2.91
C LYS J 37 2.86 -7.48 4.29
N ASP J 38 3.39 -8.12 5.28
CA ASP J 38 3.06 -8.04 6.64
C ASP J 38 3.06 -6.61 7.14
N ARG J 39 4.09 -5.84 6.78
CA ARG J 39 4.24 -4.47 7.26
C ARG J 39 3.34 -3.47 6.55
N TYR J 40 3.20 -3.57 5.23
CA TYR J 40 2.68 -2.46 4.43
C TYR J 40 1.50 -2.82 3.53
N LEU J 41 0.92 -4.02 3.63
CA LEU J 41 -0.18 -4.43 2.83
C LEU J 41 -1.34 -3.49 2.95
N ALA J 42 -1.73 -3.17 4.14
CA ALA J 42 -2.83 -2.34 4.48
C ALA J 42 -2.70 -0.96 3.89
N SER J 43 -1.62 -0.29 4.18
CA SER J 43 -1.32 1.04 3.80
C SER J 43 -1.36 1.20 2.30
N ALA J 44 -0.73 0.34 1.58
CA ALA J 44 -0.68 0.31 0.17
C ALA J 44 -2.05 0.42 -0.44
N SER J 45 -2.94 -0.44 -0.05
CA SER J 45 -4.30 -0.48 -0.44
C SER J 45 -5.02 0.80 -0.08
N ALA J 46 -4.84 1.28 1.11
CA ALA J 46 -5.42 2.44 1.66
C ALA J 46 -5.07 3.67 0.87
N ASN J 47 -3.84 3.90 0.59
CA ASN J 47 -3.23 5.04 0.02
C ASN J 47 -2.07 4.71 -0.90
N PRO J 48 -2.32 4.18 -2.10
CA PRO J 48 -1.23 3.86 -2.99
C PRO J 48 -0.27 4.98 -3.28
N GLY J 49 -0.79 6.20 -3.41
CA GLY J 49 0.00 7.36 -3.78
C GLY J 49 1.06 7.78 -2.76
N GLN J 50 0.95 7.38 -1.49
CA GLN J 50 1.85 7.82 -0.42
C GLN J 50 2.98 6.85 -0.08
N VAL J 51 2.93 5.56 -0.42
CA VAL J 51 3.80 4.55 0.02
C VAL J 51 4.71 3.94 -1.02
N PHE J 52 4.30 3.84 -2.23
CA PHE J 52 5.02 3.27 -3.31
C PHE J 52 6.33 3.95 -3.53
N HIS J 53 6.34 5.29 -3.45
CA HIS J 53 7.57 6.06 -3.62
C HIS J 53 8.58 5.78 -2.51
N MET J 54 8.15 5.43 -1.30
CA MET J 54 9.05 4.98 -0.24
C MET J 54 9.56 3.57 -0.48
N LEU J 55 8.70 2.65 -0.94
CA LEU J 55 9.06 1.31 -1.24
C LEU J 55 10.15 1.26 -2.28
N LEU J 56 10.06 2.08 -3.31
CA LEU J 56 11.03 2.11 -4.40
C LEU J 56 12.43 2.53 -3.93
N LYS J 57 12.55 3.34 -2.86
CA LYS J 57 13.84 3.64 -2.25
C LYS J 57 14.52 2.36 -1.77
N ASN J 58 13.84 1.57 -0.95
CA ASN J 58 14.36 0.39 -0.37
C ASN J 58 14.68 -0.64 -1.43
N ALA J 59 13.91 -0.72 -2.47
CA ALA J 59 14.11 -1.56 -3.57
C ALA J 59 15.49 -1.40 -4.15
N SER J 60 15.90 -0.20 -4.41
CA SER J 60 17.15 0.19 -4.91
C SER J 60 18.28 -0.28 -4.02
N ASN J 61 18.11 -0.08 -2.72
CA ASN J 61 19.12 -0.43 -1.71
C ASN J 61 19.36 -1.94 -1.71
N HIS J 62 18.29 -2.72 -1.81
CA HIS J 62 18.29 -4.12 -1.88
C HIS J 62 19.00 -4.62 -3.11
N THR J 63 18.69 -4.08 -4.24
CA THR J 63 19.28 -4.36 -5.49
C THR J 63 20.76 -4.13 -5.49
N ALA J 64 21.20 -3.03 -4.95
CA ALA J 64 22.55 -2.66 -4.76
C ALA J 64 23.29 -3.67 -3.93
N LYS J 65 22.74 -4.05 -2.82
CA LYS J 65 23.18 -5.06 -1.94
C LYS J 65 23.45 -6.34 -2.67
N LEU J 66 22.56 -6.75 -3.52
CA LEU J 66 22.54 -7.97 -4.22
C LEU J 66 23.56 -8.03 -5.34
N ARG J 67 23.53 -7.11 -6.24
CA ARG J 67 24.19 -7.13 -7.50
C ARG J 67 25.68 -7.29 -7.38
N LYS J 68 26.30 -6.76 -6.39
CA LYS J 68 27.69 -6.83 -6.13
C LYS J 68 28.19 -8.25 -6.02
N ASP J 69 27.38 -9.18 -5.66
CA ASP J 69 27.62 -10.56 -5.46
C ASP J 69 27.50 -11.34 -6.75
N PRO J 70 28.05 -12.55 -6.82
CA PRO J 70 27.88 -13.37 -8.04
C PRO J 70 26.43 -13.69 -8.36
N GLU J 71 25.53 -13.61 -7.38
CA GLU J 71 24.13 -13.91 -7.61
C GLU J 71 23.45 -12.77 -8.36
N ARG J 72 23.93 -12.48 -9.57
CA ARG J 72 23.37 -11.41 -10.38
C ARG J 72 22.13 -11.91 -11.14
N LYS J 73 21.13 -12.31 -10.35
CA LYS J 73 19.86 -12.78 -10.87
C LYS J 73 19.37 -11.87 -12.00
N ALA J 76 20.38 -9.77 -9.56
CA ALA J 76 19.14 -9.04 -9.33
C ALA J 76 18.80 -8.18 -10.54
N ILE J 77 19.69 -8.16 -11.53
CA ILE J 77 19.46 -7.39 -12.74
C ILE J 77 18.14 -7.80 -13.38
N HIS J 78 17.79 -9.08 -13.30
CA HIS J 78 16.60 -9.57 -13.97
C HIS J 78 15.34 -8.93 -13.39
N TYR J 79 15.32 -8.71 -12.08
CA TYR J 79 14.16 -8.06 -11.46
C TYR J 79 13.98 -6.65 -11.99
N GLU J 80 14.99 -5.84 -12.05
CA GLU J 80 14.98 -4.48 -12.45
C GLU J 80 14.36 -4.30 -13.80
N ILE J 81 14.65 -5.25 -14.69
CA ILE J 81 14.03 -5.20 -16.01
C ILE J 81 12.52 -5.33 -15.89
N MET J 82 12.06 -6.28 -15.06
CA MET J 82 10.62 -6.40 -14.86
C MET J 82 10.04 -5.10 -14.30
N MET J 83 10.66 -4.47 -13.36
CA MET J 83 10.26 -3.25 -12.78
C MET J 83 10.09 -2.17 -13.83
N GLN J 84 11.01 -2.06 -14.72
CA GLN J 84 10.97 -1.24 -15.88
C GLN J 84 9.72 -1.49 -16.67
N GLU J 85 9.50 -2.77 -17.00
CA GLU J 85 8.38 -3.12 -17.88
C GLU J 85 7.05 -2.76 -17.24
N ILE J 86 6.79 -3.13 -16.04
CA ILE J 86 5.59 -2.95 -15.33
C ILE J 86 5.24 -1.48 -15.22
N ILE J 87 6.07 -0.72 -14.61
CA ILE J 87 5.92 0.66 -14.36
C ILE J 87 5.71 1.44 -15.62
N ASP J 88 6.28 1.01 -16.70
CA ASP J 88 6.24 1.62 -17.97
C ASP J 88 4.83 1.94 -18.39
N ASN J 89 3.91 1.08 -18.12
CA ASN J 89 2.55 1.10 -18.49
C ASN J 89 1.66 1.98 -17.65
N ILE J 90 2.10 2.47 -16.54
CA ILE J 90 1.44 3.27 -15.58
C ILE J 90 1.62 4.73 -15.87
N SER J 91 0.57 5.55 -15.89
CA SER J 91 0.69 6.99 -16.15
C SER J 91 0.86 7.83 -14.88
N ASP J 92 0.19 7.44 -13.79
CA ASP J 92 0.27 8.05 -12.46
C ASP J 92 -0.22 7.08 -11.38
N PHE J 93 0.14 7.28 -10.11
CA PHE J 93 -0.42 6.52 -8.99
C PHE J 93 -1.82 7.01 -8.62
N PRO J 94 -2.78 6.13 -8.30
CA PRO J 94 -4.07 6.51 -7.75
C PRO J 94 -4.00 7.12 -6.39
N VAL J 95 -4.90 7.95 -5.99
CA VAL J 95 -5.09 8.47 -4.69
C VAL J 95 -5.83 7.51 -3.81
N THR J 96 -6.88 6.94 -4.28
CA THR J 96 -7.78 6.05 -3.65
C THR J 96 -8.27 4.96 -4.55
N MET J 97 -8.67 3.84 -4.06
CA MET J 97 -9.16 2.68 -4.69
C MET J 97 -10.47 2.20 -4.15
N SER J 98 -11.43 1.84 -4.94
CA SER J 98 -12.68 1.30 -4.59
C SER J 98 -12.54 -0.05 -3.94
N SER J 99 -13.50 -0.50 -3.21
CA SER J 99 -13.57 -1.74 -2.55
C SER J 99 -13.61 -2.91 -3.51
N ASP J 100 -14.11 -2.71 -4.67
CA ASP J 100 -14.30 -3.65 -5.71
C ASP J 100 -13.01 -4.28 -6.16
N GLU J 101 -11.52 -1.58 -6.49
CA GLU J 101 -10.60 -2.34 -7.21
C GLU J 101 -9.65 -3.08 -6.33
N GLN J 102 -9.76 -2.93 -5.04
CA GLN J 102 -9.00 -3.56 -4.04
C GLN J 102 -8.94 -5.05 -4.24
N GLY J 103 -10.04 -5.66 -4.57
CA GLY J 103 -10.09 -7.00 -4.90
C GLY J 103 -9.27 -7.42 -6.04
N LEU J 104 -9.32 -6.69 -7.11
CA LEU J 104 -8.52 -6.84 -8.27
C LEU J 104 -7.06 -6.77 -7.95
N PHE J 105 -6.66 -5.83 -7.15
CA PHE J 105 -5.35 -5.62 -6.66
C PHE J 105 -4.76 -6.91 -6.12
N MET J 106 -5.49 -7.61 -5.31
CA MET J 106 -5.14 -8.84 -4.72
C MET J 106 -4.83 -9.89 -5.74
N ILE J 107 -5.66 -10.07 -6.72
CA ILE J 107 -5.57 -11.02 -7.76
C ILE J 107 -4.24 -10.92 -8.47
N GLY J 108 -3.89 -9.76 -8.90
CA GLY J 108 -2.69 -9.51 -9.52
C GLY J 108 -1.49 -9.90 -8.76
N TYR J 109 -1.48 -9.67 -7.49
CA TYR J 109 -0.47 -10.02 -6.57
C TYR J 109 -0.20 -11.51 -6.58
N TYR J 110 -1.20 -12.30 -6.45
CA TYR J 110 -1.15 -13.71 -6.33
C TYR J 110 -0.65 -14.38 -7.58
N HIS J 111 -1.22 -14.00 -8.72
CA HIS J 111 -0.77 -14.55 -9.98
C HIS J 111 0.73 -14.32 -10.15
N GLN J 112 1.19 -13.10 -9.90
CA GLN J 112 2.61 -12.80 -10.05
C GLN J 112 3.44 -13.61 -9.07
N ARG J 113 3.05 -13.76 -7.86
CA ARG J 113 3.72 -14.46 -6.83
C ARG J 113 4.04 -15.87 -7.24
N LYS J 114 3.01 -16.55 -7.73
CA LYS J 114 3.21 -17.93 -8.18
C LYS J 114 4.20 -17.96 -9.35
N ALA J 115 4.08 -17.02 -10.27
CA ALA J 115 4.96 -17.00 -11.43
C ALA J 115 6.43 -16.89 -11.00
N LEU J 116 6.71 -16.02 -10.04
CA LEU J 116 8.09 -15.86 -9.58
C LEU J 116 8.63 -17.16 -9.00
N PHE J 117 7.90 -17.87 -8.21
CA PHE J 117 8.25 -19.08 -7.57
C PHE J 117 8.49 -20.23 -8.52
N THR J 118 8.02 -20.09 -9.76
CA THR J 118 8.35 -21.07 -10.78
C THR J 118 9.84 -21.01 -11.10
N LYS J 119 10.42 -22.16 -11.38
CA LYS J 119 11.84 -22.26 -11.64
C LYS J 119 12.19 -21.58 -12.97
N VAL K 1 1.30 3.33 -22.74
CA VAL K 1 1.79 4.16 -21.75
C VAL K 1 3.30 4.11 -21.67
N SER K 2 4.01 5.15 -21.94
CA SER K 2 5.42 5.30 -21.96
C SER K 2 5.85 6.73 -21.78
N LEU K 3 7.08 7.05 -21.98
CA LEU K 3 7.66 8.34 -21.88
C LEU K 3 6.90 9.35 -22.68
N ASP K 4 6.47 10.44 -22.14
CA ASP K 4 5.82 11.56 -22.71
C ASP K 4 6.72 12.75 -22.79
N PRO K 5 7.21 13.20 -23.95
CA PRO K 5 8.08 14.37 -24.01
C PRO K 5 7.43 15.69 -23.72
N ALA K 6 6.16 15.77 -23.48
CA ALA K 6 5.34 16.91 -23.34
C ALA K 6 4.62 17.07 -22.03
N ARG K 7 4.96 16.25 -21.03
CA ARG K 7 4.28 16.24 -19.73
C ARG K 7 4.39 17.59 -19.03
N THR K 8 5.56 18.24 -19.11
CA THR K 8 5.91 19.53 -18.61
C THR K 8 5.48 19.74 -17.18
N ASP K 9 5.48 18.70 -16.35
CA ASP K 9 5.27 18.80 -14.90
C ASP K 9 6.63 18.74 -14.24
N ARG K 10 6.90 19.66 -13.33
CA ARG K 10 8.16 19.89 -12.72
C ARG K 10 8.79 18.64 -12.16
N PRO K 11 8.12 17.85 -11.29
CA PRO K 11 8.70 16.62 -10.75
C PRO K 11 8.96 15.56 -11.84
N TYR K 12 8.18 15.55 -12.92
CA TYR K 12 8.45 14.67 -14.05
C TYR K 12 9.76 15.07 -14.75
N LEU K 13 9.91 16.37 -15.03
CA LEU K 13 11.12 16.94 -15.62
C LEU K 13 12.35 16.65 -14.75
N LEU K 14 12.26 16.83 -13.43
CA LEU K 14 13.36 16.54 -12.51
C LEU K 14 13.77 15.07 -12.55
N GLY K 15 12.84 14.13 -12.68
CA GLY K 15 13.11 12.80 -12.87
C GLY K 15 13.82 12.45 -14.12
N ARG K 16 13.38 13.05 -15.23
CA ARG K 16 14.05 12.90 -16.52
C ARG K 16 15.48 13.38 -16.45
N LEU K 17 15.70 14.58 -15.90
CA LEU K 17 17.01 15.17 -15.72
C LEU K 17 17.96 14.26 -14.94
N PHE K 18 17.48 13.66 -13.86
CA PHE K 18 18.19 12.77 -13.03
C PHE K 18 18.63 11.54 -13.79
N ALA K 19 17.74 10.92 -14.49
CA ALA K 19 17.96 9.77 -15.29
C ALA K 19 19.06 10.00 -16.29
N VAL K 20 19.00 11.10 -17.04
CA VAL K 20 20.02 11.40 -18.05
C VAL K 20 21.37 11.82 -17.45
N LEU K 21 21.41 12.50 -16.30
CA LEU K 21 22.67 12.71 -15.58
C LEU K 21 23.34 11.39 -15.21
N GLU K 22 22.57 10.40 -14.76
CA GLU K 22 23.01 9.09 -14.51
C GLU K 22 23.66 8.49 -15.73
N LYS K 23 22.97 8.58 -16.88
CA LYS K 23 23.44 8.01 -18.14
C LYS K 23 24.74 8.66 -18.62
N ALA K 24 24.85 9.98 -18.52
CA ALA K 24 26.04 10.71 -18.93
C ALA K 24 27.23 10.35 -18.06
N GLN K 25 27.06 10.26 -16.75
CA GLN K 25 28.04 9.88 -15.81
C GLN K 25 28.57 8.51 -16.10
N GLU K 26 27.73 7.57 -16.40
CA GLU K 26 28.05 6.25 -16.75
C GLU K 26 29.12 6.21 -17.81
N ASP K 27 28.86 6.89 -18.93
CA ASP K 27 29.80 6.99 -20.05
C ASP K 27 31.09 7.70 -19.67
N ALA K 28 31.03 8.66 -18.75
CA ALA K 28 32.12 9.42 -18.26
C ALA K 28 33.19 8.56 -17.62
N VAL K 29 32.83 7.78 -16.65
CA VAL K 29 33.63 7.01 -15.76
C VAL K 29 33.27 5.55 -15.72
N PRO K 30 33.77 4.69 -16.60
CA PRO K 30 33.47 3.29 -16.53
C PRO K 30 34.03 2.59 -15.32
N GLY K 31 33.45 1.50 -14.89
CA GLY K 31 33.91 0.67 -13.90
C GLY K 31 33.71 0.97 -12.47
N ALA K 32 32.94 1.95 -12.15
CA ALA K 32 32.60 2.38 -10.86
C ALA K 32 31.88 1.31 -10.08
N ASN K 33 32.10 1.15 -8.82
CA ASN K 33 31.44 0.29 -7.92
C ASN K 33 29.99 0.65 -7.73
N ALA K 34 29.67 1.89 -7.56
CA ALA K 34 28.41 2.48 -7.30
C ALA K 34 28.11 3.64 -8.19
N THR K 35 26.95 3.78 -8.72
CA THR K 35 26.44 4.81 -9.54
C THR K 35 25.90 5.97 -8.73
N ILE K 36 25.73 7.11 -9.28
CA ILE K 36 25.16 8.25 -8.69
C ILE K 36 23.78 7.95 -8.17
N LYS K 37 23.06 7.08 -8.79
CA LYS K 37 21.79 6.59 -8.41
C LYS K 37 21.81 6.06 -7.01
N ASP K 38 22.63 5.10 -6.76
CA ASP K 38 22.83 4.44 -5.52
C ASP K 38 23.20 5.41 -4.43
N ARG K 39 23.89 6.46 -4.74
CA ARG K 39 24.42 7.43 -3.88
C ARG K 39 23.43 8.49 -3.46
N TYR K 40 22.63 8.97 -4.35
CA TYR K 40 21.85 10.14 -4.31
C TYR K 40 20.39 10.07 -4.67
N LEU K 41 19.81 8.95 -4.95
CA LEU K 41 18.48 8.79 -5.39
C LEU K 41 17.51 9.38 -4.41
N ALA K 42 17.66 8.99 -3.14
CA ALA K 42 16.80 9.40 -2.05
C ALA K 42 16.87 10.91 -1.80
N SER K 43 18.06 11.46 -1.69
CA SER K 43 18.37 12.81 -1.41
C SER K 43 17.82 13.74 -2.45
N ALA K 44 18.01 13.44 -3.70
CA ALA K 44 17.56 14.17 -4.81
C ALA K 44 16.07 14.38 -4.78
N SER K 45 15.32 13.31 -4.49
CA SER K 45 13.86 13.38 -4.40
C SER K 45 13.36 14.18 -3.18
N ALA K 46 14.15 14.23 -2.11
CA ALA K 46 13.78 14.94 -0.88
C ALA K 46 14.17 16.42 -0.90
N ASN K 47 15.35 16.78 -1.45
CA ASN K 47 15.89 18.09 -1.51
C ASN K 47 16.35 18.47 -2.90
N PRO K 48 15.45 18.82 -3.81
CA PRO K 48 15.88 19.14 -5.16
C PRO K 48 16.95 20.18 -5.29
N GLY K 49 16.71 21.37 -4.85
CA GLY K 49 17.59 22.42 -4.93
C GLY K 49 18.91 22.23 -4.30
N GLN K 50 18.98 21.43 -3.27
CA GLN K 50 20.12 21.12 -2.51
C GLN K 50 21.20 20.49 -3.35
N VAL K 51 20.93 19.40 -3.99
CA VAL K 51 21.80 18.51 -4.64
C VAL K 51 21.98 18.82 -6.11
N PHE K 52 20.93 19.06 -6.81
CA PHE K 52 20.90 19.33 -8.19
C PHE K 52 21.92 20.37 -8.57
N HIS K 53 22.04 21.41 -7.80
CA HIS K 53 23.01 22.41 -7.89
C HIS K 53 24.40 21.83 -7.88
N MET K 54 24.66 20.90 -7.03
CA MET K 54 25.89 20.26 -6.78
C MET K 54 26.35 19.40 -7.94
N LEU K 55 25.51 18.55 -8.42
CA LEU K 55 25.75 17.61 -9.44
C LEU K 55 26.21 18.26 -10.73
N LEU K 56 25.59 19.40 -11.07
CA LEU K 56 25.84 20.07 -12.33
C LEU K 56 27.29 20.58 -12.44
N LYS K 57 27.97 20.83 -11.31
CA LYS K 57 29.35 21.15 -11.24
C LYS K 57 30.20 20.07 -11.83
N ASN K 58 30.08 18.88 -11.35
CA ASN K 58 30.72 17.71 -11.78
C ASN K 58 30.42 17.41 -13.22
N ALA K 59 29.15 17.55 -13.62
CA ALA K 59 28.75 17.31 -15.00
C ALA K 59 29.47 18.28 -15.95
N SER K 60 29.61 19.55 -15.58
CA SER K 60 30.33 20.55 -16.26
C SER K 60 31.78 20.17 -16.43
N ASN K 61 32.42 19.76 -15.39
CA ASN K 61 33.75 19.31 -15.35
C ASN K 61 33.98 18.20 -16.33
N HIS K 62 33.18 17.19 -16.29
CA HIS K 62 33.21 16.05 -17.12
C HIS K 62 33.11 16.41 -18.58
N THR K 63 32.05 17.15 -18.95
CA THR K 63 31.90 17.54 -20.37
C THR K 63 33.07 18.38 -20.84
N ALA K 64 33.70 19.17 -19.95
CA ALA K 64 34.91 19.84 -20.19
C ALA K 64 36.01 18.89 -20.58
N LYS K 65 36.20 17.83 -19.85
CA LYS K 65 37.13 16.80 -20.05
C LYS K 65 36.97 16.13 -21.39
N LEU K 66 35.79 15.75 -21.73
CA LEU K 66 35.40 14.86 -22.75
C LEU K 66 35.46 15.40 -24.15
N ARG K 67 35.68 16.71 -24.33
CA ARG K 67 35.77 17.33 -25.66
C ARG K 67 37.13 17.10 -26.33
N LYS K 68 38.19 16.81 -25.58
CA LYS K 68 39.49 16.52 -26.07
C LYS K 68 39.49 15.32 -26.98
N ASP K 69 39.04 14.21 -26.52
CA ASP K 69 38.87 13.00 -27.22
C ASP K 69 37.84 13.15 -28.31
N PRO K 70 38.02 12.53 -29.48
CA PRO K 70 37.06 12.67 -30.56
C PRO K 70 35.68 12.15 -30.31
N GLU K 71 35.49 11.25 -29.41
CA GLU K 71 34.28 10.57 -29.11
C GLU K 71 33.20 11.53 -28.72
N ARG K 72 31.97 11.30 -29.19
CA ARG K 72 30.76 12.09 -28.87
C ARG K 72 29.58 11.16 -28.61
N LYS K 73 28.55 11.69 -27.96
CA LYS K 73 27.28 11.01 -27.66
C LYS K 73 26.11 11.91 -28.02
N ALA K 76 29.50 14.00 -26.23
CA ALA K 76 28.33 13.96 -25.37
C ALA K 76 27.27 15.04 -25.72
N ILE K 77 27.47 15.75 -26.82
CA ILE K 77 26.66 16.89 -27.27
C ILE K 77 25.15 16.65 -27.22
N HIS K 78 24.66 15.44 -27.51
CA HIS K 78 23.25 15.10 -27.39
C HIS K 78 22.77 15.24 -25.96
N TYR K 79 23.55 14.74 -25.00
CA TYR K 79 23.26 14.89 -23.59
C TYR K 79 23.29 16.36 -23.19
N GLU K 80 24.30 17.14 -23.58
CA GLU K 80 24.31 18.57 -23.25
C GLU K 80 23.07 19.30 -23.79
N ILE K 81 22.61 18.95 -25.00
CA ILE K 81 21.34 19.47 -25.51
C ILE K 81 20.17 19.00 -24.66
N MET K 82 20.07 17.71 -24.33
CA MET K 82 18.99 17.21 -23.48
C MET K 82 18.95 17.91 -22.12
N MET K 83 20.09 18.11 -21.45
CA MET K 83 20.14 18.91 -20.23
C MET K 83 19.57 20.29 -20.50
N GLN K 84 20.03 20.94 -21.57
CA GLN K 84 19.67 22.32 -21.86
C GLN K 84 18.19 22.50 -22.19
N GLU K 85 17.54 21.50 -22.79
CA GLU K 85 16.09 21.52 -22.94
C GLU K 85 15.37 21.45 -21.59
N ILE K 86 15.70 20.45 -20.78
CA ILE K 86 14.96 20.22 -19.53
C ILE K 86 15.20 21.38 -18.55
N ILE K 87 16.43 21.87 -18.42
CA ILE K 87 16.76 22.99 -17.53
C ILE K 87 16.12 24.30 -17.99
N ASP K 88 15.80 24.45 -19.27
CA ASP K 88 15.08 25.62 -19.76
C ASP K 88 13.58 25.52 -19.46
N ASN K 89 13.01 24.31 -19.54
CA ASN K 89 11.61 24.09 -19.16
C ASN K 89 11.37 24.24 -17.65
N ILE K 90 12.29 23.76 -16.80
CA ILE K 90 12.24 23.97 -15.36
C ILE K 90 12.51 25.45 -15.05
N SER K 91 11.55 26.14 -14.43
CA SER K 91 11.66 27.47 -13.97
C SER K 91 12.64 27.63 -12.84
N ASP K 92 12.53 26.82 -11.84
CA ASP K 92 13.20 26.86 -10.59
C ASP K 92 13.21 25.54 -9.88
N PHE K 93 14.06 25.34 -8.92
CA PHE K 93 14.26 24.19 -8.14
C PHE K 93 13.58 24.27 -6.80
N PRO K 94 12.56 23.47 -6.50
CA PRO K 94 11.98 23.48 -5.17
C PRO K 94 12.95 23.13 -4.08
N VAL K 95 12.84 23.68 -2.91
CA VAL K 95 13.52 23.30 -1.73
C VAL K 95 13.14 21.92 -1.30
N THR K 96 11.86 21.55 -1.40
CA THR K 96 11.36 20.21 -1.08
C THR K 96 10.02 19.92 -1.77
N MET K 97 9.61 18.66 -1.80
CA MET K 97 8.42 18.18 -2.52
C MET K 97 7.48 17.40 -1.60
N SER K 98 6.17 17.55 -1.79
CA SER K 98 5.16 16.75 -1.12
C SER K 98 5.27 15.26 -1.49
N SER K 99 5.00 14.36 -0.56
CA SER K 99 5.23 12.92 -0.73
C SER K 99 4.49 12.33 -1.93
N ASP K 100 3.20 12.61 -2.07
CA ASP K 100 2.24 12.03 -3.03
C ASP K 100 2.80 11.70 -4.44
N GLU K 101 4.06 14.14 -4.75
CA GLU K 101 4.93 14.62 -5.84
C GLU K 101 6.14 13.73 -5.97
N GLN K 102 6.76 13.32 -4.86
CA GLN K 102 7.89 12.39 -4.91
C GLN K 102 7.53 11.07 -5.63
N GLY K 103 6.28 10.62 -5.58
CA GLY K 103 5.81 9.51 -6.43
C GLY K 103 5.94 9.79 -7.91
N LEU K 104 5.46 10.94 -8.37
CA LEU K 104 5.53 11.33 -9.79
C LEU K 104 6.97 11.46 -10.30
N PHE K 105 7.89 11.94 -9.46
CA PHE K 105 9.30 12.00 -9.77
C PHE K 105 9.86 10.62 -10.18
N MET K 106 9.46 9.54 -9.50
CA MET K 106 9.90 8.19 -9.85
C MET K 106 9.46 7.78 -11.26
N ILE K 107 8.26 8.15 -11.67
CA ILE K 107 7.71 7.79 -12.97
C ILE K 107 8.52 8.46 -14.08
N GLY K 108 8.76 9.77 -13.97
CA GLY K 108 9.55 10.51 -14.95
C GLY K 108 10.95 9.92 -15.13
N TYR K 109 11.57 9.49 -14.02
CA TYR K 109 12.86 8.81 -14.04
C TYR K 109 12.82 7.48 -14.82
N TYR K 110 11.91 6.56 -14.50
CA TYR K 110 11.78 5.29 -15.10
C TYR K 110 11.47 5.40 -16.57
N HIS K 111 10.53 6.21 -16.94
CA HIS K 111 10.13 6.50 -18.25
C HIS K 111 11.30 6.92 -19.10
N GLN K 112 12.04 7.92 -18.62
CA GLN K 112 13.21 8.43 -19.30
C GLN K 112 14.30 7.38 -19.48
N ARG K 113 14.55 6.57 -18.45
CA ARG K 113 15.56 5.59 -18.41
C ARG K 113 15.38 4.57 -19.49
N LYS K 114 14.20 4.04 -19.66
CA LYS K 114 13.84 3.06 -20.60
C LYS K 114 14.18 3.48 -21.99
N ALA K 115 13.83 4.67 -22.37
CA ALA K 115 14.14 5.29 -23.60
C ALA K 115 15.61 5.26 -23.89
N LEU K 116 16.41 5.72 -22.90
CA LEU K 116 17.87 5.71 -22.97
C LEU K 116 18.45 4.29 -22.93
N PHE K 117 17.75 3.34 -22.33
CA PHE K 117 18.06 1.96 -22.28
C PHE K 117 18.11 1.34 -23.65
N THR K 118 17.27 1.73 -24.54
CA THR K 118 17.24 1.37 -25.90
C THR K 118 18.51 1.78 -26.59
N LYS K 119 18.71 1.35 -27.85
CA LYS K 119 19.82 1.85 -28.70
C LYS K 119 21.20 1.66 -28.07
#